data_8KG3
#
_entry.id   8KG3
#
_cell.length_a   105.982
_cell.length_b   108.520
_cell.length_c   123.071
_cell.angle_alpha   94.14
_cell.angle_beta   98.74
_cell.angle_gamma   97.23
#
_symmetry.space_group_name_H-M   'P 1'
#
loop_
_entity.id
_entity.type
_entity.pdbx_description
1 polymer 'Os06g0623700 protein'
2 water water
#
_entity_poly.entity_id   1
_entity_poly.type   'polypeptide(L)'
_entity_poly.pdbx_seq_one_letter_code
;GSATATTRMFKTIDARRSQHLDLGGSLVGPESVAFDGKGRGPYSGVSDGRIMRWNGEAAGWSTYTYSPSYTKNKCAASTL
PTVQTESKCGRPLGLRFHYKTGNLYIADAYMGLMRVGPKGGEATVLAMKADGVPLRFTNGVDIDQVTGDVYFTDSSMNYQ
RSQHEQVTATKDSTGRLMKYDPRTNQVTVLQSNITYPNGVAMSADRTHLIVALTGPCKLMRHWIRGPKTGKSEPFVDLPG
YPDNVRPDGKGGYWIALHREKYELPFGPDSHLVAMRVSAGGKLVQQMRGPKSLRPTEVMERKDGKIYMGNVELPYVGVVK
SS
;
_entity_poly.pdbx_strand_id   A,B,C,D,E,F,G,H,I,J,K,L
#
# COMPACT_ATOMS: atom_id res chain seq x y z
N PHE A 10 -5.21 12.80 4.68
CA PHE A 10 -6.62 12.78 5.16
C PHE A 10 -6.84 13.90 6.19
N LYS A 11 -7.17 15.10 5.70
CA LYS A 11 -7.43 16.31 6.54
C LYS A 11 -8.81 16.20 7.20
N THR A 12 -8.98 16.82 8.35
CA THR A 12 -10.24 16.85 9.15
C THR A 12 -11.39 17.37 8.28
N ILE A 13 -12.51 16.64 8.21
CA ILE A 13 -13.71 17.02 7.41
C ILE A 13 -14.55 18.00 8.24
N ASP A 14 -14.96 19.11 7.62
CA ASP A 14 -15.75 20.20 8.23
C ASP A 14 -17.24 19.90 8.02
N ALA A 15 -17.99 19.66 9.10
CA ALA A 15 -19.43 19.31 9.08
C ALA A 15 -20.29 20.50 9.55
N ARG A 16 -19.74 21.72 9.58
CA ARG A 16 -20.44 22.95 10.02
C ARG A 16 -21.51 23.32 8.99
N ARG A 17 -21.11 23.50 7.73
CA ARG A 17 -22.02 23.66 6.58
C ARG A 17 -22.39 22.27 6.07
N SER A 18 -23.69 21.97 5.99
CA SER A 18 -24.24 20.66 5.51
C SER A 18 -25.65 20.87 4.95
N GLN A 19 -25.97 20.18 3.85
CA GLN A 19 -27.33 20.18 3.23
C GLN A 19 -28.25 19.31 4.08
N HIS A 20 -29.47 19.78 4.32
CA HIS A 20 -30.53 19.07 5.10
C HIS A 20 -31.59 18.51 4.15
N LEU A 21 -31.71 17.18 4.08
CA LEU A 21 -32.79 16.48 3.35
C LEU A 21 -33.97 16.32 4.31
N ASP A 22 -34.83 17.35 4.39
CA ASP A 22 -35.96 17.45 5.37
C ASP A 22 -36.90 16.26 5.23
N LEU A 23 -37.27 15.62 6.34
CA LEU A 23 -38.41 14.69 6.46
C LEU A 23 -39.69 15.51 6.61
N GLY A 24 -40.83 14.96 6.17
CA GLY A 24 -42.15 15.60 6.29
C GLY A 24 -42.68 15.54 7.71
N GLY A 25 -43.91 15.98 7.92
CA GLY A 25 -44.63 15.98 9.22
C GLY A 25 -43.72 16.41 10.37
N SER A 26 -43.78 15.67 11.48
CA SER A 26 -42.90 15.85 12.67
C SER A 26 -41.94 14.67 12.79
N LEU A 27 -41.70 13.95 11.69
CA LEU A 27 -40.74 12.82 11.60
C LEU A 27 -39.34 13.31 11.97
N VAL A 28 -38.59 12.53 12.75
CA VAL A 28 -37.18 12.82 13.13
C VAL A 28 -36.40 11.51 13.15
N GLY A 29 -35.06 11.62 13.19
CA GLY A 29 -34.13 10.53 13.54
C GLY A 29 -34.00 9.48 12.44
N PRO A 30 -33.51 9.84 11.25
CA PRO A 30 -33.12 8.84 10.25
C PRO A 30 -31.80 8.16 10.68
N GLU A 31 -31.89 7.23 11.64
CA GLU A 31 -30.74 6.63 12.36
C GLU A 31 -29.71 6.07 11.37
N SER A 32 -30.17 5.36 10.34
CA SER A 32 -29.33 4.79 9.26
C SER A 32 -29.61 5.51 7.94
N VAL A 33 -28.64 5.45 7.02
CA VAL A 33 -28.67 6.14 5.69
C VAL A 33 -28.19 5.13 4.63
N ALA A 34 -29.01 4.11 4.37
CA ALA A 34 -28.68 2.94 3.54
C ALA A 34 -28.96 3.24 2.06
N PHE A 35 -28.08 2.78 1.16
CA PHE A 35 -28.21 2.89 -0.31
C PHE A 35 -28.37 1.48 -0.89
N ASP A 36 -29.30 1.32 -1.84
CA ASP A 36 -29.61 0.01 -2.48
C ASP A 36 -28.60 -0.25 -3.62
N GLY A 37 -28.74 -1.39 -4.29
CA GLY A 37 -27.81 -1.88 -5.34
C GLY A 37 -27.79 -0.99 -6.57
N LYS A 38 -28.87 -0.24 -6.83
CA LYS A 38 -28.99 0.70 -7.97
C LYS A 38 -28.45 2.08 -7.57
N GLY A 39 -28.04 2.25 -6.31
CA GLY A 39 -27.45 3.49 -5.77
C GLY A 39 -28.50 4.54 -5.45
N ARG A 40 -29.76 4.13 -5.33
CA ARG A 40 -30.91 5.04 -5.04
C ARG A 40 -30.70 5.73 -3.69
N GLY A 41 -31.15 6.98 -3.58
CA GLY A 41 -30.91 7.90 -2.44
C GLY A 41 -31.20 7.25 -1.09
N PRO A 42 -30.83 7.90 0.03
CA PRO A 42 -30.83 7.26 1.34
C PRO A 42 -32.21 6.69 1.74
N TYR A 43 -32.23 5.41 2.12
CA TYR A 43 -33.32 4.75 2.89
C TYR A 43 -33.02 4.92 4.37
N SER A 44 -33.98 5.42 5.16
CA SER A 44 -33.77 5.76 6.60
C SER A 44 -34.97 5.32 7.44
N GLY A 45 -34.70 4.63 8.55
CA GLY A 45 -35.69 4.29 9.60
C GLY A 45 -35.90 5.46 10.53
N VAL A 46 -37.13 5.98 10.61
CA VAL A 46 -37.46 7.26 11.30
C VAL A 46 -38.32 6.98 12.55
N SER A 47 -38.65 8.04 13.29
CA SER A 47 -39.19 8.01 14.68
C SER A 47 -40.53 7.29 14.77
N ASP A 48 -41.36 7.32 13.73
CA ASP A 48 -42.77 6.85 13.76
C ASP A 48 -42.88 5.37 13.37
N GLY A 49 -41.75 4.71 13.04
CA GLY A 49 -41.70 3.26 12.75
C GLY A 49 -41.48 2.96 11.28
N ARG A 50 -41.68 3.94 10.39
CA ARG A 50 -41.57 3.76 8.91
C ARG A 50 -40.09 3.74 8.49
N ILE A 51 -39.80 3.06 7.38
CA ILE A 51 -38.53 3.19 6.61
C ILE A 51 -38.84 3.99 5.35
N MET A 52 -38.44 5.26 5.32
CA MET A 52 -38.68 6.22 4.20
C MET A 52 -37.52 6.11 3.22
N ARG A 53 -37.78 6.36 1.93
CA ARG A 53 -36.73 6.44 0.87
C ARG A 53 -36.69 7.87 0.32
N TRP A 54 -35.48 8.43 0.15
CA TRP A 54 -35.23 9.76 -0.48
C TRP A 54 -35.23 9.62 -2.01
N ASN A 55 -36.00 10.48 -2.70
CA ASN A 55 -36.19 10.45 -4.17
C ASN A 55 -35.75 11.78 -4.79
N GLY A 56 -34.96 12.59 -4.07
CA GLY A 56 -34.46 13.90 -4.52
C GLY A 56 -35.24 15.06 -3.91
N GLU A 57 -34.81 16.30 -4.18
CA GLU A 57 -35.41 17.55 -3.65
C GLU A 57 -36.89 17.64 -4.03
N ALA A 58 -37.20 17.41 -5.31
CA ALA A 58 -38.56 17.54 -5.90
C ALA A 58 -39.54 16.57 -5.20
N ALA A 59 -39.34 15.26 -5.36
CA ALA A 59 -40.26 14.20 -4.89
C ALA A 59 -40.20 14.07 -3.37
N GLY A 60 -39.00 14.13 -2.77
CA GLY A 60 -38.79 14.05 -1.32
C GLY A 60 -38.84 12.61 -0.81
N TRP A 61 -39.36 12.41 0.40
CA TRP A 61 -39.40 11.10 1.10
C TRP A 61 -40.70 10.36 0.78
N SER A 62 -40.59 9.13 0.25
CA SER A 62 -41.69 8.17 0.08
C SER A 62 -41.56 7.05 1.13
N THR A 63 -42.70 6.55 1.65
CA THR A 63 -42.78 5.35 2.53
C THR A 63 -42.35 4.12 1.71
N TYR A 64 -41.41 3.32 2.22
CA TYR A 64 -40.86 2.12 1.54
C TYR A 64 -41.32 0.85 2.24
N THR A 65 -41.13 0.75 3.56
CA THR A 65 -41.48 -0.45 4.36
C THR A 65 -41.77 -0.07 5.82
N TYR A 66 -42.29 -1.03 6.58
CA TYR A 66 -42.79 -0.89 7.98
C TYR A 66 -43.09 -2.29 8.54
N SER A 67 -43.20 -2.42 9.86
CA SER A 67 -43.49 -3.71 10.57
C SER A 67 -44.96 -4.08 10.39
N PRO A 68 -45.31 -5.38 10.46
CA PRO A 68 -46.72 -5.80 10.46
C PRO A 68 -47.52 -5.13 11.59
N SER A 69 -46.88 -4.91 12.75
CA SER A 69 -47.45 -4.22 13.93
C SER A 69 -47.91 -2.80 13.57
N TYR A 70 -47.17 -2.12 12.68
CA TYR A 70 -47.48 -0.75 12.18
C TYR A 70 -48.88 -0.74 11.55
N THR A 71 -49.17 -1.72 10.68
CA THR A 71 -50.47 -1.91 10.01
C THR A 71 -51.52 -2.33 11.03
N LYS A 72 -51.22 -3.40 11.80
CA LYS A 72 -52.16 -4.08 12.72
C LYS A 72 -52.69 -3.10 13.78
N ASN A 73 -51.86 -2.17 14.24
CA ASN A 73 -52.19 -1.22 15.35
C ASN A 73 -52.67 0.13 14.77
N LYS A 74 -52.91 0.20 13.46
CA LYS A 74 -53.41 1.41 12.75
C LYS A 74 -52.55 2.61 13.14
N CYS A 75 -51.22 2.46 13.04
CA CYS A 75 -50.20 3.46 13.46
C CYS A 75 -50.19 4.67 12.51
N ALA A 76 -50.45 4.43 11.22
CA ALA A 76 -50.50 5.46 10.15
C ALA A 76 -51.42 6.61 10.58
N ALA A 77 -52.54 6.28 11.24
CA ALA A 77 -53.57 7.24 11.70
C ALA A 77 -53.55 7.36 13.24
N SER A 78 -52.35 7.30 13.85
CA SER A 78 -52.13 7.53 15.30
C SER A 78 -51.87 9.02 15.54
N THR A 79 -52.36 9.55 16.67
CA THR A 79 -52.33 10.99 17.04
C THR A 79 -51.28 11.26 18.13
N LEU A 80 -50.84 10.23 18.86
CA LEU A 80 -50.02 10.37 20.09
C LEU A 80 -48.54 10.48 19.71
N PRO A 81 -47.71 11.22 20.49
CA PRO A 81 -46.27 11.29 20.22
C PRO A 81 -45.61 9.92 20.08
N THR A 82 -44.58 9.82 19.22
CA THR A 82 -43.97 8.55 18.76
C THR A 82 -43.23 7.85 19.91
N VAL A 83 -42.68 8.62 20.85
CA VAL A 83 -41.89 8.10 22.01
C VAL A 83 -42.76 7.11 22.80
N GLN A 84 -44.08 7.32 22.81
CA GLN A 84 -45.07 6.51 23.57
C GLN A 84 -45.54 5.31 22.72
N THR A 85 -45.75 5.51 21.42
CA THR A 85 -46.32 4.51 20.48
C THR A 85 -45.21 3.74 19.75
N GLU A 86 -43.96 3.85 20.22
CA GLU A 86 -42.76 3.22 19.62
C GLU A 86 -42.88 1.69 19.68
N SER A 87 -43.04 1.14 20.89
CA SER A 87 -43.07 -0.32 21.18
C SER A 87 -44.23 -0.99 20.44
N LYS A 88 -45.28 -0.24 20.10
CA LYS A 88 -46.45 -0.70 19.30
C LYS A 88 -46.11 -0.61 17.81
N CYS A 89 -45.65 0.55 17.36
CA CYS A 89 -45.48 0.90 15.92
C CYS A 89 -44.10 0.49 15.39
N GLY A 90 -43.15 0.23 16.30
CA GLY A 90 -41.76 -0.14 15.96
C GLY A 90 -40.85 1.08 15.93
N ARG A 91 -39.54 0.85 15.97
CA ARG A 91 -38.50 1.90 15.81
C ARG A 91 -37.36 1.30 14.98
N PRO A 92 -37.37 1.46 13.63
CA PRO A 92 -36.33 0.91 12.77
C PRO A 92 -35.01 1.67 12.93
N LEU A 93 -33.92 0.95 13.21
CA LEU A 93 -32.55 1.52 13.39
C LEU A 93 -31.67 1.09 12.22
N GLY A 94 -31.11 -0.12 12.28
CA GLY A 94 -30.12 -0.62 11.31
C GLY A 94 -30.76 -0.96 9.97
N LEU A 95 -30.09 -0.59 8.87
CA LEU A 95 -30.52 -0.90 7.48
C LEU A 95 -29.33 -1.40 6.68
N ARG A 96 -29.56 -2.41 5.82
CA ARG A 96 -28.55 -2.91 4.84
C ARG A 96 -29.27 -3.68 3.74
N PHE A 97 -28.86 -3.45 2.49
CA PHE A 97 -29.41 -4.09 1.26
C PHE A 97 -28.51 -5.27 0.87
N HIS A 98 -29.13 -6.43 0.63
CA HIS A 98 -28.51 -7.59 -0.06
C HIS A 98 -28.63 -7.33 -1.57
N TYR A 99 -27.52 -6.99 -2.22
CA TYR A 99 -27.48 -6.48 -3.62
C TYR A 99 -28.06 -7.53 -4.59
N LYS A 100 -27.65 -8.79 -4.45
CA LYS A 100 -28.01 -9.91 -5.37
C LYS A 100 -29.53 -10.02 -5.53
N THR A 101 -30.27 -9.96 -4.42
CA THR A 101 -31.75 -10.09 -4.38
C THR A 101 -32.43 -8.71 -4.40
N GLY A 102 -31.76 -7.69 -3.86
CA GLY A 102 -32.33 -6.33 -3.67
C GLY A 102 -33.16 -6.23 -2.40
N ASN A 103 -33.12 -7.26 -1.55
CA ASN A 103 -33.85 -7.30 -0.25
C ASN A 103 -33.24 -6.29 0.72
N LEU A 104 -34.08 -5.66 1.54
CA LEU A 104 -33.65 -4.73 2.63
C LEU A 104 -33.85 -5.44 3.97
N TYR A 105 -32.78 -5.60 4.75
CA TYR A 105 -32.83 -6.14 6.13
C TYR A 105 -32.94 -4.96 7.11
N ILE A 106 -33.95 -4.98 7.97
CA ILE A 106 -34.24 -3.93 8.98
C ILE A 106 -33.98 -4.51 10.38
N ALA A 107 -33.17 -3.81 11.18
CA ALA A 107 -32.98 -4.07 12.63
C ALA A 107 -33.88 -3.10 13.41
N ASP A 108 -35.10 -3.55 13.75
CA ASP A 108 -36.12 -2.74 14.47
C ASP A 108 -36.01 -3.01 15.97
N ALA A 109 -35.79 -1.95 16.76
CA ALA A 109 -35.52 -1.99 18.22
C ALA A 109 -36.54 -2.90 18.94
N TYR A 110 -37.83 -2.79 18.58
CA TYR A 110 -38.96 -3.46 19.27
C TYR A 110 -39.44 -4.69 18.49
N MET A 111 -39.42 -4.63 17.15
CA MET A 111 -40.01 -5.65 16.25
C MET A 111 -38.96 -6.66 15.77
N GLY A 112 -37.70 -6.51 16.21
CA GLY A 112 -36.59 -7.44 15.91
C GLY A 112 -36.09 -7.31 14.48
N LEU A 113 -35.55 -8.40 13.92
CA LEU A 113 -34.97 -8.45 12.56
C LEU A 113 -36.09 -8.73 11.54
N MET A 114 -36.26 -7.84 10.56
CA MET A 114 -37.29 -7.94 9.51
C MET A 114 -36.63 -7.85 8.13
N ARG A 115 -37.36 -8.22 7.08
CA ARG A 115 -36.90 -8.17 5.67
C ARG A 115 -38.09 -7.84 4.77
N VAL A 116 -37.82 -7.17 3.63
CA VAL A 116 -38.83 -6.72 2.64
C VAL A 116 -38.19 -6.83 1.24
N GLY A 117 -39.00 -7.06 0.21
CA GLY A 117 -38.55 -7.27 -1.18
C GLY A 117 -38.18 -5.96 -1.87
N PRO A 118 -37.67 -6.02 -3.13
CA PRO A 118 -37.31 -4.81 -3.88
C PRO A 118 -38.47 -3.83 -4.12
N LYS A 119 -39.71 -4.34 -4.21
CA LYS A 119 -40.94 -3.53 -4.45
C LYS A 119 -41.33 -2.79 -3.17
N GLY A 120 -40.82 -3.21 -2.01
CA GLY A 120 -41.12 -2.60 -0.70
C GLY A 120 -42.44 -3.11 -0.15
N GLY A 121 -43.22 -2.23 0.48
CA GLY A 121 -44.48 -2.58 1.18
C GLY A 121 -44.20 -3.13 2.56
N GLU A 122 -45.19 -3.79 3.18
CA GLU A 122 -45.11 -4.35 4.55
C GLU A 122 -43.94 -5.33 4.63
N ALA A 123 -43.12 -5.23 5.69
CA ALA A 123 -41.94 -6.09 5.96
C ALA A 123 -42.41 -7.42 6.57
N THR A 124 -41.49 -8.40 6.65
CA THR A 124 -41.72 -9.73 7.24
C THR A 124 -40.72 -9.95 8.39
N VAL A 125 -41.23 -10.19 9.60
CA VAL A 125 -40.40 -10.44 10.83
C VAL A 125 -39.73 -11.80 10.69
N LEU A 126 -38.39 -11.84 10.71
CA LEU A 126 -37.57 -13.06 10.55
C LEU A 126 -37.20 -13.64 11.93
N ALA A 127 -36.97 -12.78 12.93
CA ALA A 127 -36.56 -13.17 14.29
C ALA A 127 -36.97 -12.08 15.30
N MET A 128 -37.64 -12.48 16.38
CA MET A 128 -37.95 -11.59 17.55
C MET A 128 -37.35 -12.21 18.83
N LYS A 129 -36.46 -13.20 18.68
CA LYS A 129 -35.86 -13.95 19.82
C LYS A 129 -34.57 -14.64 19.36
N ALA A 130 -33.70 -14.97 20.32
CA ALA A 130 -32.39 -15.65 20.10
C ALA A 130 -32.09 -16.57 21.29
N ASP A 131 -32.02 -17.88 21.04
CA ASP A 131 -31.83 -18.95 22.05
C ASP A 131 -32.92 -18.85 23.12
N GLY A 132 -34.17 -18.66 22.68
CA GLY A 132 -35.36 -18.63 23.56
C GLY A 132 -35.61 -17.24 24.16
N VAL A 133 -34.56 -16.42 24.31
CA VAL A 133 -34.64 -15.06 24.94
C VAL A 133 -35.07 -14.06 23.87
N PRO A 134 -36.16 -13.28 24.11
CA PRO A 134 -36.67 -12.34 23.11
C PRO A 134 -35.76 -11.11 22.94
N LEU A 135 -35.72 -10.54 21.74
CA LEU A 135 -34.89 -9.36 21.37
C LEU A 135 -35.64 -8.09 21.79
N ARG A 136 -35.00 -7.23 22.59
CA ARG A 136 -35.63 -6.04 23.22
C ARG A 136 -35.07 -4.74 22.62
N PHE A 137 -33.90 -4.78 21.99
CA PHE A 137 -33.18 -3.60 21.44
C PHE A 137 -32.32 -4.02 20.24
N THR A 138 -32.95 -4.56 19.20
CA THR A 138 -32.30 -4.93 17.91
C THR A 138 -31.85 -3.65 17.22
N ASN A 139 -30.53 -3.47 17.03
CA ASN A 139 -29.89 -2.16 16.75
C ASN A 139 -29.12 -2.21 15.43
N GLY A 140 -27.92 -2.80 15.43
CA GLY A 140 -26.99 -2.80 14.29
C GLY A 140 -27.21 -3.99 13.38
N VAL A 141 -26.89 -3.85 12.09
CA VAL A 141 -26.99 -4.92 11.06
C VAL A 141 -25.92 -4.71 9.98
N ASP A 142 -25.39 -5.80 9.43
CA ASP A 142 -24.63 -5.81 8.16
C ASP A 142 -24.80 -7.19 7.52
N ILE A 143 -24.51 -7.30 6.22
CA ILE A 143 -24.76 -8.51 5.39
C ILE A 143 -23.43 -8.95 4.76
N ASP A 144 -23.17 -10.26 4.79
CA ASP A 144 -22.17 -10.92 3.90
C ASP A 144 -22.78 -10.94 2.49
N GLN A 145 -22.33 -10.05 1.61
CA GLN A 145 -22.89 -9.84 0.25
C GLN A 145 -22.71 -11.10 -0.61
N VAL A 146 -21.72 -11.94 -0.28
CA VAL A 146 -21.40 -13.19 -1.05
C VAL A 146 -22.40 -14.29 -0.66
N THR A 147 -22.58 -14.55 0.65
CA THR A 147 -23.37 -15.70 1.19
C THR A 147 -24.81 -15.28 1.51
N GLY A 148 -25.05 -14.00 1.79
CA GLY A 148 -26.38 -13.48 2.20
C GLY A 148 -26.60 -13.59 3.70
N ASP A 149 -25.62 -14.11 4.45
CA ASP A 149 -25.66 -14.18 5.94
C ASP A 149 -25.81 -12.76 6.50
N VAL A 150 -26.59 -12.60 7.57
CA VAL A 150 -26.92 -11.29 8.20
C VAL A 150 -26.41 -11.29 9.64
N TYR A 151 -25.55 -10.33 9.98
CA TYR A 151 -24.99 -10.14 11.34
C TYR A 151 -25.61 -8.86 11.94
N PHE A 152 -26.28 -9.00 13.08
CA PHE A 152 -27.04 -7.92 13.77
C PHE A 152 -26.80 -8.01 15.28
N THR A 153 -27.01 -6.90 16.00
CA THR A 153 -26.76 -6.77 17.46
C THR A 153 -28.08 -6.52 18.19
N ASP A 154 -28.14 -6.93 19.46
CA ASP A 154 -29.14 -6.54 20.47
C ASP A 154 -28.39 -5.83 21.61
N SER A 155 -28.68 -4.55 21.85
CA SER A 155 -27.87 -3.65 22.72
C SER A 155 -28.03 -4.00 24.20
N SER A 156 -29.19 -4.54 24.60
CA SER A 156 -29.53 -4.85 26.01
C SER A 156 -30.70 -5.83 26.07
N MET A 157 -30.72 -6.69 27.10
CA MET A 157 -31.88 -7.52 27.48
C MET A 157 -32.78 -6.73 28.43
N ASN A 158 -32.26 -5.65 29.03
CA ASN A 158 -32.91 -4.88 30.12
C ASN A 158 -33.66 -3.67 29.56
N TYR A 159 -32.94 -2.71 28.98
CA TYR A 159 -33.48 -1.39 28.55
C TYR A 159 -33.90 -1.44 27.07
N GLN A 160 -35.05 -0.85 26.76
CA GLN A 160 -35.57 -0.63 25.38
C GLN A 160 -34.90 0.64 24.81
N ARG A 161 -35.12 0.92 23.52
CA ARG A 161 -34.49 2.05 22.78
C ARG A 161 -34.74 3.38 23.50
N SER A 162 -35.95 3.57 24.06
CA SER A 162 -36.39 4.82 24.74
C SER A 162 -35.40 5.22 25.84
N GLN A 163 -34.81 4.24 26.54
CA GLN A 163 -33.84 4.47 27.66
C GLN A 163 -32.45 3.98 27.26
N HIS A 164 -32.02 4.28 26.03
CA HIS A 164 -30.70 3.86 25.47
C HIS A 164 -29.56 4.44 26.31
N GLU A 165 -29.76 5.61 26.93
CA GLU A 165 -28.76 6.30 27.79
C GLU A 165 -28.51 5.48 29.06
N GLN A 166 -29.51 4.72 29.53
CA GLN A 166 -29.43 3.92 30.78
C GLN A 166 -28.50 2.70 30.56
N VAL A 167 -28.34 2.25 29.31
CA VAL A 167 -27.41 1.14 28.95
C VAL A 167 -25.98 1.59 29.29
N THR A 168 -25.65 2.85 28.97
CA THR A 168 -24.35 3.51 29.27
C THR A 168 -24.24 3.80 30.77
N ALA A 169 -25.25 4.48 31.33
CA ALA A 169 -25.27 5.02 32.72
C ALA A 169 -25.00 3.91 33.74
N THR A 170 -25.60 2.72 33.53
CA THR A 170 -25.57 1.58 34.48
C THR A 170 -24.44 0.59 34.12
N LYS A 171 -23.71 0.84 33.03
CA LYS A 171 -22.67 -0.08 32.46
C LYS A 171 -23.30 -1.45 32.19
N ASP A 172 -24.56 -1.47 31.75
CA ASP A 172 -25.31 -2.70 31.38
C ASP A 172 -24.48 -3.51 30.38
N SER A 173 -24.38 -4.83 30.58
CA SER A 173 -23.55 -5.76 29.77
C SER A 173 -24.34 -7.03 29.46
N THR A 174 -25.53 -6.86 28.86
CA THR A 174 -26.47 -7.96 28.50
C THR A 174 -26.70 -7.94 26.98
N GLY A 175 -25.80 -7.32 26.22
CA GLY A 175 -25.88 -7.21 24.75
C GLY A 175 -25.45 -8.50 24.07
N ARG A 176 -25.98 -8.75 22.86
CA ARG A 176 -25.71 -9.98 22.06
C ARG A 176 -25.35 -9.59 20.62
N LEU A 177 -24.41 -10.33 20.03
CA LEU A 177 -24.06 -10.31 18.58
C LEU A 177 -24.52 -11.63 17.97
N MET A 178 -25.34 -11.57 16.91
CA MET A 178 -26.05 -12.76 16.35
C MET A 178 -25.86 -12.83 14.83
N LYS A 179 -25.93 -14.05 14.29
CA LYS A 179 -25.99 -14.35 12.84
C LYS A 179 -27.39 -14.88 12.52
N TYR A 180 -28.02 -14.38 11.45
CA TYR A 180 -29.23 -14.97 10.82
C TYR A 180 -28.84 -15.57 9.47
N ASP A 181 -29.07 -16.87 9.31
CA ASP A 181 -28.73 -17.64 8.07
C ASP A 181 -29.98 -17.70 7.20
N PRO A 182 -29.96 -17.08 5.98
CA PRO A 182 -31.16 -17.01 5.14
C PRO A 182 -31.57 -18.36 4.54
N ARG A 183 -30.65 -19.35 4.55
CA ARG A 183 -30.88 -20.71 3.98
C ARG A 183 -31.61 -21.57 5.00
N THR A 184 -31.10 -21.66 6.23
CA THR A 184 -31.66 -22.52 7.33
C THR A 184 -32.67 -21.73 8.17
N ASN A 185 -32.82 -20.43 7.93
CA ASN A 185 -33.82 -19.55 8.61
C ASN A 185 -33.56 -19.58 10.12
N GLN A 186 -32.30 -19.73 10.53
CA GLN A 186 -31.87 -20.00 11.93
C GLN A 186 -31.11 -18.78 12.47
N VAL A 187 -31.23 -18.53 13.77
CA VAL A 187 -30.52 -17.41 14.49
C VAL A 187 -29.58 -18.02 15.54
N THR A 188 -28.27 -17.84 15.34
CA THR A 188 -27.20 -18.25 16.28
C THR A 188 -26.73 -17.02 17.07
N VAL A 189 -26.40 -17.20 18.35
CA VAL A 189 -25.74 -16.18 19.21
C VAL A 189 -24.23 -16.42 19.15
N LEU A 190 -23.49 -15.52 18.49
CA LEU A 190 -22.02 -15.60 18.29
C LEU A 190 -21.32 -15.16 19.59
N GLN A 191 -21.85 -14.13 20.23
CA GLN A 191 -21.29 -13.50 21.46
C GLN A 191 -22.45 -12.95 22.30
N SER A 192 -22.42 -13.17 23.61
CA SER A 192 -23.41 -12.64 24.59
C SER A 192 -22.67 -11.89 25.71
N ASN A 193 -23.42 -11.22 26.59
CA ASN A 193 -22.89 -10.45 27.74
C ASN A 193 -21.96 -9.34 27.23
N ILE A 194 -22.27 -8.74 26.09
CA ILE A 194 -21.51 -7.61 25.48
C ILE A 194 -22.01 -6.31 26.11
N THR A 195 -21.09 -5.36 26.35
CA THR A 195 -21.40 -4.04 26.96
C THR A 195 -21.86 -3.08 25.84
N TYR A 196 -23.16 -3.07 25.57
CA TYR A 196 -23.85 -2.15 24.64
C TYR A 196 -23.27 -2.30 23.23
N PRO A 197 -23.48 -3.47 22.57
CA PRO A 197 -23.15 -3.59 21.16
C PRO A 197 -24.15 -2.77 20.35
N ASN A 198 -23.67 -2.04 19.33
CA ASN A 198 -24.49 -1.14 18.48
C ASN A 198 -24.17 -1.46 17.02
N GLY A 199 -23.39 -0.60 16.35
CA GLY A 199 -23.01 -0.77 14.94
C GLY A 199 -22.28 -2.09 14.71
N VAL A 200 -22.48 -2.68 13.54
CA VAL A 200 -21.73 -3.88 13.07
C VAL A 200 -21.46 -3.70 11.57
N ALA A 201 -20.23 -3.96 11.15
CA ALA A 201 -19.79 -3.98 9.73
C ALA A 201 -18.88 -5.19 9.51
N MET A 202 -19.14 -5.95 8.45
CA MET A 202 -18.22 -7.01 7.96
C MET A 202 -16.99 -6.33 7.35
N SER A 203 -15.81 -6.90 7.55
CA SER A 203 -14.54 -6.44 6.95
C SER A 203 -14.58 -6.69 5.45
N ALA A 204 -13.79 -5.93 4.67
CA ALA A 204 -13.67 -6.06 3.21
C ALA A 204 -13.27 -7.50 2.85
N ASP A 205 -12.34 -8.10 3.60
CA ASP A 205 -11.79 -9.46 3.36
C ASP A 205 -12.73 -10.53 3.93
N ARG A 206 -13.78 -10.12 4.64
CA ARG A 206 -14.96 -10.95 5.03
C ARG A 206 -14.58 -11.98 6.11
N THR A 207 -13.48 -11.78 6.83
CA THR A 207 -12.94 -12.74 7.84
C THR A 207 -13.46 -12.42 9.25
N HIS A 208 -13.95 -11.21 9.47
CA HIS A 208 -14.37 -10.71 10.82
C HIS A 208 -15.43 -9.62 10.73
N LEU A 209 -16.06 -9.32 11.86
CA LEU A 209 -16.99 -8.16 12.06
C LEU A 209 -16.29 -7.13 12.95
N ILE A 210 -16.51 -5.84 12.67
CA ILE A 210 -16.15 -4.72 13.58
C ILE A 210 -17.44 -4.25 14.26
N VAL A 211 -17.50 -4.36 15.59
CA VAL A 211 -18.70 -4.06 16.41
C VAL A 211 -18.41 -2.84 17.29
N ALA A 212 -19.28 -1.82 17.24
CA ALA A 212 -19.21 -0.61 18.08
C ALA A 212 -19.81 -0.94 19.46
N LEU A 213 -19.07 -0.61 20.52
CA LEU A 213 -19.56 -0.65 21.93
C LEU A 213 -19.76 0.79 22.39
N THR A 214 -21.02 1.25 22.36
CA THR A 214 -21.41 2.68 22.56
C THR A 214 -20.92 3.16 23.94
N GLY A 215 -21.44 2.54 25.01
CA GLY A 215 -21.11 2.88 26.41
C GLY A 215 -19.60 2.84 26.66
N PRO A 216 -18.94 1.70 26.40
CA PRO A 216 -17.48 1.58 26.57
C PRO A 216 -16.60 2.52 25.74
N CYS A 217 -17.13 3.08 24.64
CA CYS A 217 -16.38 3.95 23.68
C CYS A 217 -15.27 3.15 22.99
N LYS A 218 -15.62 1.96 22.49
CA LYS A 218 -14.65 0.99 21.87
C LYS A 218 -15.27 0.37 20.62
N LEU A 219 -14.44 0.02 19.65
CA LEU A 219 -14.73 -1.00 18.61
C LEU A 219 -14.06 -2.31 19.03
N MET A 220 -14.74 -3.44 18.84
CA MET A 220 -14.15 -4.80 19.04
C MET A 220 -14.22 -5.57 17.71
N ARG A 221 -13.35 -6.58 17.56
CA ARG A 221 -13.30 -7.46 16.37
C ARG A 221 -13.78 -8.86 16.76
N HIS A 222 -14.84 -9.34 16.13
CA HIS A 222 -15.32 -10.75 16.20
C HIS A 222 -15.02 -11.45 14.87
N TRP A 223 -14.27 -12.55 14.91
CA TRP A 223 -13.87 -13.34 13.72
C TRP A 223 -15.01 -14.32 13.36
N ILE A 224 -15.31 -14.45 12.06
CA ILE A 224 -16.41 -15.32 11.53
C ILE A 224 -15.85 -16.40 10.59
N ARG A 225 -14.55 -16.35 10.29
CA ARG A 225 -13.87 -17.32 9.37
C ARG A 225 -12.46 -17.62 9.89
N GLY A 226 -11.93 -18.80 9.55
CA GLY A 226 -10.55 -19.23 9.87
C GLY A 226 -10.45 -19.82 11.28
N PRO A 227 -9.22 -20.04 11.78
CA PRO A 227 -9.02 -20.69 13.08
C PRO A 227 -9.54 -19.91 14.30
N LYS A 228 -9.80 -18.62 14.15
CA LYS A 228 -10.19 -17.71 15.26
C LYS A 228 -11.71 -17.50 15.30
N THR A 229 -12.48 -18.18 14.43
CA THR A 229 -13.97 -18.08 14.38
C THR A 229 -14.53 -18.18 15.81
N GLY A 230 -15.28 -17.16 16.25
CA GLY A 230 -15.92 -17.11 17.57
C GLY A 230 -15.14 -16.26 18.57
N LYS A 231 -13.87 -15.97 18.28
CA LYS A 231 -12.99 -15.12 19.11
C LYS A 231 -13.39 -13.65 18.96
N SER A 232 -13.69 -12.99 20.08
CA SER A 232 -13.85 -11.51 20.19
C SER A 232 -12.61 -10.94 20.88
N GLU A 233 -12.04 -9.86 20.34
CA GLU A 233 -10.83 -9.19 20.90
C GLU A 233 -10.99 -7.68 20.79
N PRO A 234 -10.20 -6.89 21.56
CA PRO A 234 -10.14 -5.45 21.38
C PRO A 234 -9.63 -5.08 19.98
N PHE A 235 -10.21 -4.03 19.37
CA PHE A 235 -9.83 -3.50 18.03
C PHE A 235 -9.15 -2.14 18.21
N VAL A 236 -9.87 -1.18 18.82
CA VAL A 236 -9.38 0.21 19.07
C VAL A 236 -10.31 0.89 20.06
N ASP A 237 -9.75 1.71 20.97
CA ASP A 237 -10.51 2.61 21.88
C ASP A 237 -10.75 3.93 21.14
N LEU A 238 -11.96 4.50 21.28
CA LEU A 238 -12.38 5.75 20.61
C LEU A 238 -12.57 6.85 21.64
N PRO A 239 -12.25 8.12 21.30
CA PRO A 239 -12.52 9.25 22.18
C PRO A 239 -13.96 9.79 22.02
N GLY A 240 -14.91 8.90 21.70
CA GLY A 240 -16.34 9.21 21.58
C GLY A 240 -17.19 7.96 21.72
N TYR A 241 -18.51 8.13 21.85
CA TYR A 241 -19.50 7.03 21.98
C TYR A 241 -19.93 6.59 20.58
N PRO A 242 -19.44 5.42 20.08
CA PRO A 242 -19.73 4.99 18.72
C PRO A 242 -21.15 4.41 18.56
N ASP A 243 -21.77 4.65 17.40
CA ASP A 243 -23.10 4.10 17.04
C ASP A 243 -22.92 3.08 15.93
N ASN A 244 -23.10 3.48 14.66
CA ASN A 244 -23.06 2.55 13.50
C ASN A 244 -21.65 2.52 12.90
N VAL A 245 -21.26 1.35 12.41
CA VAL A 245 -19.99 1.05 11.69
C VAL A 245 -20.37 0.75 10.25
N ARG A 246 -19.83 1.48 9.29
CA ARG A 246 -20.08 1.26 7.83
C ARG A 246 -18.76 1.38 7.07
N PRO A 247 -18.57 0.59 5.98
CA PRO A 247 -17.38 0.69 5.16
C PRO A 247 -17.30 2.09 4.52
N ASP A 248 -16.09 2.63 4.39
CA ASP A 248 -15.82 3.99 3.86
C ASP A 248 -15.62 3.92 2.34
N GLY A 249 -15.68 2.72 1.75
CA GLY A 249 -15.53 2.48 0.30
C GLY A 249 -14.07 2.45 -0.13
N LYS A 250 -13.14 2.45 0.83
CA LYS A 250 -11.67 2.51 0.59
C LYS A 250 -10.94 1.54 1.53
N GLY A 251 -11.63 0.48 2.00
CA GLY A 251 -11.05 -0.63 2.77
C GLY A 251 -11.16 -0.43 4.28
N GLY A 252 -11.51 0.77 4.73
CA GLY A 252 -11.68 1.10 6.16
C GLY A 252 -13.14 1.19 6.55
N TYR A 253 -13.44 2.00 7.58
CA TYR A 253 -14.81 2.22 8.12
C TYR A 253 -14.95 3.68 8.56
N TRP A 254 -16.16 4.24 8.37
CA TRP A 254 -16.62 5.45 9.09
C TRP A 254 -17.37 5.01 10.34
N ILE A 255 -16.99 5.55 11.51
CA ILE A 255 -17.66 5.32 12.81
C ILE A 255 -18.37 6.61 13.22
N ALA A 256 -19.70 6.58 13.32
CA ALA A 256 -20.52 7.69 13.84
C ALA A 256 -20.28 7.80 15.35
N LEU A 257 -20.01 9.03 15.84
CA LEU A 257 -19.79 9.32 17.28
C LEU A 257 -20.83 10.35 17.74
N HIS A 258 -21.92 9.89 18.36
CA HIS A 258 -23.09 10.74 18.72
C HIS A 258 -22.69 11.70 19.86
N ARG A 259 -21.74 11.30 20.70
CA ARG A 259 -21.16 12.14 21.79
C ARG A 259 -19.64 12.00 21.81
N GLU A 260 -18.94 13.05 22.25
CA GLU A 260 -17.50 13.02 22.61
C GLU A 260 -17.35 12.38 24.00
N LYS A 261 -16.24 11.69 24.25
CA LYS A 261 -15.87 11.21 25.61
C LYS A 261 -15.15 12.34 26.36
N TYR A 262 -14.34 13.12 25.64
CA TYR A 262 -13.55 14.27 26.16
C TYR A 262 -13.88 15.53 25.35
N GLU A 263 -14.48 16.53 25.98
CA GLU A 263 -14.81 17.84 25.36
C GLU A 263 -13.52 18.65 25.24
N LEU A 264 -12.71 18.38 24.21
CA LEU A 264 -11.43 19.07 23.93
C LEU A 264 -11.73 20.52 23.52
N PRO A 265 -11.10 21.53 24.14
CA PRO A 265 -11.36 22.93 23.80
C PRO A 265 -10.76 23.30 22.44
N PHE A 266 -11.52 23.06 21.36
CA PHE A 266 -11.15 23.32 19.95
C PHE A 266 -12.00 24.47 19.37
N GLY A 267 -12.53 25.34 20.24
CA GLY A 267 -13.37 26.47 19.85
C GLY A 267 -14.77 26.01 19.44
N PRO A 268 -15.57 26.88 18.77
CA PRO A 268 -16.99 26.64 18.56
C PRO A 268 -17.33 25.77 17.34
N ASP A 269 -18.33 24.90 17.48
CA ASP A 269 -18.86 24.00 16.41
C ASP A 269 -17.71 23.19 15.80
N SER A 270 -16.81 22.67 16.65
CA SER A 270 -15.67 21.81 16.25
C SER A 270 -15.58 20.60 17.19
N HIS A 271 -16.73 19.96 17.47
CA HIS A 271 -16.86 18.72 18.26
C HIS A 271 -16.59 17.52 17.36
N LEU A 272 -15.91 16.50 17.88
CA LEU A 272 -15.66 15.21 17.18
C LEU A 272 -16.99 14.44 17.07
N VAL A 273 -17.49 14.27 15.84
CA VAL A 273 -18.82 13.66 15.58
C VAL A 273 -18.68 12.35 14.75
N ALA A 274 -17.47 12.04 14.26
CA ALA A 274 -17.19 10.79 13.50
C ALA A 274 -15.67 10.57 13.40
N MET A 275 -15.27 9.31 13.19
CA MET A 275 -13.85 8.90 12.99
C MET A 275 -13.78 7.86 11.87
N ARG A 276 -12.93 8.08 10.88
CA ARG A 276 -12.56 7.04 9.86
C ARG A 276 -11.47 6.16 10.47
N VAL A 277 -11.69 4.84 10.49
CA VAL A 277 -10.76 3.82 11.06
C VAL A 277 -10.34 2.86 9.93
N SER A 278 -9.07 2.49 9.90
CA SER A 278 -8.47 1.57 8.88
C SER A 278 -8.86 0.13 9.20
N ALA A 279 -8.63 -0.78 8.25
CA ALA A 279 -8.86 -2.24 8.39
C ALA A 279 -8.05 -2.77 9.59
N GLY A 280 -6.90 -2.16 9.88
CA GLY A 280 -5.98 -2.55 10.96
C GLY A 280 -6.31 -1.89 12.29
N GLY A 281 -7.35 -1.04 12.33
CA GLY A 281 -7.87 -0.41 13.56
C GLY A 281 -7.09 0.82 13.98
N LYS A 282 -6.49 1.54 13.03
CA LYS A 282 -5.75 2.81 13.28
C LYS A 282 -6.65 3.99 12.91
N LEU A 283 -6.52 5.09 13.66
CA LEU A 283 -7.33 6.33 13.47
C LEU A 283 -6.75 7.12 12.29
N VAL A 284 -7.51 7.21 11.19
CA VAL A 284 -7.05 7.74 9.88
C VAL A 284 -7.48 9.22 9.75
N GLN A 285 -8.76 9.50 9.98
CA GLN A 285 -9.39 10.82 9.72
C GLN A 285 -10.49 11.07 10.76
N GLN A 286 -10.70 12.34 11.12
CA GLN A 286 -11.79 12.77 12.04
C GLN A 286 -12.70 13.76 11.32
N MET A 287 -13.99 13.78 11.69
CA MET A 287 -15.00 14.77 11.23
C MET A 287 -15.45 15.58 12.45
N ARG A 288 -15.29 16.90 12.41
CA ARG A 288 -15.69 17.84 13.48
C ARG A 288 -16.82 18.75 12.95
N GLY A 289 -17.78 19.07 13.81
CA GLY A 289 -18.95 19.90 13.47
C GLY A 289 -19.77 20.26 14.70
N PRO A 290 -20.98 20.87 14.51
CA PRO A 290 -21.86 21.21 15.62
C PRO A 290 -22.17 20.01 16.54
N LYS A 291 -22.36 20.29 17.83
CA LYS A 291 -22.68 19.28 18.88
C LYS A 291 -24.05 18.66 18.58
N SER A 292 -24.95 19.38 17.91
CA SER A 292 -26.36 18.98 17.65
C SER A 292 -26.44 17.87 16.59
N LEU A 293 -25.41 17.70 15.76
CA LEU A 293 -25.35 16.65 14.70
C LEU A 293 -25.64 15.27 15.30
N ARG A 294 -25.01 14.94 16.43
CA ARG A 294 -25.19 13.67 17.18
C ARG A 294 -25.33 12.51 16.20
N PRO A 295 -24.35 12.27 15.30
CA PRO A 295 -24.50 11.29 14.22
C PRO A 295 -24.57 9.84 14.72
N THR A 296 -25.44 9.04 14.11
CA THR A 296 -25.65 7.60 14.41
C THR A 296 -25.10 6.73 13.27
N GLU A 297 -25.08 7.24 12.03
CA GLU A 297 -24.48 6.54 10.86
C GLU A 297 -23.78 7.56 9.95
N VAL A 298 -22.67 7.16 9.33
CA VAL A 298 -21.87 7.98 8.38
C VAL A 298 -21.61 7.14 7.12
N MET A 299 -22.09 7.59 5.97
CA MET A 299 -22.09 6.84 4.69
C MET A 299 -21.43 7.69 3.59
N GLU A 300 -20.13 7.49 3.37
CA GLU A 300 -19.37 8.12 2.26
C GLU A 300 -19.76 7.45 0.94
N ARG A 301 -19.81 8.22 -0.15
CA ARG A 301 -20.26 7.77 -1.49
C ARG A 301 -19.19 8.12 -2.53
N LYS A 302 -19.29 7.49 -3.71
CA LYS A 302 -18.38 7.63 -4.88
C LYS A 302 -18.21 9.12 -5.23
N ASP A 303 -19.29 9.91 -5.16
CA ASP A 303 -19.35 11.32 -5.63
C ASP A 303 -18.81 12.29 -4.56
N GLY A 304 -18.12 11.78 -3.53
CA GLY A 304 -17.45 12.59 -2.49
C GLY A 304 -18.37 12.97 -1.35
N LYS A 305 -19.70 12.86 -1.55
CA LYS A 305 -20.74 13.21 -0.55
C LYS A 305 -20.74 12.20 0.59
N ILE A 306 -20.94 12.67 1.82
CA ILE A 306 -21.05 11.84 3.06
C ILE A 306 -22.42 12.08 3.69
N TYR A 307 -23.30 11.07 3.65
CA TYR A 307 -24.66 11.08 4.24
C TYR A 307 -24.55 10.70 5.72
N MET A 308 -25.35 11.35 6.58
CA MET A 308 -25.25 11.24 8.05
C MET A 308 -26.63 11.08 8.67
N GLY A 309 -26.82 9.99 9.42
CA GLY A 309 -28.05 9.70 10.18
C GLY A 309 -27.98 10.24 11.60
N ASN A 310 -29.11 10.22 12.31
CA ASN A 310 -29.26 10.70 13.70
C ASN A 310 -30.59 10.15 14.24
N VAL A 311 -30.92 10.41 15.51
CA VAL A 311 -32.17 9.92 16.16
C VAL A 311 -33.03 11.09 16.64
N GLU A 312 -32.59 12.35 16.43
CA GLU A 312 -33.24 13.55 17.02
C GLU A 312 -33.63 14.58 15.95
N LEU A 313 -32.84 14.76 14.88
CA LEU A 313 -33.03 15.86 13.89
C LEU A 313 -34.10 15.47 12.86
N PRO A 314 -34.83 16.45 12.31
CA PRO A 314 -35.86 16.20 11.30
C PRO A 314 -35.35 16.20 9.85
N TYR A 315 -34.14 15.68 9.62
CA TYR A 315 -33.49 15.59 8.30
C TYR A 315 -32.29 14.64 8.35
N VAL A 316 -31.89 14.15 7.17
CA VAL A 316 -30.56 13.52 6.91
C VAL A 316 -29.60 14.65 6.54
N GLY A 317 -28.43 14.72 7.20
CA GLY A 317 -27.36 15.69 6.89
C GLY A 317 -26.47 15.17 5.78
N VAL A 318 -25.95 16.08 4.94
CA VAL A 318 -25.02 15.76 3.82
C VAL A 318 -23.85 16.75 3.85
N VAL A 319 -22.61 16.24 3.95
CA VAL A 319 -21.36 17.06 3.99
C VAL A 319 -20.47 16.66 2.80
N LYS A 320 -19.41 17.44 2.56
CA LYS A 320 -18.50 17.35 1.38
C LYS A 320 -19.32 17.63 0.11
N PHE B 10 1.57 -1.37 -19.94
CA PHE B 10 0.97 -2.31 -18.95
C PHE B 10 0.50 -1.52 -17.72
N LYS B 11 -0.80 -1.19 -17.69
CA LYS B 11 -1.49 -0.44 -16.62
C LYS B 11 -1.54 -1.29 -15.34
N THR B 12 -1.36 -0.66 -14.17
CA THR B 12 -1.45 -1.31 -12.83
C THR B 12 -2.83 -1.97 -12.69
N ILE B 13 -2.85 -3.26 -12.34
CA ILE B 13 -4.11 -4.05 -12.15
C ILE B 13 -4.68 -3.75 -10.76
N ASP B 14 -6.00 -3.58 -10.68
CA ASP B 14 -6.75 -3.20 -9.45
C ASP B 14 -7.35 -4.46 -8.84
N ALA B 15 -6.85 -4.86 -7.65
CA ALA B 15 -7.29 -6.06 -6.90
C ALA B 15 -8.08 -5.64 -5.65
N ARG B 16 -8.60 -4.41 -5.60
CA ARG B 16 -9.44 -3.89 -4.49
C ARG B 16 -10.77 -4.67 -4.46
N ARG B 17 -11.43 -4.76 -5.61
CA ARG B 17 -12.67 -5.55 -5.82
C ARG B 17 -12.28 -6.89 -6.46
N SER B 18 -12.46 -7.98 -5.74
CA SER B 18 -12.11 -9.37 -6.16
C SER B 18 -13.28 -10.31 -5.85
N GLN B 19 -13.51 -11.30 -6.70
CA GLN B 19 -14.48 -12.41 -6.47
C GLN B 19 -13.82 -13.40 -5.50
N HIS B 20 -14.61 -13.93 -4.55
CA HIS B 20 -14.15 -14.87 -3.50
C HIS B 20 -14.74 -16.27 -3.77
N LEU B 21 -13.88 -17.26 -4.01
CA LEU B 21 -14.24 -18.70 -4.08
C LEU B 21 -14.13 -19.28 -2.67
N ASP B 22 -15.21 -19.19 -1.88
CA ASP B 22 -15.26 -19.54 -0.43
C ASP B 22 -14.96 -21.03 -0.25
N LEU B 23 -14.00 -21.35 0.62
CA LEU B 23 -13.77 -22.72 1.15
C LEU B 23 -14.81 -22.98 2.25
N GLY B 24 -15.21 -24.24 2.45
CA GLY B 24 -16.13 -24.65 3.52
C GLY B 24 -15.43 -24.73 4.86
N GLY B 25 -16.17 -25.11 5.92
CA GLY B 25 -15.65 -25.28 7.29
C GLY B 25 -14.91 -24.05 7.77
N SER B 26 -13.74 -24.25 8.39
CA SER B 26 -12.82 -23.17 8.83
C SER B 26 -11.51 -23.24 8.03
N LEU B 27 -11.55 -23.86 6.85
CA LEU B 27 -10.38 -23.96 5.92
C LEU B 27 -9.91 -22.55 5.54
N VAL B 28 -8.59 -22.35 5.50
CA VAL B 28 -7.94 -21.09 5.04
C VAL B 28 -6.67 -21.44 4.26
N GLY B 29 -6.18 -20.48 3.47
CA GLY B 29 -4.84 -20.48 2.88
C GLY B 29 -4.68 -21.45 1.71
N PRO B 30 -5.40 -21.24 0.58
CA PRO B 30 -5.10 -21.95 -0.66
C PRO B 30 -3.82 -21.36 -1.27
N GLU B 31 -2.65 -21.86 -0.87
CA GLU B 31 -1.32 -21.29 -1.18
C GLU B 31 -1.09 -21.26 -2.70
N SER B 32 -1.48 -22.32 -3.39
CA SER B 32 -1.37 -22.48 -4.87
C SER B 32 -2.76 -22.52 -5.49
N VAL B 33 -2.85 -22.16 -6.77
CA VAL B 33 -4.10 -22.21 -7.59
C VAL B 33 -3.75 -22.84 -8.94
N ALA B 34 -3.51 -24.15 -8.94
CA ALA B 34 -3.10 -24.95 -10.11
C ALA B 34 -4.33 -25.30 -10.96
N PHE B 35 -4.16 -25.35 -12.28
CA PHE B 35 -5.18 -25.80 -13.27
C PHE B 35 -4.62 -27.03 -14.00
N ASP B 36 -5.46 -28.04 -14.23
CA ASP B 36 -5.08 -29.32 -14.89
C ASP B 36 -5.17 -29.15 -16.41
N GLY B 37 -4.82 -30.19 -17.17
CA GLY B 37 -4.74 -30.20 -18.64
C GLY B 37 -6.09 -29.92 -19.30
N LYS B 38 -7.20 -30.35 -18.69
CA LYS B 38 -8.58 -30.11 -19.18
C LYS B 38 -9.01 -28.68 -18.82
N GLY B 39 -8.30 -28.03 -17.90
CA GLY B 39 -8.53 -26.63 -17.50
C GLY B 39 -9.48 -26.50 -16.31
N ARG B 40 -9.72 -27.60 -15.58
CA ARG B 40 -10.63 -27.63 -14.39
C ARG B 40 -10.19 -26.57 -13.39
N GLY B 41 -11.18 -25.91 -12.75
CA GLY B 41 -11.01 -24.77 -11.83
C GLY B 41 -9.85 -24.97 -10.86
N PRO B 42 -9.51 -23.95 -10.04
CA PRO B 42 -8.31 -24.00 -9.21
C PRO B 42 -8.27 -25.21 -8.27
N TYR B 43 -7.17 -25.97 -8.31
CA TYR B 43 -6.76 -26.95 -7.27
C TYR B 43 -5.87 -26.20 -6.26
N SER B 44 -6.09 -26.42 -4.96
CA SER B 44 -5.45 -25.64 -3.87
C SER B 44 -5.21 -26.50 -2.62
N GLY B 45 -3.97 -26.53 -2.15
CA GLY B 45 -3.58 -27.10 -0.84
C GLY B 45 -3.89 -26.12 0.28
N VAL B 46 -4.68 -26.55 1.28
CA VAL B 46 -5.27 -25.68 2.34
C VAL B 46 -4.70 -26.07 3.70
N SER B 47 -5.03 -25.30 4.74
CA SER B 47 -4.44 -25.32 6.10
C SER B 47 -4.50 -26.71 6.75
N ASP B 48 -5.58 -27.47 6.51
CA ASP B 48 -5.88 -28.72 7.26
C ASP B 48 -5.18 -29.92 6.61
N GLY B 49 -4.49 -29.72 5.47
CA GLY B 49 -3.62 -30.72 4.82
C GLY B 49 -4.15 -31.22 3.49
N ARG B 50 -5.45 -31.05 3.22
CA ARG B 50 -6.11 -31.56 1.99
C ARG B 50 -5.74 -30.65 0.80
N ILE B 51 -5.67 -31.24 -0.39
CA ILE B 51 -5.67 -30.52 -1.70
C ILE B 51 -7.11 -30.54 -2.20
N MET B 52 -7.75 -29.37 -2.29
CA MET B 52 -9.17 -29.18 -2.69
C MET B 52 -9.22 -28.77 -4.17
N ARG B 53 -10.31 -29.11 -4.85
CA ARG B 53 -10.61 -28.70 -6.26
C ARG B 53 -11.90 -27.88 -6.28
N TRP B 54 -11.87 -26.71 -6.92
CA TRP B 54 -13.05 -25.84 -7.17
C TRP B 54 -13.82 -26.40 -8.37
N ASN B 55 -15.12 -26.68 -8.19
CA ASN B 55 -15.99 -27.35 -9.19
C ASN B 55 -17.14 -26.41 -9.60
N GLY B 56 -16.91 -25.10 -9.53
CA GLY B 56 -17.91 -24.06 -9.85
C GLY B 56 -18.64 -23.58 -8.61
N GLU B 57 -19.48 -22.54 -8.75
CA GLU B 57 -20.12 -21.78 -7.65
C GLU B 57 -21.10 -22.71 -6.90
N ALA B 58 -21.89 -23.47 -7.64
CA ALA B 58 -22.96 -24.36 -7.13
C ALA B 58 -22.35 -25.52 -6.33
N ALA B 59 -21.44 -26.27 -6.95
CA ALA B 59 -20.81 -27.50 -6.40
C ALA B 59 -19.85 -27.15 -5.25
N GLY B 60 -19.13 -26.03 -5.36
CA GLY B 60 -18.15 -25.57 -4.36
C GLY B 60 -16.85 -26.35 -4.46
N TRP B 61 -16.15 -26.54 -3.33
CA TRP B 61 -14.87 -27.29 -3.23
C TRP B 61 -15.15 -28.76 -2.88
N SER B 62 -14.35 -29.67 -3.47
CA SER B 62 -14.31 -31.12 -3.16
C SER B 62 -12.87 -31.53 -2.85
N THR B 63 -12.69 -32.50 -1.94
CA THR B 63 -11.38 -33.11 -1.61
C THR B 63 -10.88 -33.90 -2.82
N TYR B 64 -9.66 -33.62 -3.29
CA TYR B 64 -9.03 -34.25 -4.47
C TYR B 64 -7.92 -35.21 -4.04
N THR B 65 -7.01 -34.75 -3.16
CA THR B 65 -5.87 -35.57 -2.66
C THR B 65 -5.40 -35.07 -1.29
N TYR B 66 -4.48 -35.83 -0.69
CA TYR B 66 -3.95 -35.67 0.70
C TYR B 66 -2.83 -36.71 0.88
N SER B 67 -2.00 -36.54 1.92
CA SER B 67 -0.83 -37.42 2.21
C SER B 67 -1.31 -38.70 2.90
N PRO B 68 -0.53 -39.80 2.83
CA PRO B 68 -0.81 -41.01 3.62
C PRO B 68 -0.88 -40.75 5.13
N SER B 69 -0.06 -39.81 5.63
CA SER B 69 -0.07 -39.36 7.06
C SER B 69 -1.45 -38.82 7.44
N TYR B 70 -2.11 -38.09 6.53
CA TYR B 70 -3.46 -37.53 6.72
C TYR B 70 -4.43 -38.67 7.09
N THR B 71 -4.44 -39.72 6.27
CA THR B 71 -5.27 -40.95 6.45
C THR B 71 -4.89 -41.66 7.74
N LYS B 72 -3.59 -41.88 7.95
CA LYS B 72 -3.04 -42.74 9.04
C LYS B 72 -3.28 -42.09 10.42
N ASN B 73 -3.32 -40.75 10.50
CA ASN B 73 -3.42 -39.99 11.77
C ASN B 73 -4.86 -39.52 12.01
N LYS B 74 -5.82 -39.98 11.20
CA LYS B 74 -7.28 -39.73 11.37
C LYS B 74 -7.53 -38.21 11.44
N CYS B 75 -6.97 -37.48 10.47
CA CYS B 75 -6.91 -35.99 10.42
C CYS B 75 -8.30 -35.41 10.11
N ALA B 76 -9.09 -36.09 9.28
CA ALA B 76 -10.47 -35.70 8.89
C ALA B 76 -11.35 -35.52 10.14
N ALA B 77 -11.06 -36.27 11.21
CA ALA B 77 -11.85 -36.31 12.47
C ALA B 77 -11.23 -35.40 13.54
N SER B 78 -10.14 -34.67 13.21
CA SER B 78 -9.37 -33.83 14.18
C SER B 78 -10.14 -32.53 14.46
N THR B 79 -10.32 -32.21 15.75
CA THR B 79 -10.98 -30.97 16.25
C THR B 79 -9.92 -29.99 16.78
N LEU B 80 -8.66 -30.41 16.85
CA LEU B 80 -7.52 -29.60 17.34
C LEU B 80 -7.20 -28.50 16.33
N PRO B 81 -6.66 -27.34 16.76
CA PRO B 81 -6.17 -26.32 15.82
C PRO B 81 -5.10 -26.88 14.88
N THR B 82 -5.07 -26.39 13.62
CA THR B 82 -4.22 -26.91 12.52
C THR B 82 -2.73 -26.65 12.82
N VAL B 83 -2.43 -25.65 13.66
CA VAL B 83 -1.05 -25.29 14.07
C VAL B 83 -0.41 -26.47 14.82
N GLN B 84 -1.22 -27.27 15.52
CA GLN B 84 -0.77 -28.41 16.36
C GLN B 84 -0.64 -29.68 15.51
N THR B 85 -1.54 -29.88 14.54
CA THR B 85 -1.67 -31.13 13.73
C THR B 85 -0.96 -30.98 12.38
N GLU B 86 -0.42 -29.79 12.07
CA GLU B 86 0.23 -29.43 10.79
C GLU B 86 1.25 -30.50 10.38
N SER B 87 2.13 -30.90 11.29
CA SER B 87 3.27 -31.82 11.06
C SER B 87 2.77 -33.25 10.81
N LYS B 88 1.62 -33.62 11.38
CA LYS B 88 1.02 -34.97 11.25
C LYS B 88 0.13 -35.04 9.99
N CYS B 89 -0.61 -33.98 9.72
CA CYS B 89 -1.69 -33.94 8.69
C CYS B 89 -1.18 -33.36 7.37
N GLY B 90 -0.05 -32.65 7.40
CA GLY B 90 0.60 -32.06 6.21
C GLY B 90 0.20 -30.61 6.00
N ARG B 91 0.96 -29.89 5.17
CA ARG B 91 0.65 -28.50 4.73
C ARG B 91 1.05 -28.38 3.27
N PRO B 92 0.15 -28.74 2.32
CA PRO B 92 0.46 -28.66 0.89
C PRO B 92 0.61 -27.20 0.44
N LEU B 93 1.73 -26.90 -0.22
CA LEU B 93 2.03 -25.55 -0.77
C LEU B 93 1.99 -25.63 -2.30
N GLY B 94 3.12 -25.97 -2.94
CA GLY B 94 3.27 -25.97 -4.41
C GLY B 94 2.47 -27.08 -5.07
N LEU B 95 1.66 -26.73 -6.07
CA LEU B 95 0.88 -27.67 -6.93
C LEU B 95 1.28 -27.45 -8.39
N ARG B 96 1.44 -28.53 -9.16
CA ARG B 96 1.64 -28.49 -10.64
C ARG B 96 1.20 -29.83 -11.25
N PHE B 97 0.38 -29.76 -12.30
CA PHE B 97 -0.07 -30.93 -13.11
C PHE B 97 0.94 -31.17 -14.23
N HIS B 98 1.26 -32.44 -14.47
CA HIS B 98 1.95 -32.95 -15.68
C HIS B 98 0.87 -33.30 -16.71
N TYR B 99 0.70 -32.46 -17.74
CA TYR B 99 -0.46 -32.47 -18.67
C TYR B 99 -0.60 -33.83 -19.36
N LYS B 100 0.51 -34.48 -19.70
CA LYS B 100 0.53 -35.74 -20.51
C LYS B 100 -0.11 -36.89 -19.71
N THR B 101 0.21 -37.01 -18.42
CA THR B 101 -0.26 -38.12 -17.53
C THR B 101 -1.58 -37.73 -16.85
N GLY B 102 -1.78 -36.44 -16.54
CA GLY B 102 -2.86 -35.94 -15.69
C GLY B 102 -2.50 -36.00 -14.21
N ASN B 103 -1.24 -36.32 -13.90
CA ASN B 103 -0.71 -36.46 -12.52
C ASN B 103 -0.52 -35.06 -11.91
N LEU B 104 -0.86 -34.92 -10.63
CA LEU B 104 -0.59 -33.70 -9.82
C LEU B 104 0.60 -33.97 -8.90
N TYR B 105 1.69 -33.21 -9.07
CA TYR B 105 2.84 -33.17 -8.13
C TYR B 105 2.54 -32.15 -7.03
N ILE B 106 2.77 -32.53 -5.77
CA ILE B 106 2.47 -31.70 -4.57
C ILE B 106 3.75 -31.55 -3.76
N ALA B 107 4.15 -30.30 -3.48
CA ALA B 107 5.25 -29.93 -2.55
C ALA B 107 4.64 -29.65 -1.17
N ASP B 108 4.51 -30.69 -0.34
CA ASP B 108 3.99 -30.59 1.05
C ASP B 108 5.17 -30.26 1.98
N ALA B 109 5.00 -29.24 2.83
CA ALA B 109 6.04 -28.68 3.71
C ALA B 109 6.56 -29.75 4.69
N TYR B 110 5.70 -30.70 5.06
CA TYR B 110 5.98 -31.74 6.10
C TYR B 110 6.15 -33.12 5.45
N MET B 111 5.38 -33.43 4.40
CA MET B 111 5.29 -34.79 3.79
C MET B 111 6.18 -34.88 2.55
N GLY B 112 6.97 -33.84 2.25
CA GLY B 112 7.92 -33.81 1.13
C GLY B 112 7.22 -33.69 -0.21
N LEU B 113 7.88 -34.12 -1.29
CA LEU B 113 7.31 -34.18 -2.67
C LEU B 113 6.36 -35.38 -2.74
N MET B 114 5.14 -35.16 -3.22
CA MET B 114 4.09 -36.21 -3.38
C MET B 114 3.51 -36.15 -4.80
N ARG B 115 2.85 -37.24 -5.22
CA ARG B 115 2.15 -37.36 -6.53
C ARG B 115 0.86 -38.18 -6.35
N VAL B 116 -0.16 -37.87 -7.15
CA VAL B 116 -1.45 -38.61 -7.23
C VAL B 116 -1.89 -38.65 -8.70
N GLY B 117 -2.59 -39.71 -9.11
CA GLY B 117 -3.03 -39.94 -10.50
C GLY B 117 -4.25 -39.10 -10.85
N PRO B 118 -4.72 -39.16 -12.12
CA PRO B 118 -5.89 -38.39 -12.57
C PRO B 118 -7.18 -38.65 -11.77
N LYS B 119 -7.38 -39.88 -11.28
CA LYS B 119 -8.57 -40.27 -10.49
C LYS B 119 -8.50 -39.67 -9.08
N GLY B 120 -7.32 -39.17 -8.67
CA GLY B 120 -7.11 -38.53 -7.36
C GLY B 120 -7.04 -39.55 -6.25
N GLY B 121 -7.46 -39.15 -5.04
CA GLY B 121 -7.42 -39.98 -3.82
C GLY B 121 -6.11 -39.79 -3.08
N GLU B 122 -5.75 -40.75 -2.21
CA GLU B 122 -4.51 -40.72 -1.40
C GLU B 122 -3.30 -40.61 -2.34
N ALA B 123 -2.41 -39.64 -2.09
CA ALA B 123 -1.18 -39.39 -2.88
C ALA B 123 -0.06 -40.33 -2.42
N THR B 124 0.97 -40.48 -3.26
CA THR B 124 2.20 -41.27 -2.97
C THR B 124 3.37 -40.31 -2.71
N VAL B 125 4.03 -40.43 -1.57
CA VAL B 125 5.26 -39.66 -1.22
C VAL B 125 6.41 -40.21 -2.07
N LEU B 126 7.01 -39.36 -2.92
CA LEU B 126 8.11 -39.72 -3.84
C LEU B 126 9.47 -39.43 -3.20
N ALA B 127 9.53 -38.51 -2.22
CA ALA B 127 10.79 -38.05 -1.60
C ALA B 127 10.50 -37.32 -0.28
N MET B 128 11.07 -37.81 0.83
CA MET B 128 11.06 -37.19 2.18
C MET B 128 12.44 -36.61 2.49
N LYS B 129 13.45 -36.88 1.66
CA LYS B 129 14.87 -36.51 1.90
C LYS B 129 15.61 -36.38 0.56
N ALA B 130 16.76 -35.69 0.57
CA ALA B 130 17.64 -35.45 -0.60
C ALA B 130 19.11 -35.44 -0.14
N ASP B 131 19.94 -36.30 -0.74
CA ASP B 131 21.36 -36.55 -0.36
C ASP B 131 21.40 -36.93 1.13
N GLY B 132 20.50 -37.82 1.56
CA GLY B 132 20.43 -38.35 2.93
C GLY B 132 20.07 -37.31 3.98
N VAL B 133 19.63 -36.11 3.56
CA VAL B 133 19.18 -35.02 4.46
C VAL B 133 17.67 -34.84 4.29
N PRO B 134 16.86 -34.87 5.36
CA PRO B 134 15.41 -34.74 5.24
C PRO B 134 14.96 -33.39 4.66
N LEU B 135 13.83 -33.39 3.96
CA LEU B 135 13.15 -32.16 3.45
C LEU B 135 12.23 -31.64 4.56
N ARG B 136 12.54 -30.46 5.11
CA ARG B 136 11.86 -29.89 6.31
C ARG B 136 10.81 -28.85 5.90
N PHE B 137 10.89 -28.32 4.68
CA PHE B 137 10.06 -27.18 4.20
C PHE B 137 9.97 -27.21 2.67
N THR B 138 9.48 -28.33 2.11
CA THR B 138 9.19 -28.49 0.66
C THR B 138 8.09 -27.49 0.30
N ASN B 139 8.34 -26.60 -0.66
CA ASN B 139 7.51 -25.38 -0.87
C ASN B 139 7.08 -25.27 -2.34
N GLY B 140 8.01 -24.91 -3.23
CA GLY B 140 7.71 -24.58 -4.64
C GLY B 140 7.94 -25.78 -5.54
N VAL B 141 7.19 -25.86 -6.64
CA VAL B 141 7.31 -26.95 -7.65
C VAL B 141 6.88 -26.41 -9.03
N ASP B 142 7.57 -26.86 -10.07
CA ASP B 142 7.14 -26.72 -11.49
C ASP B 142 7.61 -27.96 -12.26
N ILE B 143 6.97 -28.25 -13.39
CA ILE B 143 7.22 -29.48 -14.20
C ILE B 143 7.58 -29.05 -15.63
N ASP B 144 8.66 -29.65 -16.16
CA ASP B 144 8.95 -29.69 -17.62
C ASP B 144 7.88 -30.57 -18.27
N GLN B 145 6.97 -29.96 -19.04
CA GLN B 145 5.80 -30.65 -19.66
C GLN B 145 6.27 -31.55 -20.81
N VAL B 146 7.47 -31.28 -21.36
CA VAL B 146 8.09 -32.08 -22.46
C VAL B 146 8.67 -33.37 -21.87
N THR B 147 9.63 -33.25 -20.95
CA THR B 147 10.43 -34.38 -20.39
C THR B 147 9.66 -35.06 -19.25
N GLY B 148 8.88 -34.31 -18.49
CA GLY B 148 8.18 -34.80 -17.28
C GLY B 148 9.02 -34.60 -16.02
N ASP B 149 10.24 -34.09 -16.16
CA ASP B 149 11.16 -33.77 -15.02
C ASP B 149 10.48 -32.73 -14.12
N VAL B 150 10.56 -32.96 -12.81
CA VAL B 150 9.94 -32.09 -11.76
C VAL B 150 11.07 -31.35 -11.02
N TYR B 151 10.96 -30.04 -10.91
CA TYR B 151 11.91 -29.15 -10.18
C TYR B 151 11.15 -28.51 -9.01
N PHE B 152 11.70 -28.64 -7.80
CA PHE B 152 11.05 -28.21 -6.54
C PHE B 152 12.11 -27.70 -5.56
N THR B 153 11.69 -26.90 -4.58
CA THR B 153 12.56 -26.25 -3.56
C THR B 153 12.25 -26.81 -2.17
N ASP B 154 13.27 -26.77 -1.30
CA ASP B 154 13.15 -26.90 0.18
C ASP B 154 13.66 -25.58 0.76
N SER B 155 12.79 -24.83 1.44
CA SER B 155 13.05 -23.43 1.88
C SER B 155 14.13 -23.38 2.96
N SER B 156 14.29 -24.45 3.75
CA SER B 156 15.23 -24.51 4.91
C SER B 156 15.47 -25.96 5.32
N MET B 157 16.72 -26.27 5.70
CA MET B 157 17.12 -27.55 6.33
C MET B 157 16.80 -27.51 7.84
N ASN B 158 16.70 -26.30 8.41
CA ASN B 158 16.79 -26.06 9.88
C ASN B 158 15.50 -25.45 10.45
N TYR B 159 14.52 -25.10 9.61
CA TYR B 159 13.25 -24.47 10.02
C TYR B 159 12.08 -25.08 9.25
N GLN B 160 10.95 -25.31 9.94
CA GLN B 160 9.70 -25.86 9.36
C GLN B 160 8.84 -24.69 8.88
N ARG B 161 7.70 -24.99 8.24
CA ARG B 161 6.83 -23.98 7.57
C ARG B 161 6.38 -22.93 8.60
N SER B 162 6.02 -23.37 9.81
CA SER B 162 5.47 -22.51 10.89
C SER B 162 6.50 -21.50 11.38
N GLN B 163 7.77 -21.65 10.98
CA GLN B 163 8.90 -20.76 11.37
C GLN B 163 9.43 -19.98 10.16
N HIS B 164 8.58 -19.75 9.15
CA HIS B 164 8.97 -19.04 7.89
C HIS B 164 9.57 -17.67 8.23
N GLU B 165 8.98 -16.95 9.20
CA GLU B 165 9.46 -15.61 9.64
C GLU B 165 10.88 -15.71 10.21
N GLN B 166 11.23 -16.84 10.84
CA GLN B 166 12.59 -17.09 11.41
C GLN B 166 13.59 -17.32 10.26
N VAL B 167 13.16 -17.96 9.17
CA VAL B 167 14.01 -18.22 7.97
C VAL B 167 14.51 -16.87 7.45
N THR B 168 13.62 -15.87 7.38
CA THR B 168 13.91 -14.49 6.92
C THR B 168 14.80 -13.78 7.95
N ALA B 169 14.27 -13.57 9.15
CA ALA B 169 14.90 -12.78 10.26
C ALA B 169 16.36 -13.20 10.44
N THR B 170 16.64 -14.50 10.47
CA THR B 170 17.97 -15.11 10.74
C THR B 170 18.82 -15.18 9.48
N LYS B 171 18.24 -14.87 8.31
CA LYS B 171 18.90 -14.92 6.97
C LYS B 171 19.41 -16.34 6.71
N ASP B 172 18.60 -17.35 7.04
CA ASP B 172 18.91 -18.80 6.85
C ASP B 172 19.22 -19.03 5.38
N SER B 173 20.37 -19.65 5.07
CA SER B 173 20.85 -19.96 3.70
C SER B 173 21.15 -21.46 3.59
N THR B 174 20.13 -22.30 3.85
CA THR B 174 20.22 -23.78 3.84
C THR B 174 19.20 -24.35 2.85
N GLY B 175 18.63 -23.51 1.98
CA GLY B 175 17.62 -23.91 0.98
C GLY B 175 18.24 -24.68 -0.17
N ARG B 176 17.50 -25.63 -0.75
CA ARG B 176 17.95 -26.50 -1.87
C ARG B 176 16.99 -26.37 -3.05
N LEU B 177 17.53 -26.39 -4.27
CA LEU B 177 16.78 -26.57 -5.54
C LEU B 177 17.06 -27.98 -6.06
N MET B 178 16.01 -28.79 -6.22
CA MET B 178 16.14 -30.24 -6.54
C MET B 178 15.39 -30.58 -7.82
N LYS B 179 15.80 -31.66 -8.48
CA LYS B 179 15.14 -32.30 -9.63
C LYS B 179 14.72 -33.72 -9.23
N TYR B 180 13.45 -34.06 -9.41
CA TYR B 180 12.93 -35.45 -9.32
C TYR B 180 12.78 -36.00 -10.74
N ASP B 181 13.48 -37.09 -11.04
CA ASP B 181 13.47 -37.78 -12.36
C ASP B 181 12.46 -38.93 -12.28
N PRO B 182 11.29 -38.83 -12.94
CA PRO B 182 10.26 -39.88 -12.84
C PRO B 182 10.62 -41.20 -13.56
N ARG B 183 11.66 -41.19 -14.41
CA ARG B 183 12.19 -42.41 -15.08
C ARG B 183 13.07 -43.18 -14.09
N THR B 184 14.04 -42.51 -13.47
CA THR B 184 15.04 -43.10 -12.54
C THR B 184 14.51 -43.09 -11.11
N ASN B 185 13.49 -42.28 -10.82
CA ASN B 185 12.86 -42.14 -9.47
C ASN B 185 13.87 -41.51 -8.50
N GLN B 186 14.84 -40.74 -9.04
CA GLN B 186 16.02 -40.20 -8.31
C GLN B 186 15.80 -38.71 -8.02
N VAL B 187 16.07 -38.28 -6.78
CA VAL B 187 16.19 -36.85 -6.38
C VAL B 187 17.64 -36.42 -6.60
N THR B 188 17.85 -35.23 -7.17
CA THR B 188 19.18 -34.60 -7.41
C THR B 188 19.17 -33.16 -6.90
N VAL B 189 20.14 -32.80 -6.05
CA VAL B 189 20.34 -31.40 -5.55
C VAL B 189 21.12 -30.63 -6.63
N LEU B 190 20.47 -29.63 -7.25
CA LEU B 190 21.04 -28.81 -8.35
C LEU B 190 21.81 -27.62 -7.77
N GLN B 191 21.34 -27.09 -6.64
CA GLN B 191 21.99 -25.96 -5.91
C GLN B 191 21.55 -26.02 -4.44
N SER B 192 22.50 -25.93 -3.51
CA SER B 192 22.27 -25.90 -2.04
C SER B 192 22.72 -24.54 -1.48
N ASN B 193 22.54 -24.33 -0.18
CA ASN B 193 22.94 -23.10 0.54
C ASN B 193 22.24 -21.88 -0.08
N ILE B 194 20.99 -22.04 -0.50
CA ILE B 194 20.13 -20.96 -1.08
C ILE B 194 19.40 -20.26 0.08
N THR B 195 19.33 -18.93 0.05
CA THR B 195 18.67 -18.09 1.08
C THR B 195 17.17 -18.07 0.81
N TYR B 196 16.44 -18.98 1.47
CA TYR B 196 14.95 -19.09 1.46
C TYR B 196 14.43 -19.17 0.03
N PRO B 197 14.71 -20.27 -0.70
CA PRO B 197 14.05 -20.53 -1.98
C PRO B 197 12.58 -20.90 -1.71
N ASN B 198 11.67 -20.34 -2.51
CA ASN B 198 10.21 -20.59 -2.41
C ASN B 198 9.72 -21.00 -3.80
N GLY B 199 9.06 -20.09 -4.52
CA GLY B 199 8.53 -20.34 -5.87
C GLY B 199 9.61 -20.80 -6.84
N VAL B 200 9.25 -21.70 -7.75
CA VAL B 200 10.09 -22.13 -8.90
C VAL B 200 9.18 -22.23 -10.13
N ALA B 201 9.64 -21.70 -11.26
CA ALA B 201 8.99 -21.81 -12.59
C ALA B 201 10.07 -22.00 -13.65
N MET B 202 9.87 -22.94 -14.58
CA MET B 202 10.74 -23.14 -15.76
C MET B 202 10.44 -22.04 -16.78
N SER B 203 11.48 -21.49 -17.42
CA SER B 203 11.39 -20.49 -18.51
C SER B 203 10.65 -21.10 -19.70
N ALA B 204 10.00 -20.27 -20.51
CA ALA B 204 9.25 -20.68 -21.72
C ALA B 204 10.19 -21.43 -22.68
N ASP B 205 11.46 -21.01 -22.77
CA ASP B 205 12.48 -21.62 -23.67
C ASP B 205 13.11 -22.87 -23.03
N ARG B 206 12.75 -23.18 -21.77
CA ARG B 206 13.05 -24.46 -21.08
C ARG B 206 14.56 -24.63 -20.85
N THR B 207 15.32 -23.53 -20.77
CA THR B 207 16.80 -23.53 -20.60
C THR B 207 17.19 -23.24 -19.14
N HIS B 208 16.25 -22.75 -18.31
CA HIS B 208 16.55 -22.36 -16.91
C HIS B 208 15.28 -22.35 -16.05
N LEU B 209 15.46 -22.22 -14.74
CA LEU B 209 14.41 -22.02 -13.72
C LEU B 209 14.55 -20.60 -13.14
N ILE B 210 13.44 -19.88 -12.97
CA ILE B 210 13.37 -18.63 -12.16
C ILE B 210 12.89 -19.01 -10.76
N VAL B 211 13.76 -18.84 -9.76
CA VAL B 211 13.49 -19.25 -8.34
C VAL B 211 13.33 -17.99 -7.49
N ALA B 212 12.23 -17.90 -6.73
CA ALA B 212 11.93 -16.82 -5.77
C ALA B 212 12.74 -17.03 -4.48
N LEU B 213 13.42 -15.97 -4.02
CA LEU B 213 14.11 -15.91 -2.70
C LEU B 213 13.30 -14.98 -1.79
N THR B 214 12.45 -15.53 -0.92
CA THR B 214 11.45 -14.80 -0.11
C THR B 214 12.18 -13.78 0.78
N GLY B 215 13.07 -14.25 1.66
CA GLY B 215 13.83 -13.41 2.60
C GLY B 215 14.53 -12.23 1.91
N PRO B 216 15.47 -12.49 0.97
CA PRO B 216 16.21 -11.43 0.28
C PRO B 216 15.41 -10.51 -0.65
N CYS B 217 14.16 -10.88 -0.97
CA CYS B 217 13.25 -10.13 -1.89
C CYS B 217 13.91 -10.03 -3.28
N LYS B 218 14.18 -11.19 -3.90
CA LYS B 218 14.82 -11.32 -5.23
C LYS B 218 14.25 -12.53 -5.97
N LEU B 219 14.42 -12.55 -7.30
CA LEU B 219 14.38 -13.79 -8.13
C LEU B 219 15.82 -14.11 -8.54
N MET B 220 16.16 -15.40 -8.60
CA MET B 220 17.45 -15.90 -9.15
C MET B 220 17.16 -16.85 -10.32
N ARG B 221 18.12 -16.98 -11.24
CA ARG B 221 18.03 -17.85 -12.44
C ARG B 221 19.02 -19.01 -12.27
N HIS B 222 18.51 -20.24 -12.23
CA HIS B 222 19.32 -21.50 -12.26
C HIS B 222 19.17 -22.15 -13.64
N TRP B 223 20.27 -22.27 -14.38
CA TRP B 223 20.32 -22.92 -15.72
C TRP B 223 20.26 -24.44 -15.55
N ILE B 224 19.43 -25.11 -16.36
CA ILE B 224 19.25 -26.59 -16.34
C ILE B 224 19.67 -27.19 -17.69
N ARG B 225 20.03 -26.37 -18.68
CA ARG B 225 20.43 -26.83 -20.04
C ARG B 225 21.61 -25.99 -20.55
N GLY B 226 22.40 -26.55 -21.46
CA GLY B 226 23.54 -25.89 -22.12
C GLY B 226 24.80 -25.91 -21.26
N PRO B 227 25.85 -25.14 -21.65
CA PRO B 227 27.13 -25.15 -20.92
C PRO B 227 27.04 -24.55 -19.51
N LYS B 228 26.00 -23.76 -19.24
CA LYS B 228 25.83 -23.02 -17.95
C LYS B 228 25.03 -23.87 -16.95
N THR B 229 24.58 -25.08 -17.34
CA THR B 229 23.84 -26.03 -16.44
C THR B 229 24.53 -26.08 -15.07
N GLY B 230 23.78 -25.82 -14.00
CA GLY B 230 24.26 -25.86 -12.60
C GLY B 230 24.50 -24.48 -12.03
N LYS B 231 24.72 -23.47 -12.88
CA LYS B 231 25.03 -22.08 -12.46
C LYS B 231 23.74 -21.39 -12.00
N SER B 232 23.80 -20.75 -10.82
CA SER B 232 22.78 -19.82 -10.29
C SER B 232 23.36 -18.40 -10.32
N GLU B 233 22.56 -17.40 -10.74
CA GLU B 233 22.97 -15.97 -10.81
C GLU B 233 21.79 -15.10 -10.44
N PRO B 234 22.01 -13.80 -10.11
CA PRO B 234 20.91 -12.86 -9.87
C PRO B 234 20.05 -12.73 -11.14
N PHE B 235 18.74 -12.57 -10.97
CA PHE B 235 17.76 -12.34 -12.07
C PHE B 235 17.20 -10.93 -11.96
N VAL B 236 16.56 -10.61 -10.83
CA VAL B 236 16.00 -9.26 -10.53
C VAL B 236 15.77 -9.13 -9.03
N ASP B 237 15.88 -7.90 -8.51
CA ASP B 237 15.53 -7.52 -7.12
C ASP B 237 14.09 -7.00 -7.12
N LEU B 238 13.28 -7.43 -6.15
CA LEU B 238 11.85 -7.06 -6.02
C LEU B 238 11.66 -6.19 -4.78
N PRO B 239 10.73 -5.20 -4.81
CA PRO B 239 10.41 -4.40 -3.63
C PRO B 239 9.33 -5.05 -2.75
N GLY B 240 9.43 -6.37 -2.55
CA GLY B 240 8.47 -7.19 -1.79
C GLY B 240 8.98 -8.61 -1.64
N TYR B 241 8.45 -9.35 -0.67
CA TYR B 241 8.85 -10.74 -0.35
C TYR B 241 8.13 -11.69 -1.30
N PRO B 242 8.83 -12.27 -2.30
CA PRO B 242 8.18 -13.15 -3.28
C PRO B 242 7.91 -14.55 -2.72
N ASP B 243 6.76 -15.14 -3.11
CA ASP B 243 6.40 -16.54 -2.78
C ASP B 243 6.49 -17.37 -4.07
N ASN B 244 5.36 -17.67 -4.72
CA ASN B 244 5.32 -18.58 -5.89
C ASN B 244 5.60 -17.79 -7.18
N VAL B 245 6.38 -18.39 -8.07
CA VAL B 245 6.65 -17.91 -9.46
C VAL B 245 5.80 -18.79 -10.40
N ARG B 246 5.07 -18.16 -11.32
CA ARG B 246 4.21 -18.87 -12.30
C ARG B 246 4.23 -18.11 -13.62
N PRO B 247 4.19 -18.81 -14.78
CA PRO B 247 4.12 -18.15 -16.08
C PRO B 247 2.81 -17.37 -16.21
N ASP B 248 2.86 -16.24 -16.93
CA ASP B 248 1.71 -15.31 -17.12
C ASP B 248 0.93 -15.68 -18.40
N GLY B 249 1.44 -16.64 -19.17
CA GLY B 249 0.87 -17.09 -20.45
C GLY B 249 1.31 -16.22 -21.61
N LYS B 250 2.30 -15.34 -21.39
CA LYS B 250 2.78 -14.33 -22.37
C LYS B 250 4.31 -14.27 -22.35
N GLY B 251 4.97 -15.39 -22.02
CA GLY B 251 6.44 -15.54 -22.07
C GLY B 251 7.15 -15.00 -20.83
N GLY B 252 6.40 -14.42 -19.89
CA GLY B 252 6.93 -13.83 -18.64
C GLY B 252 6.53 -14.66 -17.43
N TYR B 253 6.41 -14.02 -16.26
CA TYR B 253 5.97 -14.66 -15.00
C TYR B 253 5.20 -13.65 -14.16
N TRP B 254 4.17 -14.11 -13.45
CA TRP B 254 3.54 -13.39 -12.31
C TRP B 254 4.23 -13.84 -11.02
N ILE B 255 4.77 -12.87 -10.27
CA ILE B 255 5.38 -13.08 -8.92
C ILE B 255 4.38 -12.61 -7.86
N ALA B 256 4.00 -13.48 -6.94
CA ALA B 256 3.17 -13.13 -5.76
C ALA B 256 4.07 -12.48 -4.70
N LEU B 257 3.62 -11.39 -4.11
CA LEU B 257 4.31 -10.66 -3.00
C LEU B 257 3.38 -10.62 -1.79
N HIS B 258 3.67 -11.42 -0.76
CA HIS B 258 2.83 -11.56 0.47
C HIS B 258 2.98 -10.30 1.34
N ARG B 259 4.18 -9.70 1.36
CA ARG B 259 4.50 -8.43 2.05
C ARG B 259 5.16 -7.45 1.07
N GLU B 260 4.99 -6.15 1.30
CA GLU B 260 5.82 -5.08 0.70
C GLU B 260 7.13 -4.99 1.49
N LYS B 261 8.23 -4.66 0.82
CA LYS B 261 9.56 -4.45 1.46
C LYS B 261 9.64 -3.02 1.99
N TYR B 262 8.94 -2.09 1.34
CA TYR B 262 8.83 -0.66 1.73
C TYR B 262 7.35 -0.26 1.72
N GLU B 263 6.86 0.34 2.81
CA GLU B 263 5.46 0.80 2.97
C GLU B 263 5.24 2.06 2.13
N LEU B 264 5.29 1.93 0.80
CA LEU B 264 5.18 3.06 -0.16
C LEU B 264 3.79 3.69 -0.04
N PRO B 265 3.68 4.98 0.35
CA PRO B 265 2.37 5.63 0.49
C PRO B 265 1.72 5.91 -0.88
N PHE B 266 0.71 5.12 -1.24
CA PHE B 266 -0.03 5.21 -2.53
C PHE B 266 -1.55 5.20 -2.28
N GLY B 267 -1.97 5.67 -1.11
CA GLY B 267 -3.39 5.72 -0.71
C GLY B 267 -3.86 4.41 -0.08
N PRO B 268 -5.09 4.36 0.47
CA PRO B 268 -5.58 3.18 1.19
C PRO B 268 -6.06 2.07 0.24
N ASP B 269 -5.84 0.80 0.62
CA ASP B 269 -6.16 -0.42 -0.16
C ASP B 269 -5.36 -0.41 -1.47
N SER B 270 -4.12 0.09 -1.43
CA SER B 270 -3.22 0.24 -2.61
C SER B 270 -1.78 -0.13 -2.24
N HIS B 271 -1.59 -1.35 -1.72
CA HIS B 271 -0.26 -1.96 -1.44
C HIS B 271 0.13 -2.87 -2.62
N LEU B 272 1.43 -3.01 -2.88
CA LEU B 272 1.98 -3.87 -3.97
C LEU B 272 1.87 -5.34 -3.55
N VAL B 273 1.02 -6.11 -4.25
CA VAL B 273 0.66 -7.52 -3.89
C VAL B 273 1.27 -8.52 -4.89
N ALA B 274 1.61 -8.07 -6.11
CA ALA B 274 2.20 -8.93 -7.16
C ALA B 274 2.94 -8.09 -8.20
N MET B 275 3.82 -8.73 -8.98
CA MET B 275 4.63 -8.12 -10.05
C MET B 275 4.70 -9.08 -11.24
N ARG B 276 4.36 -8.61 -12.44
CA ARG B 276 4.64 -9.31 -13.72
C ARG B 276 6.08 -8.99 -14.12
N VAL B 277 6.87 -10.03 -14.42
CA VAL B 277 8.30 -9.92 -14.82
C VAL B 277 8.46 -10.58 -16.19
N SER B 278 9.26 -9.97 -17.07
CA SER B 278 9.59 -10.49 -18.43
C SER B 278 10.57 -11.65 -18.31
N ALA B 279 10.83 -12.35 -19.41
CA ALA B 279 11.84 -13.43 -19.53
C ALA B 279 13.25 -12.85 -19.27
N GLY B 280 13.44 -11.56 -19.57
CA GLY B 280 14.73 -10.84 -19.41
C GLY B 280 14.94 -10.34 -17.99
N GLY B 281 13.90 -10.37 -17.15
CA GLY B 281 13.95 -10.01 -15.72
C GLY B 281 13.69 -8.53 -15.47
N LYS B 282 12.83 -7.92 -16.29
CA LYS B 282 12.44 -6.49 -16.18
C LYS B 282 11.02 -6.40 -15.60
N LEU B 283 10.75 -5.35 -14.82
CA LEU B 283 9.44 -5.13 -14.14
C LEU B 283 8.45 -4.54 -15.14
N VAL B 284 7.45 -5.33 -15.54
CA VAL B 284 6.55 -5.07 -16.69
C VAL B 284 5.25 -4.44 -16.19
N GLN B 285 4.65 -5.03 -15.16
CA GLN B 285 3.32 -4.65 -14.63
C GLN B 285 3.29 -4.92 -13.12
N GLN B 286 2.51 -4.14 -12.37
CA GLN B 286 2.33 -4.33 -10.91
C GLN B 286 0.83 -4.45 -10.60
N MET B 287 0.51 -5.22 -9.57
CA MET B 287 -0.86 -5.42 -9.04
C MET B 287 -0.93 -4.79 -7.64
N ARG B 288 -1.95 -3.96 -7.38
CA ARG B 288 -2.14 -3.27 -6.09
C ARG B 288 -3.53 -3.60 -5.54
N GLY B 289 -3.62 -3.80 -4.23
CA GLY B 289 -4.86 -4.15 -3.51
C GLY B 289 -4.67 -4.04 -2.00
N PRO B 290 -5.67 -4.47 -1.19
CA PRO B 290 -5.59 -4.39 0.27
C PRO B 290 -4.41 -5.16 0.86
N LYS B 291 -3.99 -4.78 2.07
CA LYS B 291 -2.86 -5.41 2.82
C LYS B 291 -3.23 -6.84 3.24
N SER B 292 -4.53 -7.16 3.29
CA SER B 292 -5.07 -8.46 3.76
C SER B 292 -4.85 -9.56 2.72
N LEU B 293 -4.77 -9.22 1.42
CA LEU B 293 -4.63 -10.19 0.31
C LEU B 293 -3.44 -11.13 0.59
N ARG B 294 -2.26 -10.55 0.84
CA ARG B 294 -0.98 -11.27 1.06
C ARG B 294 -0.90 -12.47 0.11
N PRO B 295 -0.90 -12.24 -1.23
CA PRO B 295 -0.91 -13.35 -2.19
C PRO B 295 0.37 -14.19 -2.15
N THR B 296 0.22 -15.51 -2.32
CA THR B 296 1.34 -16.50 -2.35
C THR B 296 1.51 -17.05 -3.77
N GLU B 297 0.46 -17.03 -4.60
CA GLU B 297 0.53 -17.42 -6.03
C GLU B 297 -0.46 -16.57 -6.84
N VAL B 298 -0.07 -16.21 -8.08
CA VAL B 298 -0.87 -15.39 -9.03
C VAL B 298 -0.89 -16.11 -10.38
N MET B 299 -2.07 -16.58 -10.79
CA MET B 299 -2.29 -17.44 -11.99
C MET B 299 -3.23 -16.72 -12.97
N GLU B 300 -2.67 -16.07 -14.00
CA GLU B 300 -3.45 -15.44 -15.10
C GLU B 300 -3.90 -16.52 -16.09
N ARG B 301 -5.18 -16.53 -16.45
CA ARG B 301 -5.80 -17.53 -17.34
C ARG B 301 -6.19 -16.87 -18.68
N LYS B 302 -6.35 -17.70 -19.71
CA LYS B 302 -6.74 -17.33 -21.10
C LYS B 302 -7.90 -16.32 -21.06
N ASP B 303 -8.92 -16.57 -20.23
CA ASP B 303 -10.20 -15.82 -20.21
C ASP B 303 -10.03 -14.42 -19.58
N GLY B 304 -8.82 -14.06 -19.14
CA GLY B 304 -8.49 -12.73 -18.61
C GLY B 304 -8.50 -12.68 -17.09
N LYS B 305 -9.10 -13.69 -16.43
CA LYS B 305 -9.17 -13.80 -14.95
C LYS B 305 -7.80 -14.15 -14.38
N ILE B 306 -7.43 -13.53 -13.25
CA ILE B 306 -6.19 -13.85 -12.47
C ILE B 306 -6.61 -14.45 -11.13
N TYR B 307 -6.42 -15.76 -10.96
CA TYR B 307 -6.67 -16.51 -9.71
C TYR B 307 -5.49 -16.26 -8.76
N MET B 308 -5.79 -16.02 -7.48
CA MET B 308 -4.78 -15.59 -6.48
C MET B 308 -4.87 -16.50 -5.24
N GLY B 309 -3.75 -17.13 -4.88
CA GLY B 309 -3.61 -17.95 -3.67
C GLY B 309 -3.11 -17.12 -2.49
N ASN B 310 -3.27 -17.64 -1.28
CA ASN B 310 -2.83 -17.02 0.00
C ASN B 310 -2.65 -18.13 1.04
N VAL B 311 -2.22 -17.79 2.26
CA VAL B 311 -2.02 -18.79 3.36
C VAL B 311 -2.88 -18.43 4.57
N GLU B 312 -3.75 -17.41 4.47
CA GLU B 312 -4.48 -16.84 5.64
C GLU B 312 -5.99 -16.71 5.39
N LEU B 313 -6.43 -16.49 4.15
CA LEU B 313 -7.87 -16.18 3.85
C LEU B 313 -8.66 -17.46 3.58
N PRO B 314 -9.98 -17.46 3.86
CA PRO B 314 -10.83 -18.63 3.65
C PRO B 314 -11.46 -18.69 2.24
N TYR B 315 -10.67 -18.34 1.21
CA TYR B 315 -11.11 -18.33 -0.20
C TYR B 315 -9.91 -18.11 -1.12
N VAL B 316 -10.08 -18.44 -2.40
CA VAL B 316 -9.22 -17.99 -3.53
C VAL B 316 -9.83 -16.68 -4.05
N GLY B 317 -9.00 -15.67 -4.31
CA GLY B 317 -9.41 -14.40 -4.94
C GLY B 317 -9.29 -14.49 -6.45
N VAL B 318 -10.19 -13.79 -7.16
CA VAL B 318 -10.18 -13.67 -8.66
C VAL B 318 -10.39 -12.21 -9.05
N VAL B 319 -9.50 -11.65 -9.87
CA VAL B 319 -9.53 -10.23 -10.33
C VAL B 319 -9.67 -10.19 -11.87
N LYS B 320 -9.85 -8.99 -12.43
CA LYS B 320 -10.16 -8.72 -13.86
C LYS B 320 -11.46 -9.44 -14.24
N PHE C 10 -9.08 30.25 25.71
CA PHE C 10 -7.80 29.52 25.98
C PHE C 10 -7.38 28.73 24.72
N LYS C 11 -6.55 29.35 23.89
CA LYS C 11 -6.12 28.84 22.56
C LYS C 11 -4.97 27.84 22.76
N THR C 12 -5.04 26.66 22.13
CA THR C 12 -4.04 25.56 22.24
C THR C 12 -2.62 26.13 22.21
N ILE C 13 -1.76 25.70 23.13
CA ILE C 13 -0.34 26.17 23.23
C ILE C 13 0.50 25.38 22.22
N ASP C 14 1.31 26.10 21.43
CA ASP C 14 2.20 25.53 20.39
C ASP C 14 3.57 25.29 21.01
N ALA C 15 3.95 24.01 21.19
CA ALA C 15 5.20 23.56 21.83
C ALA C 15 6.18 22.99 20.79
N ARG C 16 5.93 23.24 19.50
CA ARG C 16 6.82 22.82 18.38
C ARG C 16 8.17 23.56 18.50
N ARG C 17 8.11 24.87 18.80
CA ARG C 17 9.29 25.75 19.02
C ARG C 17 9.51 25.91 20.52
N SER C 18 10.61 25.37 21.06
CA SER C 18 10.93 25.33 22.51
C SER C 18 12.43 25.54 22.74
N GLN C 19 12.79 26.47 23.63
CA GLN C 19 14.19 26.67 24.10
C GLN C 19 14.62 25.45 24.90
N HIS C 20 15.87 25.02 24.75
CA HIS C 20 16.46 23.84 25.44
C HIS C 20 17.50 24.30 26.46
N LEU C 21 17.27 23.99 27.74
CA LEU C 21 18.24 24.19 28.85
C LEU C 21 19.09 22.92 28.97
N ASP C 22 20.12 22.81 28.12
CA ASP C 22 20.96 21.58 27.97
C ASP C 22 21.61 21.23 29.32
N LEU C 23 21.50 19.97 29.74
CA LEU C 23 22.27 19.37 30.86
C LEU C 23 23.68 19.02 30.35
N GLY C 24 24.65 18.87 31.26
CA GLY C 24 26.02 18.47 30.94
C GLY C 24 26.13 16.97 30.71
N GLY C 25 27.36 16.48 30.47
CA GLY C 25 27.67 15.05 30.28
C GLY C 25 26.63 14.34 29.42
N SER C 26 26.20 13.15 29.86
CA SER C 26 25.11 12.36 29.23
C SER C 26 23.89 12.33 30.17
N LEU C 27 23.66 13.41 30.92
CA LEU C 27 22.47 13.58 31.81
C LEU C 27 21.22 13.67 30.93
N VAL C 28 20.16 12.94 31.31
CA VAL C 28 18.82 13.00 30.65
C VAL C 28 17.74 13.00 31.73
N GLY C 29 16.57 13.54 31.40
CA GLY C 29 15.31 13.32 32.13
C GLY C 29 15.17 14.23 33.35
N PRO C 30 15.01 15.56 33.18
CA PRO C 30 14.64 16.44 34.27
C PRO C 30 13.16 16.28 34.60
N GLU C 31 12.79 15.14 35.21
CA GLU C 31 11.38 14.69 35.40
C GLU C 31 10.52 15.84 35.94
N SER C 32 11.02 16.55 36.97
CA SER C 32 10.34 17.70 37.59
C SER C 32 11.14 18.99 37.32
N VAL C 33 10.48 20.15 37.41
CA VAL C 33 11.07 21.49 37.14
C VAL C 33 10.58 22.46 38.22
N ALA C 34 11.02 22.26 39.46
CA ALA C 34 10.58 22.99 40.67
C ALA C 34 11.34 24.32 40.79
N PHE C 35 10.67 25.35 41.32
CA PHE C 35 11.23 26.69 41.61
C PHE C 35 11.10 26.97 43.11
N ASP C 36 12.15 27.52 43.72
CA ASP C 36 12.21 27.81 45.18
C ASP C 36 11.45 29.11 45.46
N GLY C 37 11.35 29.50 46.74
CA GLY C 37 10.63 30.69 47.22
C GLY C 37 11.19 31.99 46.65
N LYS C 38 12.47 32.01 46.28
CA LYS C 38 13.17 33.18 45.68
C LYS C 38 13.04 33.14 44.14
N GLY C 39 12.19 32.25 43.60
CA GLY C 39 11.87 32.14 42.17
C GLY C 39 13.06 31.76 41.32
N ARG C 40 14.04 31.05 41.89
CA ARG C 40 15.29 30.65 41.19
C ARG C 40 15.00 29.54 40.18
N GLY C 41 15.72 29.56 39.04
CA GLY C 41 15.52 28.70 37.86
C GLY C 41 15.25 27.24 38.22
N PRO C 42 14.81 26.41 37.25
CA PRO C 42 14.30 25.06 37.55
C PRO C 42 15.29 24.17 38.31
N TYR C 43 14.82 23.56 39.40
CA TYR C 43 15.47 22.41 40.09
C TYR C 43 14.87 21.12 39.51
N SER C 44 15.71 20.17 39.10
CA SER C 44 15.30 18.95 38.36
C SER C 44 16.11 17.73 38.83
N GLY C 45 15.42 16.62 39.12
CA GLY C 45 16.04 15.31 39.40
C GLY C 45 16.31 14.56 38.11
N VAL C 46 17.58 14.27 37.82
CA VAL C 46 18.07 13.72 36.52
C VAL C 46 18.47 12.24 36.70
N SER C 47 18.86 11.59 35.59
CA SER C 47 18.99 10.11 35.43
C SER C 47 20.01 9.51 36.41
N ASP C 48 21.09 10.23 36.74
CA ASP C 48 22.28 9.69 37.46
C ASP C 48 22.10 9.78 38.98
N GLY C 49 20.95 10.27 39.46
CA GLY C 49 20.60 10.31 40.89
C GLY C 49 20.62 11.72 41.46
N ARG C 50 21.37 12.63 40.83
CA ARG C 50 21.58 14.01 41.32
C ARG C 50 20.32 14.86 41.06
N ILE C 51 20.09 15.86 41.91
CA ILE C 51 19.12 16.97 41.69
C ILE C 51 19.94 18.20 41.28
N MET C 52 19.74 18.69 40.06
CA MET C 52 20.50 19.81 39.43
C MET C 52 19.68 21.09 39.49
N ARG C 53 20.35 22.24 39.60
CA ARG C 53 19.72 23.60 39.62
C ARG C 53 20.20 24.40 38.40
N TRP C 54 19.26 24.96 37.64
CA TRP C 54 19.53 25.86 36.47
C TRP C 54 19.85 27.26 36.98
N ASN C 55 21.04 27.78 36.65
CA ASN C 55 21.56 29.09 37.12
C ASN C 55 21.74 30.04 35.93
N GLY C 56 20.91 29.90 34.90
CA GLY C 56 20.93 30.74 33.68
C GLY C 56 21.78 30.12 32.58
N GLU C 57 21.77 30.75 31.40
CA GLU C 57 22.42 30.25 30.16
C GLU C 57 23.95 30.25 30.33
N ALA C 58 24.48 31.25 31.04
CA ALA C 58 25.94 31.45 31.28
C ALA C 58 26.48 30.32 32.16
N ALA C 59 26.03 30.24 33.42
CA ALA C 59 26.54 29.33 34.47
C ALA C 59 26.21 27.87 34.12
N GLY C 60 25.00 27.62 33.59
CA GLY C 60 24.50 26.27 33.28
C GLY C 60 23.92 25.60 34.51
N TRP C 61 24.05 24.28 34.61
CA TRP C 61 23.53 23.46 35.74
C TRP C 61 24.61 23.27 36.81
N SER C 62 24.22 23.37 38.09
CA SER C 62 25.05 23.05 39.29
C SER C 62 24.35 21.99 40.13
N THR C 63 25.10 21.03 40.67
CA THR C 63 24.60 20.00 41.63
C THR C 63 24.10 20.72 42.89
N TYR C 64 22.88 20.39 43.35
CA TYR C 64 22.22 21.01 44.53
C TYR C 64 22.10 19.99 45.65
N THR C 65 21.60 18.78 45.36
CA THR C 65 21.46 17.68 46.34
C THR C 65 21.47 16.31 45.64
N TYR C 66 21.43 15.25 46.44
CA TYR C 66 21.59 13.82 46.04
C TYR C 66 21.27 12.95 47.26
N SER C 67 21.10 11.64 47.05
CA SER C 67 20.84 10.65 48.12
C SER C 67 22.14 10.33 48.87
N PRO C 68 22.08 9.92 50.15
CA PRO C 68 23.27 9.42 50.85
C PRO C 68 23.95 8.28 50.08
N SER C 69 23.15 7.39 49.49
CA SER C 69 23.63 6.22 48.70
C SER C 69 24.45 6.69 47.48
N TYR C 70 24.18 7.87 46.94
CA TYR C 70 24.93 8.49 45.82
C TYR C 70 26.41 8.62 46.22
N THR C 71 26.67 9.37 47.28
CA THR C 71 28.03 9.60 47.86
C THR C 71 28.60 8.26 48.34
N LYS C 72 27.82 7.48 49.09
CA LYS C 72 28.25 6.26 49.81
C LYS C 72 28.68 5.18 48.81
N ASN C 73 28.06 5.12 47.62
CA ASN C 73 28.37 4.12 46.56
C ASN C 73 29.29 4.75 45.50
N LYS C 74 29.81 5.96 45.75
CA LYS C 74 30.85 6.64 44.92
C LYS C 74 30.32 6.77 43.48
N CYS C 75 29.06 7.18 43.34
CA CYS C 75 28.30 7.22 42.06
C CYS C 75 28.84 8.33 41.14
N ALA C 76 29.44 9.38 41.71
CA ALA C 76 30.05 10.50 40.97
C ALA C 76 31.15 9.99 40.03
N ALA C 77 31.79 8.87 40.35
CA ALA C 77 32.88 8.24 39.58
C ALA C 77 32.41 6.93 38.91
N SER C 78 31.09 6.74 38.78
CA SER C 78 30.47 5.56 38.13
C SER C 78 30.55 5.72 36.59
N THR C 79 30.92 4.64 35.89
CA THR C 79 31.08 4.59 34.41
C THR C 79 30.01 3.69 33.77
N LEU C 80 29.43 2.77 34.54
CA LEU C 80 28.42 1.78 34.06
C LEU C 80 27.12 2.51 33.69
N PRO C 81 26.22 1.87 32.90
CA PRO C 81 24.95 2.50 32.51
C PRO C 81 24.09 2.90 33.72
N THR C 82 23.38 4.03 33.62
CA THR C 82 22.50 4.60 34.68
C THR C 82 21.35 3.63 34.99
N VAL C 83 20.95 2.81 34.00
CA VAL C 83 19.85 1.80 34.13
C VAL C 83 20.21 0.80 35.22
N GLN C 84 21.49 0.39 35.30
CA GLN C 84 21.97 -0.74 36.14
C GLN C 84 22.45 -0.24 37.52
N THR C 85 22.81 1.04 37.64
CA THR C 85 23.32 1.67 38.88
C THR C 85 22.23 2.52 39.55
N GLU C 86 20.97 2.37 39.12
CA GLU C 86 19.83 3.25 39.49
C GLU C 86 19.41 2.98 40.95
N SER C 87 19.17 1.71 41.28
CA SER C 87 18.75 1.25 42.63
C SER C 87 19.81 1.61 43.68
N LYS C 88 21.09 1.70 43.26
CA LYS C 88 22.24 2.04 44.13
C LYS C 88 22.40 3.56 44.23
N CYS C 89 22.28 4.28 43.12
CA CYS C 89 22.59 5.74 43.00
C CYS C 89 21.31 6.60 43.13
N GLY C 90 20.13 5.98 43.03
CA GLY C 90 18.83 6.66 43.18
C GLY C 90 18.33 7.28 41.89
N ARG C 91 17.02 7.50 41.79
CA ARG C 91 16.35 8.19 40.65
C ARG C 91 15.40 9.24 41.22
N PRO C 92 15.83 10.52 41.33
CA PRO C 92 14.96 11.58 41.85
C PRO C 92 13.88 11.97 40.84
N LEU C 93 12.62 11.97 41.27
CA LEU C 93 11.44 12.31 40.42
C LEU C 93 10.80 13.61 40.96
N GLY C 94 9.82 13.50 41.86
CA GLY C 94 9.05 14.64 42.39
C GLY C 94 9.92 15.58 43.20
N LEU C 95 9.74 16.89 43.01
CA LEU C 95 10.40 17.97 43.79
C LEU C 95 9.33 18.99 44.22
N ARG C 96 9.47 19.53 45.43
CA ARG C 96 8.66 20.69 45.92
C ARG C 96 9.41 21.36 47.06
N PHE C 97 9.46 22.70 47.04
CA PHE C 97 10.06 23.53 48.11
C PHE C 97 8.98 23.93 49.12
N HIS C 98 9.30 23.86 50.41
CA HIS C 98 8.55 24.51 51.52
C HIS C 98 9.08 25.94 51.66
N TYR C 99 8.30 26.93 51.20
CA TYR C 99 8.75 28.34 51.03
C TYR C 99 9.22 28.92 52.37
N LYS C 100 8.54 28.59 53.48
CA LYS C 100 8.77 29.17 54.82
C LYS C 100 10.18 28.81 55.30
N THR C 101 10.58 27.55 55.19
CA THR C 101 11.90 27.01 55.62
C THR C 101 12.95 27.20 54.51
N GLY C 102 12.55 27.05 53.24
CA GLY C 102 13.46 27.03 52.08
C GLY C 102 13.96 25.62 51.79
N ASN C 103 13.41 24.61 52.47
CA ASN C 103 13.78 23.18 52.33
C ASN C 103 13.24 22.65 51.00
N LEU C 104 13.93 21.68 50.41
CA LEU C 104 13.50 20.92 49.20
C LEU C 104 13.21 19.48 49.62
N TYR C 105 11.96 19.03 49.44
CA TYR C 105 11.57 17.61 49.56
C TYR C 105 11.75 16.95 48.19
N ILE C 106 12.32 15.75 48.16
CA ILE C 106 12.57 14.95 46.93
C ILE C 106 11.88 13.59 47.09
N ALA C 107 11.00 13.25 46.15
CA ALA C 107 10.43 11.89 45.98
C ALA C 107 11.35 11.09 45.05
N ASP C 108 12.25 10.29 45.64
CA ASP C 108 13.22 9.44 44.90
C ASP C 108 12.64 8.04 44.78
N ALA C 109 12.57 7.51 43.55
CA ALA C 109 11.99 6.18 43.20
C ALA C 109 12.51 5.10 44.16
N TYR C 110 13.82 5.06 44.40
CA TYR C 110 14.52 3.98 45.14
C TYR C 110 14.84 4.42 46.57
N MET C 111 15.31 5.65 46.75
CA MET C 111 15.84 6.17 48.05
C MET C 111 14.70 6.73 48.91
N GLY C 112 13.50 6.92 48.34
CA GLY C 112 12.29 7.35 49.06
C GLY C 112 12.22 8.86 49.24
N LEU C 113 11.37 9.32 50.17
CA LEU C 113 11.17 10.76 50.49
C LEU C 113 12.41 11.30 51.20
N MET C 114 13.12 12.23 50.56
CA MET C 114 14.36 12.86 51.10
C MET C 114 14.12 14.36 51.30
N ARG C 115 15.02 15.04 52.01
CA ARG C 115 14.94 16.49 52.30
C ARG C 115 16.35 17.07 52.46
N VAL C 116 16.53 18.34 52.06
CA VAL C 116 17.81 19.09 52.16
C VAL C 116 17.48 20.55 52.48
N GLY C 117 18.35 21.23 53.25
CA GLY C 117 18.20 22.64 53.65
C GLY C 117 18.49 23.58 52.49
N PRO C 118 18.26 24.90 52.65
CA PRO C 118 18.47 25.86 51.56
C PRO C 118 19.91 25.90 51.01
N LYS C 119 20.89 25.51 51.83
CA LYS C 119 22.34 25.49 51.47
C LYS C 119 22.63 24.32 50.52
N GLY C 120 21.73 23.33 50.46
CA GLY C 120 21.90 22.12 49.62
C GLY C 120 22.82 21.11 50.30
N GLY C 121 23.60 20.36 49.51
CA GLY C 121 24.47 19.28 49.98
C GLY C 121 23.72 17.97 50.05
N GLU C 122 24.27 16.97 50.76
CA GLU C 122 23.65 15.62 50.91
C GLU C 122 22.27 15.77 51.55
N ALA C 123 21.27 15.07 51.00
CA ALA C 123 19.87 15.06 51.48
C ALA C 123 19.73 14.07 52.65
N THR C 124 18.68 14.25 53.45
CA THR C 124 18.30 13.38 54.60
C THR C 124 17.09 12.53 54.20
N VAL C 125 17.16 11.22 54.41
CA VAL C 125 16.07 10.25 54.11
C VAL C 125 15.02 10.34 55.22
N LEU C 126 13.80 10.79 54.89
CA LEU C 126 12.68 11.01 55.86
C LEU C 126 11.74 9.81 55.88
N ALA C 127 11.60 9.08 54.77
CA ALA C 127 10.71 7.90 54.66
C ALA C 127 11.18 6.97 53.52
N MET C 128 11.42 5.71 53.85
CA MET C 128 11.67 4.59 52.89
C MET C 128 10.61 3.49 53.09
N LYS C 129 9.60 3.76 53.91
CA LYS C 129 8.67 2.74 54.45
C LYS C 129 7.41 3.44 54.99
N ALA C 130 6.25 2.79 54.86
CA ALA C 130 4.93 3.27 55.33
C ALA C 130 4.09 2.08 55.81
N ASP C 131 3.57 2.14 57.04
CA ASP C 131 2.82 1.05 57.71
C ASP C 131 3.63 -0.25 57.62
N GLY C 132 4.96 -0.16 57.79
CA GLY C 132 5.87 -1.32 57.81
C GLY C 132 6.27 -1.79 56.41
N VAL C 133 5.50 -1.43 55.38
CA VAL C 133 5.73 -1.89 53.98
C VAL C 133 6.72 -0.93 53.30
N PRO C 134 7.85 -1.43 52.76
CA PRO C 134 8.81 -0.55 52.08
C PRO C 134 8.21 0.15 50.85
N LEU C 135 8.71 1.36 50.56
CA LEU C 135 8.39 2.12 49.31
C LEU C 135 9.25 1.56 48.17
N ARG C 136 8.64 1.22 47.04
CA ARG C 136 9.33 0.63 45.85
C ARG C 136 9.45 1.67 44.73
N PHE C 137 8.54 2.65 44.67
CA PHE C 137 8.38 3.59 43.53
C PHE C 137 7.81 4.92 44.02
N THR C 138 8.52 5.59 44.93
CA THR C 138 8.20 6.96 45.42
C THR C 138 8.32 7.92 44.24
N ASN C 139 7.21 8.58 43.86
CA ASN C 139 7.08 9.29 42.56
C ASN C 139 6.69 10.76 42.79
N GLY C 140 5.43 11.04 43.09
CA GLY C 140 4.87 12.41 43.16
C GLY C 140 4.96 12.97 44.57
N VAL C 141 5.02 14.31 44.68
CA VAL C 141 5.06 15.03 46.00
C VAL C 141 4.49 16.43 45.82
N ASP C 142 3.83 16.96 46.86
CA ASP C 142 3.40 18.37 46.99
C ASP C 142 3.35 18.73 48.47
N ILE C 143 3.42 20.02 48.79
CA ILE C 143 3.52 20.54 50.18
C ILE C 143 2.38 21.54 50.44
N ASP C 144 1.64 21.33 51.52
CA ASP C 144 0.76 22.34 52.15
C ASP C 144 1.68 23.44 52.71
N GLN C 145 1.71 24.62 52.06
CA GLN C 145 2.68 25.70 52.38
C GLN C 145 2.33 26.36 53.72
N VAL C 146 1.10 26.18 54.22
CA VAL C 146 0.63 26.74 55.52
C VAL C 146 1.20 25.91 56.67
N THR C 147 0.92 24.60 56.67
CA THR C 147 1.27 23.64 57.77
C THR C 147 2.68 23.07 57.55
N GLY C 148 3.10 22.89 56.29
CA GLY C 148 4.35 22.21 55.93
C GLY C 148 4.16 20.71 55.80
N ASP C 149 2.91 20.23 55.92
CA ASP C 149 2.51 18.81 55.70
C ASP C 149 2.86 18.43 54.25
N VAL C 150 3.50 17.27 54.07
CA VAL C 150 4.01 16.80 52.75
C VAL C 150 3.19 15.59 52.31
N TYR C 151 2.49 15.72 51.18
CA TYR C 151 1.71 14.64 50.53
C TYR C 151 2.53 14.09 49.36
N PHE C 152 2.65 12.76 49.27
CA PHE C 152 3.49 12.07 48.25
C PHE C 152 2.90 10.69 47.94
N THR C 153 3.26 10.13 46.79
CA THR C 153 2.70 8.87 46.22
C THR C 153 3.80 7.82 46.07
N ASP C 154 3.42 6.54 46.15
CA ASP C 154 4.24 5.35 45.79
C ASP C 154 3.49 4.61 44.68
N SER C 155 4.01 4.65 43.45
CA SER C 155 3.29 4.25 42.21
C SER C 155 2.98 2.74 42.20
N SER C 156 3.78 1.93 42.90
CA SER C 156 3.65 0.45 42.96
C SER C 156 4.42 -0.13 44.15
N MET C 157 3.90 -1.20 44.75
CA MET C 157 4.59 -2.03 45.77
C MET C 157 5.45 -3.08 45.08
N ASN C 158 4.97 -3.62 43.95
CA ASN C 158 5.57 -4.79 43.24
C ASN C 158 6.73 -4.33 42.34
N TYR C 159 6.49 -3.34 41.47
CA TYR C 159 7.43 -2.92 40.40
C TYR C 159 8.19 -1.65 40.83
N GLN C 160 9.46 -1.56 40.41
CA GLN C 160 10.34 -0.37 40.58
C GLN C 160 10.12 0.56 39.38
N ARG C 161 10.79 1.73 39.37
CA ARG C 161 10.63 2.78 38.33
C ARG C 161 11.06 2.23 36.97
N SER C 162 12.09 1.37 36.94
CA SER C 162 12.67 0.77 35.69
C SER C 162 11.63 -0.06 34.95
N GLN C 163 10.60 -0.56 35.66
CA GLN C 163 9.51 -1.41 35.10
C GLN C 163 8.18 -0.66 35.15
N HIS C 164 8.19 0.67 34.93
CA HIS C 164 7.00 1.54 35.01
C HIS C 164 5.93 1.08 34.01
N GLU C 165 6.35 0.53 32.86
CA GLU C 165 5.45 0.04 31.79
C GLU C 165 4.66 -1.19 32.27
N GLN C 166 5.25 -1.99 33.16
CA GLN C 166 4.64 -3.24 33.71
C GLN C 166 3.52 -2.87 34.69
N VAL C 167 3.63 -1.72 35.36
CA VAL C 167 2.60 -1.20 36.32
C VAL C 167 1.29 -1.03 35.54
N THR C 168 1.36 -0.35 34.40
CA THR C 168 0.22 -0.12 33.46
C THR C 168 -0.25 -1.46 32.88
N ALA C 169 0.67 -2.21 32.28
CA ALA C 169 0.41 -3.48 31.54
C ALA C 169 -0.36 -4.47 32.43
N THR C 170 0.12 -4.71 33.66
CA THR C 170 -0.44 -5.71 34.61
C THR C 170 -1.64 -5.13 35.37
N LYS C 171 -1.93 -3.82 35.20
CA LYS C 171 -3.02 -3.09 35.89
C LYS C 171 -2.79 -3.18 37.40
N ASP C 172 -1.53 -2.97 37.82
CA ASP C 172 -1.07 -3.06 39.23
C ASP C 172 -1.82 -2.01 40.06
N SER C 173 -2.66 -2.47 41.00
CA SER C 173 -3.49 -1.63 41.90
C SER C 173 -2.95 -1.72 43.33
N THR C 174 -1.64 -1.46 43.51
CA THR C 174 -0.92 -1.55 44.81
C THR C 174 -0.34 -0.20 45.21
N GLY C 175 -0.73 0.87 44.50
CA GLY C 175 -0.25 2.25 44.73
C GLY C 175 -0.76 2.83 46.04
N ARG C 176 -0.06 3.82 46.59
CA ARG C 176 -0.38 4.45 47.90
C ARG C 176 -0.21 5.97 47.84
N LEU C 177 -1.09 6.69 48.53
CA LEU C 177 -1.01 8.15 48.81
C LEU C 177 -0.78 8.34 50.30
N MET C 178 0.23 9.13 50.68
CA MET C 178 0.73 9.22 52.07
C MET C 178 0.96 10.68 52.45
N LYS C 179 0.82 10.99 53.75
CA LYS C 179 1.15 12.29 54.37
C LYS C 179 2.38 12.10 55.28
N TYR C 180 3.43 12.91 55.06
CA TYR C 180 4.56 13.06 56.01
C TYR C 180 4.32 14.33 56.84
N ASP C 181 4.08 14.15 58.14
CA ASP C 181 3.89 15.23 59.13
C ASP C 181 5.26 15.62 59.67
N PRO C 182 5.77 16.86 59.41
CA PRO C 182 7.11 17.24 59.83
C PRO C 182 7.24 17.49 61.34
N ARG C 183 6.12 17.76 62.02
CA ARG C 183 6.06 18.02 63.48
C ARG C 183 6.30 16.71 64.24
N THR C 184 5.55 15.65 63.89
CA THR C 184 5.60 14.32 64.56
C THR C 184 6.59 13.39 63.83
N ASN C 185 6.88 13.66 62.55
CA ASN C 185 7.87 12.89 61.74
C ASN C 185 7.30 11.50 61.39
N GLN C 186 5.98 11.35 61.43
CA GLN C 186 5.25 10.09 61.12
C GLN C 186 4.86 10.09 59.63
N VAL C 187 4.72 8.90 59.05
CA VAL C 187 4.12 8.68 57.70
C VAL C 187 2.75 8.01 57.91
N THR C 188 1.68 8.61 57.38
CA THR C 188 0.31 8.08 57.39
C THR C 188 -0.08 7.67 55.96
N VAL C 189 -0.72 6.51 55.80
CA VAL C 189 -1.29 6.02 54.51
C VAL C 189 -2.73 6.54 54.41
N LEU C 190 -2.97 7.51 53.52
CA LEU C 190 -4.29 8.18 53.35
C LEU C 190 -5.22 7.29 52.51
N GLN C 191 -4.69 6.75 51.41
CA GLN C 191 -5.39 5.76 50.53
C GLN C 191 -4.35 4.77 49.99
N SER C 192 -4.65 3.48 50.06
CA SER C 192 -3.85 2.37 49.46
C SER C 192 -4.68 1.67 48.38
N ASN C 193 -4.03 0.84 47.57
CA ASN C 193 -4.65 0.05 46.47
C ASN C 193 -5.11 1.01 45.36
N ILE C 194 -4.31 2.04 45.08
CA ILE C 194 -4.53 3.00 43.95
C ILE C 194 -3.88 2.38 42.71
N THR C 195 -4.53 2.49 41.55
CA THR C 195 -3.99 2.04 40.24
C THR C 195 -3.00 3.08 39.73
N TYR C 196 -1.69 2.79 39.85
CA TYR C 196 -0.56 3.61 39.33
C TYR C 196 -0.80 5.09 39.67
N PRO C 197 -0.75 5.48 40.95
CA PRO C 197 -0.71 6.90 41.31
C PRO C 197 0.67 7.46 40.94
N ASN C 198 0.72 8.72 40.50
CA ASN C 198 1.97 9.40 40.08
C ASN C 198 1.93 10.83 40.65
N GLY C 199 1.61 11.82 39.81
CA GLY C 199 1.56 13.24 40.21
C GLY C 199 0.55 13.48 41.32
N VAL C 200 0.83 14.45 42.18
CA VAL C 200 -0.08 14.91 43.27
C VAL C 200 0.10 16.42 43.43
N ALA C 201 -1.02 17.15 43.55
CA ALA C 201 -1.06 18.61 43.77
C ALA C 201 -2.16 18.94 44.78
N MET C 202 -1.85 19.73 45.80
CA MET C 202 -2.83 20.29 46.75
C MET C 202 -3.68 21.34 46.00
N SER C 203 -5.00 21.30 46.18
CA SER C 203 -5.97 22.27 45.63
C SER C 203 -5.67 23.66 46.21
N ALA C 204 -5.97 24.72 45.45
CA ALA C 204 -5.72 26.13 45.83
C ALA C 204 -6.44 26.47 47.14
N ASP C 205 -7.61 25.85 47.39
CA ASP C 205 -8.44 26.09 48.61
C ASP C 205 -8.01 25.14 49.73
N ARG C 206 -7.03 24.25 49.47
CA ARG C 206 -6.32 23.39 50.47
C ARG C 206 -7.28 22.38 51.11
N THR C 207 -8.36 21.99 50.41
CA THR C 207 -9.40 21.06 50.91
C THR C 207 -9.12 19.62 50.46
N HIS C 208 -8.43 19.44 49.33
CA HIS C 208 -8.18 18.11 48.70
C HIS C 208 -6.88 18.10 47.90
N LEU C 209 -6.46 16.89 47.49
CA LEU C 209 -5.31 16.64 46.58
C LEU C 209 -5.86 16.15 45.23
N ILE C 210 -5.30 16.63 44.12
CA ILE C 210 -5.54 16.07 42.75
C ILE C 210 -4.38 15.11 42.44
N VAL C 211 -4.69 13.82 42.31
CA VAL C 211 -3.70 12.72 42.09
C VAL C 211 -3.89 12.15 40.68
N ALA C 212 -2.81 12.09 39.90
CA ALA C 212 -2.77 11.54 38.52
C ALA C 212 -2.65 10.02 38.59
N LEU C 213 -3.58 9.31 37.94
CA LEU C 213 -3.56 7.84 37.75
C LEU C 213 -3.03 7.55 36.34
N THR C 214 -1.71 7.31 36.22
CA THR C 214 -0.95 7.26 34.94
C THR C 214 -1.55 6.18 34.02
N GLY C 215 -1.65 4.95 34.51
CA GLY C 215 -2.16 3.78 33.75
C GLY C 215 -3.61 3.97 33.30
N PRO C 216 -4.56 4.16 34.25
CA PRO C 216 -5.96 4.36 33.91
C PRO C 216 -6.29 5.59 33.05
N CYS C 217 -5.36 6.54 32.91
CA CYS C 217 -5.54 7.82 32.17
C CYS C 217 -6.66 8.63 32.84
N LYS C 218 -6.52 8.88 34.16
CA LYS C 218 -7.49 9.62 35.00
C LYS C 218 -6.76 10.51 35.99
N LEU C 219 -7.44 11.56 36.47
CA LEU C 219 -7.14 12.25 37.75
C LEU C 219 -8.22 11.83 38.75
N MET C 220 -7.83 11.61 40.01
CA MET C 220 -8.78 11.41 41.13
C MET C 220 -8.57 12.53 42.16
N ARG C 221 -9.61 12.86 42.91
CA ARG C 221 -9.57 13.85 44.03
C ARG C 221 -9.65 13.07 45.35
N HIS C 222 -8.68 13.28 46.24
CA HIS C 222 -8.68 12.77 47.63
C HIS C 222 -8.84 13.95 48.59
N TRP C 223 -9.90 13.93 49.42
CA TRP C 223 -10.20 14.98 50.42
C TRP C 223 -9.30 14.79 51.65
N ILE C 224 -8.72 15.88 52.15
CA ILE C 224 -7.80 15.88 53.34
C ILE C 224 -8.40 16.73 54.47
N ARG C 225 -9.50 17.44 54.22
CA ARG C 225 -10.14 18.37 55.20
C ARG C 225 -11.66 18.23 55.13
N GLY C 226 -12.34 18.55 56.25
CA GLY C 226 -13.82 18.58 56.33
C GLY C 226 -14.42 17.18 56.47
N PRO C 227 -15.76 17.05 56.37
CA PRO C 227 -16.44 15.78 56.65
C PRO C 227 -16.09 14.64 55.68
N LYS C 228 -15.56 14.98 54.50
CA LYS C 228 -15.23 14.00 53.43
C LYS C 228 -13.76 13.57 53.52
N THR C 229 -13.00 14.06 54.51
CA THR C 229 -11.57 13.72 54.73
C THR C 229 -11.37 12.21 54.60
N GLY C 230 -10.45 11.78 53.74
CA GLY C 230 -10.06 10.37 53.55
C GLY C 230 -10.75 9.72 52.35
N LYS C 231 -11.81 10.34 51.84
CA LYS C 231 -12.62 9.81 50.71
C LYS C 231 -11.91 10.11 49.39
N SER C 232 -11.71 9.08 48.56
CA SER C 232 -11.25 9.18 47.14
C SER C 232 -12.46 9.10 46.22
N GLU C 233 -12.39 9.77 45.06
CA GLU C 233 -13.48 9.79 44.05
C GLU C 233 -12.92 10.21 42.70
N PRO C 234 -13.61 9.91 41.58
CA PRO C 234 -13.20 10.41 40.26
C PRO C 234 -13.18 11.94 40.21
N PHE C 235 -12.20 12.51 39.50
CA PHE C 235 -12.07 13.97 39.23
C PHE C 235 -12.36 14.21 37.75
N VAL C 236 -11.55 13.64 36.86
CA VAL C 236 -11.71 13.76 35.37
C VAL C 236 -10.91 12.67 34.67
N ASP C 237 -11.47 12.13 33.58
CA ASP C 237 -10.80 11.20 32.64
C ASP C 237 -10.02 12.03 31.61
N LEU C 238 -8.80 11.63 31.28
CA LEU C 238 -7.90 12.37 30.34
C LEU C 238 -7.67 11.54 29.09
N PRO C 239 -7.51 12.19 27.91
CA PRO C 239 -7.16 11.49 26.67
C PRO C 239 -5.66 11.23 26.51
N GLY C 240 -4.92 11.20 27.62
CA GLY C 240 -3.48 10.88 27.69
C GLY C 240 -3.13 10.20 29.00
N TYR C 241 -1.88 9.74 29.13
CA TYR C 241 -1.32 9.11 30.35
C TYR C 241 -0.71 10.20 31.23
N PRO C 242 -1.35 10.59 32.35
CA PRO C 242 -0.88 11.69 33.17
C PRO C 242 0.31 11.34 34.07
N ASP C 243 1.25 12.28 34.23
CA ASP C 243 2.42 12.16 35.15
C ASP C 243 2.22 13.12 36.33
N ASN C 244 2.88 14.27 36.33
CA ASN C 244 2.91 15.20 37.48
C ASN C 244 1.78 16.23 37.37
N VAL C 245 1.10 16.49 38.48
CA VAL C 245 0.06 17.55 38.64
C VAL C 245 0.75 18.74 39.33
N ARG C 246 0.65 19.93 38.75
CA ARG C 246 1.18 21.19 39.34
C ARG C 246 0.18 22.31 39.08
N PRO C 247 0.04 23.27 40.02
CA PRO C 247 -0.91 24.37 39.84
C PRO C 247 -0.44 25.28 38.69
N ASP C 248 -1.40 25.82 37.92
CA ASP C 248 -1.14 26.65 36.71
C ASP C 248 -0.89 28.11 37.13
N GLY C 249 -1.18 28.48 38.38
CA GLY C 249 -1.04 29.84 38.92
C GLY C 249 -2.31 30.66 38.71
N LYS C 250 -3.40 30.01 38.29
CA LYS C 250 -4.72 30.63 38.02
C LYS C 250 -5.82 29.78 38.67
N GLY C 251 -5.49 29.12 39.79
CA GLY C 251 -6.43 28.30 40.58
C GLY C 251 -6.73 26.95 39.93
N GLY C 252 -6.03 26.61 38.86
CA GLY C 252 -6.17 25.33 38.12
C GLY C 252 -4.94 24.47 38.24
N TYR C 253 -4.75 23.53 37.31
CA TYR C 253 -3.63 22.57 37.27
C TYR C 253 -3.15 22.38 35.83
N TRP C 254 -1.84 22.29 35.63
CA TRP C 254 -1.21 21.74 34.40
C TRP C 254 -0.93 20.25 34.62
N ILE C 255 -1.47 19.39 33.74
CA ILE C 255 -1.28 17.92 33.75
C ILE C 255 -0.35 17.55 32.61
N ALA C 256 0.87 17.08 32.93
CA ALA C 256 1.84 16.52 31.97
C ALA C 256 1.29 15.20 31.43
N LEU C 257 1.28 15.04 30.10
CA LEU C 257 0.86 13.79 29.41
C LEU C 257 2.04 13.27 28.58
N HIS C 258 2.73 12.24 29.07
CA HIS C 258 3.96 11.67 28.44
C HIS C 258 3.59 10.89 27.17
N ARG C 259 2.33 10.43 27.08
CA ARG C 259 1.78 9.71 25.90
C ARG C 259 0.33 10.16 25.67
N GLU C 260 -0.11 10.15 24.41
CA GLU C 260 -1.53 10.22 24.01
C GLU C 260 -2.18 8.86 24.30
N LYS C 261 -3.48 8.84 24.63
CA LYS C 261 -4.30 7.60 24.71
C LYS C 261 -4.82 7.28 23.31
N TYR C 262 -5.13 8.31 22.51
CA TYR C 262 -5.60 8.22 21.11
C TYR C 262 -4.74 9.15 20.25
N GLU C 263 -4.13 8.60 19.18
CA GLU C 263 -3.28 9.37 18.24
C GLU C 263 -4.19 10.05 17.21
N LEU C 264 -4.93 11.09 17.65
CA LEU C 264 -5.91 11.85 16.83
C LEU C 264 -5.18 12.44 15.63
N PRO C 265 -5.69 12.26 14.39
CA PRO C 265 -5.01 12.75 13.18
C PRO C 265 -5.03 14.29 13.08
N PHE C 266 -4.00 14.95 13.63
CA PHE C 266 -3.82 16.42 13.64
C PHE C 266 -2.57 16.81 12.84
N GLY C 267 -2.04 15.89 12.03
CA GLY C 267 -0.82 16.09 11.22
C GLY C 267 0.45 15.95 12.06
N PRO C 268 1.62 16.38 11.54
CA PRO C 268 2.90 16.14 12.19
C PRO C 268 3.25 17.15 13.29
N ASP C 269 3.82 16.67 14.39
CA ASP C 269 4.27 17.48 15.57
C ASP C 269 3.08 18.24 16.17
N SER C 270 1.91 17.59 16.23
CA SER C 270 0.67 18.14 16.85
C SER C 270 0.02 17.06 17.74
N HIS C 271 0.85 16.36 18.53
CA HIS C 271 0.42 15.36 19.54
C HIS C 271 0.09 16.10 20.84
N LEU C 272 -0.97 15.69 21.54
CA LEU C 272 -1.38 16.25 22.86
C LEU C 272 -0.32 15.87 23.91
N VAL C 273 0.36 16.86 24.48
CA VAL C 273 1.51 16.66 25.41
C VAL C 273 1.17 17.13 26.83
N ALA C 274 0.18 18.02 27.00
CA ALA C 274 -0.27 18.53 28.31
C ALA C 274 -1.70 19.05 28.24
N MET C 275 -2.38 19.10 29.39
CA MET C 275 -3.79 19.59 29.54
C MET C 275 -3.89 20.46 30.79
N ARG C 276 -4.38 21.70 30.64
CA ARG C 276 -4.77 22.60 31.76
C ARG C 276 -6.18 22.20 32.22
N VAL C 277 -6.35 21.93 33.52
CA VAL C 277 -7.63 21.48 34.14
C VAL C 277 -8.02 22.49 35.22
N SER C 278 -9.30 22.89 35.25
CA SER C 278 -9.88 23.82 36.25
C SER C 278 -9.92 23.15 37.63
N ALA C 279 -10.22 23.92 38.68
CA ALA C 279 -10.44 23.43 40.06
C ALA C 279 -11.61 22.44 40.06
N GLY C 280 -12.59 22.63 39.17
CA GLY C 280 -13.81 21.81 39.06
C GLY C 280 -13.62 20.57 38.19
N GLY C 281 -12.45 20.39 37.58
CA GLY C 281 -12.09 19.20 36.79
C GLY C 281 -12.57 19.28 35.34
N LYS C 282 -12.65 20.49 34.78
CA LYS C 282 -13.02 20.73 33.36
C LYS C 282 -11.75 21.01 32.56
N LEU C 283 -11.74 20.60 31.29
CA LEU C 283 -10.58 20.75 30.36
C LEU C 283 -10.59 22.17 29.79
N VAL C 284 -9.61 22.99 30.17
CA VAL C 284 -9.56 24.46 29.91
C VAL C 284 -8.71 24.75 28.67
N GLN C 285 -7.51 24.17 28.61
CA GLN C 285 -6.49 24.44 27.55
C GLN C 285 -5.68 23.16 27.30
N GLN C 286 -5.26 22.95 26.06
CA GLN C 286 -4.40 21.81 25.65
C GLN C 286 -3.09 22.35 25.09
N MET C 287 -2.03 21.55 25.17
CA MET C 287 -0.69 21.83 24.59
C MET C 287 -0.39 20.73 23.58
N ARG C 288 0.01 21.10 22.35
CA ARG C 288 0.34 20.16 21.27
C ARG C 288 1.77 20.45 20.77
N GLY C 289 2.49 19.41 20.36
CA GLY C 289 3.89 19.50 19.92
C GLY C 289 4.46 18.13 19.57
N PRO C 290 5.78 18.04 19.30
CA PRO C 290 6.42 16.78 18.91
C PRO C 290 6.16 15.64 19.91
N LYS C 291 6.05 14.42 19.41
CA LYS C 291 5.86 13.18 20.21
C LYS C 291 7.04 13.02 21.19
N SER C 292 8.24 13.44 20.77
CA SER C 292 9.53 13.28 21.49
C SER C 292 9.48 13.92 22.89
N LEU C 293 8.77 15.05 23.03
CA LEU C 293 8.71 15.86 24.29
C LEU C 293 8.37 14.97 25.50
N ARG C 294 7.38 14.06 25.35
CA ARG C 294 6.89 13.14 26.41
C ARG C 294 6.98 13.82 27.78
N PRO C 295 6.30 14.97 27.99
CA PRO C 295 6.42 15.71 29.25
C PRO C 295 6.00 14.89 30.48
N THR C 296 6.68 15.11 31.61
CA THR C 296 6.39 14.48 32.93
C THR C 296 5.91 15.54 33.93
N GLU C 297 6.33 16.80 33.79
CA GLU C 297 5.85 17.94 34.62
C GLU C 297 5.74 19.19 33.73
N VAL C 298 4.70 20.00 33.96
CA VAL C 298 4.42 21.25 33.20
C VAL C 298 4.21 22.39 34.22
N MET C 299 5.12 23.36 34.22
CA MET C 299 5.23 24.44 35.25
C MET C 299 5.12 25.80 34.58
N GLU C 300 3.92 26.41 34.62
CA GLU C 300 3.68 27.79 34.11
C GLU C 300 4.14 28.79 35.17
N ARG C 301 5.01 29.73 34.78
CA ARG C 301 5.59 30.77 35.67
C ARG C 301 4.89 32.11 35.39
N LYS C 302 5.08 33.08 36.30
CA LYS C 302 4.34 34.38 36.34
C LYS C 302 4.65 35.22 35.10
N ASP C 303 5.76 34.95 34.41
CA ASP C 303 6.26 35.73 33.24
C ASP C 303 5.69 35.16 31.93
N GLY C 304 4.83 34.14 31.98
CA GLY C 304 4.16 33.55 30.81
C GLY C 304 4.87 32.29 30.29
N LYS C 305 6.17 32.14 30.62
CA LYS C 305 7.00 30.97 30.22
C LYS C 305 6.48 29.71 30.93
N ILE C 306 6.54 28.56 30.23
CA ILE C 306 6.16 27.22 30.76
C ILE C 306 7.37 26.29 30.67
N TYR C 307 7.94 25.91 31.82
CA TYR C 307 9.08 24.95 31.94
C TYR C 307 8.51 23.53 31.96
N MET C 308 9.10 22.63 31.18
CA MET C 308 8.57 21.27 30.92
C MET C 308 9.63 20.22 31.23
N GLY C 309 9.32 19.31 32.16
CA GLY C 309 10.18 18.16 32.49
C GLY C 309 9.96 17.00 31.53
N ASN C 310 10.76 15.93 31.71
CA ASN C 310 10.71 14.68 30.93
C ASN C 310 11.67 13.68 31.60
N VAL C 311 11.70 12.43 31.16
CA VAL C 311 12.57 11.37 31.77
C VAL C 311 13.56 10.83 30.72
N GLU C 312 13.60 11.41 29.52
CA GLU C 312 14.35 10.85 28.35
C GLU C 312 15.27 11.91 27.70
N LEU C 313 14.86 13.17 27.64
CA LEU C 313 15.58 14.23 26.86
C LEU C 313 16.73 14.80 27.70
N PRO C 314 17.86 15.19 27.06
CA PRO C 314 19.00 15.80 27.76
C PRO C 314 18.87 17.31 27.94
N TYR C 315 17.69 17.79 28.35
CA TYR C 315 17.40 19.23 28.59
C TYR C 315 16.02 19.40 29.21
N VAL C 316 15.79 20.57 29.80
CA VAL C 316 14.44 21.09 30.16
C VAL C 316 13.93 21.90 28.96
N GLY C 317 12.67 21.71 28.58
CA GLY C 317 11.99 22.46 27.49
C GLY C 317 11.27 23.68 28.03
N VAL C 318 11.28 24.78 27.27
CA VAL C 318 10.64 26.08 27.63
C VAL C 318 9.82 26.56 26.43
N VAL C 319 8.53 26.87 26.64
CA VAL C 319 7.58 27.35 25.59
C VAL C 319 6.93 28.66 26.07
N LYS C 320 6.17 29.32 25.18
CA LYS C 320 5.53 30.65 25.41
C LYS C 320 6.60 31.69 25.75
N PHE D 10 27.03 -54.18 45.80
CA PHE D 10 28.31 -53.55 45.36
C PHE D 10 28.77 -52.52 46.40
N LYS D 11 30.09 -52.27 46.43
CA LYS D 11 30.78 -51.40 47.43
C LYS D 11 30.84 -49.96 46.87
N THR D 12 30.57 -48.96 47.72
CA THR D 12 30.53 -47.52 47.35
C THR D 12 31.81 -47.14 46.57
N ILE D 13 31.65 -46.47 45.43
CA ILE D 13 32.78 -46.01 44.57
C ILE D 13 33.29 -44.68 45.10
N ASP D 14 34.62 -44.50 45.09
CA ASP D 14 35.34 -43.34 45.67
C ASP D 14 35.74 -42.39 44.54
N ALA D 15 35.05 -41.24 44.44
CA ALA D 15 35.19 -40.25 43.33
C ALA D 15 36.03 -39.05 43.78
N ARG D 16 36.68 -39.12 44.94
CA ARG D 16 37.49 -38.03 45.53
C ARG D 16 38.75 -37.80 44.67
N ARG D 17 39.42 -38.89 44.28
CA ARG D 17 40.60 -38.85 43.37
C ARG D 17 40.11 -39.11 41.93
N SER D 18 40.08 -38.08 41.09
CA SER D 18 39.59 -38.13 39.69
C SER D 18 40.66 -37.57 38.74
N GLN D 19 40.80 -38.18 37.57
CA GLN D 19 41.61 -37.65 36.44
C GLN D 19 40.80 -36.55 35.74
N HIS D 20 41.42 -35.39 35.52
CA HIS D 20 40.79 -34.17 34.95
C HIS D 20 41.21 -34.02 33.47
N LEU D 21 40.27 -34.22 32.55
CA LEU D 21 40.46 -33.97 31.09
C LEU D 21 40.18 -32.49 30.82
N ASP D 22 41.21 -31.64 30.95
CA ASP D 22 41.12 -30.16 30.88
C ASP D 22 40.62 -29.74 29.49
N LEU D 23 39.60 -28.86 29.46
CA LEU D 23 39.14 -28.13 28.25
C LEU D 23 39.99 -26.87 28.08
N GLY D 24 40.30 -26.50 26.83
CA GLY D 24 41.05 -25.28 26.49
C GLY D 24 40.27 -24.02 26.85
N GLY D 25 40.87 -22.85 26.61
CA GLY D 25 40.25 -21.52 26.82
C GLY D 25 39.59 -21.43 28.19
N SER D 26 38.35 -20.93 28.23
CA SER D 26 37.53 -20.79 29.47
C SER D 26 36.25 -21.65 29.34
N LEU D 27 36.32 -22.75 28.60
CA LEU D 27 35.19 -23.71 28.41
C LEU D 27 34.90 -24.40 29.74
N VAL D 28 33.62 -24.60 30.06
CA VAL D 28 33.15 -25.36 31.26
C VAL D 28 31.92 -26.19 30.89
N GLY D 29 31.60 -27.17 31.75
CA GLY D 29 30.32 -27.90 31.74
C GLY D 29 30.18 -28.84 30.55
N PRO D 30 31.00 -29.91 30.45
CA PRO D 30 30.73 -31.00 29.52
C PRO D 30 29.57 -31.85 30.08
N GLU D 31 28.34 -31.44 29.81
CA GLU D 31 27.10 -32.00 30.42
C GLU D 31 27.05 -33.51 30.18
N SER D 32 27.20 -33.93 28.92
CA SER D 32 27.21 -35.36 28.51
C SER D 32 28.64 -35.78 28.16
N VAL D 33 28.91 -37.09 28.20
CA VAL D 33 30.24 -37.70 27.88
C VAL D 33 30.00 -38.92 26.99
N ALA D 34 29.49 -38.68 25.77
CA ALA D 34 29.08 -39.71 24.78
C ALA D 34 30.31 -40.29 24.10
N PHE D 35 30.26 -41.59 23.80
CA PHE D 35 31.28 -42.35 23.02
C PHE D 35 30.63 -42.85 21.73
N ASP D 36 31.39 -42.91 20.63
CA ASP D 36 30.91 -43.33 19.29
C ASP D 36 31.16 -44.83 19.11
N GLY D 37 30.76 -45.39 17.96
CA GLY D 37 30.85 -46.84 17.63
C GLY D 37 32.29 -47.34 17.61
N LYS D 38 33.24 -46.48 17.29
CA LYS D 38 34.70 -46.80 17.22
C LYS D 38 35.30 -46.75 18.63
N GLY D 39 34.56 -46.21 19.61
CA GLY D 39 34.97 -46.10 21.02
C GLY D 39 35.83 -44.88 21.28
N ARG D 40 35.84 -43.92 20.35
CA ARG D 40 36.64 -42.65 20.46
C ARG D 40 36.26 -41.93 21.74
N GLY D 41 37.25 -41.29 22.39
CA GLY D 41 37.15 -40.63 23.71
C GLY D 41 35.90 -39.75 23.83
N PRO D 42 35.59 -39.25 25.04
CA PRO D 42 34.31 -38.59 25.30
C PRO D 42 34.04 -37.39 24.37
N TYR D 43 32.89 -37.40 23.71
CA TYR D 43 32.26 -36.22 23.05
C TYR D 43 31.41 -35.49 24.08
N SER D 44 31.53 -34.17 24.17
CA SER D 44 30.86 -33.36 25.23
C SER D 44 30.44 -31.98 24.69
N GLY D 45 29.19 -31.61 24.95
CA GLY D 45 28.62 -30.27 24.67
C GLY D 45 28.91 -29.30 25.80
N VAL D 46 29.60 -28.19 25.51
CA VAL D 46 30.20 -27.28 26.52
C VAL D 46 29.48 -25.92 26.50
N SER D 47 29.88 -25.03 27.41
CA SER D 47 29.19 -23.76 27.81
C SER D 47 28.94 -22.83 26.61
N ASP D 48 29.86 -22.78 25.65
CA ASP D 48 29.85 -21.76 24.55
C ASP D 48 29.09 -22.28 23.32
N GLY D 49 28.50 -23.48 23.39
CA GLY D 49 27.59 -24.02 22.36
C GLY D 49 28.21 -25.14 21.55
N ARG D 50 29.54 -25.29 21.59
CA ARG D 50 30.29 -26.29 20.80
C ARG D 50 30.08 -27.69 21.39
N ILE D 51 30.20 -28.72 20.55
CA ILE D 51 30.36 -30.15 20.95
C ILE D 51 31.82 -30.54 20.67
N MET D 52 32.60 -30.75 21.73
CA MET D 52 34.06 -31.02 21.67
C MET D 52 34.29 -32.55 21.75
N ARG D 53 35.37 -33.03 21.13
CA ARG D 53 35.81 -34.45 21.16
C ARG D 53 37.19 -34.55 21.81
N TRP D 54 37.34 -35.40 22.82
CA TRP D 54 38.62 -35.73 23.49
C TRP D 54 39.41 -36.72 22.63
N ASN D 55 40.66 -36.40 22.31
CA ASN D 55 41.50 -37.15 21.33
C ASN D 55 42.73 -37.76 22.04
N GLY D 56 42.70 -37.82 23.37
CA GLY D 56 43.83 -38.29 24.21
C GLY D 56 44.56 -37.14 24.86
N GLU D 57 45.48 -37.44 25.78
CA GLU D 57 46.25 -36.45 26.57
C GLU D 57 47.01 -35.50 25.63
N ALA D 58 47.71 -36.06 24.63
CA ALA D 58 48.61 -35.35 23.70
C ALA D 58 47.82 -34.31 22.90
N ALA D 59 46.81 -34.74 22.16
CA ALA D 59 46.01 -33.93 21.20
C ALA D 59 45.08 -32.96 21.93
N GLY D 60 44.37 -33.45 22.95
CA GLY D 60 43.39 -32.66 23.73
C GLY D 60 42.02 -32.66 23.08
N TRP D 61 41.26 -31.57 23.22
CA TRP D 61 39.89 -31.40 22.68
C TRP D 61 39.95 -30.77 21.29
N SER D 62 39.19 -31.34 20.34
CA SER D 62 38.89 -30.76 19.01
C SER D 62 37.39 -30.48 18.90
N THR D 63 37.01 -29.36 18.28
CA THR D 63 35.61 -29.04 17.89
C THR D 63 35.12 -30.17 16.97
N TYR D 64 33.93 -30.71 17.23
CA TYR D 64 33.31 -31.79 16.41
C TYR D 64 32.08 -31.26 15.68
N THR D 65 31.15 -30.61 16.41
CA THR D 65 29.91 -30.03 15.83
C THR D 65 29.43 -28.84 16.68
N TYR D 66 28.41 -28.15 16.17
CA TYR D 66 27.82 -26.90 16.72
C TYR D 66 26.52 -26.63 15.97
N SER D 67 25.64 -25.79 16.51
CA SER D 67 24.37 -25.36 15.87
C SER D 67 24.68 -24.42 14.71
N PRO D 68 23.81 -24.35 13.67
CA PRO D 68 23.93 -23.32 12.65
C PRO D 68 24.00 -21.90 13.24
N SER D 69 23.24 -21.64 14.30
CA SER D 69 23.18 -20.33 15.02
C SER D 69 24.58 -19.94 15.53
N TYR D 70 25.40 -20.92 15.93
CA TYR D 70 26.81 -20.72 16.37
C TYR D 70 27.59 -20.01 15.26
N THR D 71 27.39 -20.43 14.00
CA THR D 71 28.06 -19.86 12.80
C THR D 71 27.37 -18.53 12.43
N LYS D 72 26.04 -18.54 12.27
CA LYS D 72 25.24 -17.35 11.87
C LYS D 72 25.60 -16.13 12.74
N ASN D 73 25.66 -16.31 14.06
CA ASN D 73 25.82 -15.21 15.05
C ASN D 73 27.32 -14.99 15.37
N LYS D 74 28.23 -15.58 14.59
CA LYS D 74 29.70 -15.40 14.70
C LYS D 74 30.13 -15.57 16.16
N CYS D 75 29.65 -16.64 16.82
CA CYS D 75 29.81 -16.91 18.27
C CYS D 75 31.27 -17.18 18.62
N ALA D 76 32.03 -17.78 17.68
CA ALA D 76 33.47 -18.11 17.84
C ALA D 76 34.28 -16.84 18.12
N ALA D 77 33.79 -15.67 17.69
CA ALA D 77 34.45 -14.35 17.83
C ALA D 77 33.85 -13.54 19.00
N SER D 78 32.83 -14.07 19.68
CA SER D 78 32.12 -13.39 20.80
C SER D 78 33.05 -13.25 22.01
N THR D 79 33.11 -12.04 22.59
CA THR D 79 33.91 -11.70 23.80
C THR D 79 33.01 -11.74 25.05
N LEU D 80 31.69 -11.70 24.88
CA LEU D 80 30.69 -11.56 25.98
C LEU D 80 30.68 -12.82 26.83
N PRO D 81 30.19 -12.75 28.09
CA PRO D 81 29.97 -13.95 28.90
C PRO D 81 28.98 -14.90 28.21
N THR D 82 29.25 -16.21 28.28
CA THR D 82 28.48 -17.29 27.58
C THR D 82 27.04 -17.36 28.14
N VAL D 83 26.82 -16.86 29.35
CA VAL D 83 25.51 -16.91 30.08
C VAL D 83 24.45 -16.10 29.31
N GLN D 84 24.85 -15.02 28.65
CA GLN D 84 23.92 -14.04 28.00
C GLN D 84 23.93 -14.21 26.47
N THR D 85 24.94 -14.87 25.90
CA THR D 85 25.01 -15.24 24.46
C THR D 85 24.53 -16.69 24.27
N GLU D 86 24.07 -17.33 25.35
CA GLU D 86 23.67 -18.76 25.41
C GLU D 86 22.54 -19.04 24.42
N SER D 87 21.48 -18.24 24.48
CA SER D 87 20.21 -18.41 23.71
C SER D 87 20.44 -18.17 22.21
N LYS D 88 21.54 -17.50 21.85
CA LYS D 88 21.92 -17.19 20.44
C LYS D 88 22.99 -18.18 19.95
N CYS D 89 23.83 -18.71 20.85
CA CYS D 89 25.00 -19.58 20.50
C CYS D 89 24.71 -21.05 20.81
N GLY D 90 23.62 -21.33 21.54
CA GLY D 90 23.17 -22.70 21.86
C GLY D 90 23.85 -23.25 23.10
N ARG D 91 23.16 -24.13 23.83
CA ARG D 91 23.71 -24.88 24.99
C ARG D 91 23.47 -26.38 24.74
N PRO D 92 24.44 -27.12 24.17
CA PRO D 92 24.28 -28.56 23.93
C PRO D 92 24.31 -29.36 25.24
N LEU D 93 23.33 -30.24 25.42
CA LEU D 93 23.19 -31.11 26.62
C LEU D 93 23.30 -32.58 26.19
N GLY D 94 22.18 -33.29 25.98
CA GLY D 94 22.14 -34.72 25.66
C GLY D 94 22.92 -35.05 24.40
N LEU D 95 23.78 -36.07 24.47
CA LEU D 95 24.57 -36.59 23.32
C LEU D 95 24.40 -38.11 23.23
N ARG D 96 24.16 -38.63 22.02
CA ARG D 96 24.08 -40.08 21.74
C ARG D 96 24.36 -40.30 20.24
N PHE D 97 25.22 -41.27 19.94
CA PHE D 97 25.54 -41.73 18.56
C PHE D 97 24.57 -42.83 18.16
N HIS D 98 24.17 -42.83 16.88
CA HIS D 98 23.53 -43.96 16.16
C HIS D 98 24.66 -44.78 15.51
N TYR D 99 24.98 -45.95 16.09
CA TYR D 99 26.18 -46.75 15.73
C TYR D 99 26.15 -47.15 14.25
N LYS D 100 24.96 -47.52 13.73
CA LYS D 100 24.77 -48.00 12.33
C LYS D 100 25.31 -46.97 11.34
N THR D 101 24.91 -45.70 11.50
CA THR D 101 25.21 -44.57 10.58
C THR D 101 26.49 -43.85 11.03
N GLY D 102 26.80 -43.86 12.33
CA GLY D 102 27.89 -43.08 12.94
C GLY D 102 27.45 -41.66 13.25
N ASN D 103 26.16 -41.36 13.05
CA ASN D 103 25.55 -40.03 13.26
C ASN D 103 25.49 -39.73 14.76
N LEU D 104 25.68 -38.46 15.13
CA LEU D 104 25.54 -37.93 16.51
C LEU D 104 24.25 -37.10 16.57
N TYR D 105 23.32 -37.48 17.45
CA TYR D 105 22.12 -36.69 17.81
C TYR D 105 22.48 -35.82 19.02
N ILE D 106 22.06 -34.55 18.98
CA ILE D 106 22.38 -33.52 20.03
C ILE D 106 21.07 -32.91 20.53
N ALA D 107 20.81 -33.02 21.84
CA ALA D 107 19.76 -32.27 22.55
C ALA D 107 20.35 -30.92 23.00
N ASP D 108 20.03 -29.84 22.27
CA ASP D 108 20.48 -28.46 22.58
C ASP D 108 19.32 -27.72 23.24
N ALA D 109 19.53 -27.16 24.44
CA ALA D 109 18.51 -26.52 25.29
C ALA D 109 17.76 -25.43 24.52
N TYR D 110 18.43 -24.72 23.61
CA TYR D 110 17.90 -23.55 22.88
C TYR D 110 17.63 -23.88 21.42
N MET D 111 18.54 -24.62 20.76
CA MET D 111 18.50 -24.91 19.30
C MET D 111 17.69 -26.18 19.00
N GLY D 112 17.30 -26.93 20.03
CA GLY D 112 16.44 -28.14 19.91
C GLY D 112 17.24 -29.38 19.54
N LEU D 113 16.57 -30.41 19.04
CA LEU D 113 17.20 -31.68 18.57
C LEU D 113 17.95 -31.41 17.27
N MET D 114 19.21 -31.82 17.19
CA MET D 114 20.10 -31.65 16.01
C MET D 114 20.81 -32.97 15.69
N ARG D 115 21.41 -33.05 14.50
CA ARG D 115 22.19 -34.22 14.04
C ARG D 115 23.34 -33.75 13.14
N VAL D 116 24.43 -34.53 13.11
CA VAL D 116 25.62 -34.31 12.24
C VAL D 116 26.14 -35.68 11.82
N GLY D 117 26.77 -35.78 10.65
CA GLY D 117 27.32 -37.03 10.11
C GLY D 117 28.61 -37.43 10.82
N PRO D 118 29.18 -38.62 10.52
CA PRO D 118 30.40 -39.10 11.15
C PRO D 118 31.63 -38.19 10.93
N LYS D 119 31.60 -37.36 9.87
CA LYS D 119 32.70 -36.43 9.49
C LYS D 119 32.64 -35.17 10.36
N GLY D 120 31.57 -34.99 11.14
CA GLY D 120 31.36 -33.80 11.99
C GLY D 120 31.05 -32.57 11.16
N GLY D 121 31.28 -31.38 11.72
CA GLY D 121 30.97 -30.08 11.10
C GLY D 121 29.66 -29.51 11.62
N GLU D 122 29.11 -28.50 10.94
CA GLU D 122 27.83 -27.84 11.31
C GLU D 122 26.71 -28.88 11.32
N ALA D 123 25.88 -28.87 12.37
CA ALA D 123 24.78 -29.83 12.60
C ALA D 123 23.51 -29.35 11.88
N THR D 124 22.65 -30.30 11.49
CA THR D 124 21.29 -30.06 10.97
C THR D 124 20.31 -30.07 12.16
N VAL D 125 19.36 -29.14 12.17
CA VAL D 125 18.24 -29.08 13.17
C VAL D 125 17.11 -29.99 12.67
N LEU D 126 16.81 -31.06 13.41
CA LEU D 126 15.79 -32.09 13.05
C LEU D 126 14.44 -31.73 13.65
N ALA D 127 14.42 -31.12 14.84
CA ALA D 127 13.19 -30.75 15.58
C ALA D 127 13.44 -29.53 16.47
N MET D 128 12.56 -28.54 16.41
CA MET D 128 12.60 -27.31 17.26
C MET D 128 11.20 -27.04 17.85
N LYS D 129 10.28 -27.99 17.70
CA LYS D 129 8.83 -27.83 18.01
C LYS D 129 8.15 -29.21 17.98
N ALA D 130 7.19 -29.44 18.87
CA ALA D 130 6.39 -30.69 18.96
C ALA D 130 4.90 -30.34 19.02
N ASP D 131 4.13 -30.81 18.04
CA ASP D 131 2.66 -30.59 17.91
C ASP D 131 2.38 -29.07 18.01
N GLY D 132 3.17 -28.27 17.29
CA GLY D 132 2.95 -26.82 17.14
C GLY D 132 3.59 -25.98 18.24
N VAL D 133 3.91 -26.58 19.40
CA VAL D 133 4.45 -25.88 20.59
C VAL D 133 5.98 -25.92 20.54
N PRO D 134 6.67 -24.76 20.50
CA PRO D 134 8.14 -24.73 20.47
C PRO D 134 8.78 -25.40 21.69
N LEU D 135 9.89 -26.12 21.47
CA LEU D 135 10.77 -26.68 22.53
C LEU D 135 11.56 -25.53 23.15
N ARG D 136 11.67 -25.49 24.49
CA ARG D 136 12.28 -24.37 25.24
C ARG D 136 13.54 -24.83 25.99
N PHE D 137 13.63 -26.12 26.35
CA PHE D 137 14.69 -26.71 27.20
C PHE D 137 14.86 -28.19 26.82
N THR D 138 15.35 -28.45 25.60
CA THR D 138 15.68 -29.82 25.10
C THR D 138 16.92 -30.31 25.85
N ASN D 139 16.80 -31.40 26.61
CA ASN D 139 17.81 -31.83 27.62
C ASN D 139 18.29 -33.26 27.30
N GLY D 140 17.47 -34.27 27.58
CA GLY D 140 17.86 -35.69 27.52
C GLY D 140 17.63 -36.27 26.15
N VAL D 141 18.42 -37.29 25.79
CA VAL D 141 18.29 -38.04 24.49
C VAL D 141 18.85 -39.45 24.68
N ASP D 142 18.24 -40.43 24.00
CA ASP D 142 18.83 -41.76 23.72
C ASP D 142 18.25 -42.28 22.40
N ILE D 143 18.89 -43.27 21.80
CA ILE D 143 18.52 -43.84 20.47
C ILE D 143 18.18 -45.32 20.65
N ASP D 144 17.17 -45.79 19.90
CA ASP D 144 16.93 -47.23 19.60
C ASP D 144 17.90 -47.62 18.49
N GLN D 145 18.98 -48.34 18.84
CA GLN D 145 20.14 -48.60 17.94
C GLN D 145 19.72 -49.50 16.77
N VAL D 146 18.59 -50.20 16.89
CA VAL D 146 18.07 -51.14 15.85
C VAL D 146 17.23 -50.35 14.83
N THR D 147 16.23 -49.60 15.29
CA THR D 147 15.24 -48.89 14.44
C THR D 147 15.76 -47.51 14.03
N GLY D 148 16.57 -46.87 14.89
CA GLY D 148 17.07 -45.49 14.68
C GLY D 148 16.14 -44.45 15.26
N ASP D 149 15.06 -44.89 15.94
CA ASP D 149 14.11 -44.01 16.67
C ASP D 149 14.88 -43.27 17.76
N VAL D 150 14.73 -41.94 17.82
CA VAL D 150 15.39 -41.06 18.83
C VAL D 150 14.33 -40.63 19.84
N TYR D 151 14.56 -40.89 21.12
CA TYR D 151 13.71 -40.49 22.26
C TYR D 151 14.41 -39.38 23.05
N PHE D 152 13.78 -38.21 23.17
CA PHE D 152 14.36 -37.00 23.82
C PHE D 152 13.29 -36.30 24.67
N THR D 153 13.73 -35.46 25.60
CA THR D 153 12.85 -34.72 26.55
C THR D 153 12.99 -33.20 26.36
N ASP D 154 11.94 -32.47 26.73
CA ASP D 154 11.92 -31.01 26.95
C ASP D 154 11.58 -30.78 28.42
N SER D 155 12.50 -30.20 29.19
CA SER D 155 12.42 -30.08 30.68
C SER D 155 11.26 -29.17 31.09
N SER D 156 10.93 -28.17 30.27
CA SER D 156 9.92 -27.13 30.60
C SER D 156 9.44 -26.45 29.30
N MET D 157 8.17 -26.01 29.29
CA MET D 157 7.58 -25.14 28.23
C MET D 157 7.74 -23.66 28.63
N ASN D 158 7.93 -23.39 29.92
CA ASN D 158 7.81 -22.03 30.52
C ASN D 158 9.19 -21.44 30.83
N TYR D 159 10.18 -22.28 31.15
CA TYR D 159 11.54 -21.85 31.60
C TYR D 159 12.62 -22.43 30.69
N GLN D 160 13.73 -21.70 30.52
CA GLN D 160 14.92 -22.10 29.72
C GLN D 160 16.00 -22.61 30.67
N ARG D 161 17.09 -23.14 30.12
CA ARG D 161 18.18 -23.84 30.87
C ARG D 161 18.81 -22.89 31.90
N SER D 162 18.92 -21.60 31.58
CA SER D 162 19.48 -20.55 32.48
C SER D 162 18.62 -20.42 33.75
N GLN D 163 17.32 -20.73 33.67
CA GLN D 163 16.34 -20.65 34.79
C GLN D 163 15.94 -22.07 35.23
N HIS D 164 16.86 -23.04 35.19
CA HIS D 164 16.58 -24.47 35.46
C HIS D 164 16.14 -24.68 36.92
N GLU D 165 16.67 -23.87 37.84
CA GLU D 165 16.35 -23.94 39.30
C GLU D 165 14.90 -23.54 39.54
N GLN D 166 14.34 -22.67 38.68
CA GLN D 166 12.95 -22.18 38.78
C GLN D 166 11.97 -23.29 38.39
N VAL D 167 12.37 -24.22 37.51
CA VAL D 167 11.56 -25.41 37.10
C VAL D 167 11.30 -26.25 38.36
N THR D 168 12.35 -26.48 39.16
CA THR D 168 12.31 -27.21 40.46
C THR D 168 11.51 -26.39 41.48
N ALA D 169 11.85 -25.11 41.66
CA ALA D 169 11.31 -24.21 42.70
C ALA D 169 9.80 -24.01 42.54
N THR D 170 9.32 -23.81 41.29
CA THR D 170 7.89 -23.56 40.97
C THR D 170 7.10 -24.88 40.90
N LYS D 171 7.79 -26.03 40.86
CA LYS D 171 7.21 -27.37 40.62
C LYS D 171 6.46 -27.34 39.27
N ASP D 172 7.14 -26.89 38.22
CA ASP D 172 6.62 -26.80 36.84
C ASP D 172 6.42 -28.22 36.28
N SER D 173 5.21 -28.52 35.79
CA SER D 173 4.84 -29.82 35.18
C SER D 173 4.36 -29.60 33.74
N THR D 174 5.25 -29.07 32.90
CA THR D 174 4.99 -28.74 31.47
C THR D 174 6.00 -29.47 30.58
N GLY D 175 6.73 -30.44 31.12
CA GLY D 175 7.76 -31.20 30.40
C GLY D 175 7.15 -32.25 29.48
N ARG D 176 7.89 -32.67 28.45
CA ARG D 176 7.44 -33.62 27.41
C ARG D 176 8.51 -34.69 27.19
N LEU D 177 8.07 -35.94 26.97
CA LEU D 177 8.88 -37.05 26.41
C LEU D 177 8.40 -37.27 24.97
N MET D 178 9.31 -37.19 24.00
CA MET D 178 8.99 -37.19 22.55
C MET D 178 9.83 -38.23 21.82
N LYS D 179 9.33 -38.70 20.68
CA LYS D 179 10.01 -39.65 19.76
C LYS D 179 10.20 -38.93 18.42
N TYR D 180 11.45 -38.85 17.95
CA TYR D 180 11.79 -38.45 16.55
C TYR D 180 11.96 -39.72 15.72
N ASP D 181 11.04 -39.93 14.77
CA ASP D 181 11.04 -41.07 13.81
C ASP D 181 11.84 -40.66 12.57
N PRO D 182 12.95 -41.37 12.24
CA PRO D 182 13.79 -40.99 11.10
C PRO D 182 13.17 -41.35 9.75
N ARG D 183 12.22 -42.30 9.74
CA ARG D 183 11.53 -42.78 8.52
C ARG D 183 10.48 -41.75 8.08
N THR D 184 9.71 -41.21 9.03
CA THR D 184 8.58 -40.26 8.78
C THR D 184 9.06 -38.80 8.94
N ASN D 185 10.12 -38.58 9.73
CA ASN D 185 10.72 -37.25 10.01
C ASN D 185 9.79 -36.43 10.92
N GLN D 186 8.83 -37.09 11.58
CA GLN D 186 7.81 -36.43 12.45
C GLN D 186 8.18 -36.65 13.92
N VAL D 187 7.95 -35.64 14.75
CA VAL D 187 8.11 -35.69 16.23
C VAL D 187 6.76 -36.08 16.84
N THR D 188 6.72 -37.19 17.59
CA THR D 188 5.53 -37.69 18.33
C THR D 188 5.70 -37.38 19.82
N VAL D 189 4.68 -36.78 20.45
CA VAL D 189 4.63 -36.54 21.92
C VAL D 189 4.08 -37.81 22.58
N LEU D 190 4.93 -38.54 23.30
CA LEU D 190 4.57 -39.81 23.99
C LEU D 190 3.88 -39.50 25.32
N GLN D 191 4.38 -38.47 26.02
CA GLN D 191 3.91 -38.04 27.37
C GLN D 191 4.18 -36.55 27.52
N SER D 192 3.18 -35.77 27.95
CA SER D 192 3.29 -34.34 28.32
C SER D 192 2.92 -34.16 29.79
N ASN D 193 3.03 -32.93 30.30
CA ASN D 193 2.70 -32.56 31.71
C ASN D 193 3.57 -33.38 32.67
N ILE D 194 4.86 -33.58 32.32
CA ILE D 194 5.86 -34.29 33.17
C ILE D 194 6.56 -33.23 34.03
N THR D 195 6.82 -33.55 35.29
CA THR D 195 7.52 -32.67 36.26
C THR D 195 9.03 -32.78 36.02
N TYR D 196 9.59 -31.81 35.27
CA TYR D 196 11.04 -31.65 34.99
C TYR D 196 11.63 -32.95 34.48
N PRO D 197 11.26 -33.43 33.28
CA PRO D 197 11.96 -34.55 32.65
C PRO D 197 13.35 -34.09 32.19
N ASN D 198 14.37 -34.91 32.44
CA ASN D 198 15.79 -34.61 32.09
C ASN D 198 16.36 -35.81 31.34
N GLY D 199 17.20 -36.62 31.99
CA GLY D 199 17.83 -37.81 31.39
C GLY D 199 16.81 -38.77 30.82
N VAL D 200 17.19 -39.49 29.78
CA VAL D 200 16.41 -40.62 29.18
C VAL D 200 17.40 -41.68 28.69
N ALA D 201 17.15 -42.94 29.06
CA ALA D 201 17.93 -44.12 28.60
C ALA D 201 16.94 -45.20 28.13
N MET D 202 17.27 -45.87 27.02
CA MET D 202 16.54 -47.05 26.53
C MET D 202 16.97 -48.27 27.37
N SER D 203 16.01 -49.12 27.75
CA SER D 203 16.25 -50.42 28.42
C SER D 203 17.04 -51.34 27.48
N ALA D 204 17.88 -52.21 28.03
CA ALA D 204 18.70 -53.19 27.30
C ALA D 204 17.84 -54.05 26.37
N ASP D 205 16.58 -54.32 26.76
CA ASP D 205 15.64 -55.17 25.98
C ASP D 205 14.80 -54.31 25.02
N ARG D 206 14.98 -52.98 25.05
CA ARG D 206 14.40 -52.01 24.09
C ARG D 206 12.87 -51.97 24.19
N THR D 207 12.29 -52.31 25.36
CA THR D 207 10.81 -52.35 25.58
C THR D 207 10.34 -51.07 26.28
N HIS D 208 11.20 -50.38 27.02
CA HIS D 208 10.83 -49.16 27.78
C HIS D 208 12.03 -48.20 27.90
N LEU D 209 11.72 -46.95 28.27
CA LEU D 209 12.70 -45.87 28.59
C LEU D 209 12.67 -45.64 30.10
N ILE D 210 13.84 -45.38 30.69
CA ILE D 210 13.99 -44.87 32.09
C ILE D 210 14.26 -43.37 31.99
N VAL D 211 13.39 -42.55 32.57
CA VAL D 211 13.41 -41.06 32.45
C VAL D 211 13.61 -40.46 33.85
N ALA D 212 14.64 -39.63 34.00
CA ALA D 212 14.95 -38.88 35.24
C ALA D 212 13.99 -37.69 35.38
N LEU D 213 13.34 -37.57 36.54
CA LEU D 213 12.57 -36.37 36.95
C LEU D 213 13.40 -35.60 37.97
N THR D 214 14.04 -34.50 37.53
CA THR D 214 15.08 -33.76 38.30
C THR D 214 14.48 -33.19 39.60
N GLY D 215 13.54 -32.26 39.48
CA GLY D 215 12.84 -31.62 40.62
C GLY D 215 12.27 -32.66 41.58
N PRO D 216 11.40 -33.57 41.10
CA PRO D 216 10.81 -34.61 41.95
C PRO D 216 11.79 -35.60 42.59
N CYS D 217 13.02 -35.69 42.09
CA CYS D 217 14.08 -36.62 42.58
C CYS D 217 13.60 -38.06 42.41
N LYS D 218 13.06 -38.38 41.23
CA LYS D 218 12.47 -39.70 40.87
C LYS D 218 13.06 -40.18 39.54
N LEU D 219 12.98 -41.49 39.30
CA LEU D 219 13.03 -42.10 37.94
C LEU D 219 11.61 -42.61 37.64
N MET D 220 11.14 -42.43 36.41
CA MET D 220 9.88 -43.04 35.91
C MET D 220 10.22 -43.92 34.71
N ARG D 221 9.30 -44.83 34.37
CA ARG D 221 9.43 -45.78 33.23
C ARG D 221 8.25 -45.56 32.28
N HIS D 222 8.56 -45.26 31.01
CA HIS D 222 7.58 -45.18 29.90
C HIS D 222 7.83 -46.34 28.94
N TRP D 223 6.78 -47.12 28.65
CA TRP D 223 6.84 -48.32 27.78
C TRP D 223 6.64 -47.92 26.33
N ILE D 224 7.42 -48.50 25.41
CA ILE D 224 7.40 -48.16 23.96
C ILE D 224 7.06 -49.39 23.11
N ARG D 225 7.30 -50.61 23.63
CA ARG D 225 6.86 -51.90 23.01
C ARG D 225 5.99 -52.66 24.02
N GLY D 226 5.26 -53.67 23.54
CA GLY D 226 4.50 -54.61 24.37
C GLY D 226 3.14 -54.04 24.79
N PRO D 227 2.38 -54.78 25.63
CA PRO D 227 0.99 -54.42 25.93
C PRO D 227 0.78 -53.13 26.74
N LYS D 228 1.85 -52.57 27.32
CA LYS D 228 1.79 -51.34 28.17
C LYS D 228 2.32 -50.13 27.41
N THR D 229 2.59 -50.25 26.10
CA THR D 229 3.10 -49.16 25.23
C THR D 229 2.30 -47.87 25.49
N GLY D 230 2.98 -46.76 25.75
CA GLY D 230 2.37 -45.44 25.98
C GLY D 230 2.14 -45.16 27.46
N LYS D 231 2.12 -46.19 28.31
CA LYS D 231 1.87 -46.09 29.77
C LYS D 231 3.15 -45.58 30.46
N SER D 232 3.00 -44.60 31.35
CA SER D 232 4.06 -44.09 32.27
C SER D 232 3.74 -44.55 33.70
N GLU D 233 4.76 -44.99 34.44
CA GLU D 233 4.63 -45.49 35.83
C GLU D 233 5.88 -45.15 36.62
N PRO D 234 5.79 -45.05 37.97
CA PRO D 234 6.98 -44.86 38.81
C PRO D 234 7.97 -46.02 38.61
N PHE D 235 9.27 -45.74 38.74
CA PHE D 235 10.36 -46.74 38.66
C PHE D 235 11.04 -46.85 40.03
N VAL D 236 11.54 -45.72 40.56
CA VAL D 236 12.20 -45.64 41.90
C VAL D 236 12.35 -44.17 42.30
N ASP D 237 12.34 -43.90 43.61
CA ASP D 237 12.65 -42.57 44.21
C ASP D 237 14.15 -42.52 44.52
N LEU D 238 14.80 -41.37 44.24
CA LEU D 238 16.26 -41.16 44.43
C LEU D 238 16.47 -40.15 45.54
N PRO D 239 17.50 -40.33 46.41
CA PRO D 239 17.82 -39.36 47.46
C PRO D 239 18.74 -38.25 46.92
N GLY D 240 18.41 -37.71 45.75
CA GLY D 240 19.21 -36.74 44.99
C GLY D 240 18.48 -36.27 43.74
N TYR D 241 18.94 -35.17 43.14
CA TYR D 241 18.33 -34.54 41.94
C TYR D 241 18.96 -35.15 40.70
N PRO D 242 18.27 -36.08 39.99
CA PRO D 242 18.87 -36.78 38.86
C PRO D 242 18.92 -35.93 37.57
N ASP D 243 20.01 -36.06 36.80
CA ASP D 243 20.16 -35.45 35.46
C ASP D 243 20.08 -36.55 34.40
N ASN D 244 21.22 -37.03 33.89
CA ASN D 244 21.28 -37.95 32.72
C ASN D 244 21.26 -39.40 33.19
N VAL D 245 20.49 -40.24 32.49
CA VAL D 245 20.41 -41.72 32.68
C VAL D 245 21.20 -42.34 31.52
N ARG D 246 22.16 -43.22 31.83
CA ARG D 246 22.95 -43.98 30.83
C ARG D 246 23.12 -45.41 31.33
N PRO D 247 23.18 -46.42 30.43
CA PRO D 247 23.42 -47.80 30.83
C PRO D 247 24.82 -47.92 31.45
N ASP D 248 24.96 -48.78 32.46
CA ASP D 248 26.25 -49.07 33.15
C ASP D 248 27.05 -50.10 32.35
N GLY D 249 26.44 -50.69 31.30
CA GLY D 249 27.04 -51.73 30.45
C GLY D 249 26.95 -53.10 31.09
N LYS D 250 26.14 -53.23 32.14
CA LYS D 250 25.93 -54.49 32.92
C LYS D 250 24.42 -54.71 33.14
N GLY D 251 23.58 -54.19 32.24
CA GLY D 251 22.11 -54.38 32.27
C GLY D 251 21.41 -53.37 33.16
N GLY D 252 22.17 -52.51 33.87
CA GLY D 252 21.65 -51.49 34.80
C GLY D 252 21.78 -50.10 34.22
N TYR D 253 21.74 -49.07 35.08
CA TYR D 253 21.89 -47.64 34.72
C TYR D 253 22.69 -46.90 35.80
N TRP D 254 23.55 -45.97 35.38
CA TRP D 254 24.17 -44.93 36.24
C TRP D 254 23.33 -43.65 36.14
N ILE D 255 22.80 -43.17 37.28
CA ILE D 255 22.07 -41.88 37.39
C ILE D 255 23.02 -40.84 37.96
N ALA D 256 23.23 -39.73 37.25
CA ALA D 256 23.96 -38.55 37.76
C ALA D 256 23.09 -37.82 38.78
N LEU D 257 23.65 -37.51 39.95
CA LEU D 257 22.96 -36.75 41.04
C LEU D 257 23.74 -35.45 41.30
N HIS D 258 23.35 -34.36 40.66
CA HIS D 258 24.07 -33.06 40.67
C HIS D 258 23.95 -32.40 42.04
N ARG D 259 22.89 -32.70 42.79
CA ARG D 259 22.67 -32.27 44.20
C ARG D 259 22.16 -33.45 45.02
N GLU D 260 22.47 -33.45 46.32
CA GLU D 260 21.84 -34.35 47.33
C GLU D 260 20.47 -33.76 47.73
N LYS D 261 19.49 -34.63 48.01
CA LYS D 261 18.18 -34.24 48.58
C LYS D 261 18.30 -34.14 50.11
N TYR D 262 19.31 -34.79 50.68
CA TYR D 262 19.60 -34.80 52.14
C TYR D 262 21.11 -34.72 52.38
N GLU D 263 21.56 -33.73 53.16
CA GLU D 263 22.98 -33.54 53.56
C GLU D 263 23.31 -34.57 54.65
N LEU D 264 23.64 -35.80 54.24
CA LEU D 264 24.00 -36.92 55.16
C LEU D 264 25.42 -36.69 55.68
N PRO D 265 25.68 -36.86 57.00
CA PRO D 265 27.01 -36.61 57.56
C PRO D 265 27.95 -37.80 57.43
N PHE D 266 28.67 -37.89 56.30
CA PHE D 266 29.69 -38.93 56.00
C PHE D 266 31.09 -38.30 56.01
N GLY D 267 31.27 -37.25 56.83
CA GLY D 267 32.55 -36.53 56.96
C GLY D 267 32.85 -35.68 55.73
N PRO D 268 34.14 -35.37 55.46
CA PRO D 268 34.51 -34.51 54.33
C PRO D 268 34.59 -35.24 52.98
N ASP D 269 34.05 -34.64 51.93
CA ASP D 269 34.08 -35.13 50.52
C ASP D 269 33.49 -36.55 50.46
N SER D 270 32.25 -36.72 50.94
CA SER D 270 31.46 -37.98 50.85
C SER D 270 30.00 -37.65 50.58
N HIS D 271 29.76 -36.71 49.65
CA HIS D 271 28.41 -36.34 49.14
C HIS D 271 28.01 -37.34 48.05
N LEU D 272 26.76 -37.82 48.09
CA LEU D 272 26.19 -38.74 47.07
C LEU D 272 26.12 -38.00 45.73
N VAL D 273 26.87 -38.48 44.73
CA VAL D 273 27.06 -37.79 43.41
C VAL D 273 26.44 -38.63 42.28
N ALA D 274 26.31 -39.96 42.45
CA ALA D 274 25.68 -40.85 41.45
C ALA D 274 25.17 -42.12 42.14
N MET D 275 24.21 -42.79 41.50
CA MET D 275 23.58 -44.05 41.99
C MET D 275 23.43 -45.04 40.82
N ARG D 276 24.01 -46.23 40.96
CA ARG D 276 23.79 -47.37 40.03
C ARG D 276 22.43 -48.01 40.36
N VAL D 277 21.53 -48.08 39.38
CA VAL D 277 20.18 -48.70 39.49
C VAL D 277 20.16 -49.93 38.58
N SER D 278 19.48 -51.00 39.01
CA SER D 278 19.28 -52.26 38.23
C SER D 278 18.10 -52.08 37.27
N ALA D 279 17.92 -53.04 36.35
CA ALA D 279 16.81 -53.07 35.37
C ALA D 279 15.46 -53.06 36.11
N GLY D 280 15.41 -53.67 37.29
CA GLY D 280 14.19 -53.75 38.13
C GLY D 280 13.86 -52.43 38.81
N GLY D 281 14.89 -51.65 39.16
CA GLY D 281 14.75 -50.34 39.83
C GLY D 281 15.16 -50.39 41.30
N LYS D 282 16.09 -51.29 41.64
CA LYS D 282 16.68 -51.38 43.00
C LYS D 282 17.95 -50.51 43.05
N LEU D 283 18.24 -49.92 44.21
CA LEU D 283 19.46 -49.09 44.44
C LEU D 283 20.62 -50.04 44.77
N VAL D 284 21.52 -50.23 43.81
CA VAL D 284 22.53 -51.34 43.78
C VAL D 284 23.87 -50.84 44.32
N GLN D 285 24.35 -49.68 43.84
CA GLN D 285 25.67 -49.10 44.18
C GLN D 285 25.56 -47.57 44.18
N GLN D 286 26.31 -46.91 45.05
CA GLN D 286 26.37 -45.42 45.14
C GLN D 286 27.81 -44.97 44.89
N MET D 287 27.95 -43.72 44.47
CA MET D 287 29.24 -43.01 44.24
C MET D 287 29.26 -41.76 45.12
N ARG D 288 30.38 -41.50 45.80
CA ARG D 288 30.54 -40.33 46.71
C ARG D 288 31.82 -39.57 46.35
N GLY D 289 31.79 -38.24 46.47
CA GLY D 289 32.91 -37.33 46.18
C GLY D 289 32.63 -35.91 46.68
N PRO D 290 33.44 -34.91 46.28
CA PRO D 290 33.23 -33.53 46.71
C PRO D 290 31.88 -32.95 46.28
N LYS D 291 31.46 -31.88 46.96
CA LYS D 291 30.20 -31.13 46.66
C LYS D 291 30.32 -30.44 45.30
N SER D 292 31.53 -29.97 44.95
CA SER D 292 31.82 -29.18 43.72
C SER D 292 31.67 -30.03 42.45
N LEU D 293 31.56 -31.36 42.59
CA LEU D 293 31.55 -32.32 41.45
C LEU D 293 30.25 -32.18 40.64
N ARG D 294 29.11 -32.09 41.35
CA ARG D 294 27.74 -31.89 40.77
C ARG D 294 27.62 -32.58 39.40
N PRO D 295 27.73 -33.92 39.33
CA PRO D 295 27.68 -34.63 38.05
C PRO D 295 26.33 -34.53 37.35
N THR D 296 26.36 -34.51 36.00
CA THR D 296 25.16 -34.43 35.11
C THR D 296 25.04 -35.72 34.28
N GLU D 297 26.15 -36.39 33.97
CA GLU D 297 26.16 -37.71 33.30
C GLU D 297 27.29 -38.58 33.87
N VAL D 298 27.08 -39.89 33.93
CA VAL D 298 28.03 -40.90 34.48
C VAL D 298 28.10 -42.08 33.51
N MET D 299 29.25 -42.26 32.86
CA MET D 299 29.45 -43.22 31.75
C MET D 299 30.50 -44.27 32.14
N GLU D 300 30.06 -45.42 32.65
CA GLU D 300 30.94 -46.60 32.93
C GLU D 300 31.29 -47.26 31.61
N ARG D 301 32.59 -47.42 31.34
CA ARG D 301 33.14 -48.02 30.09
C ARG D 301 33.71 -49.40 30.43
N LYS D 302 33.88 -50.24 29.40
CA LYS D 302 34.20 -51.69 29.52
C LYS D 302 35.56 -51.89 30.19
N ASP D 303 36.46 -50.89 30.12
CA ASP D 303 37.84 -50.95 30.67
C ASP D 303 37.85 -50.57 32.15
N GLY D 304 36.68 -50.36 32.78
CA GLY D 304 36.55 -50.12 34.23
C GLY D 304 36.43 -48.63 34.56
N LYS D 305 36.90 -47.75 33.68
CA LYS D 305 36.86 -46.27 33.84
C LYS D 305 35.41 -45.79 33.79
N ILE D 306 35.09 -44.74 34.57
CA ILE D 306 33.76 -44.07 34.60
C ILE D 306 33.97 -42.58 34.30
N TYR D 307 33.60 -42.15 33.09
CA TYR D 307 33.68 -40.73 32.63
C TYR D 307 32.46 -39.97 33.19
N MET D 308 32.69 -38.75 33.69
CA MET D 308 31.66 -37.97 34.43
C MET D 308 31.51 -36.58 33.82
N GLY D 309 30.28 -36.22 33.46
CA GLY D 309 29.91 -34.89 32.93
C GLY D 309 29.45 -33.97 34.04
N ASN D 310 29.36 -32.66 33.75
CA ASN D 310 28.99 -31.59 34.70
C ASN D 310 28.63 -30.33 33.89
N VAL D 311 28.21 -29.26 34.55
CA VAL D 311 27.77 -27.99 33.87
C VAL D 311 28.52 -26.78 34.44
N GLU D 312 29.55 -26.98 35.26
CA GLU D 312 30.28 -25.86 35.94
C GLU D 312 31.82 -26.02 35.84
N LEU D 313 32.35 -27.24 35.82
CA LEU D 313 33.82 -27.50 35.89
C LEU D 313 34.43 -27.38 34.50
N PRO D 314 35.72 -26.97 34.41
CA PRO D 314 36.42 -26.83 33.12
C PRO D 314 37.12 -28.11 32.64
N TYR D 315 36.52 -29.28 32.88
CA TYR D 315 37.10 -30.61 32.53
C TYR D 315 36.04 -31.70 32.68
N VAL D 316 36.33 -32.88 32.13
CA VAL D 316 35.60 -34.15 32.36
C VAL D 316 36.36 -34.94 33.43
N GLY D 317 35.66 -35.38 34.48
CA GLY D 317 36.22 -36.23 35.55
C GLY D 317 36.20 -37.69 35.16
N VAL D 318 37.24 -38.45 35.54
CA VAL D 318 37.36 -39.92 35.28
C VAL D 318 37.74 -40.60 36.60
N VAL D 319 37.12 -41.74 36.92
CA VAL D 319 37.32 -42.50 38.19
C VAL D 319 37.48 -44.00 37.87
N LYS D 320 37.88 -44.79 38.87
CA LYS D 320 38.21 -46.25 38.77
C LYS D 320 39.38 -46.44 37.80
N PHE E 10 0.99 -11.59 -47.64
CA PHE E 10 1.49 -12.43 -46.51
C PHE E 10 1.29 -11.69 -45.18
N LYS E 11 1.25 -12.46 -44.09
CA LYS E 11 0.97 -11.97 -42.71
C LYS E 11 2.00 -12.56 -41.74
N THR E 12 2.42 -11.78 -40.74
CA THR E 12 3.49 -12.13 -39.76
C THR E 12 3.22 -13.52 -39.19
N ILE E 13 4.25 -14.38 -39.17
CA ILE E 13 4.19 -15.76 -38.61
C ILE E 13 4.47 -15.68 -37.10
N ASP E 14 3.63 -16.36 -36.31
CA ASP E 14 3.71 -16.40 -34.82
C ASP E 14 4.64 -17.55 -34.41
N ALA E 15 5.81 -17.21 -33.85
CA ALA E 15 6.85 -18.17 -33.40
C ALA E 15 6.88 -18.25 -31.87
N ARG E 16 5.92 -17.60 -31.18
CA ARG E 16 5.83 -17.55 -29.69
C ARG E 16 5.67 -18.98 -29.15
N ARG E 17 4.73 -19.73 -29.71
CA ARG E 17 4.50 -21.17 -29.41
C ARG E 17 5.18 -21.99 -30.52
N SER E 18 6.03 -22.94 -30.14
CA SER E 18 6.83 -23.78 -31.06
C SER E 18 7.20 -25.11 -30.38
N GLN E 19 7.11 -26.22 -31.12
CA GLN E 19 7.50 -27.57 -30.64
C GLN E 19 9.03 -27.63 -30.55
N HIS E 20 9.56 -28.13 -29.42
CA HIS E 20 11.00 -28.30 -29.15
C HIS E 20 11.42 -29.74 -29.45
N LEU E 21 12.39 -29.94 -30.33
CA LEU E 21 13.04 -31.25 -30.61
C LEU E 21 14.31 -31.35 -29.76
N ASP E 22 14.16 -31.80 -28.50
CA ASP E 22 15.23 -31.81 -27.48
C ASP E 22 16.44 -32.61 -27.98
N LEU E 23 17.62 -32.02 -27.93
CA LEU E 23 18.93 -32.73 -28.03
C LEU E 23 19.24 -33.34 -26.67
N GLY E 24 19.81 -34.56 -26.64
CA GLY E 24 20.20 -35.25 -25.41
C GLY E 24 21.38 -34.58 -24.73
N GLY E 25 21.72 -35.03 -23.51
CA GLY E 25 22.87 -34.53 -22.73
C GLY E 25 22.84 -33.02 -22.58
N SER E 26 23.99 -32.36 -22.76
CA SER E 26 24.16 -30.88 -22.67
C SER E 26 24.49 -30.30 -24.04
N LEU E 27 24.00 -30.93 -25.12
CA LEU E 27 24.11 -30.43 -26.52
C LEU E 27 23.27 -29.16 -26.66
N VAL E 28 23.77 -28.17 -27.40
CA VAL E 28 23.01 -26.94 -27.78
C VAL E 28 23.41 -26.53 -29.21
N GLY E 29 22.54 -25.73 -29.84
CA GLY E 29 22.88 -24.92 -31.04
C GLY E 29 22.91 -25.74 -32.32
N PRO E 30 21.76 -26.29 -32.78
CA PRO E 30 21.66 -26.84 -34.13
C PRO E 30 21.62 -25.71 -35.16
N GLU E 31 22.78 -25.16 -35.52
CA GLU E 31 22.92 -23.93 -36.35
C GLU E 31 22.05 -24.05 -37.62
N SER E 32 22.16 -25.19 -38.32
CA SER E 32 21.40 -25.52 -39.55
C SER E 32 20.42 -26.67 -39.27
N VAL E 33 19.40 -26.80 -40.12
CA VAL E 33 18.35 -27.86 -40.05
C VAL E 33 18.10 -28.38 -41.47
N ALA E 34 19.08 -29.10 -42.03
CA ALA E 34 19.06 -29.65 -43.41
C ALA E 34 18.14 -30.87 -43.46
N PHE E 35 17.52 -31.10 -44.62
CA PHE E 35 16.70 -32.30 -44.95
C PHE E 35 17.27 -32.94 -46.23
N ASP E 36 17.31 -34.26 -46.27
CA ASP E 36 17.89 -35.04 -47.41
C ASP E 36 16.81 -35.25 -48.48
N GLY E 37 17.19 -35.85 -49.62
CA GLY E 37 16.31 -36.09 -50.78
C GLY E 37 15.12 -36.97 -50.43
N LYS E 38 15.26 -37.85 -49.44
CA LYS E 38 14.20 -38.78 -48.97
C LYS E 38 13.24 -38.05 -48.03
N GLY E 39 13.59 -36.83 -47.59
CA GLY E 39 12.77 -35.98 -46.71
C GLY E 39 12.91 -36.38 -45.25
N ARG E 40 14.07 -36.92 -44.87
CA ARG E 40 14.38 -37.37 -43.48
C ARG E 40 14.48 -36.15 -42.58
N GLY E 41 14.00 -36.26 -41.34
CA GLY E 41 13.89 -35.18 -40.35
C GLY E 41 15.16 -34.32 -40.25
N PRO E 42 15.14 -33.22 -39.48
CA PRO E 42 16.23 -32.25 -39.48
C PRO E 42 17.59 -32.86 -39.11
N TYR E 43 18.58 -32.73 -40.01
CA TYR E 43 20.03 -32.92 -39.74
C TYR E 43 20.58 -31.58 -39.24
N SER E 44 21.35 -31.59 -38.13
CA SER E 44 21.84 -30.37 -37.45
C SER E 44 23.24 -30.58 -36.86
N GLY E 45 24.12 -29.61 -37.10
CA GLY E 45 25.46 -29.52 -36.48
C GLY E 45 25.39 -28.81 -35.14
N VAL E 46 25.76 -29.51 -34.06
CA VAL E 46 25.57 -29.05 -32.64
C VAL E 46 26.94 -28.70 -32.04
N SER E 47 26.95 -28.24 -30.79
CA SER E 47 28.09 -27.56 -30.11
C SER E 47 29.31 -28.47 -29.96
N ASP E 48 29.12 -29.78 -29.72
CA ASP E 48 30.20 -30.73 -29.33
C ASP E 48 30.91 -31.30 -30.56
N GLY E 49 30.59 -30.82 -31.76
CA GLY E 49 31.30 -31.16 -33.01
C GLY E 49 30.53 -32.14 -33.89
N ARG E 50 29.57 -32.86 -33.32
CA ARG E 50 28.78 -33.91 -34.04
C ARG E 50 27.76 -33.24 -34.97
N ILE E 51 27.39 -33.94 -36.05
CA ILE E 51 26.16 -33.69 -36.87
C ILE E 51 25.15 -34.77 -36.48
N MET E 52 24.03 -34.36 -35.87
CA MET E 52 22.95 -35.26 -35.38
C MET E 52 21.81 -35.27 -36.39
N ARG E 53 21.01 -36.33 -36.40
CA ARG E 53 19.82 -36.52 -37.28
C ARG E 53 18.60 -36.85 -36.41
N TRP E 54 17.48 -36.17 -36.65
CA TRP E 54 16.18 -36.38 -35.95
C TRP E 54 15.41 -37.51 -36.63
N ASN E 55 14.89 -38.46 -35.85
CA ASN E 55 14.23 -39.70 -36.35
C ASN E 55 12.83 -39.83 -35.72
N GLY E 56 12.15 -38.70 -35.50
CA GLY E 56 10.81 -38.65 -34.89
C GLY E 56 10.88 -38.51 -33.38
N GLU E 57 9.73 -38.26 -32.73
CA GLU E 57 9.59 -37.99 -31.28
C GLU E 57 10.05 -39.20 -30.46
N ALA E 58 9.75 -40.41 -30.93
CA ALA E 58 10.06 -41.70 -30.24
C ALA E 58 11.58 -41.92 -30.21
N ALA E 59 12.22 -42.01 -31.37
CA ALA E 59 13.64 -42.40 -31.54
C ALA E 59 14.57 -41.29 -31.02
N GLY E 60 14.24 -40.02 -31.25
CA GLY E 60 15.06 -38.87 -30.88
C GLY E 60 16.21 -38.66 -31.86
N TRP E 61 17.34 -38.13 -31.38
CA TRP E 61 18.53 -37.79 -32.20
C TRP E 61 19.52 -38.96 -32.22
N SER E 62 19.96 -39.36 -33.43
CA SER E 62 21.06 -40.33 -33.67
C SER E 62 22.24 -39.58 -34.32
N THR E 63 23.47 -39.98 -33.97
CA THR E 63 24.73 -39.45 -34.57
C THR E 63 24.80 -39.91 -36.03
N TYR E 64 24.98 -38.98 -36.97
CA TYR E 64 25.05 -39.25 -38.44
C TYR E 64 26.50 -39.16 -38.92
N THR E 65 27.18 -38.05 -38.64
CA THR E 65 28.57 -37.79 -39.12
C THR E 65 29.31 -36.83 -38.18
N TYR E 66 30.63 -36.73 -38.39
CA TYR E 66 31.60 -35.96 -37.57
C TYR E 66 32.93 -35.88 -38.33
N SER E 67 33.84 -34.99 -37.94
CA SER E 67 35.17 -34.79 -38.56
C SER E 67 36.12 -35.90 -38.09
N PRO E 68 37.27 -36.13 -38.78
CA PRO E 68 38.28 -37.07 -38.31
C PRO E 68 38.91 -36.65 -36.98
N SER E 69 39.25 -35.35 -36.86
CA SER E 69 39.84 -34.71 -35.65
C SER E 69 38.99 -35.00 -34.41
N TYR E 70 37.69 -35.23 -34.59
CA TYR E 70 36.74 -35.64 -33.53
C TYR E 70 37.15 -37.01 -32.98
N THR E 71 37.36 -37.99 -33.88
CA THR E 71 37.70 -39.40 -33.55
C THR E 71 39.20 -39.51 -33.23
N LYS E 72 40.02 -38.62 -33.78
CA LYS E 72 41.49 -38.55 -33.53
C LYS E 72 41.74 -38.15 -32.07
N ASN E 73 40.92 -37.23 -31.54
CA ASN E 73 41.09 -36.63 -30.18
C ASN E 73 40.04 -37.19 -29.21
N LYS E 74 39.46 -38.36 -29.52
CA LYS E 74 38.51 -39.11 -28.66
C LYS E 74 37.52 -38.14 -27.99
N CYS E 75 36.96 -37.21 -28.75
CA CYS E 75 36.03 -36.14 -28.29
C CYS E 75 34.78 -36.75 -27.66
N ALA E 76 34.30 -37.88 -28.18
CA ALA E 76 33.08 -38.59 -27.75
C ALA E 76 33.07 -38.78 -26.22
N ALA E 77 34.24 -39.04 -25.63
CA ALA E 77 34.42 -39.25 -24.16
C ALA E 77 35.23 -38.10 -23.55
N SER E 78 35.04 -36.87 -24.05
CA SER E 78 35.66 -35.62 -23.51
C SER E 78 34.67 -34.97 -22.55
N THR E 79 35.17 -34.50 -21.38
CA THR E 79 34.36 -33.99 -20.24
C THR E 79 34.46 -32.46 -20.13
N LEU E 80 35.40 -31.85 -20.86
CA LEU E 80 35.65 -30.38 -20.81
C LEU E 80 34.49 -29.63 -21.49
N PRO E 81 34.27 -28.35 -21.16
CA PRO E 81 33.31 -27.52 -21.90
C PRO E 81 33.71 -27.41 -23.38
N THR E 82 32.71 -27.37 -24.28
CA THR E 82 32.88 -27.36 -25.76
C THR E 82 33.57 -26.06 -26.21
N VAL E 83 33.55 -25.02 -25.36
CA VAL E 83 34.08 -23.65 -25.67
C VAL E 83 35.60 -23.74 -25.93
N GLN E 84 36.31 -24.65 -25.24
CA GLN E 84 37.80 -24.71 -25.25
C GLN E 84 38.30 -25.98 -25.96
N THR E 85 37.42 -26.92 -26.30
CA THR E 85 37.75 -28.15 -27.07
C THR E 85 37.24 -28.03 -28.51
N GLU E 86 36.94 -26.80 -28.96
CA GLU E 86 36.17 -26.50 -30.18
C GLU E 86 37.06 -26.69 -31.42
N SER E 87 38.25 -26.09 -31.42
CA SER E 87 39.20 -26.06 -32.56
C SER E 87 39.78 -27.46 -32.83
N LYS E 88 39.63 -28.39 -31.88
CA LYS E 88 40.09 -29.80 -32.00
C LYS E 88 38.92 -30.71 -32.41
N CYS E 89 37.77 -30.59 -31.74
CA CYS E 89 36.56 -31.44 -31.97
C CYS E 89 35.74 -30.92 -33.15
N GLY E 90 35.90 -29.64 -33.52
CA GLY E 90 35.18 -29.00 -34.64
C GLY E 90 33.83 -28.46 -34.19
N ARG E 91 33.30 -27.46 -34.92
CA ARG E 91 31.96 -26.88 -34.69
C ARG E 91 31.21 -26.81 -36.03
N PRO E 92 30.37 -27.82 -36.35
CA PRO E 92 29.64 -27.83 -37.61
C PRO E 92 28.55 -26.75 -37.66
N LEU E 93 28.48 -26.02 -38.77
CA LEU E 93 27.48 -24.95 -39.02
C LEU E 93 26.64 -25.32 -40.24
N GLY E 94 26.99 -24.82 -41.44
CA GLY E 94 26.24 -25.03 -42.69
C GLY E 94 26.11 -26.50 -43.05
N LEU E 95 24.91 -26.93 -43.43
CA LEU E 95 24.61 -28.29 -43.94
C LEU E 95 23.79 -28.18 -45.23
N ARG E 96 24.10 -29.01 -46.23
CA ARG E 96 23.29 -29.18 -47.46
C ARG E 96 23.54 -30.55 -48.06
N PHE E 97 22.47 -31.28 -48.38
CA PHE E 97 22.49 -32.58 -49.12
C PHE E 97 22.52 -32.30 -50.63
N HIS E 98 23.36 -33.03 -51.35
CA HIS E 98 23.31 -33.18 -52.83
C HIS E 98 22.40 -34.38 -53.14
N TYR E 99 21.16 -34.10 -53.58
CA TYR E 99 20.06 -35.10 -53.70
C TYR E 99 20.49 -36.26 -54.60
N LYS E 100 21.17 -35.97 -55.72
CA LYS E 100 21.63 -36.95 -56.74
C LYS E 100 22.46 -38.05 -56.07
N THR E 101 23.59 -37.70 -55.44
CA THR E 101 24.51 -38.62 -54.74
C THR E 101 23.92 -39.05 -53.39
N GLY E 102 23.19 -38.14 -52.73
CA GLY E 102 22.72 -38.30 -51.33
C GLY E 102 23.79 -37.90 -50.33
N ASN E 103 24.87 -37.27 -50.80
CA ASN E 103 26.03 -36.82 -49.98
C ASN E 103 25.63 -35.57 -49.18
N LEU E 104 26.12 -35.47 -47.94
CA LEU E 104 25.96 -34.27 -47.07
C LEU E 104 27.29 -33.51 -47.06
N TYR E 105 27.26 -32.22 -47.42
CA TYR E 105 28.39 -31.27 -47.28
C TYR E 105 28.24 -30.51 -45.95
N ILE E 106 29.35 -30.34 -45.23
CA ILE E 106 29.39 -29.68 -43.89
C ILE E 106 30.40 -28.53 -43.96
N ALA E 107 29.96 -27.31 -43.60
CA ALA E 107 30.81 -26.11 -43.43
C ALA E 107 31.18 -25.96 -41.96
N ASP E 108 32.20 -26.71 -41.52
CA ASP E 108 32.71 -26.72 -40.12
C ASP E 108 33.66 -25.54 -39.93
N ALA E 109 33.37 -24.66 -38.98
CA ALA E 109 34.09 -23.39 -38.71
C ALA E 109 35.58 -23.64 -38.55
N TYR E 110 35.98 -24.80 -38.00
CA TYR E 110 37.38 -25.15 -37.67
C TYR E 110 37.92 -26.18 -38.67
N MET E 111 37.13 -27.20 -39.02
CA MET E 111 37.58 -28.37 -39.82
C MET E 111 37.42 -28.09 -41.33
N GLY E 112 36.90 -26.93 -41.71
CA GLY E 112 36.72 -26.52 -43.13
C GLY E 112 35.57 -27.25 -43.79
N LEU E 113 35.57 -27.30 -45.13
CA LEU E 113 34.52 -27.98 -45.94
C LEU E 113 34.76 -29.49 -45.92
N MET E 114 33.73 -30.26 -45.54
CA MET E 114 33.77 -31.74 -45.41
C MET E 114 32.57 -32.34 -46.16
N ARG E 115 32.60 -33.65 -46.39
CA ARG E 115 31.52 -34.43 -47.07
C ARG E 115 31.48 -35.85 -46.52
N VAL E 116 30.30 -36.49 -46.56
CA VAL E 116 30.08 -37.90 -46.15
C VAL E 116 28.99 -38.51 -47.05
N GLY E 117 29.07 -39.81 -47.32
CA GLY E 117 28.12 -40.54 -48.18
C GLY E 117 26.80 -40.81 -47.47
N PRO E 118 25.76 -41.32 -48.19
CA PRO E 118 24.45 -41.59 -47.60
C PRO E 118 24.46 -42.60 -46.44
N LYS E 119 25.46 -43.50 -46.42
CA LYS E 119 25.61 -44.58 -45.41
C LYS E 119 25.85 -43.97 -44.02
N GLY E 120 26.41 -42.75 -43.96
CA GLY E 120 26.71 -42.03 -42.71
C GLY E 120 28.14 -42.25 -42.27
N GLY E 121 28.37 -42.31 -40.96
CA GLY E 121 29.70 -42.53 -40.36
C GLY E 121 30.60 -41.31 -40.48
N GLU E 122 31.90 -41.49 -40.24
CA GLU E 122 32.92 -40.41 -40.21
C GLU E 122 33.02 -39.75 -41.58
N ALA E 123 33.08 -38.41 -41.60
CA ALA E 123 33.11 -37.57 -42.83
C ALA E 123 34.55 -37.46 -43.35
N THR E 124 34.69 -36.93 -44.57
CA THR E 124 35.97 -36.69 -45.28
C THR E 124 36.15 -35.18 -45.47
N VAL E 125 37.28 -34.63 -45.02
CA VAL E 125 37.68 -33.22 -45.30
C VAL E 125 37.99 -33.10 -46.80
N LEU E 126 37.42 -32.12 -47.49
CA LEU E 126 37.63 -31.87 -48.94
C LEU E 126 38.62 -30.71 -49.12
N ALA E 127 38.52 -29.68 -48.27
CA ALA E 127 39.37 -28.46 -48.32
C ALA E 127 39.49 -27.84 -46.92
N MET E 128 40.72 -27.56 -46.47
CA MET E 128 41.02 -26.83 -45.22
C MET E 128 41.67 -25.48 -45.57
N LYS E 129 41.82 -25.16 -46.86
CA LYS E 129 42.43 -23.90 -47.36
C LYS E 129 41.86 -23.56 -48.74
N ALA E 130 42.16 -22.36 -49.24
CA ALA E 130 41.77 -21.85 -50.58
C ALA E 130 42.71 -20.72 -50.99
N ASP E 131 43.33 -20.82 -52.18
CA ASP E 131 44.38 -19.90 -52.68
C ASP E 131 45.52 -19.84 -51.65
N GLY E 132 45.84 -20.98 -51.03
CA GLY E 132 46.90 -21.10 -50.02
C GLY E 132 46.38 -20.84 -48.61
N VAL E 133 45.62 -19.75 -48.42
CA VAL E 133 45.19 -19.24 -47.09
C VAL E 133 44.27 -20.25 -46.43
N PRO E 134 44.56 -20.69 -45.18
CA PRO E 134 43.69 -21.64 -44.47
C PRO E 134 42.29 -21.10 -44.18
N LEU E 135 41.29 -21.98 -44.14
CA LEU E 135 39.88 -21.66 -43.78
C LEU E 135 39.77 -21.57 -42.25
N ARG E 136 39.59 -20.36 -41.72
CA ARG E 136 39.63 -20.04 -40.25
C ARG E 136 38.23 -20.15 -39.65
N PHE E 137 37.18 -19.77 -40.40
CA PHE E 137 35.79 -19.62 -39.91
C PHE E 137 34.81 -19.96 -41.07
N THR E 138 34.82 -21.23 -41.49
CA THR E 138 33.95 -21.79 -42.56
C THR E 138 32.51 -21.87 -42.06
N ASN E 139 31.59 -21.11 -42.67
CA ASN E 139 30.25 -20.82 -42.08
C ASN E 139 29.14 -21.42 -42.96
N GLY E 140 28.75 -20.74 -44.04
CA GLY E 140 27.57 -21.08 -44.85
C GLY E 140 27.92 -21.99 -46.02
N VAL E 141 26.95 -22.75 -46.52
CA VAL E 141 27.11 -23.64 -47.70
C VAL E 141 25.77 -23.76 -48.45
N ASP E 142 25.84 -23.95 -49.77
CA ASP E 142 24.69 -24.40 -50.61
C ASP E 142 25.25 -25.15 -51.83
N ILE E 143 24.40 -25.93 -52.50
CA ILE E 143 24.78 -26.82 -53.63
C ILE E 143 23.92 -26.47 -54.85
N ASP E 144 24.55 -26.41 -56.02
CA ASP E 144 23.87 -26.49 -57.34
C ASP E 144 23.47 -27.96 -57.56
N GLN E 145 22.19 -28.28 -57.39
CA GLN E 145 21.67 -29.67 -57.42
C GLN E 145 21.76 -30.25 -58.85
N VAL E 146 21.91 -29.38 -59.86
CA VAL E 146 22.06 -29.79 -61.28
C VAL E 146 23.49 -30.32 -61.49
N THR E 147 24.51 -29.50 -61.22
CA THR E 147 25.95 -29.77 -61.51
C THR E 147 26.60 -30.51 -60.32
N GLY E 148 26.24 -30.14 -59.09
CA GLY E 148 26.88 -30.64 -57.85
C GLY E 148 27.93 -29.68 -57.31
N ASP E 149 28.16 -28.57 -58.02
CA ASP E 149 29.05 -27.45 -57.57
C ASP E 149 28.58 -26.98 -56.19
N VAL E 150 29.51 -26.86 -55.24
CA VAL E 150 29.24 -26.43 -53.84
C VAL E 150 29.77 -25.00 -53.66
N TYR E 151 28.95 -24.12 -53.06
CA TYR E 151 29.28 -22.70 -52.78
C TYR E 151 29.19 -22.48 -51.26
N PHE E 152 30.28 -22.01 -50.65
CA PHE E 152 30.44 -21.85 -49.19
C PHE E 152 31.18 -20.55 -48.87
N THR E 153 31.09 -20.12 -47.61
CA THR E 153 31.68 -18.85 -47.10
C THR E 153 32.66 -19.14 -45.96
N ASP E 154 33.73 -18.34 -45.87
CA ASP E 154 34.61 -18.18 -44.68
C ASP E 154 34.40 -16.76 -44.15
N SER E 155 33.82 -16.63 -42.95
CA SER E 155 33.33 -15.35 -42.38
C SER E 155 34.49 -14.40 -42.07
N SER E 156 35.67 -14.93 -41.72
CA SER E 156 36.86 -14.16 -41.34
C SER E 156 38.13 -15.02 -41.43
N MET E 157 39.27 -14.36 -41.71
CA MET E 157 40.63 -14.97 -41.69
C MET E 157 41.24 -14.80 -40.29
N ASN E 158 40.94 -13.69 -39.62
CA ASN E 158 41.54 -13.29 -38.32
C ASN E 158 40.84 -14.05 -37.17
N TYR E 159 39.54 -13.84 -36.99
CA TYR E 159 38.74 -14.31 -35.83
C TYR E 159 38.04 -15.63 -36.19
N GLN E 160 38.02 -16.58 -35.23
CA GLN E 160 37.34 -17.89 -35.35
C GLN E 160 35.92 -17.76 -34.78
N ARG E 161 35.14 -18.85 -34.80
CA ARG E 161 33.69 -18.86 -34.45
C ARG E 161 33.48 -18.37 -33.01
N SER E 162 34.33 -18.80 -32.07
CA SER E 162 34.23 -18.45 -30.62
C SER E 162 34.40 -16.93 -30.43
N GLN E 163 34.97 -16.22 -31.40
CA GLN E 163 35.04 -14.73 -31.45
C GLN E 163 34.18 -14.22 -32.62
N HIS E 164 33.00 -14.78 -32.85
CA HIS E 164 32.08 -14.39 -33.96
C HIS E 164 31.58 -12.96 -33.71
N GLU E 165 31.21 -12.64 -32.47
CA GLU E 165 30.72 -11.29 -32.07
C GLU E 165 31.81 -10.24 -32.31
N GLN E 166 33.08 -10.66 -32.24
CA GLN E 166 34.26 -9.77 -32.44
C GLN E 166 34.37 -9.37 -33.92
N VAL E 167 33.96 -10.27 -34.83
CA VAL E 167 33.97 -10.02 -36.31
C VAL E 167 33.07 -8.81 -36.61
N THR E 168 31.89 -8.76 -36.00
CA THR E 168 30.86 -7.69 -36.16
C THR E 168 31.42 -6.36 -35.64
N ALA E 169 31.87 -6.34 -34.38
CA ALA E 169 32.29 -5.13 -33.63
C ALA E 169 33.49 -4.45 -34.32
N THR E 170 34.45 -5.23 -34.83
CA THR E 170 35.73 -4.74 -35.41
C THR E 170 35.55 -4.35 -36.88
N LYS E 171 34.35 -4.56 -37.45
CA LYS E 171 34.02 -4.28 -38.88
C LYS E 171 35.02 -5.02 -39.79
N ASP E 172 35.21 -6.31 -39.53
CA ASP E 172 36.22 -7.18 -40.19
C ASP E 172 35.78 -7.51 -41.61
N SER E 173 36.59 -7.14 -42.62
CA SER E 173 36.38 -7.42 -44.06
C SER E 173 37.47 -8.37 -44.57
N THR E 174 37.53 -9.58 -44.01
CA THR E 174 38.47 -10.67 -44.42
C THR E 174 37.67 -11.89 -44.88
N GLY E 175 36.38 -11.71 -45.16
CA GLY E 175 35.45 -12.78 -45.55
C GLY E 175 35.62 -13.19 -47.01
N ARG E 176 35.49 -14.48 -47.30
CA ARG E 176 35.67 -15.06 -48.66
C ARG E 176 34.43 -15.87 -49.04
N LEU E 177 33.94 -15.68 -50.28
CA LEU E 177 32.95 -16.54 -50.96
C LEU E 177 33.70 -17.44 -51.95
N MET E 178 33.51 -18.77 -51.86
CA MET E 178 34.31 -19.77 -52.59
C MET E 178 33.41 -20.81 -53.26
N LYS E 179 33.88 -21.35 -54.40
CA LYS E 179 33.27 -22.49 -55.14
C LYS E 179 34.13 -23.73 -54.94
N TYR E 180 33.52 -24.86 -54.61
CA TYR E 180 34.13 -26.21 -54.66
C TYR E 180 33.49 -27.01 -55.81
N ASP E 181 34.32 -27.49 -56.73
CA ASP E 181 33.90 -28.23 -57.96
C ASP E 181 34.17 -29.71 -57.74
N PRO E 182 33.13 -30.58 -57.64
CA PRO E 182 33.32 -31.97 -57.25
C PRO E 182 33.96 -32.85 -58.34
N ARG E 183 33.97 -32.38 -59.59
CA ARG E 183 34.55 -33.08 -60.76
C ARG E 183 36.08 -32.87 -60.77
N THR E 184 36.53 -31.62 -60.60
CA THR E 184 37.98 -31.23 -60.61
C THR E 184 38.52 -31.27 -59.17
N ASN E 185 37.64 -31.28 -58.15
CA ASN E 185 38.01 -31.38 -56.72
C ASN E 185 38.87 -30.18 -56.31
N GLN E 186 38.73 -29.05 -57.02
CA GLN E 186 39.51 -27.81 -56.81
C GLN E 186 38.60 -26.76 -56.16
N VAL E 187 39.15 -25.95 -55.25
CA VAL E 187 38.45 -24.81 -54.58
C VAL E 187 38.86 -23.52 -55.30
N THR E 188 37.89 -22.63 -55.55
CA THR E 188 38.09 -21.33 -56.23
C THR E 188 37.56 -20.22 -55.31
N VAL E 189 38.14 -19.01 -55.40
CA VAL E 189 37.74 -17.81 -54.61
C VAL E 189 37.00 -16.86 -55.56
N LEU E 190 35.67 -16.75 -55.39
CA LEU E 190 34.78 -16.00 -56.29
C LEU E 190 34.78 -14.51 -55.90
N GLN E 191 34.80 -14.22 -54.59
CA GLN E 191 34.85 -12.85 -54.03
C GLN E 191 35.65 -12.88 -52.72
N SER E 192 36.48 -11.86 -52.50
CA SER E 192 37.36 -11.70 -51.30
C SER E 192 37.13 -10.33 -50.66
N ASN E 193 37.55 -10.16 -49.40
CA ASN E 193 37.44 -8.91 -48.61
C ASN E 193 35.96 -8.53 -48.47
N ILE E 194 35.12 -9.49 -48.06
CA ILE E 194 33.67 -9.28 -47.78
C ILE E 194 33.49 -9.10 -46.27
N THR E 195 32.66 -8.15 -45.85
CA THR E 195 32.39 -7.84 -44.42
C THR E 195 31.43 -8.89 -43.84
N TYR E 196 31.98 -9.93 -43.23
CA TYR E 196 31.26 -11.00 -42.47
C TYR E 196 30.25 -11.70 -43.37
N PRO E 197 30.70 -12.52 -44.35
CA PRO E 197 29.80 -13.43 -45.06
C PRO E 197 29.42 -14.57 -44.11
N ASN E 198 28.17 -15.04 -44.19
CA ASN E 198 27.65 -16.16 -43.37
C ASN E 198 26.82 -17.07 -44.28
N GLY E 199 25.50 -16.89 -44.29
CA GLY E 199 24.55 -17.71 -45.08
C GLY E 199 24.74 -17.53 -46.57
N VAL E 200 24.56 -18.61 -47.33
CA VAL E 200 24.60 -18.61 -48.82
C VAL E 200 23.50 -19.55 -49.32
N ALA E 201 22.74 -19.09 -50.31
CA ALA E 201 21.74 -19.88 -51.06
C ALA E 201 21.85 -19.53 -52.55
N MET E 202 21.84 -20.54 -53.42
CA MET E 202 21.75 -20.35 -54.88
C MET E 202 20.30 -20.01 -55.22
N SER E 203 20.08 -19.06 -56.12
CA SER E 203 18.73 -18.68 -56.66
C SER E 203 18.15 -19.87 -57.40
N ALA E 204 16.82 -19.96 -57.46
CA ALA E 204 16.07 -21.06 -58.13
C ALA E 204 16.48 -21.15 -59.60
N ASP E 205 16.71 -20.00 -60.26
CA ASP E 205 17.08 -19.91 -61.69
C ASP E 205 18.58 -20.16 -61.89
N ARG E 206 19.34 -20.28 -60.79
CA ARG E 206 20.73 -20.82 -60.75
C ARG E 206 21.73 -19.87 -61.42
N THR E 207 21.39 -18.58 -61.53
CA THR E 207 22.25 -17.54 -62.18
C THR E 207 23.16 -16.87 -61.15
N HIS E 208 22.72 -16.76 -59.89
CA HIS E 208 23.43 -16.02 -58.81
C HIS E 208 23.32 -16.73 -57.46
N LEU E 209 24.12 -16.29 -56.48
CA LEU E 209 24.05 -16.68 -55.05
C LEU E 209 23.60 -15.49 -54.22
N ILE E 210 22.70 -15.70 -53.26
CA ILE E 210 22.30 -14.69 -52.24
C ILE E 210 23.11 -14.96 -50.96
N VAL E 211 24.05 -14.08 -50.63
CA VAL E 211 24.99 -14.22 -49.47
C VAL E 211 24.58 -13.24 -48.38
N ALA E 212 24.47 -13.72 -47.13
CA ALA E 212 24.12 -12.93 -45.94
C ALA E 212 25.37 -12.28 -45.35
N LEU E 213 25.33 -10.95 -45.15
CA LEU E 213 26.36 -10.18 -44.42
C LEU E 213 25.85 -9.92 -42.99
N THR E 214 26.32 -10.71 -42.02
CA THR E 214 25.84 -10.70 -40.62
C THR E 214 26.00 -9.30 -40.03
N GLY E 215 27.25 -8.84 -39.88
CA GLY E 215 27.61 -7.54 -39.26
C GLY E 215 26.93 -6.36 -39.96
N PRO E 216 27.15 -6.19 -41.29
CA PRO E 216 26.53 -5.07 -42.03
C PRO E 216 25.00 -5.11 -42.13
N CYS E 217 24.35 -6.20 -41.71
CA CYS E 217 22.87 -6.40 -41.72
C CYS E 217 22.33 -6.24 -43.15
N LYS E 218 22.90 -7.01 -44.09
CA LYS E 218 22.57 -6.95 -45.54
C LYS E 218 22.61 -8.35 -46.15
N LEU E 219 21.87 -8.54 -47.25
CA LEU E 219 22.09 -9.62 -48.25
C LEU E 219 22.75 -8.99 -49.48
N MET E 220 23.75 -9.66 -50.06
CA MET E 220 24.37 -9.26 -51.36
C MET E 220 24.19 -10.39 -52.37
N ARG E 221 24.20 -10.05 -53.66
CA ARG E 221 24.01 -10.99 -54.80
C ARG E 221 25.34 -11.11 -55.56
N HIS E 222 25.87 -12.34 -55.63
CA HIS E 222 27.06 -12.70 -56.45
C HIS E 222 26.63 -13.58 -57.62
N TRP E 223 26.88 -13.12 -58.86
CA TRP E 223 26.52 -13.84 -60.12
C TRP E 223 27.53 -14.96 -60.35
N ILE E 224 27.04 -16.14 -60.75
CA ILE E 224 27.88 -17.34 -61.05
C ILE E 224 27.72 -17.78 -62.52
N ARG E 225 26.81 -17.15 -63.27
CA ARG E 225 26.53 -17.49 -64.69
C ARG E 225 26.30 -16.21 -65.51
N GLY E 226 26.58 -16.28 -66.81
CA GLY E 226 26.31 -15.20 -67.79
C GLY E 226 27.35 -14.09 -67.75
N PRO E 227 27.11 -12.96 -68.44
CA PRO E 227 28.10 -11.88 -68.55
C PRO E 227 28.51 -11.25 -67.21
N LYS E 228 27.64 -11.33 -66.18
CA LYS E 228 27.84 -10.67 -64.87
C LYS E 228 28.59 -11.59 -63.89
N THR E 229 28.96 -12.80 -64.31
CA THR E 229 29.70 -13.80 -63.49
C THR E 229 30.88 -13.13 -62.77
N GLY E 230 30.99 -13.31 -61.45
CA GLY E 230 32.09 -12.80 -60.61
C GLY E 230 31.78 -11.47 -59.96
N LYS E 231 30.77 -10.75 -60.46
CA LYS E 231 30.36 -9.41 -59.96
C LYS E 231 29.46 -9.57 -58.74
N SER E 232 29.74 -8.81 -57.68
CA SER E 232 28.91 -8.68 -56.45
C SER E 232 28.21 -7.31 -56.45
N GLU E 233 26.97 -7.27 -55.94
CA GLU E 233 26.16 -6.03 -55.83
C GLU E 233 25.22 -6.14 -54.64
N PRO E 234 24.76 -5.00 -54.06
CA PRO E 234 23.78 -5.02 -52.97
C PRO E 234 22.44 -5.64 -53.42
N PHE E 235 21.88 -6.56 -52.63
CA PHE E 235 20.58 -7.22 -52.90
C PHE E 235 19.47 -6.49 -52.13
N VAL E 236 19.57 -6.47 -50.79
CA VAL E 236 18.59 -5.80 -49.89
C VAL E 236 19.23 -5.55 -48.53
N ASP E 237 18.91 -4.42 -47.90
CA ASP E 237 19.27 -4.07 -46.50
C ASP E 237 18.20 -4.68 -45.57
N LEU E 238 18.62 -5.37 -44.51
CA LEU E 238 17.72 -6.05 -43.54
C LEU E 238 17.69 -5.28 -42.23
N PRO E 239 16.53 -5.24 -41.53
CA PRO E 239 16.43 -4.62 -40.21
C PRO E 239 16.80 -5.58 -39.08
N GLY E 240 17.96 -6.24 -39.22
CA GLY E 240 18.43 -7.31 -38.31
C GLY E 240 19.72 -7.95 -38.82
N TYR E 241 20.36 -8.76 -37.98
CA TYR E 241 21.65 -9.44 -38.25
C TYR E 241 21.38 -10.83 -38.85
N PRO E 242 21.55 -11.01 -40.18
CA PRO E 242 21.23 -12.29 -40.82
C PRO E 242 22.31 -13.36 -40.62
N ASP E 243 21.90 -14.63 -40.57
CA ASP E 243 22.81 -15.81 -40.50
C ASP E 243 22.69 -16.59 -41.81
N ASN E 244 21.83 -17.61 -41.86
CA ASN E 244 21.73 -18.56 -43.00
C ASN E 244 20.62 -18.13 -43.95
N VAL E 245 20.91 -18.20 -45.25
CA VAL E 245 19.95 -18.02 -46.37
C VAL E 245 19.52 -19.43 -46.82
N ARG E 246 18.20 -19.67 -46.91
CA ARG E 246 17.63 -20.95 -47.37
C ARG E 246 16.38 -20.67 -48.21
N PRO E 247 16.17 -21.41 -49.33
CA PRO E 247 14.99 -21.20 -50.17
C PRO E 247 13.71 -21.61 -49.43
N ASP E 248 12.65 -20.81 -49.56
CA ASP E 248 11.33 -21.04 -48.90
C ASP E 248 10.54 -22.12 -49.67
N GLY E 249 11.01 -22.53 -50.85
CA GLY E 249 10.35 -23.52 -51.71
C GLY E 249 9.23 -22.88 -52.53
N LYS E 250 9.20 -21.55 -52.58
CA LYS E 250 8.21 -20.75 -53.36
C LYS E 250 8.95 -19.66 -54.14
N GLY E 251 10.20 -19.93 -54.54
CA GLY E 251 11.01 -19.07 -55.41
C GLY E 251 11.68 -17.93 -54.66
N GLY E 252 11.48 -17.84 -53.34
CA GLY E 252 12.07 -16.81 -52.47
C GLY E 252 13.09 -17.42 -51.52
N TYR E 253 13.38 -16.72 -50.42
CA TYR E 253 14.34 -17.16 -49.38
C TYR E 253 13.78 -16.83 -47.99
N TRP E 254 13.96 -17.75 -47.04
CA TRP E 254 13.82 -17.49 -45.58
C TRP E 254 15.19 -17.09 -45.04
N ILE E 255 15.31 -15.85 -44.54
CA ILE E 255 16.53 -15.29 -43.89
C ILE E 255 16.33 -15.36 -42.37
N ALA E 256 17.22 -16.06 -41.67
CA ALA E 256 17.29 -16.10 -40.19
C ALA E 256 17.94 -14.81 -39.69
N LEU E 257 17.37 -14.21 -38.63
CA LEU E 257 17.89 -12.97 -37.97
C LEU E 257 18.04 -13.24 -36.48
N HIS E 258 19.27 -13.47 -36.00
CA HIS E 258 19.56 -13.84 -34.59
C HIS E 258 19.38 -12.62 -33.68
N ARG E 259 19.45 -11.40 -34.25
CA ARG E 259 19.23 -10.11 -33.53
C ARG E 259 18.48 -9.12 -34.43
N GLU E 260 17.78 -8.17 -33.81
CA GLU E 260 17.21 -6.97 -34.48
C GLU E 260 18.26 -5.85 -34.51
N LYS E 261 18.19 -4.98 -35.51
CA LYS E 261 18.98 -3.72 -35.57
C LYS E 261 18.19 -2.62 -34.87
N TYR E 262 16.85 -2.69 -34.93
CA TYR E 262 15.89 -1.76 -34.28
C TYR E 262 14.90 -2.58 -33.44
N GLU E 263 14.94 -2.43 -32.12
CA GLU E 263 14.01 -3.12 -31.18
C GLU E 263 12.66 -2.38 -31.21
N LEU E 264 11.84 -2.69 -32.21
CA LEU E 264 10.52 -2.03 -32.45
C LEU E 264 9.56 -2.44 -31.34
N PRO E 265 8.84 -1.47 -30.71
CA PRO E 265 7.94 -1.79 -29.60
C PRO E 265 6.65 -2.49 -30.06
N PHE E 266 6.63 -3.83 -29.95
CA PHE E 266 5.48 -4.70 -30.36
C PHE E 266 5.01 -5.56 -29.18
N GLY E 267 5.40 -5.20 -27.95
CA GLY E 267 4.98 -5.91 -26.72
C GLY E 267 5.75 -7.22 -26.53
N PRO E 268 5.25 -8.14 -25.66
CA PRO E 268 6.01 -9.34 -25.28
C PRO E 268 6.04 -10.41 -26.37
N ASP E 269 7.21 -11.02 -26.58
CA ASP E 269 7.47 -12.13 -27.54
C ASP E 269 7.01 -11.72 -28.95
N SER E 270 7.38 -10.52 -29.39
CA SER E 270 7.18 -10.03 -30.78
C SER E 270 8.45 -9.34 -31.27
N HIS E 271 9.60 -10.01 -31.13
CA HIS E 271 10.91 -9.62 -31.72
C HIS E 271 11.00 -10.22 -33.13
N LEU E 272 11.54 -9.45 -34.08
CA LEU E 272 11.77 -9.90 -35.48
C LEU E 272 12.89 -10.95 -35.49
N VAL E 273 12.54 -12.21 -35.75
CA VAL E 273 13.47 -13.38 -35.67
C VAL E 273 13.84 -13.88 -37.07
N ALA E 274 13.00 -13.63 -38.07
CA ALA E 274 13.22 -14.08 -39.48
C ALA E 274 12.50 -13.16 -40.47
N MET E 275 12.99 -13.10 -41.70
CA MET E 275 12.41 -12.33 -42.83
C MET E 275 12.37 -13.21 -44.08
N ARG E 276 11.20 -13.33 -44.71
CA ARG E 276 11.04 -13.97 -46.05
C ARG E 276 11.28 -12.90 -47.12
N VAL E 277 12.15 -13.21 -48.10
CA VAL E 277 12.57 -12.29 -49.19
C VAL E 277 12.27 -12.96 -50.53
N SER E 278 11.89 -12.17 -51.54
CA SER E 278 11.58 -12.62 -52.92
C SER E 278 12.87 -12.69 -53.73
N ALA E 279 12.84 -13.39 -54.87
CA ALA E 279 13.93 -13.42 -55.88
C ALA E 279 14.33 -11.99 -56.25
N GLY E 280 13.36 -11.06 -56.23
CA GLY E 280 13.56 -9.63 -56.57
C GLY E 280 14.21 -8.84 -55.44
N GLY E 281 14.24 -9.39 -54.22
CA GLY E 281 14.89 -8.78 -53.04
C GLY E 281 13.95 -7.87 -52.26
N LYS E 282 12.63 -8.09 -52.38
CA LYS E 282 11.59 -7.36 -51.60
C LYS E 282 11.31 -8.12 -50.30
N LEU E 283 10.97 -7.40 -49.23
CA LEU E 283 10.64 -7.96 -47.90
C LEU E 283 9.17 -8.42 -47.91
N VAL E 284 8.94 -9.72 -48.09
CA VAL E 284 7.62 -10.33 -48.40
C VAL E 284 6.84 -10.58 -47.09
N GLN E 285 7.45 -11.32 -46.16
CA GLN E 285 6.82 -11.78 -44.89
C GLN E 285 7.88 -11.73 -43.78
N GLN E 286 7.44 -11.47 -42.54
CA GLN E 286 8.33 -11.42 -41.35
C GLN E 286 7.84 -12.46 -40.33
N MET E 287 8.74 -12.93 -39.45
CA MET E 287 8.44 -13.90 -38.36
C MET E 287 8.83 -13.26 -37.02
N ARG E 288 7.97 -13.37 -36.02
CA ARG E 288 8.13 -12.74 -34.69
C ARG E 288 7.97 -13.80 -33.59
N GLY E 289 8.82 -13.74 -32.57
CA GLY E 289 8.83 -14.67 -31.42
C GLY E 289 9.64 -14.12 -30.25
N PRO E 290 9.89 -14.93 -29.20
CA PRO E 290 10.67 -14.48 -28.04
C PRO E 290 12.11 -14.13 -28.42
N LYS E 291 12.74 -13.26 -27.62
CA LYS E 291 14.13 -12.76 -27.83
C LYS E 291 15.12 -13.91 -27.69
N SER E 292 14.76 -14.95 -26.92
CA SER E 292 15.62 -16.11 -26.58
C SER E 292 15.85 -17.02 -27.79
N LEU E 293 14.99 -16.97 -28.81
CA LEU E 293 15.05 -17.84 -30.02
C LEU E 293 16.41 -17.64 -30.72
N ARG E 294 16.67 -16.42 -31.21
CA ARG E 294 17.90 -16.04 -31.96
C ARG E 294 18.18 -17.07 -33.05
N PRO E 295 17.30 -17.21 -34.07
CA PRO E 295 17.48 -18.21 -35.11
C PRO E 295 18.69 -17.96 -36.02
N THR E 296 19.38 -19.04 -36.42
CA THR E 296 20.53 -19.02 -37.34
C THR E 296 20.12 -19.59 -38.70
N GLU E 297 19.14 -20.51 -38.75
CA GLU E 297 18.57 -21.06 -40.01
C GLU E 297 17.06 -21.23 -39.88
N VAL E 298 16.32 -20.86 -40.92
CA VAL E 298 14.83 -21.01 -41.02
C VAL E 298 14.54 -21.85 -42.27
N MET E 299 13.82 -22.96 -42.09
CA MET E 299 13.59 -24.00 -43.13
C MET E 299 12.09 -24.32 -43.20
N GLU E 300 11.35 -23.64 -44.08
CA GLU E 300 9.93 -23.96 -44.40
C GLU E 300 9.91 -25.27 -45.19
N ARG E 301 8.85 -26.06 -45.04
CA ARG E 301 8.72 -27.41 -45.62
C ARG E 301 7.32 -27.62 -46.20
N LYS E 302 7.21 -28.61 -47.10
CA LYS E 302 5.99 -28.97 -47.87
C LYS E 302 4.75 -29.01 -46.94
N ASP E 303 4.90 -29.60 -45.75
CA ASP E 303 3.79 -29.86 -44.78
C ASP E 303 3.45 -28.59 -43.98
N GLY E 304 4.00 -27.43 -44.35
CA GLY E 304 3.66 -26.12 -43.75
C GLY E 304 4.38 -25.88 -42.43
N LYS E 305 5.19 -26.83 -41.96
CA LYS E 305 6.04 -26.70 -40.75
C LYS E 305 7.32 -25.93 -41.11
N ILE E 306 7.79 -25.06 -40.22
CA ILE E 306 9.06 -24.28 -40.35
C ILE E 306 10.00 -24.70 -39.22
N TYR E 307 11.06 -25.45 -39.57
CA TYR E 307 12.14 -25.87 -38.62
C TYR E 307 13.13 -24.72 -38.49
N MET E 308 13.57 -24.45 -37.25
CA MET E 308 14.41 -23.28 -36.92
C MET E 308 15.67 -23.74 -36.17
N GLY E 309 16.84 -23.38 -36.71
CA GLY E 309 18.16 -23.63 -36.09
C GLY E 309 18.58 -22.46 -35.21
N ASN E 310 19.56 -22.69 -34.35
CA ASN E 310 20.11 -21.69 -33.39
C ASN E 310 21.52 -22.15 -33.00
N VAL E 311 22.23 -21.40 -32.14
CA VAL E 311 23.60 -21.72 -31.68
C VAL E 311 23.68 -21.64 -30.14
N GLU E 312 22.54 -21.76 -29.44
CA GLU E 312 22.48 -21.56 -27.96
C GLU E 312 21.42 -22.44 -27.30
N LEU E 313 20.36 -22.85 -28.00
CA LEU E 313 19.22 -23.59 -27.39
C LEU E 313 19.48 -25.10 -27.45
N PRO E 314 19.00 -25.87 -26.45
CA PRO E 314 19.23 -27.32 -26.41
C PRO E 314 18.20 -28.12 -27.21
N TYR E 315 17.76 -27.58 -28.36
CA TYR E 315 16.72 -28.20 -29.23
C TYR E 315 16.62 -27.44 -30.56
N VAL E 316 16.00 -28.10 -31.54
CA VAL E 316 15.47 -27.47 -32.79
C VAL E 316 14.02 -27.04 -32.49
N GLY E 317 13.67 -25.81 -32.85
CA GLY E 317 12.29 -25.29 -32.74
C GLY E 317 11.51 -25.55 -34.02
N VAL E 318 10.18 -25.73 -33.91
CA VAL E 318 9.26 -26.01 -35.05
C VAL E 318 7.97 -25.21 -34.83
N VAL E 319 7.59 -24.38 -35.81
CA VAL E 319 6.38 -23.51 -35.77
C VAL E 319 5.39 -23.94 -36.86
N LYS E 320 4.12 -23.55 -36.72
CA LYS E 320 2.98 -23.89 -37.63
C LYS E 320 2.80 -25.41 -37.66
N PHE F 10 -3.51 -11.98 -49.78
CA PHE F 10 -4.90 -11.82 -50.32
C PHE F 10 -5.19 -12.93 -51.34
N LYS F 11 -5.78 -14.03 -50.87
CA LYS F 11 -6.21 -15.18 -51.71
C LYS F 11 -7.40 -14.76 -52.58
N THR F 12 -7.51 -15.31 -53.79
CA THR F 12 -8.62 -15.04 -54.75
C THR F 12 -9.96 -15.35 -54.08
N ILE F 13 -10.94 -14.45 -54.23
CA ILE F 13 -12.29 -14.57 -53.60
C ILE F 13 -13.20 -15.37 -54.56
N ASP F 14 -14.03 -16.25 -53.99
CA ASP F 14 -14.88 -17.23 -54.72
C ASP F 14 -16.34 -16.74 -54.69
N ALA F 15 -16.87 -16.38 -55.86
CA ALA F 15 -18.24 -15.84 -56.04
C ALA F 15 -19.17 -16.90 -56.65
N ARG F 16 -18.71 -18.15 -56.77
CA ARG F 16 -19.49 -19.28 -57.34
C ARG F 16 -20.73 -19.49 -56.47
N ARG F 17 -20.53 -19.66 -55.16
CA ARG F 17 -21.61 -19.71 -54.14
C ARG F 17 -21.82 -18.29 -53.61
N SER F 18 -23.03 -17.74 -53.76
CA SER F 18 -23.38 -16.35 -53.37
C SER F 18 -24.87 -16.28 -53.00
N GLN F 19 -25.20 -15.42 -52.04
CA GLN F 19 -26.60 -15.15 -51.60
C GLN F 19 -27.24 -14.16 -52.58
N HIS F 20 -28.51 -14.41 -52.96
CA HIS F 20 -29.28 -13.58 -53.91
C HIS F 20 -30.39 -12.82 -53.16
N LEU F 21 -30.35 -11.48 -53.21
CA LEU F 21 -31.43 -10.59 -52.73
C LEU F 21 -32.38 -10.29 -53.89
N ASP F 22 -33.36 -11.17 -54.13
CA ASP F 22 -34.33 -11.10 -55.26
C ASP F 22 -35.08 -9.77 -55.23
N LEU F 23 -35.13 -9.07 -56.37
CA LEU F 23 -36.00 -7.88 -56.60
C LEU F 23 -37.41 -8.36 -56.90
N GLY F 24 -38.41 -7.48 -56.74
CA GLY F 24 -39.83 -7.78 -56.98
C GLY F 24 -40.16 -7.77 -58.47
N GLY F 25 -41.33 -8.29 -58.83
CA GLY F 25 -41.89 -8.27 -60.19
C GLY F 25 -40.88 -8.77 -61.23
N SER F 26 -40.57 -7.93 -62.21
CA SER F 26 -39.62 -8.22 -63.33
C SER F 26 -38.45 -7.23 -63.30
N LEU F 27 -38.17 -6.64 -62.13
CA LEU F 27 -37.06 -5.67 -61.93
C LEU F 27 -35.71 -6.41 -62.08
N VAL F 28 -34.79 -5.83 -62.85
CA VAL F 28 -33.39 -6.32 -63.01
C VAL F 28 -32.42 -5.15 -62.92
N GLY F 29 -31.16 -5.45 -62.62
CA GLY F 29 -30.01 -4.53 -62.77
C GLY F 29 -29.88 -3.53 -61.62
N PRO F 30 -29.59 -4.00 -60.39
CA PRO F 30 -29.20 -3.11 -59.30
C PRO F 30 -27.75 -2.67 -59.50
N GLU F 31 -27.52 -1.72 -60.42
CA GLU F 31 -26.17 -1.31 -60.90
C GLU F 31 -25.27 -0.94 -59.71
N SER F 32 -25.78 -0.09 -58.80
CA SER F 32 -25.09 0.35 -57.57
C SER F 32 -25.70 -0.36 -56.34
N VAL F 33 -24.90 -0.56 -55.30
CA VAL F 33 -25.31 -1.17 -54.00
C VAL F 33 -24.83 -0.26 -52.86
N ALA F 34 -25.42 0.93 -52.75
CA ALA F 34 -25.02 2.00 -51.81
C ALA F 34 -25.60 1.71 -50.41
N PHE F 35 -24.85 2.07 -49.37
CA PHE F 35 -25.25 1.97 -47.94
C PHE F 35 -25.21 3.37 -47.33
N ASP F 36 -26.27 3.74 -46.58
CA ASP F 36 -26.44 5.09 -45.98
C ASP F 36 -25.60 5.18 -44.69
N GLY F 37 -25.69 6.31 -43.98
CA GLY F 37 -24.88 6.64 -42.79
C GLY F 37 -25.15 5.69 -41.63
N LYS F 38 -26.35 5.12 -41.54
CA LYS F 38 -26.78 4.18 -40.47
C LYS F 38 -26.31 2.76 -40.82
N GLY F 39 -25.90 2.53 -42.07
CA GLY F 39 -25.48 1.21 -42.59
C GLY F 39 -26.66 0.40 -43.10
N ARG F 40 -27.81 1.06 -43.35
CA ARG F 40 -29.05 0.41 -43.84
C ARG F 40 -28.75 -0.31 -45.16
N GLY F 41 -29.38 -1.47 -45.37
CA GLY F 41 -29.14 -2.42 -46.47
C GLY F 41 -29.01 -1.71 -47.83
N PRO F 42 -28.58 -2.45 -48.88
CA PRO F 42 -28.23 -1.82 -50.15
C PRO F 42 -29.37 -1.01 -50.76
N TYR F 43 -29.08 0.24 -51.13
CA TYR F 43 -29.89 1.09 -52.04
C TYR F 43 -29.39 0.83 -53.47
N SER F 44 -30.29 0.50 -54.39
CA SER F 44 -29.94 0.10 -55.78
C SER F 44 -30.95 0.69 -56.78
N GLY F 45 -30.44 1.40 -57.79
CA GLY F 45 -31.20 1.86 -58.96
C GLY F 45 -31.42 0.72 -59.95
N VAL F 46 -32.68 0.42 -60.28
CA VAL F 46 -33.07 -0.78 -61.07
C VAL F 46 -33.62 -0.33 -62.44
N SER F 47 -33.90 -1.32 -63.31
CA SER F 47 -34.22 -1.17 -64.75
C SER F 47 -35.31 -0.13 -65.01
N ASP F 48 -36.39 -0.14 -64.22
CA ASP F 48 -37.65 0.60 -64.52
C ASP F 48 -37.56 2.06 -64.07
N GLY F 49 -36.48 2.45 -63.37
CA GLY F 49 -36.19 3.85 -63.01
C GLY F 49 -36.19 4.08 -61.51
N ARG F 50 -36.73 3.15 -60.72
CA ARG F 50 -36.83 3.29 -59.24
C ARG F 50 -35.45 3.06 -58.63
N ILE F 51 -35.15 3.78 -57.54
CA ILE F 51 -34.09 3.41 -56.55
C ILE F 51 -34.80 2.64 -55.43
N MET F 52 -34.45 1.37 -55.24
CA MET F 52 -35.03 0.47 -54.23
C MET F 52 -34.09 0.40 -53.03
N ARG F 53 -34.64 0.13 -51.83
CA ARG F 53 -33.88 -0.12 -50.57
C ARG F 53 -34.19 -1.53 -50.09
N TRP F 54 -33.16 -2.25 -49.63
CA TRP F 54 -33.26 -3.61 -49.03
C TRP F 54 -33.52 -3.47 -47.52
N ASN F 55 -34.66 -3.98 -47.05
CA ASN F 55 -35.10 -3.90 -45.64
C ASN F 55 -35.09 -5.32 -45.03
N GLY F 56 -34.03 -6.08 -45.30
CA GLY F 56 -33.87 -7.48 -44.84
C GLY F 56 -34.66 -8.45 -45.69
N GLU F 57 -34.65 -9.73 -45.30
CA GLU F 57 -35.19 -10.87 -46.10
C GLU F 57 -36.72 -10.87 -46.02
N ALA F 58 -37.28 -10.51 -44.86
CA ALA F 58 -38.72 -10.48 -44.56
C ALA F 58 -39.43 -9.47 -45.47
N ALA F 59 -39.17 -8.16 -45.26
CA ALA F 59 -39.85 -7.04 -45.93
C ALA F 59 -39.43 -6.95 -47.40
N GLY F 60 -38.22 -7.40 -47.74
CA GLY F 60 -37.66 -7.37 -49.10
C GLY F 60 -37.26 -5.95 -49.51
N TRP F 61 -37.52 -5.58 -50.77
CA TRP F 61 -37.20 -4.25 -51.35
C TRP F 61 -38.41 -3.33 -51.28
N SER F 62 -38.20 -2.06 -50.92
CA SER F 62 -39.19 -0.96 -50.96
C SER F 62 -38.72 0.14 -51.91
N THR F 63 -39.66 0.87 -52.53
CA THR F 63 -39.39 2.06 -53.38
C THR F 63 -38.92 3.20 -52.47
N TYR F 64 -37.75 3.80 -52.76
CA TYR F 64 -37.11 4.85 -51.94
C TYR F 64 -37.22 6.21 -52.64
N THR F 65 -36.78 6.30 -53.91
CA THR F 65 -36.83 7.55 -54.71
C THR F 65 -36.93 7.22 -56.21
N TYR F 66 -37.20 8.27 -57.01
CA TYR F 66 -37.45 8.22 -58.47
C TYR F 66 -37.43 9.67 -59.00
N SER F 67 -37.36 9.84 -60.33
CA SER F 67 -37.25 11.16 -60.99
C SER F 67 -38.62 11.81 -61.10
N PRO F 68 -38.69 13.17 -61.20
CA PRO F 68 -39.94 13.85 -61.56
C PRO F 68 -40.59 13.31 -62.85
N SER F 69 -39.78 13.05 -63.88
CA SER F 69 -40.22 12.48 -65.19
C SER F 69 -40.98 11.18 -64.96
N TYR F 70 -40.51 10.35 -64.02
CA TYR F 70 -41.12 9.04 -63.64
C TYR F 70 -42.59 9.27 -63.24
N THR F 71 -42.83 10.20 -62.30
CA THR F 71 -44.18 10.57 -61.80
C THR F 71 -45.01 11.18 -62.94
N LYS F 72 -44.40 12.05 -63.74
CA LYS F 72 -45.12 12.91 -64.73
C LYS F 72 -45.43 12.14 -66.02
N ASN F 73 -45.01 10.87 -66.12
CA ASN F 73 -45.25 10.01 -67.32
C ASN F 73 -45.99 8.72 -66.92
N LYS F 74 -46.61 8.70 -65.73
CA LYS F 74 -47.40 7.56 -65.20
C LYS F 74 -46.60 6.26 -65.34
N CYS F 75 -45.28 6.31 -65.11
CA CYS F 75 -44.31 5.20 -65.31
C CYS F 75 -44.66 4.02 -64.40
N ALA F 76 -45.11 4.30 -63.17
CA ALA F 76 -45.46 3.31 -62.12
C ALA F 76 -46.50 2.31 -62.67
N ALA F 77 -47.33 2.73 -63.62
CA ALA F 77 -48.47 1.96 -64.18
C ALA F 77 -48.12 1.35 -65.54
N SER F 78 -47.06 1.84 -66.21
CA SER F 78 -46.63 1.43 -67.57
C SER F 78 -46.43 -0.09 -67.64
N THR F 79 -46.96 -0.73 -68.69
CA THR F 79 -46.90 -2.19 -68.94
C THR F 79 -45.85 -2.52 -70.00
N LEU F 80 -45.35 -1.49 -70.71
CA LEU F 80 -44.44 -1.64 -71.88
C LEU F 80 -43.06 -2.08 -71.39
N PRO F 81 -42.24 -2.77 -72.22
CA PRO F 81 -40.88 -3.14 -71.83
C PRO F 81 -40.05 -1.87 -71.53
N THR F 82 -39.22 -1.94 -70.49
CA THR F 82 -38.49 -0.77 -69.92
C THR F 82 -37.47 -0.23 -70.93
N VAL F 83 -37.09 -1.04 -71.93
CA VAL F 83 -36.17 -0.65 -73.04
C VAL F 83 -36.79 0.53 -73.80
N GLN F 84 -38.11 0.53 -73.99
CA GLN F 84 -38.87 1.58 -74.71
C GLN F 84 -39.05 2.83 -73.84
N THR F 85 -39.41 2.63 -72.56
CA THR F 85 -39.82 3.70 -71.61
C THR F 85 -38.63 4.22 -70.80
N GLU F 86 -37.43 3.71 -71.08
CA GLU F 86 -36.17 4.00 -70.32
C GLU F 86 -35.93 5.51 -70.23
N SER F 87 -36.03 6.22 -71.36
CA SER F 87 -35.66 7.65 -71.52
C SER F 87 -36.73 8.57 -70.91
N LYS F 88 -37.93 8.06 -70.66
CA LYS F 88 -39.05 8.82 -70.00
C LYS F 88 -39.03 8.56 -68.49
N CYS F 89 -38.79 7.31 -68.08
CA CYS F 89 -38.90 6.83 -66.68
C CYS F 89 -37.54 6.93 -65.96
N GLY F 90 -36.44 7.01 -66.72
CA GLY F 90 -35.07 7.15 -66.18
C GLY F 90 -34.43 5.81 -65.93
N ARG F 91 -33.09 5.78 -65.84
CA ARG F 91 -32.29 4.57 -65.52
C ARG F 91 -31.20 4.96 -64.53
N PRO F 92 -31.46 4.88 -63.21
CA PRO F 92 -30.46 5.25 -62.20
C PRO F 92 -29.27 4.28 -62.21
N LEU F 93 -28.05 4.81 -62.19
CA LEU F 93 -26.78 4.03 -62.12
C LEU F 93 -26.07 4.36 -60.80
N GLY F 94 -25.27 5.41 -60.76
CA GLY F 94 -24.42 5.78 -59.60
C GLY F 94 -25.25 6.23 -58.41
N LEU F 95 -24.97 5.67 -57.23
CA LEU F 95 -25.59 6.05 -55.93
C LEU F 95 -24.49 6.33 -54.91
N ARG F 96 -24.63 7.42 -54.15
CA ARG F 96 -23.75 7.74 -52.99
C ARG F 96 -24.51 8.67 -52.03
N PHE F 97 -24.45 8.36 -50.74
CA PHE F 97 -25.03 9.18 -49.63
C PHE F 97 -23.97 10.15 -49.12
N HIS F 98 -24.37 11.41 -48.87
CA HIS F 98 -23.63 12.40 -48.06
C HIS F 98 -24.03 12.20 -46.59
N TYR F 99 -23.17 11.54 -45.80
CA TYR F 99 -23.47 11.04 -44.43
C TYR F 99 -23.97 12.20 -43.54
N LYS F 100 -23.30 13.36 -43.60
CA LYS F 100 -23.57 14.54 -42.74
C LYS F 100 -25.06 14.89 -42.78
N THR F 101 -25.65 14.97 -43.98
CA THR F 101 -27.08 15.33 -44.22
C THR F 101 -27.95 14.07 -44.31
N GLY F 102 -27.38 12.94 -44.74
CA GLY F 102 -28.12 11.71 -45.05
C GLY F 102 -28.84 11.81 -46.39
N ASN F 103 -28.46 12.79 -47.22
CA ASN F 103 -28.98 12.99 -48.60
C ASN F 103 -28.40 11.91 -49.51
N LEU F 104 -29.16 11.50 -50.54
CA LEU F 104 -28.73 10.53 -51.58
C LEU F 104 -28.59 11.26 -52.92
N TYR F 105 -27.40 11.25 -53.51
CA TYR F 105 -27.13 11.75 -54.89
C TYR F 105 -27.26 10.59 -55.87
N ILE F 106 -28.07 10.76 -56.91
CA ILE F 106 -28.37 9.73 -57.95
C ILE F 106 -27.81 10.22 -59.30
N ALA F 107 -26.95 9.41 -59.93
CA ALA F 107 -26.51 9.57 -61.33
C ALA F 107 -27.45 8.76 -62.23
N ASP F 108 -28.43 9.43 -62.85
CA ASP F 108 -29.44 8.80 -63.74
C ASP F 108 -29.02 9.04 -65.20
N ALA F 109 -28.95 7.97 -65.99
CA ALA F 109 -28.46 7.97 -67.39
C ALA F 109 -29.20 9.01 -68.23
N TYR F 110 -30.51 9.19 -68.00
CA TYR F 110 -31.41 10.03 -68.83
C TYR F 110 -31.81 11.32 -68.09
N MET F 111 -31.92 11.29 -66.75
CA MET F 111 -32.48 12.39 -65.93
C MET F 111 -31.37 13.24 -65.31
N GLY F 112 -30.10 12.91 -65.56
CA GLY F 112 -28.93 13.66 -65.05
C GLY F 112 -28.69 13.40 -63.58
N LEU F 113 -27.99 14.32 -62.89
CA LEU F 113 -27.70 14.24 -61.44
C LEU F 113 -28.95 14.64 -60.66
N MET F 114 -29.29 13.89 -59.61
CA MET F 114 -30.47 14.14 -58.73
C MET F 114 -30.06 13.98 -57.27
N ARG F 115 -30.88 14.50 -56.36
CA ARG F 115 -30.72 14.36 -54.88
C ARG F 115 -32.10 14.20 -54.24
N VAL F 116 -32.15 13.51 -53.09
CA VAL F 116 -33.38 13.30 -52.28
C VAL F 116 -32.98 13.23 -50.80
N GLY F 117 -33.81 13.79 -49.91
CA GLY F 117 -33.55 13.84 -48.46
C GLY F 117 -33.67 12.46 -47.82
N PRO F 118 -33.41 12.32 -46.50
CA PRO F 118 -33.56 11.04 -45.81
C PRO F 118 -34.99 10.48 -45.79
N LYS F 119 -35.99 11.35 -45.92
CA LYS F 119 -37.44 11.00 -45.92
C LYS F 119 -37.79 10.11 -47.12
N GLY F 120 -37.06 10.27 -48.24
CA GLY F 120 -37.32 9.56 -49.51
C GLY F 120 -38.29 10.33 -50.38
N GLY F 121 -38.97 9.64 -51.30
CA GLY F 121 -39.97 10.23 -52.22
C GLY F 121 -39.32 10.78 -53.47
N GLU F 122 -40.10 11.53 -54.27
CA GLU F 122 -39.67 12.10 -55.58
C GLU F 122 -38.36 12.86 -55.39
N ALA F 123 -37.35 12.56 -56.22
CA ALA F 123 -36.01 13.19 -56.20
C ALA F 123 -36.10 14.58 -56.86
N THR F 124 -35.07 15.40 -56.63
CA THR F 124 -34.89 16.75 -57.24
C THR F 124 -33.74 16.70 -58.25
N VAL F 125 -33.97 17.14 -59.49
CA VAL F 125 -32.95 17.24 -60.57
C VAL F 125 -32.07 18.46 -60.25
N LEU F 126 -30.74 18.27 -60.20
CA LEU F 126 -29.75 19.34 -59.90
C LEU F 126 -29.07 19.80 -61.20
N ALA F 127 -28.73 18.87 -62.08
CA ALA F 127 -28.02 19.12 -63.36
C ALA F 127 -28.59 18.24 -64.47
N MET F 128 -29.03 18.87 -65.57
CA MET F 128 -29.51 18.22 -66.81
C MET F 128 -28.46 18.41 -67.92
N LYS F 129 -27.67 19.48 -67.84
CA LYS F 129 -26.57 19.81 -68.79
C LYS F 129 -25.32 20.25 -68.01
N ALA F 130 -24.18 20.33 -68.71
CA ALA F 130 -22.90 20.88 -68.18
C ALA F 130 -22.24 21.73 -69.27
N ASP F 131 -21.93 23.00 -68.95
CA ASP F 131 -21.38 24.01 -69.89
C ASP F 131 -22.26 24.07 -71.15
N GLY F 132 -23.58 24.19 -70.95
CA GLY F 132 -24.57 24.38 -72.03
C GLY F 132 -24.66 23.19 -72.99
N VAL F 133 -24.12 22.03 -72.61
CA VAL F 133 -24.21 20.75 -73.39
C VAL F 133 -24.95 19.73 -72.53
N PRO F 134 -26.04 19.12 -73.04
CA PRO F 134 -26.83 18.16 -72.24
C PRO F 134 -26.02 16.97 -71.70
N LEU F 135 -26.45 16.44 -70.54
CA LEU F 135 -25.97 15.15 -69.98
C LEU F 135 -26.82 14.02 -70.57
N ARG F 136 -26.18 13.09 -71.27
CA ARG F 136 -26.85 12.04 -72.08
C ARG F 136 -26.64 10.65 -71.46
N PHE F 137 -25.64 10.48 -70.59
CA PHE F 137 -25.23 9.17 -70.02
C PHE F 137 -24.54 9.40 -68.67
N THR F 138 -25.24 10.03 -67.72
CA THR F 138 -24.78 10.26 -66.33
C THR F 138 -24.67 8.90 -65.63
N ASN F 139 -23.46 8.50 -65.22
CA ASN F 139 -23.14 7.10 -64.82
C ASN F 139 -22.62 7.07 -63.37
N GLY F 140 -21.36 7.47 -63.15
CA GLY F 140 -20.65 7.32 -61.87
C GLY F 140 -20.82 8.54 -60.99
N VAL F 141 -20.66 8.37 -59.68
CA VAL F 141 -20.77 9.47 -58.67
C VAL F 141 -20.01 9.07 -57.40
N ASP F 142 -19.50 10.06 -56.67
CA ASP F 142 -18.97 9.91 -55.29
C ASP F 142 -18.96 11.30 -54.62
N ILE F 143 -18.81 11.34 -53.30
CA ILE F 143 -18.93 12.59 -52.48
C ILE F 143 -17.70 12.70 -51.56
N ASP F 144 -17.09 13.89 -51.53
CA ASP F 144 -16.17 14.32 -50.45
C ASP F 144 -17.03 14.54 -49.20
N GLN F 145 -16.98 13.59 -48.25
CA GLN F 145 -17.84 13.58 -47.04
C GLN F 145 -17.59 14.84 -46.20
N VAL F 146 -16.37 15.38 -46.25
CA VAL F 146 -15.93 16.56 -45.45
C VAL F 146 -16.60 17.83 -45.99
N THR F 147 -16.48 18.10 -47.30
CA THR F 147 -16.97 19.34 -47.97
C THR F 147 -18.41 19.16 -48.49
N GLY F 148 -18.80 17.92 -48.80
CA GLY F 148 -20.10 17.61 -49.43
C GLY F 148 -20.08 17.84 -50.92
N ASP F 149 -18.91 18.17 -51.50
CA ASP F 149 -18.70 18.32 -52.96
C ASP F 149 -19.03 16.99 -53.64
N VAL F 150 -19.69 17.03 -54.79
CA VAL F 150 -20.15 15.83 -55.55
C VAL F 150 -19.36 15.76 -56.86
N TYR F 151 -18.78 14.60 -57.16
CA TYR F 151 -18.02 14.30 -58.40
C TYR F 151 -18.75 13.16 -59.12
N PHE F 152 -19.04 13.37 -60.41
CA PHE F 152 -19.83 12.44 -61.26
C PHE F 152 -19.32 12.50 -62.69
N THR F 153 -19.64 11.46 -63.48
CA THR F 153 -19.19 11.28 -64.88
C THR F 153 -20.39 11.30 -65.84
N ASP F 154 -20.15 11.72 -67.08
CA ASP F 154 -21.03 11.46 -68.25
C ASP F 154 -20.23 10.60 -69.23
N SER F 155 -20.67 9.37 -69.51
CA SER F 155 -19.93 8.34 -70.28
C SER F 155 -19.74 8.79 -71.73
N SER F 156 -20.70 9.52 -72.31
CA SER F 156 -20.69 10.00 -73.71
C SER F 156 -21.60 11.22 -73.89
N MET F 157 -21.25 12.09 -74.83
CA MET F 157 -22.09 13.25 -75.27
C MET F 157 -23.07 12.77 -76.36
N ASN F 158 -22.74 11.67 -77.04
CA ASN F 158 -23.36 11.27 -78.34
C ASN F 158 -24.07 9.91 -78.25
N TYR F 159 -23.94 9.18 -77.14
CA TYR F 159 -24.57 7.85 -76.94
C TYR F 159 -25.29 7.81 -75.58
N GLN F 160 -26.50 7.22 -75.56
CA GLN F 160 -27.29 6.96 -74.33
C GLN F 160 -26.85 5.62 -73.72
N ARG F 161 -27.37 5.29 -72.54
CA ARG F 161 -27.01 4.06 -71.78
C ARG F 161 -27.27 2.82 -72.64
N SER F 162 -28.36 2.81 -73.41
CA SER F 162 -28.82 1.67 -74.25
C SER F 162 -27.78 1.36 -75.36
N GLN F 163 -26.89 2.31 -75.65
CA GLN F 163 -25.86 2.19 -76.72
C GLN F 163 -24.46 2.15 -76.09
N HIS F 164 -24.32 1.59 -74.87
CA HIS F 164 -23.05 1.53 -74.11
C HIS F 164 -22.01 0.70 -74.87
N GLU F 165 -22.45 -0.33 -75.61
CA GLU F 165 -21.57 -1.18 -76.46
C GLU F 165 -20.99 -0.34 -77.60
N GLN F 166 -21.76 0.61 -78.12
CA GLN F 166 -21.36 1.50 -79.25
C GLN F 166 -20.27 2.47 -78.77
N VAL F 167 -20.36 2.93 -77.52
CA VAL F 167 -19.35 3.84 -76.88
C VAL F 167 -17.99 3.15 -76.91
N THR F 168 -17.96 1.84 -76.59
CA THR F 168 -16.74 1.01 -76.55
C THR F 168 -16.30 0.65 -77.97
N ALA F 169 -17.21 0.13 -78.79
CA ALA F 169 -16.95 -0.36 -80.16
C ALA F 169 -16.31 0.74 -81.01
N THR F 170 -16.82 1.97 -80.91
CA THR F 170 -16.39 3.15 -81.72
C THR F 170 -15.19 3.85 -81.06
N LYS F 171 -14.91 3.56 -79.79
CA LYS F 171 -13.87 4.23 -78.96
C LYS F 171 -14.24 5.71 -78.80
N ASP F 172 -15.51 6.00 -78.52
CA ASP F 172 -16.02 7.36 -78.25
C ASP F 172 -15.21 7.99 -77.11
N SER F 173 -14.76 9.23 -77.29
CA SER F 173 -13.97 10.00 -76.30
C SER F 173 -14.60 11.39 -76.10
N THR F 174 -15.86 11.42 -75.69
CA THR F 174 -16.67 12.66 -75.46
C THR F 174 -17.17 12.69 -74.01
N GLY F 175 -16.63 11.83 -73.14
CA GLY F 175 -17.02 11.71 -71.72
C GLY F 175 -16.49 12.87 -70.90
N ARG F 176 -17.17 13.20 -69.80
CA ARG F 176 -16.84 14.35 -68.90
C ARG F 176 -16.78 13.87 -67.44
N LEU F 177 -15.78 14.36 -66.70
CA LEU F 177 -15.72 14.29 -65.21
C LEU F 177 -16.05 15.68 -64.66
N MET F 178 -17.09 15.79 -63.84
CA MET F 178 -17.66 17.09 -63.38
C MET F 178 -17.75 17.10 -61.85
N LYS F 179 -17.63 18.29 -61.26
CA LYS F 179 -17.90 18.58 -59.83
C LYS F 179 -19.24 19.33 -59.74
N TYR F 180 -20.14 18.87 -58.87
CA TYR F 180 -21.32 19.65 -58.40
C TYR F 180 -21.03 20.17 -56.99
N ASP F 181 -21.21 21.48 -56.78
CA ASP F 181 -20.90 22.20 -55.52
C ASP F 181 -22.22 22.61 -54.88
N PRO F 182 -22.63 21.97 -53.75
CA PRO F 182 -23.97 22.17 -53.19
C PRO F 182 -24.17 23.54 -52.51
N ARG F 183 -23.09 24.29 -52.27
CA ARG F 183 -23.13 25.67 -51.71
C ARG F 183 -23.52 26.65 -52.82
N THR F 184 -22.77 26.65 -53.94
CA THR F 184 -22.99 27.54 -55.11
C THR F 184 -24.11 26.99 -56.00
N ASN F 185 -24.34 25.68 -56.00
CA ASN F 185 -25.40 25.01 -56.79
C ASN F 185 -25.01 25.07 -58.28
N GLN F 186 -23.74 24.81 -58.59
CA GLN F 186 -23.13 25.02 -59.94
C GLN F 186 -22.34 23.76 -60.35
N VAL F 187 -22.42 23.40 -61.64
CA VAL F 187 -21.69 22.24 -62.25
C VAL F 187 -20.42 22.79 -62.94
N THR F 188 -19.25 22.29 -62.52
CA THR F 188 -17.93 22.60 -63.14
C THR F 188 -17.42 21.34 -63.86
N VAL F 189 -17.00 21.48 -65.12
CA VAL F 189 -16.36 20.41 -65.94
C VAL F 189 -14.86 20.40 -65.63
N LEU F 190 -14.39 19.36 -64.95
CA LEU F 190 -12.99 19.20 -64.49
C LEU F 190 -12.13 18.63 -65.62
N GLN F 191 -12.71 17.75 -66.44
CA GLN F 191 -12.03 17.01 -67.53
C GLN F 191 -13.07 16.59 -68.57
N SER F 192 -12.82 16.90 -69.85
CA SER F 192 -13.66 16.48 -71.01
C SER F 192 -12.82 15.61 -71.96
N ASN F 193 -13.47 15.04 -72.97
CA ASN F 193 -12.84 14.20 -74.03
C ASN F 193 -12.22 12.94 -73.40
N ILE F 194 -12.88 12.39 -72.37
CA ILE F 194 -12.47 11.12 -71.69
C ILE F 194 -13.06 9.95 -72.49
N THR F 195 -12.30 8.86 -72.62
CA THR F 195 -12.71 7.64 -73.35
C THR F 195 -13.56 6.76 -72.42
N TYR F 196 -14.87 7.03 -72.39
CA TYR F 196 -15.91 6.24 -71.66
C TYR F 196 -15.58 6.22 -70.17
N PRO F 197 -15.68 7.37 -69.46
CA PRO F 197 -15.60 7.38 -68.00
C PRO F 197 -16.89 6.77 -67.43
N ASN F 198 -16.76 5.96 -66.37
CA ASN F 198 -17.90 5.29 -65.68
C ASN F 198 -17.73 5.51 -64.17
N GLY F 199 -17.18 4.53 -63.45
CA GLY F 199 -16.95 4.59 -61.99
C GLY F 199 -16.08 5.78 -61.61
N VAL F 200 -16.32 6.34 -60.44
CA VAL F 200 -15.52 7.44 -59.84
C VAL F 200 -15.55 7.28 -58.32
N ALA F 201 -14.39 7.33 -57.67
CA ALA F 201 -14.24 7.27 -56.20
C ALA F 201 -13.16 8.26 -55.78
N MET F 202 -13.42 9.06 -54.73
CA MET F 202 -12.41 9.94 -54.11
C MET F 202 -11.40 9.06 -53.37
N SER F 203 -10.14 9.49 -53.32
CA SER F 203 -9.05 8.83 -52.56
C SER F 203 -9.33 8.97 -51.06
N ALA F 204 -8.80 8.05 -50.25
CA ALA F 204 -8.86 8.11 -48.77
C ALA F 204 -8.23 9.42 -48.30
N ASP F 205 -7.10 9.82 -48.90
CA ASP F 205 -6.33 11.05 -48.55
C ASP F 205 -7.00 12.30 -49.17
N ARG F 206 -8.04 12.12 -50.00
CA ARG F 206 -8.97 13.19 -50.48
C ARG F 206 -8.26 14.17 -51.42
N THR F 207 -7.15 13.76 -52.06
CA THR F 207 -6.31 14.62 -52.94
C THR F 207 -6.71 14.44 -54.41
N HIS F 208 -7.28 13.29 -54.77
CA HIS F 208 -7.58 12.93 -56.18
C HIS F 208 -8.79 12.01 -56.28
N LEU F 209 -9.35 11.87 -57.49
CA LEU F 209 -10.42 10.91 -57.86
C LEU F 209 -9.79 9.78 -58.69
N ILE F 210 -10.25 8.54 -58.49
CA ILE F 210 -9.91 7.37 -59.36
C ILE F 210 -11.13 7.08 -60.24
N VAL F 211 -11.02 7.40 -61.54
CA VAL F 211 -12.11 7.24 -62.55
C VAL F 211 -11.84 5.96 -63.35
N ALA F 212 -12.87 5.14 -63.54
CA ALA F 212 -12.84 3.93 -64.39
C ALA F 212 -13.13 4.33 -65.85
N LEU F 213 -12.39 3.74 -66.80
CA LEU F 213 -12.61 3.89 -68.27
C LEU F 213 -13.00 2.52 -68.82
N THR F 214 -14.30 2.31 -69.08
CA THR F 214 -14.88 1.00 -69.45
C THR F 214 -14.25 0.49 -70.75
N GLY F 215 -14.39 1.24 -71.85
CA GLY F 215 -13.88 0.89 -73.18
C GLY F 215 -12.38 0.58 -73.15
N PRO F 216 -11.52 1.55 -72.75
CA PRO F 216 -10.06 1.33 -72.68
C PRO F 216 -9.58 0.22 -71.73
N CYS F 217 -10.40 -0.20 -70.75
CA CYS F 217 -10.06 -1.20 -69.71
C CYS F 217 -8.94 -0.63 -68.82
N LYS F 218 -9.15 0.56 -68.27
CA LYS F 218 -8.16 1.33 -67.48
C LYS F 218 -8.85 2.07 -66.33
N LEU F 219 -8.07 2.43 -65.30
CA LEU F 219 -8.40 3.50 -64.32
C LEU F 219 -7.48 4.69 -64.61
N MET F 220 -7.99 5.91 -64.45
CA MET F 220 -7.17 7.15 -64.49
C MET F 220 -7.27 7.86 -63.13
N ARG F 221 -6.26 8.63 -62.77
CA ARG F 221 -6.24 9.51 -61.58
C ARG F 221 -6.47 10.94 -62.05
N HIS F 222 -7.47 11.63 -61.47
CA HIS F 222 -7.69 13.09 -61.62
C HIS F 222 -7.49 13.77 -60.28
N TRP F 223 -6.52 14.69 -60.20
CA TRP F 223 -6.18 15.46 -58.97
C TRP F 223 -7.20 16.60 -58.80
N ILE F 224 -7.71 16.77 -57.58
CA ILE F 224 -8.75 17.79 -57.22
C ILE F 224 -8.19 18.76 -56.17
N ARG F 225 -6.99 18.49 -55.62
CA ARG F 225 -6.30 19.33 -54.61
C ARG F 225 -4.81 19.39 -54.93
N GLY F 226 -4.13 20.47 -54.48
CA GLY F 226 -2.67 20.63 -54.57
C GLY F 226 -2.25 21.23 -55.91
N PRO F 227 -0.94 21.28 -56.21
CA PRO F 227 -0.44 21.88 -57.46
C PRO F 227 -1.00 21.24 -58.73
N LYS F 228 -1.32 19.95 -58.70
CA LYS F 228 -1.69 19.13 -59.89
C LYS F 228 -3.20 19.14 -60.12
N THR F 229 -3.96 19.93 -59.36
CA THR F 229 -5.44 20.11 -59.51
C THR F 229 -5.77 20.31 -61.00
N GLY F 230 -6.69 19.52 -61.54
CA GLY F 230 -7.19 19.62 -62.92
C GLY F 230 -6.48 18.68 -63.88
N LYS F 231 -5.37 18.08 -63.47
CA LYS F 231 -4.55 17.17 -64.32
C LYS F 231 -5.05 15.73 -64.17
N SER F 232 -5.36 15.08 -65.30
CA SER F 232 -5.63 13.62 -65.42
C SER F 232 -4.34 12.91 -65.81
N GLU F 233 -4.19 11.64 -65.42
CA GLU F 233 -3.01 10.80 -65.79
C GLU F 233 -3.39 9.33 -65.63
N PRO F 234 -2.69 8.40 -66.32
CA PRO F 234 -2.90 6.97 -66.11
C PRO F 234 -2.74 6.58 -64.64
N PHE F 235 -3.43 5.52 -64.21
CA PHE F 235 -3.35 4.95 -62.84
C PHE F 235 -2.90 3.50 -62.95
N VAL F 236 -3.70 2.65 -63.61
CA VAL F 236 -3.38 1.22 -63.85
C VAL F 236 -4.17 0.74 -65.07
N ASP F 237 -3.66 -0.28 -65.77
CA ASP F 237 -4.36 -1.00 -66.86
C ASP F 237 -4.98 -2.26 -66.25
N LEU F 238 -6.28 -2.49 -66.51
CA LEU F 238 -7.05 -3.65 -65.97
C LEU F 238 -7.27 -4.67 -67.09
N PRO F 239 -7.18 -5.98 -66.79
CA PRO F 239 -7.46 -7.02 -67.78
C PRO F 239 -8.97 -7.33 -67.87
N GLY F 240 -9.79 -6.28 -67.97
CA GLY F 240 -11.26 -6.36 -67.93
C GLY F 240 -11.88 -4.98 -68.10
N TYR F 241 -13.19 -4.93 -68.39
CA TYR F 241 -13.97 -3.69 -68.64
C TYR F 241 -14.50 -3.16 -67.31
N PRO F 242 -13.88 -2.10 -66.74
CA PRO F 242 -14.28 -1.59 -65.43
C PRO F 242 -15.57 -0.74 -65.46
N ASP F 243 -16.42 -0.91 -64.44
CA ASP F 243 -17.65 -0.08 -64.26
C ASP F 243 -17.42 0.84 -63.05
N ASN F 244 -17.98 0.51 -61.88
CA ASN F 244 -17.96 1.41 -60.70
C ASN F 244 -16.70 1.17 -59.87
N VAL F 245 -16.10 2.25 -59.37
CA VAL F 245 -14.98 2.28 -58.39
C VAL F 245 -15.58 2.62 -57.02
N ARG F 246 -15.23 1.85 -55.99
CA ARG F 246 -15.69 2.09 -54.59
C ARG F 246 -14.55 1.71 -53.64
N PRO F 247 -14.39 2.43 -52.50
CA PRO F 247 -13.38 2.07 -51.50
C PRO F 247 -13.65 0.67 -50.93
N ASP F 248 -12.58 -0.07 -50.61
CA ASP F 248 -12.64 -1.44 -50.03
C ASP F 248 -12.70 -1.34 -48.49
N GLY F 249 -12.55 -0.13 -47.94
CA GLY F 249 -12.60 0.13 -46.49
C GLY F 249 -11.25 -0.13 -45.82
N LYS F 250 -10.21 -0.38 -46.61
CA LYS F 250 -8.84 -0.69 -46.12
C LYS F 250 -7.80 0.10 -46.93
N GLY F 251 -8.17 1.27 -47.46
CA GLY F 251 -7.25 2.23 -48.11
C GLY F 251 -7.28 2.13 -49.63
N GLY F 252 -7.71 0.99 -50.18
CA GLY F 252 -7.73 0.72 -51.63
C GLY F 252 -9.12 0.91 -52.23
N TYR F 253 -9.40 0.21 -53.33
CA TYR F 253 -10.68 0.27 -54.07
C TYR F 253 -11.03 -1.13 -54.59
N TRP F 254 -12.32 -1.47 -54.60
CA TRP F 254 -12.90 -2.61 -55.36
C TRP F 254 -13.39 -2.09 -56.72
N ILE F 255 -12.82 -2.61 -57.81
CA ILE F 255 -13.22 -2.29 -59.21
C ILE F 255 -14.09 -3.45 -59.72
N ALA F 256 -15.32 -3.16 -60.12
CA ALA F 256 -16.25 -4.11 -60.76
C ALA F 256 -15.83 -4.30 -62.23
N LEU F 257 -15.69 -5.54 -62.67
CA LEU F 257 -15.33 -5.90 -64.08
C LEU F 257 -16.50 -6.70 -64.68
N HIS F 258 -17.33 -6.07 -65.51
CA HIS F 258 -18.56 -6.69 -66.09
C HIS F 258 -18.15 -7.73 -67.15
N ARG F 259 -17.06 -7.47 -67.89
CA ARG F 259 -16.48 -8.40 -68.89
C ARG F 259 -14.97 -8.56 -68.65
N GLU F 260 -14.45 -9.77 -68.91
CA GLU F 260 -12.99 -10.05 -69.03
C GLU F 260 -12.50 -9.50 -70.36
N LYS F 261 -11.28 -8.96 -70.40
CA LYS F 261 -10.61 -8.54 -71.67
C LYS F 261 -10.02 -9.77 -72.34
N TYR F 262 -9.60 -10.76 -71.54
CA TYR F 262 -9.04 -12.07 -71.97
C TYR F 262 -9.75 -13.18 -71.20
N GLU F 263 -10.37 -14.13 -71.92
CA GLU F 263 -11.05 -15.30 -71.32
C GLU F 263 -9.99 -16.36 -70.97
N LEU F 264 -9.24 -16.12 -69.88
CA LEU F 264 -8.14 -17.00 -69.40
C LEU F 264 -8.74 -18.32 -68.94
N PRO F 265 -8.33 -19.46 -69.54
CA PRO F 265 -8.96 -20.76 -69.24
C PRO F 265 -8.53 -21.31 -67.87
N PHE F 266 -9.35 -21.04 -66.84
CA PHE F 266 -9.18 -21.55 -65.45
C PHE F 266 -10.27 -22.57 -65.12
N GLY F 267 -10.98 -23.05 -66.15
CA GLY F 267 -12.08 -24.03 -66.01
C GLY F 267 -13.45 -23.35 -65.91
N PRO F 268 -14.47 -24.05 -65.36
CA PRO F 268 -15.84 -23.53 -65.36
C PRO F 268 -16.16 -22.63 -64.15
N ASP F 269 -16.83 -21.50 -64.40
CA ASP F 269 -17.25 -20.50 -63.38
C ASP F 269 -16.04 -20.00 -62.60
N SER F 270 -14.95 -19.66 -63.32
CA SER F 270 -13.70 -19.07 -62.76
C SER F 270 -13.28 -17.87 -63.61
N HIS F 271 -14.25 -17.02 -63.96
CA HIS F 271 -14.05 -15.77 -64.76
C HIS F 271 -13.76 -14.61 -63.81
N LEU F 272 -12.76 -13.78 -64.15
CA LEU F 272 -12.40 -12.53 -63.42
C LEU F 272 -13.58 -11.58 -63.48
N VAL F 273 -14.18 -11.25 -62.33
CA VAL F 273 -15.43 -10.43 -62.22
C VAL F 273 -15.15 -9.14 -61.45
N ALA F 274 -14.11 -9.09 -60.60
CA ALA F 274 -13.71 -7.88 -59.85
C ALA F 274 -12.22 -7.91 -59.52
N MET F 275 -11.66 -6.75 -59.16
CA MET F 275 -10.23 -6.57 -58.79
C MET F 275 -10.11 -5.54 -57.67
N ARG F 276 -9.44 -5.91 -56.57
CA ARG F 276 -9.02 -4.96 -55.49
C ARG F 276 -7.72 -4.28 -55.95
N VAL F 277 -7.71 -2.95 -55.94
CA VAL F 277 -6.53 -2.11 -56.31
C VAL F 277 -6.17 -1.25 -55.11
N SER F 278 -4.87 -1.08 -54.84
CA SER F 278 -4.32 -0.26 -53.72
C SER F 278 -4.39 1.23 -54.09
N ALA F 279 -4.19 2.09 -53.09
CA ALA F 279 -4.13 3.57 -53.25
C ALA F 279 -3.02 3.92 -54.26
N GLY F 280 -1.94 3.13 -54.28
CA GLY F 280 -0.77 3.31 -55.17
C GLY F 280 -1.03 2.80 -56.57
N GLY F 281 -2.08 2.01 -56.77
CA GLY F 281 -2.55 1.55 -58.10
C GLY F 281 -2.00 0.17 -58.46
N LYS F 282 -1.69 -0.67 -57.47
CA LYS F 282 -1.17 -2.05 -57.67
C LYS F 282 -2.32 -3.04 -57.54
N LEU F 283 -2.24 -4.18 -58.25
CA LEU F 283 -3.26 -5.26 -58.25
C LEU F 283 -3.03 -6.12 -57.00
N VAL F 284 -3.96 -6.07 -56.04
CA VAL F 284 -3.82 -6.65 -54.67
C VAL F 284 -4.56 -7.99 -54.60
N GLN F 285 -5.80 -8.03 -55.09
CA GLN F 285 -6.69 -9.21 -55.00
C GLN F 285 -7.62 -9.25 -56.22
N GLN F 286 -8.06 -10.45 -56.61
CA GLN F 286 -9.01 -10.66 -57.73
C GLN F 286 -10.19 -11.50 -57.21
N MET F 287 -11.36 -11.33 -57.83
CA MET F 287 -12.60 -12.10 -57.54
C MET F 287 -12.99 -12.86 -58.82
N ARG F 288 -13.34 -14.15 -58.67
CA ARG F 288 -13.67 -15.05 -59.80
C ARG F 288 -14.97 -15.80 -59.50
N GLY F 289 -15.82 -15.94 -60.51
CA GLY F 289 -17.14 -16.59 -60.41
C GLY F 289 -17.78 -16.78 -61.79
N PRO F 290 -19.08 -17.15 -61.85
CA PRO F 290 -19.77 -17.36 -63.12
C PRO F 290 -19.75 -16.11 -64.01
N LYS F 291 -19.67 -16.31 -65.33
CA LYS F 291 -19.63 -15.22 -66.35
C LYS F 291 -20.89 -14.35 -66.23
N SER F 292 -22.01 -14.94 -65.78
CA SER F 292 -23.35 -14.29 -65.73
C SER F 292 -23.43 -13.19 -64.67
N LEU F 293 -22.48 -13.13 -63.72
CA LEU F 293 -22.45 -12.11 -62.64
C LEU F 293 -22.35 -10.70 -63.22
N ARG F 294 -21.52 -10.52 -64.27
CA ARG F 294 -21.23 -9.22 -64.94
C ARG F 294 -21.34 -8.07 -63.93
N PRO F 295 -20.50 -8.04 -62.86
CA PRO F 295 -20.62 -7.03 -61.81
C PRO F 295 -20.39 -5.60 -62.32
N THR F 296 -21.17 -4.65 -61.78
CA THR F 296 -21.09 -3.20 -62.08
C THR F 296 -20.61 -2.43 -60.84
N GLU F 297 -20.85 -2.96 -59.64
CA GLU F 297 -20.33 -2.38 -58.37
C GLU F 297 -20.01 -3.53 -57.39
N VAL F 298 -18.90 -3.39 -56.64
CA VAL F 298 -18.45 -4.35 -55.59
C VAL F 298 -18.23 -3.55 -54.30
N MET F 299 -19.05 -3.82 -53.28
CA MET F 299 -19.14 -3.04 -52.02
C MET F 299 -18.80 -3.95 -50.83
N GLU F 300 -17.55 -3.94 -50.38
CA GLU F 300 -17.10 -4.66 -49.15
C GLU F 300 -17.54 -3.85 -47.92
N ARG F 301 -18.02 -4.54 -46.88
CA ARG F 301 -18.57 -3.95 -45.64
C ARG F 301 -17.81 -4.53 -44.43
N LYS F 302 -18.03 -3.97 -43.24
CA LYS F 302 -17.31 -4.35 -41.99
C LYS F 302 -17.61 -5.81 -41.66
N ASP F 303 -18.86 -6.26 -41.91
CA ASP F 303 -19.39 -7.60 -41.53
C ASP F 303 -18.64 -8.72 -42.29
N GLY F 304 -17.88 -8.37 -43.33
CA GLY F 304 -17.10 -9.33 -44.15
C GLY F 304 -17.80 -9.65 -45.45
N LYS F 305 -19.09 -9.35 -45.55
CA LYS F 305 -19.94 -9.55 -46.75
C LYS F 305 -19.53 -8.54 -47.83
N ILE F 306 -19.54 -8.97 -49.10
CA ILE F 306 -19.24 -8.12 -50.29
C ILE F 306 -20.47 -8.11 -51.20
N TYR F 307 -21.20 -6.99 -51.22
CA TYR F 307 -22.43 -6.78 -52.04
C TYR F 307 -21.99 -6.43 -53.47
N MET F 308 -22.68 -7.00 -54.46
CA MET F 308 -22.30 -6.88 -55.89
C MET F 308 -23.53 -6.44 -56.71
N GLY F 309 -23.40 -5.36 -57.47
CA GLY F 309 -24.43 -4.84 -58.38
C GLY F 309 -24.25 -5.38 -59.78
N ASN F 310 -25.23 -5.13 -60.66
CA ASN F 310 -25.25 -5.60 -62.07
C ASN F 310 -26.35 -4.84 -62.83
N VAL F 311 -26.54 -5.11 -64.12
CA VAL F 311 -27.57 -4.42 -64.96
C VAL F 311 -28.55 -5.41 -65.59
N GLU F 312 -28.33 -6.73 -65.46
CA GLU F 312 -29.12 -7.75 -66.20
C GLU F 312 -29.79 -8.78 -65.27
N LEU F 313 -29.27 -9.03 -64.07
CA LEU F 313 -29.78 -10.09 -63.15
C LEU F 313 -30.91 -9.53 -62.27
N PRO F 314 -31.86 -10.37 -61.82
CA PRO F 314 -32.99 -9.93 -61.02
C PRO F 314 -32.74 -9.97 -59.50
N TYR F 315 -31.53 -9.60 -59.07
CA TYR F 315 -31.10 -9.61 -57.64
C TYR F 315 -29.75 -8.93 -57.48
N VAL F 316 -29.46 -8.52 -56.24
CA VAL F 316 -28.09 -8.21 -55.73
C VAL F 316 -27.48 -9.53 -55.24
N GLY F 317 -26.18 -9.73 -55.47
CA GLY F 317 -25.42 -10.89 -54.98
C GLY F 317 -24.56 -10.52 -53.77
N VAL F 318 -24.40 -11.45 -52.82
CA VAL F 318 -23.53 -11.30 -51.62
C VAL F 318 -22.57 -12.49 -51.56
N VAL F 319 -21.27 -12.22 -51.41
CA VAL F 319 -20.18 -13.25 -51.32
C VAL F 319 -19.41 -13.03 -50.01
N LYS F 320 -18.41 -13.90 -49.75
CA LYS F 320 -17.64 -13.97 -48.47
C LYS F 320 -18.61 -14.27 -47.31
N PHE G 10 -7.93 -28.69 -70.78
CA PHE G 10 -6.49 -28.27 -70.75
C PHE G 10 -6.20 -27.48 -69.48
N LYS G 11 -5.72 -28.17 -68.43
CA LYS G 11 -5.28 -27.58 -67.14
C LYS G 11 -4.01 -26.75 -67.36
N THR G 12 -3.84 -25.67 -66.58
CA THR G 12 -2.65 -24.78 -66.59
C THR G 12 -1.39 -25.64 -66.42
N ILE G 13 -0.38 -25.42 -67.26
CA ILE G 13 0.92 -26.16 -67.22
C ILE G 13 1.82 -25.51 -66.15
N ASP G 14 2.44 -26.34 -65.32
CA ASP G 14 3.29 -25.94 -64.16
C ASP G 14 4.76 -25.92 -64.62
N ALA G 15 5.35 -24.72 -64.72
CA ALA G 15 6.74 -24.50 -65.20
C ALA G 15 7.65 -24.04 -64.05
N ARG G 16 7.23 -24.25 -62.79
CA ARG G 16 8.05 -23.92 -61.58
C ARG G 16 9.29 -24.82 -61.57
N ARG G 17 9.08 -26.14 -61.55
CA ARG G 17 10.16 -27.15 -61.65
C ARG G 17 10.36 -27.50 -63.12
N SER G 18 11.59 -27.34 -63.63
CA SER G 18 11.97 -27.54 -65.05
C SER G 18 13.40 -28.09 -65.13
N GLN G 19 13.67 -28.95 -66.12
CA GLN G 19 15.02 -29.50 -66.42
C GLN G 19 15.82 -28.41 -67.15
N HIS G 20 17.08 -28.22 -66.75
CA HIS G 20 18.01 -27.20 -67.29
C HIS G 20 19.07 -27.87 -68.17
N LEU G 21 19.13 -27.50 -69.45
CA LEU G 21 20.22 -27.91 -70.38
C LEU G 21 21.29 -26.82 -70.37
N ASP G 22 22.27 -26.95 -69.45
CA ASP G 22 23.33 -25.94 -69.20
C ASP G 22 24.15 -25.71 -70.47
N LEU G 23 24.21 -24.46 -70.93
CA LEU G 23 25.22 -23.98 -71.91
C LEU G 23 26.55 -23.82 -71.18
N GLY G 24 27.67 -24.12 -71.86
CA GLY G 24 29.03 -24.00 -71.28
C GLY G 24 29.48 -22.55 -71.19
N GLY G 25 30.71 -22.33 -70.72
CA GLY G 25 31.35 -21.00 -70.62
C GLY G 25 30.45 -20.00 -69.92
N SER G 26 30.26 -18.83 -70.54
CA SER G 26 29.39 -17.72 -70.05
C SER G 26 28.27 -17.44 -71.06
N LEU G 27 27.92 -18.45 -71.87
CA LEU G 27 26.86 -18.39 -72.91
C LEU G 27 25.50 -18.21 -72.22
N VAL G 28 24.65 -17.32 -72.75
CA VAL G 28 23.26 -17.10 -72.26
C VAL G 28 22.33 -16.92 -73.47
N GLY G 29 21.03 -17.16 -73.25
CA GLY G 29 19.94 -16.73 -74.14
C GLY G 29 19.83 -17.58 -75.40
N PRO G 30 19.43 -18.87 -75.28
CA PRO G 30 19.05 -19.66 -76.45
C PRO G 30 17.65 -19.25 -76.93
N GLU G 31 17.55 -18.10 -77.61
CA GLU G 31 16.27 -17.41 -77.96
C GLU G 31 15.27 -18.41 -78.56
N SER G 32 15.71 -19.24 -79.50
CA SER G 32 14.90 -20.28 -80.18
C SER G 32 15.39 -21.68 -79.78
N VAL G 33 14.53 -22.70 -79.97
CA VAL G 33 14.81 -24.13 -79.65
C VAL G 33 14.27 -24.98 -80.80
N ALA G 34 15.01 -25.05 -81.90
CA ALA G 34 14.62 -25.71 -83.17
C ALA G 34 15.00 -27.20 -83.13
N PHE G 35 14.22 -28.02 -83.84
CA PHE G 35 14.43 -29.49 -84.00
C PHE G 35 14.40 -29.84 -85.49
N ASP G 36 15.44 -30.54 -85.96
CA ASP G 36 15.59 -30.92 -87.40
C ASP G 36 14.68 -32.12 -87.70
N GLY G 37 14.62 -32.52 -88.97
CA GLY G 37 13.71 -33.56 -89.49
C GLY G 37 13.94 -34.92 -88.84
N LYS G 38 15.15 -35.18 -88.34
CA LYS G 38 15.52 -36.42 -87.60
C LYS G 38 15.23 -36.24 -86.11
N GLY G 39 14.71 -35.07 -85.72
CA GLY G 39 14.28 -34.75 -84.34
C GLY G 39 15.45 -34.67 -83.38
N ARG G 40 16.64 -34.31 -83.86
CA ARG G 40 17.87 -34.13 -83.03
C ARG G 40 17.63 -32.99 -82.03
N GLY G 41 18.17 -33.12 -80.81
CA GLY G 41 17.98 -32.22 -79.66
C GLY G 41 18.03 -30.75 -80.05
N PRO G 42 17.61 -29.83 -79.16
CA PRO G 42 17.38 -28.43 -79.54
C PRO G 42 18.61 -27.75 -80.17
N TYR G 43 18.38 -27.04 -81.29
CA TYR G 43 19.32 -26.06 -81.88
C TYR G 43 18.91 -24.66 -81.42
N SER G 44 19.88 -23.89 -80.90
CA SER G 44 19.63 -22.56 -80.26
C SER G 44 20.72 -21.57 -80.64
N GLY G 45 20.33 -20.36 -81.05
CA GLY G 45 21.22 -19.21 -81.23
C GLY G 45 21.48 -18.51 -79.90
N VAL G 46 22.75 -18.41 -79.49
CA VAL G 46 23.18 -17.92 -78.14
C VAL G 46 23.84 -16.55 -78.29
N SER G 47 24.23 -15.94 -77.15
CA SER G 47 24.62 -14.51 -77.02
C SER G 47 25.89 -14.17 -77.82
N ASP G 48 26.80 -15.14 -78.02
CA ASP G 48 28.15 -14.89 -78.61
C ASP G 48 28.12 -15.05 -80.14
N GLY G 49 26.94 -15.28 -80.73
CA GLY G 49 26.72 -15.30 -82.19
C GLY G 49 26.53 -16.71 -82.74
N ARG G 50 26.94 -17.74 -82.01
CA ARG G 50 26.93 -19.16 -82.47
C ARG G 50 25.50 -19.71 -82.41
N ILE G 51 25.21 -20.67 -83.31
CA ILE G 51 24.04 -21.58 -83.21
C ILE G 51 24.57 -22.92 -82.67
N MET G 52 24.24 -23.25 -81.41
CA MET G 52 24.70 -24.47 -80.70
C MET G 52 23.65 -25.57 -80.89
N ARG G 53 24.06 -26.83 -80.69
CA ARG G 53 23.17 -28.02 -80.77
C ARG G 53 23.36 -28.88 -79.52
N TRP G 54 22.24 -29.28 -78.89
CA TRP G 54 22.21 -30.21 -77.71
C TRP G 54 22.31 -31.65 -78.20
N ASN G 55 23.23 -32.43 -77.63
CA ASN G 55 23.52 -33.84 -78.01
C ASN G 55 23.36 -34.76 -76.79
N GLY G 56 22.59 -34.34 -75.79
CA GLY G 56 22.32 -35.09 -74.55
C GLY G 56 23.14 -34.58 -73.38
N GLU G 57 22.83 -35.06 -72.16
CA GLU G 57 23.46 -34.61 -70.89
C GLU G 57 24.98 -34.81 -70.96
N ALA G 58 25.42 -35.99 -71.36
CA ALA G 58 26.85 -36.41 -71.40
C ALA G 58 27.62 -35.53 -72.40
N ALA G 59 27.18 -35.50 -73.65
CA ALA G 59 27.86 -34.83 -74.79
C ALA G 59 27.79 -33.31 -74.66
N GLY G 60 26.68 -32.79 -74.14
CA GLY G 60 26.45 -31.33 -73.98
C GLY G 60 26.20 -30.64 -75.30
N TRP G 61 26.48 -29.34 -75.37
CA TRP G 61 26.29 -28.49 -76.59
C TRP G 61 27.54 -28.55 -77.48
N SER G 62 27.34 -28.60 -78.80
CA SER G 62 28.39 -28.48 -79.84
C SER G 62 28.03 -27.35 -80.81
N THR G 63 29.03 -26.61 -81.30
CA THR G 63 28.87 -25.55 -82.33
C THR G 63 28.39 -26.19 -83.63
N TYR G 64 27.28 -25.68 -84.19
CA TYR G 64 26.67 -26.20 -85.45
C TYR G 64 26.91 -25.20 -86.61
N THR G 65 26.69 -23.90 -86.37
CA THR G 65 26.84 -22.85 -87.41
C THR G 65 27.02 -21.46 -86.78
N TYR G 66 27.30 -20.48 -87.62
CA TYR G 66 27.72 -19.09 -87.27
C TYR G 66 27.83 -18.28 -88.58
N SER G 67 27.91 -16.95 -88.48
CA SER G 67 27.96 -16.02 -89.64
C SER G 67 29.38 -15.95 -90.20
N PRO G 68 29.57 -15.51 -91.47
CA PRO G 68 30.89 -15.19 -91.99
C PRO G 68 31.64 -14.18 -91.09
N SER G 69 30.93 -13.12 -90.66
CA SER G 69 31.46 -12.05 -89.78
C SER G 69 32.07 -12.64 -88.51
N TYR G 70 31.47 -13.71 -87.97
CA TYR G 70 31.97 -14.45 -86.78
C TYR G 70 33.40 -14.94 -87.04
N THR G 71 33.64 -15.55 -88.20
CA THR G 71 34.96 -16.07 -88.64
C THR G 71 35.87 -14.89 -89.01
N LYS G 72 35.35 -13.94 -89.80
CA LYS G 72 36.09 -12.79 -90.38
C LYS G 72 36.70 -11.94 -89.26
N ASN G 73 36.01 -11.78 -88.13
CA ASN G 73 36.38 -10.87 -87.01
C ASN G 73 36.95 -11.67 -85.82
N LYS G 74 37.35 -12.93 -86.05
CA LYS G 74 38.02 -13.81 -85.05
C LYS G 74 37.27 -13.78 -83.72
N CYS G 75 35.94 -13.95 -83.76
CA CYS G 75 35.02 -13.82 -82.61
C CYS G 75 35.23 -14.96 -81.60
N ALA G 76 35.72 -16.12 -82.06
CA ALA G 76 36.00 -17.31 -81.23
C ALA G 76 37.05 -16.98 -80.15
N ALA G 77 37.96 -16.05 -80.45
CA ALA G 77 39.10 -15.64 -79.59
C ALA G 77 38.75 -14.40 -78.77
N SER G 78 37.66 -13.71 -79.11
CA SER G 78 37.23 -12.43 -78.48
C SER G 78 36.90 -12.65 -77.00
N THR G 79 37.38 -11.75 -76.13
CA THR G 79 37.23 -11.83 -74.66
C THR G 79 36.42 -10.63 -74.12
N LEU G 80 35.90 -9.78 -75.02
CA LEU G 80 35.03 -8.62 -74.66
C LEU G 80 33.63 -9.13 -74.34
N PRO G 81 32.85 -8.44 -73.48
CA PRO G 81 31.44 -8.79 -73.29
C PRO G 81 30.73 -8.89 -74.65
N THR G 82 29.82 -9.86 -74.80
CA THR G 82 29.15 -10.21 -76.09
C THR G 82 28.30 -9.02 -76.57
N VAL G 83 27.84 -8.17 -75.66
CA VAL G 83 26.97 -6.98 -75.95
C VAL G 83 27.73 -6.01 -76.88
N GLN G 84 29.04 -5.85 -76.66
CA GLN G 84 29.90 -4.88 -77.40
C GLN G 84 30.27 -5.42 -78.78
N THR G 85 30.45 -6.74 -78.90
CA THR G 85 30.93 -7.44 -80.12
C THR G 85 29.75 -8.02 -80.90
N GLU G 86 28.52 -7.70 -80.48
CA GLU G 86 27.25 -8.31 -80.96
C GLU G 86 27.07 -8.02 -82.46
N SER G 87 27.27 -6.76 -82.86
CA SER G 87 27.06 -6.24 -84.24
C SER G 87 28.08 -6.86 -85.21
N LYS G 88 29.24 -7.27 -84.71
CA LYS G 88 30.37 -7.82 -85.51
C LYS G 88 30.36 -9.36 -85.48
N CYS G 89 29.88 -9.97 -84.38
CA CYS G 89 29.86 -11.44 -84.18
C CYS G 89 28.46 -12.01 -84.46
N GLY G 90 27.43 -11.15 -84.45
CA GLY G 90 26.04 -11.53 -84.74
C GLY G 90 25.28 -11.91 -83.49
N ARG G 91 23.94 -11.93 -83.57
CA ARG G 91 23.03 -12.39 -82.50
C ARG G 91 21.92 -13.23 -83.14
N PRO G 92 22.11 -14.56 -83.27
CA PRO G 92 21.10 -15.43 -83.88
C PRO G 92 19.84 -15.53 -83.00
N LEU G 93 18.67 -15.25 -83.58
CA LEU G 93 17.35 -15.35 -82.92
C LEU G 93 16.55 -16.50 -83.54
N GLY G 94 15.85 -16.25 -84.66
CA GLY G 94 14.94 -17.22 -85.30
C GLY G 94 15.70 -18.38 -85.93
N LEU G 95 15.25 -19.61 -85.66
CA LEU G 95 15.76 -20.86 -86.29
C LEU G 95 14.58 -21.68 -86.81
N ARG G 96 14.75 -22.34 -87.96
CA ARG G 96 13.77 -23.30 -88.55
C ARG G 96 14.48 -24.13 -89.61
N PHE G 97 14.30 -25.45 -89.56
CA PHE G 97 14.82 -26.43 -90.56
C PHE G 97 13.79 -26.58 -91.69
N HIS G 98 14.28 -26.59 -92.93
CA HIS G 98 13.55 -27.09 -94.14
C HIS G 98 13.78 -28.60 -94.22
N TYR G 99 12.78 -29.38 -93.81
CA TYR G 99 12.87 -30.86 -93.62
C TYR G 99 13.42 -31.54 -94.88
N LYS G 100 12.89 -31.17 -96.06
CA LYS G 100 13.23 -31.79 -97.37
C LYS G 100 14.74 -31.74 -97.60
N THR G 101 15.36 -30.56 -97.46
CA THR G 101 16.80 -30.31 -97.74
C THR G 101 17.66 -30.63 -96.51
N GLY G 102 17.10 -30.49 -95.31
CA GLY G 102 17.83 -30.56 -94.03
C GLY G 102 18.56 -29.27 -93.73
N ASN G 103 18.30 -28.21 -94.51
CA ASN G 103 18.92 -26.86 -94.35
C ASN G 103 18.32 -26.19 -93.11
N LEU G 104 19.12 -25.33 -92.46
CA LEU G 104 18.69 -24.46 -91.33
C LEU G 104 18.78 -23.00 -91.78
N TYR G 105 17.64 -22.29 -91.81
CA TYR G 105 17.57 -20.82 -92.01
C TYR G 105 17.67 -20.14 -90.65
N ILE G 106 18.52 -19.11 -90.54
CA ILE G 106 18.77 -18.36 -89.28
C ILE G 106 18.37 -16.90 -89.50
N ALA G 107 17.55 -16.36 -88.60
CA ALA G 107 17.19 -14.93 -88.52
C ALA G 107 18.09 -14.25 -87.48
N ASP G 108 19.27 -13.80 -87.90
CA ASP G 108 20.31 -13.18 -87.05
C ASP G 108 20.09 -11.67 -87.04
N ALA G 109 19.94 -11.08 -85.85
CA ALA G 109 19.56 -9.66 -85.62
C ALA G 109 20.36 -8.73 -86.53
N TYR G 110 21.68 -8.94 -86.60
CA TYR G 110 22.66 -8.02 -87.25
C TYR G 110 23.08 -8.56 -88.62
N MET G 111 23.23 -9.88 -88.77
CA MET G 111 23.82 -10.53 -89.98
C MET G 111 22.74 -10.84 -91.02
N GLY G 112 21.46 -10.63 -90.69
CA GLY G 112 20.31 -10.84 -91.60
C GLY G 112 19.92 -12.31 -91.69
N LEU G 113 19.14 -12.67 -92.70
CA LEU G 113 18.67 -14.06 -92.95
C LEU G 113 19.82 -14.88 -93.55
N MET G 114 20.28 -15.92 -92.82
CA MET G 114 21.39 -16.82 -93.23
C MET G 114 20.85 -18.24 -93.43
N ARG G 115 21.69 -19.13 -93.98
CA ARG G 115 21.38 -20.57 -94.17
C ARG G 115 22.67 -21.39 -94.14
N VAL G 116 22.57 -22.65 -93.68
CA VAL G 116 23.68 -23.65 -93.65
C VAL G 116 23.10 -25.01 -94.05
N GLY G 117 23.91 -25.85 -94.69
CA GLY G 117 23.53 -27.21 -95.12
C GLY G 117 23.38 -28.17 -93.93
N PRO G 118 22.87 -29.40 -94.15
CA PRO G 118 22.67 -30.35 -93.06
C PRO G 118 23.95 -30.90 -92.41
N LYS G 119 25.13 -30.60 -92.98
CA LYS G 119 26.45 -30.96 -92.40
C LYS G 119 26.91 -29.85 -91.43
N GLY G 120 26.21 -28.71 -91.42
CA GLY G 120 26.53 -27.57 -90.54
C GLY G 120 27.77 -26.83 -91.03
N GLY G 121 28.47 -26.13 -90.13
CA GLY G 121 29.64 -25.29 -90.43
C GLY G 121 29.24 -23.84 -90.65
N GLU G 122 30.14 -23.03 -91.20
CA GLU G 122 29.91 -21.59 -91.51
C GLU G 122 28.66 -21.46 -92.41
N ALA G 123 27.74 -20.57 -92.04
CA ALA G 123 26.48 -20.31 -92.77
C ALA G 123 26.74 -19.33 -93.92
N THR G 124 25.76 -19.20 -94.83
CA THR G 124 25.76 -18.27 -95.99
C THR G 124 24.69 -17.20 -95.77
N VAL G 125 25.08 -15.92 -95.86
CA VAL G 125 24.15 -14.76 -95.83
C VAL G 125 23.33 -14.78 -97.13
N LEU G 126 21.99 -14.80 -97.02
CA LEU G 126 21.04 -14.85 -98.18
C LEU G 126 20.40 -13.47 -98.39
N ALA G 127 20.27 -12.66 -97.33
CA ALA G 127 19.65 -11.31 -97.39
C ALA G 127 20.15 -10.45 -96.24
N MET G 128 20.67 -9.26 -96.55
CA MET G 128 21.03 -8.18 -95.58
C MET G 128 20.18 -6.94 -95.84
N LYS G 129 19.23 -7.01 -96.78
CA LYS G 129 18.36 -5.86 -97.19
C LYS G 129 17.06 -6.38 -97.81
N ALA G 130 16.09 -5.49 -98.01
CA ALA G 130 14.77 -5.76 -98.64
C ALA G 130 14.24 -4.48 -99.30
N ASP G 131 14.12 -4.49 -100.63
CA ASP G 131 13.72 -3.32 -101.47
C ASP G 131 14.68 -2.16 -101.21
N GLY G 132 15.98 -2.45 -101.05
CA GLY G 132 17.07 -1.46 -100.93
C GLY G 132 17.38 -1.08 -99.49
N VAL G 133 16.41 -1.23 -98.58
CA VAL G 133 16.54 -0.83 -97.14
C VAL G 133 17.18 -1.97 -96.37
N PRO G 134 18.35 -1.76 -95.72
CA PRO G 134 19.02 -2.82 -94.96
C PRO G 134 18.18 -3.39 -93.79
N LEU G 135 18.36 -4.68 -93.49
CA LEU G 135 17.77 -5.38 -92.33
C LEU G 135 18.63 -5.07 -91.10
N ARG G 136 17.99 -4.57 -90.03
CA ARG G 136 18.66 -4.04 -88.81
C ARG G 136 18.36 -4.95 -87.59
N PHE G 137 17.17 -5.57 -87.56
CA PHE G 137 16.65 -6.36 -86.41
C PHE G 137 15.89 -7.59 -86.93
N THR G 138 16.57 -8.41 -87.75
CA THR G 138 16.03 -9.68 -88.31
C THR G 138 15.79 -10.66 -87.15
N ASN G 139 14.53 -11.04 -86.91
CA ASN G 139 14.09 -11.67 -85.63
C ASN G 139 13.47 -13.05 -85.89
N GLY G 140 12.20 -13.10 -86.30
CA GLY G 140 11.41 -14.34 -86.41
C GLY G 140 11.51 -14.97 -87.79
N VAL G 141 11.28 -16.28 -87.88
CA VAL G 141 11.37 -17.06 -89.15
C VAL G 141 10.50 -18.32 -89.04
N ASP G 142 9.93 -18.74 -90.17
CA ASP G 142 9.30 -20.07 -90.36
C ASP G 142 9.33 -20.41 -91.86
N ILE G 143 9.23 -21.70 -92.18
CA ILE G 143 9.37 -22.24 -93.57
C ILE G 143 8.09 -22.99 -93.93
N ASP G 144 7.52 -22.69 -95.10
CA ASP G 144 6.52 -23.55 -95.78
C ASP G 144 7.25 -24.83 -96.22
N GLN G 145 7.01 -25.95 -95.52
CA GLN G 145 7.77 -27.22 -95.70
C GLN G 145 7.49 -27.84 -97.07
N VAL G 146 6.36 -27.49 -97.69
CA VAL G 146 5.95 -27.97 -99.05
C VAL G 146 6.78 -27.23 -100.11
N THR G 147 6.60 -25.91 -100.21
CA THR G 147 7.22 -25.04 -101.26
C THR G 147 8.71 -24.82 -100.96
N GLY G 148 9.06 -24.70 -99.68
CA GLY G 148 10.42 -24.30 -99.22
C GLY G 148 10.53 -22.80 -99.04
N ASP G 149 9.43 -22.06 -99.22
CA ASP G 149 9.36 -20.58 -99.06
C ASP G 149 9.64 -20.22 -97.60
N VAL G 150 10.43 -19.16 -97.38
CA VAL G 150 10.89 -18.70 -96.04
C VAL G 150 10.24 -17.34 -95.74
N TYR G 151 9.50 -17.27 -94.63
CA TYR G 151 8.84 -16.03 -94.14
C TYR G 151 9.56 -15.61 -92.84
N PHE G 152 9.98 -14.35 -92.76
CA PHE G 152 10.79 -13.81 -91.63
C PHE G 152 10.40 -12.35 -91.36
N THR G 153 10.76 -11.84 -90.17
CA THR G 153 10.42 -10.48 -89.69
C THR G 153 11.71 -9.66 -89.48
N ASP G 154 11.57 -8.33 -89.55
CA ASP G 154 12.59 -7.34 -89.12
C ASP G 154 11.89 -6.37 -88.17
N SER G 155 12.18 -6.46 -86.87
CA SER G 155 11.41 -5.83 -85.76
C SER G 155 11.41 -4.30 -85.86
N SER G 156 12.46 -3.70 -86.44
CA SER G 156 12.62 -2.22 -86.51
C SER G 156 13.67 -1.82 -87.56
N MET G 157 13.53 -0.61 -88.10
CA MET G 157 14.54 0.08 -88.95
C MET G 157 15.28 1.14 -88.11
N ASN G 158 14.77 1.48 -86.93
CA ASN G 158 15.24 2.61 -86.09
C ASN G 158 16.05 2.11 -84.89
N TYR G 159 16.05 0.80 -84.60
CA TYR G 159 16.67 0.20 -83.40
C TYR G 159 17.23 -1.20 -83.71
N GLN G 160 18.38 -1.53 -83.10
CA GLN G 160 19.02 -2.86 -83.16
C GLN G 160 18.62 -3.66 -81.91
N ARG G 161 18.93 -4.97 -81.88
CA ARG G 161 18.44 -5.94 -80.87
C ARG G 161 18.78 -5.46 -79.45
N SER G 162 19.95 -4.83 -79.26
CA SER G 162 20.44 -4.32 -77.94
C SER G 162 19.47 -3.26 -77.40
N GLN G 163 18.73 -2.58 -78.29
CA GLN G 163 17.72 -1.53 -77.94
C GLN G 163 16.30 -2.06 -78.19
N HIS G 164 16.06 -3.35 -77.94
CA HIS G 164 14.74 -4.03 -78.16
C HIS G 164 13.67 -3.38 -77.27
N GLU G 165 14.05 -2.94 -76.07
CA GLU G 165 13.15 -2.28 -75.08
C GLU G 165 12.67 -0.93 -75.62
N GLN G 166 13.48 -0.26 -76.44
CA GLN G 166 13.19 1.10 -76.98
C GLN G 166 12.15 1.03 -78.10
N VAL G 167 12.05 -0.12 -78.80
CA VAL G 167 11.05 -0.37 -79.88
C VAL G 167 9.66 -0.26 -79.26
N THR G 168 9.42 -1.00 -78.16
CA THR G 168 8.17 -1.02 -77.35
C THR G 168 7.87 0.40 -76.84
N ALA G 169 8.85 1.04 -76.18
CA ALA G 169 8.70 2.31 -75.42
C ALA G 169 8.27 3.46 -76.33
N THR G 170 8.83 3.55 -77.54
CA THR G 170 8.58 4.64 -78.53
C THR G 170 7.39 4.28 -79.42
N LYS G 171 6.82 3.08 -79.28
CA LYS G 171 5.75 2.53 -80.14
C LYS G 171 6.20 2.58 -81.61
N ASP G 172 7.43 2.13 -81.87
CA ASP G 172 8.06 2.13 -83.22
C ASP G 172 7.23 1.23 -84.15
N SER G 173 6.83 1.76 -85.30
CA SER G 173 6.01 1.07 -86.34
C SER G 173 6.75 1.12 -87.68
N THR G 174 7.98 0.58 -87.70
CA THR G 174 8.88 0.52 -88.88
C THR G 174 9.25 -0.95 -89.17
N GLY G 175 8.49 -1.89 -88.61
CA GLY G 175 8.74 -3.33 -88.77
C GLY G 175 8.32 -3.84 -90.14
N ARG G 176 8.85 -4.98 -90.56
CA ARG G 176 8.58 -5.61 -91.88
C ARG G 176 8.38 -7.12 -91.72
N LEU G 177 7.39 -7.68 -92.42
CA LEU G 177 7.21 -9.14 -92.67
C LEU G 177 7.54 -9.41 -94.14
N MET G 178 8.50 -10.29 -94.41
CA MET G 178 9.07 -10.51 -95.76
C MET G 178 9.04 -12.01 -96.13
N LYS G 179 9.06 -12.29 -97.44
CA LYS G 179 9.18 -13.64 -98.03
C LYS G 179 10.52 -13.74 -98.76
N TYR G 180 11.31 -14.78 -98.46
CA TYR G 180 12.49 -15.20 -99.27
C TYR G 180 12.13 -16.48 -100.02
N ASP G 181 12.33 -16.48 -101.33
CA ASP G 181 12.07 -17.63 -102.23
C ASP G 181 13.41 -18.28 -102.56
N PRO G 182 13.62 -19.59 -102.24
CA PRO G 182 14.90 -20.24 -102.49
C PRO G 182 15.20 -20.48 -103.98
N ARG G 183 14.15 -20.58 -104.81
CA ARG G 183 14.27 -20.81 -106.28
C ARG G 183 14.80 -19.54 -106.95
N THR G 184 14.05 -18.43 -106.86
CA THR G 184 14.36 -17.13 -107.52
C THR G 184 15.43 -16.36 -106.73
N ASN G 185 15.63 -16.70 -105.44
CA ASN G 185 16.69 -16.11 -104.58
C ASN G 185 16.40 -14.61 -104.41
N GLN G 186 15.12 -14.25 -104.24
CA GLN G 186 14.61 -12.85 -104.24
C GLN G 186 13.81 -12.60 -102.94
N VAL G 187 13.99 -11.42 -102.33
CA VAL G 187 13.30 -11.01 -101.08
C VAL G 187 12.13 -10.07 -101.46
N THR G 188 10.92 -10.38 -100.97
CA THR G 188 9.68 -9.58 -101.17
C THR G 188 9.21 -9.05 -99.81
N VAL G 189 8.77 -7.79 -99.76
CA VAL G 189 8.14 -7.17 -98.56
C VAL G 189 6.63 -7.41 -98.64
N LEU G 190 6.10 -8.25 -97.75
CA LEU G 190 4.66 -8.65 -97.73
C LEU G 190 3.85 -7.57 -96.99
N GLN G 191 4.44 -6.98 -95.95
CA GLN G 191 3.81 -5.94 -95.08
C GLN G 191 4.92 -5.11 -94.44
N SER G 192 4.76 -3.79 -94.42
CA SER G 192 5.66 -2.81 -93.74
C SER G 192 4.85 -1.93 -92.78
N ASN G 193 5.54 -1.13 -91.97
CA ASN G 193 4.94 -0.23 -90.95
C ASN G 193 4.25 -1.07 -89.86
N ILE G 194 4.81 -2.25 -89.56
CA ILE G 194 4.33 -3.16 -88.48
C ILE G 194 4.94 -2.70 -87.16
N THR G 195 4.15 -2.69 -86.09
CA THR G 195 4.59 -2.30 -84.72
C THR G 195 5.25 -3.51 -84.05
N TYR G 196 6.59 -3.54 -84.06
CA TYR G 196 7.43 -4.57 -83.39
C TYR G 196 6.97 -5.97 -83.80
N PRO G 197 7.11 -6.35 -85.09
CA PRO G 197 6.92 -7.74 -85.48
C PRO G 197 8.07 -8.57 -84.89
N ASN G 198 7.79 -9.82 -84.50
CA ASN G 198 8.78 -10.71 -83.84
C ASN G 198 8.57 -12.14 -84.37
N GLY G 199 7.95 -13.01 -83.57
CA GLY G 199 7.65 -14.40 -83.95
C GLY G 199 6.78 -14.48 -85.18
N VAL G 200 6.98 -15.53 -85.99
CA VAL G 200 6.14 -15.84 -87.19
C VAL G 200 6.02 -17.36 -87.30
N ALA G 201 4.78 -17.85 -87.40
CA ALA G 201 4.44 -19.28 -87.64
C ALA G 201 3.50 -19.36 -88.84
N MET G 202 3.72 -20.35 -89.72
CA MET G 202 2.79 -20.68 -90.83
C MET G 202 1.67 -21.56 -90.28
N SER G 203 0.40 -21.20 -90.56
CA SER G 203 -0.81 -21.97 -90.18
C SER G 203 -0.72 -23.39 -90.75
N ALA G 204 -1.27 -24.38 -90.05
CA ALA G 204 -1.26 -25.81 -90.44
C ALA G 204 -1.85 -25.95 -91.85
N ASP G 205 -2.91 -25.20 -92.16
CA ASP G 205 -3.62 -25.23 -93.47
C ASP G 205 -2.82 -24.45 -94.53
N ARG G 206 -1.72 -23.79 -94.12
CA ARG G 206 -0.69 -23.16 -95.00
C ARG G 206 -1.27 -21.97 -95.77
N THR G 207 -2.34 -21.35 -95.27
CA THR G 207 -3.08 -20.24 -95.96
C THR G 207 -2.60 -18.86 -95.46
N HIS G 208 -2.12 -18.77 -94.21
CA HIS G 208 -1.73 -17.48 -93.57
C HIS G 208 -0.55 -17.66 -92.61
N LEU G 209 0.00 -16.54 -92.14
CA LEU G 209 1.07 -16.46 -91.11
C LEU G 209 0.49 -15.80 -89.85
N ILE G 210 0.74 -16.39 -88.68
CA ILE G 210 0.47 -15.77 -87.34
C ILE G 210 1.76 -15.07 -86.89
N VAL G 211 1.70 -13.74 -86.76
CA VAL G 211 2.88 -12.87 -86.45
C VAL G 211 2.66 -12.20 -85.09
N ALA G 212 3.63 -12.35 -84.18
CA ALA G 212 3.62 -11.76 -82.82
C ALA G 212 4.03 -10.28 -82.90
N LEU G 213 3.29 -9.41 -82.22
CA LEU G 213 3.60 -7.96 -82.05
C LEU G 213 3.95 -7.71 -80.58
N THR G 214 5.25 -7.67 -80.27
CA THR G 214 5.81 -7.72 -78.90
C THR G 214 5.30 -6.53 -78.09
N GLY G 215 5.54 -5.30 -78.56
CA GLY G 215 5.12 -4.05 -77.90
C GLY G 215 3.61 -3.98 -77.69
N PRO G 216 2.80 -4.05 -78.77
CA PRO G 216 1.34 -4.05 -78.67
C PRO G 216 0.70 -5.17 -77.83
N CYS G 217 1.43 -6.28 -77.59
CA CYS G 217 0.96 -7.48 -76.85
C CYS G 217 -0.18 -8.15 -77.64
N LYS G 218 0.03 -8.36 -78.94
CA LYS G 218 -0.99 -8.91 -79.88
C LYS G 218 -0.32 -9.90 -80.85
N LEU G 219 -1.10 -10.86 -81.35
CA LEU G 219 -0.82 -11.60 -82.60
C LEU G 219 -1.65 -10.97 -83.72
N MET G 220 -1.09 -10.86 -84.93
CA MET G 220 -1.83 -10.50 -86.16
C MET G 220 -1.73 -11.65 -87.17
N ARG G 221 -2.69 -11.75 -88.08
CA ARG G 221 -2.77 -12.78 -89.14
C ARG G 221 -2.54 -12.12 -90.50
N HIS G 222 -1.56 -12.60 -91.27
CA HIS G 222 -1.25 -12.13 -92.65
C HIS G 222 -1.47 -13.28 -93.63
N TRP G 223 -2.41 -13.12 -94.56
CA TRP G 223 -2.78 -14.14 -95.59
C TRP G 223 -1.72 -14.15 -96.69
N ILE G 224 -1.28 -15.34 -97.11
CA ILE G 224 -0.24 -15.55 -98.17
C ILE G 224 -0.83 -16.39 -99.32
N ARG G 225 -2.09 -16.82 -99.22
CA ARG G 225 -2.77 -17.66 -100.24
C ARG G 225 -4.24 -17.22 -100.37
N GLY G 226 -4.84 -17.43 -101.55
CA GLY G 226 -6.27 -17.15 -101.82
C GLY G 226 -6.51 -15.66 -102.08
N PRO G 227 -7.79 -15.22 -102.10
CA PRO G 227 -8.14 -13.86 -102.49
C PRO G 227 -7.75 -12.78 -101.48
N LYS G 228 -7.36 -13.17 -100.26
CA LYS G 228 -7.02 -12.26 -99.14
C LYS G 228 -5.50 -12.07 -99.03
N THR G 229 -4.72 -12.69 -99.93
CA THR G 229 -3.23 -12.62 -99.94
C THR G 229 -2.77 -11.16 -99.79
N GLY G 230 -1.79 -10.92 -98.91
CA GLY G 230 -1.17 -9.59 -98.69
C GLY G 230 -1.97 -8.71 -97.74
N LYS G 231 -3.02 -9.26 -97.12
CA LYS G 231 -3.91 -8.52 -96.18
C LYS G 231 -3.57 -8.95 -94.75
N SER G 232 -3.24 -7.99 -93.88
CA SER G 232 -3.03 -8.18 -92.42
C SER G 232 -4.34 -7.85 -91.68
N GLU G 233 -4.56 -8.46 -90.52
CA GLU G 233 -5.75 -8.21 -89.65
C GLU G 233 -5.43 -8.63 -88.22
N PRO G 234 -6.12 -8.08 -87.20
CA PRO G 234 -6.02 -8.58 -85.84
C PRO G 234 -6.38 -10.07 -85.74
N PHE G 235 -5.64 -10.84 -84.94
CA PHE G 235 -5.85 -12.29 -84.68
C PHE G 235 -6.35 -12.47 -83.24
N VAL G 236 -5.57 -11.99 -82.26
CA VAL G 236 -5.95 -12.03 -80.81
C VAL G 236 -5.02 -11.08 -80.03
N ASP G 237 -5.59 -10.39 -79.03
CA ASP G 237 -4.83 -9.59 -78.03
C ASP G 237 -4.39 -10.52 -76.91
N LEU G 238 -3.13 -10.44 -76.48
CA LEU G 238 -2.53 -11.30 -75.43
C LEU G 238 -2.29 -10.47 -74.17
N PRO G 239 -2.45 -11.06 -72.97
CA PRO G 239 -2.16 -10.37 -71.71
C PRO G 239 -0.68 -10.41 -71.31
N GLY G 240 0.21 -10.55 -72.30
CA GLY G 240 1.68 -10.49 -72.13
C GLY G 240 2.36 -10.02 -73.42
N TYR G 241 3.67 -9.80 -73.37
CA TYR G 241 4.51 -9.35 -74.51
C TYR G 241 5.02 -10.59 -75.25
N PRO G 242 4.46 -10.93 -76.45
CA PRO G 242 4.87 -12.14 -77.16
C PRO G 242 6.20 -11.98 -77.92
N ASP G 243 6.99 -13.05 -77.99
CA ASP G 243 8.23 -13.13 -78.80
C ASP G 243 7.97 -14.06 -79.99
N ASN G 244 8.14 -15.37 -79.82
CA ASN G 244 8.13 -16.35 -80.95
C ASN G 244 6.79 -17.12 -80.96
N VAL G 245 6.24 -17.27 -82.17
CA VAL G 245 5.06 -18.12 -82.49
C VAL G 245 5.59 -19.42 -83.08
N ARG G 246 5.19 -20.56 -82.51
CA ARG G 246 5.56 -21.91 -83.01
C ARG G 246 4.35 -22.84 -82.91
N PRO G 247 4.17 -23.78 -83.86
CA PRO G 247 3.03 -24.70 -83.83
C PRO G 247 3.15 -25.64 -82.62
N ASP G 248 2.02 -25.96 -81.98
CA ASP G 248 1.96 -26.79 -80.75
C ASP G 248 1.91 -28.27 -81.12
N GLY G 249 1.89 -28.60 -82.42
CA GLY G 249 1.78 -29.96 -82.94
C GLY G 249 0.38 -30.53 -82.75
N LYS G 250 -0.63 -29.66 -82.61
CA LYS G 250 -2.05 -30.03 -82.40
C LYS G 250 -2.97 -29.02 -83.10
N GLY G 251 -2.51 -28.43 -84.21
CA GLY G 251 -3.29 -27.50 -85.05
C GLY G 251 -3.22 -26.06 -84.56
N GLY G 252 -2.75 -25.84 -83.32
CA GLY G 252 -2.66 -24.51 -82.70
C GLY G 252 -1.23 -24.01 -82.65
N TYR G 253 -0.95 -23.06 -81.75
CA TYR G 253 0.38 -22.43 -81.54
C TYR G 253 0.67 -22.31 -80.03
N TRP G 254 1.95 -22.43 -79.66
CA TRP G 254 2.49 -21.93 -78.37
C TRP G 254 3.09 -20.54 -78.61
N ILE G 255 2.64 -19.55 -77.86
CA ILE G 255 3.20 -18.16 -77.85
C ILE G 255 4.07 -18.02 -76.59
N ALA G 256 5.36 -17.70 -76.78
CA ALA G 256 6.28 -17.33 -75.69
C ALA G 256 5.95 -15.91 -75.22
N LEU G 257 5.72 -15.72 -73.92
CA LEU G 257 5.47 -14.41 -73.28
C LEU G 257 6.59 -14.13 -72.28
N HIS G 258 7.54 -13.26 -72.64
CA HIS G 258 8.75 -12.95 -71.82
C HIS G 258 8.36 -12.04 -70.65
N ARG G 259 7.25 -11.32 -70.76
CA ARG G 259 6.70 -10.43 -69.70
C ARG G 259 5.18 -10.59 -69.60
N GLU G 260 4.64 -10.44 -68.39
CA GLU G 260 3.19 -10.18 -68.14
C GLU G 260 2.89 -8.72 -68.44
N LYS G 261 1.70 -8.42 -68.99
CA LYS G 261 1.18 -7.04 -69.11
C LYS G 261 0.47 -6.67 -67.80
N TYR G 262 -0.17 -7.65 -67.15
CA TYR G 262 -0.87 -7.53 -65.85
C TYR G 262 -0.31 -8.55 -64.87
N GLU G 263 0.31 -8.09 -63.78
CA GLU G 263 0.90 -8.94 -62.72
C GLU G 263 -0.21 -9.38 -61.76
N LEU G 264 -1.05 -10.33 -62.21
CA LEU G 264 -2.24 -10.84 -61.46
C LEU G 264 -1.79 -11.40 -60.12
N PRO G 265 -2.45 -11.05 -59.00
CA PRO G 265 -2.07 -11.55 -57.67
C PRO G 265 -2.43 -13.05 -57.53
N PHE G 266 -1.54 -13.93 -58.00
CA PHE G 266 -1.73 -15.40 -58.07
C PHE G 266 -0.79 -16.13 -57.10
N GLY G 267 -0.10 -15.39 -56.24
CA GLY G 267 0.93 -15.95 -55.33
C GLY G 267 2.25 -16.18 -56.06
N PRO G 268 3.27 -16.76 -55.37
CA PRO G 268 4.64 -16.75 -55.88
C PRO G 268 4.92 -17.82 -56.94
N ASP G 269 5.75 -17.48 -57.93
CA ASP G 269 6.16 -18.34 -59.07
C ASP G 269 4.93 -18.79 -59.86
N SER G 270 3.97 -17.89 -60.09
CA SER G 270 2.70 -18.15 -60.82
C SER G 270 2.46 -17.05 -61.87
N HIS G 271 3.52 -16.51 -62.46
CA HIS G 271 3.47 -15.50 -63.53
C HIS G 271 3.16 -16.19 -64.86
N LEU G 272 2.44 -15.51 -65.76
CA LEU G 272 2.07 -16.03 -67.10
C LEU G 272 3.30 -15.95 -68.02
N VAL G 273 3.82 -17.09 -68.44
CA VAL G 273 5.11 -17.21 -69.22
C VAL G 273 4.84 -17.67 -70.65
N ALA G 274 3.68 -18.28 -70.93
CA ALA G 274 3.30 -18.77 -72.27
C ALA G 274 1.78 -18.98 -72.37
N MET G 275 1.26 -18.95 -73.60
CA MET G 275 -0.18 -19.13 -73.92
C MET G 275 -0.32 -20.03 -75.16
N ARG G 276 -1.10 -21.11 -75.05
CA ARG G 276 -1.51 -21.95 -76.20
C ARG G 276 -2.72 -21.31 -76.88
N VAL G 277 -2.59 -20.94 -78.15
CA VAL G 277 -3.66 -20.31 -78.98
C VAL G 277 -4.06 -21.31 -80.07
N SER G 278 -5.36 -21.40 -80.37
CA SER G 278 -5.94 -22.27 -81.44
C SER G 278 -5.75 -21.59 -82.80
N ALA G 279 -6.08 -22.30 -83.88
CA ALA G 279 -6.05 -21.78 -85.27
C ALA G 279 -7.07 -20.63 -85.41
N GLY G 280 -8.17 -20.70 -84.66
CA GLY G 280 -9.25 -19.70 -84.66
C GLY G 280 -8.87 -18.42 -83.94
N GLY G 281 -7.88 -18.48 -83.05
CA GLY G 281 -7.37 -17.32 -82.29
C GLY G 281 -7.99 -17.22 -80.90
N LYS G 282 -8.48 -18.33 -80.35
CA LYS G 282 -9.03 -18.42 -78.97
C LYS G 282 -7.92 -18.89 -78.02
N LEU G 283 -8.01 -18.51 -76.74
CA LEU G 283 -7.04 -18.88 -75.69
C LEU G 283 -7.40 -20.26 -75.14
N VAL G 284 -6.54 -21.26 -75.38
CA VAL G 284 -6.79 -22.70 -75.09
C VAL G 284 -6.21 -23.06 -73.72
N GLN G 285 -4.91 -22.80 -73.51
CA GLN G 285 -4.13 -23.24 -72.33
C GLN G 285 -3.14 -22.14 -71.95
N GLN G 286 -2.67 -22.14 -70.70
CA GLN G 286 -1.69 -21.16 -70.16
C GLN G 286 -0.58 -21.91 -69.42
N MET G 287 0.62 -21.33 -69.40
CA MET G 287 1.81 -21.84 -68.66
C MET G 287 2.20 -20.80 -67.62
N ARG G 288 2.32 -21.19 -66.35
CA ARG G 288 2.71 -20.30 -65.22
C ARG G 288 3.96 -20.87 -64.55
N GLY G 289 4.93 -20.00 -64.24
CA GLY G 289 6.22 -20.35 -63.62
C GLY G 289 6.91 -19.12 -63.05
N PRO G 290 8.21 -19.21 -62.70
CA PRO G 290 8.95 -18.07 -62.14
C PRO G 290 9.07 -16.92 -63.14
N LYS G 291 9.19 -15.69 -62.63
CA LYS G 291 9.40 -14.46 -63.44
C LYS G 291 10.69 -14.57 -64.26
N SER G 292 11.71 -15.23 -63.69
CA SER G 292 13.09 -15.36 -64.26
C SER G 292 13.06 -16.02 -65.65
N LEU G 293 12.12 -16.95 -65.89
CA LEU G 293 12.04 -17.75 -67.14
C LEU G 293 12.08 -16.83 -68.38
N ARG G 294 11.27 -15.77 -68.38
CA ARG G 294 11.13 -14.79 -69.50
C ARG G 294 11.28 -15.50 -70.85
N PRO G 295 10.41 -16.50 -71.17
CA PRO G 295 10.57 -17.30 -72.37
C PRO G 295 10.39 -16.51 -73.68
N THR G 296 11.21 -16.83 -74.69
CA THR G 296 11.21 -16.20 -76.04
C THR G 296 10.69 -17.18 -77.11
N GLU G 297 10.80 -18.49 -76.88
CA GLU G 297 10.21 -19.55 -77.73
C GLU G 297 9.75 -20.72 -76.86
N VAL G 298 8.61 -21.32 -77.22
CA VAL G 298 8.01 -22.49 -76.53
C VAL G 298 7.76 -23.58 -77.58
N MET G 299 8.41 -24.73 -77.43
CA MET G 299 8.43 -25.84 -78.43
C MET G 299 7.92 -27.12 -77.78
N GLU G 300 6.65 -27.46 -78.01
CA GLU G 300 6.03 -28.73 -77.53
C GLU G 300 6.43 -29.86 -78.48
N ARG G 301 6.73 -31.04 -77.94
CA ARG G 301 7.25 -32.21 -78.68
C ARG G 301 6.40 -33.44 -78.37
N LYS G 302 6.41 -34.42 -79.29
CA LYS G 302 5.52 -35.61 -79.30
C LYS G 302 5.69 -36.44 -78.02
N ASP G 303 6.81 -36.28 -77.32
CA ASP G 303 7.15 -37.03 -76.07
C ASP G 303 6.69 -36.25 -74.82
N GLY G 304 5.79 -35.27 -74.98
CA GLY G 304 5.16 -34.55 -73.85
C GLY G 304 6.01 -33.40 -73.32
N LYS G 305 7.30 -33.36 -73.67
CA LYS G 305 8.26 -32.32 -73.21
C LYS G 305 8.00 -31.01 -73.96
N ILE G 306 8.23 -29.87 -73.29
CA ILE G 306 8.09 -28.50 -73.87
C ILE G 306 9.41 -27.75 -73.65
N TYR G 307 10.24 -27.67 -74.68
CA TYR G 307 11.54 -26.95 -74.68
C TYR G 307 11.25 -25.45 -74.76
N MET G 308 12.00 -24.65 -74.00
CA MET G 308 11.74 -23.19 -73.82
C MET G 308 13.03 -22.40 -74.01
N GLY G 309 12.98 -21.40 -74.89
CA GLY G 309 14.08 -20.46 -75.16
C GLY G 309 13.99 -19.23 -74.28
N ASN G 310 15.02 -18.38 -74.31
CA ASN G 310 15.12 -17.11 -73.54
C ASN G 310 16.31 -16.32 -74.10
N VAL G 311 16.57 -15.12 -73.59
CA VAL G 311 17.67 -14.23 -74.09
C VAL G 311 18.54 -13.76 -72.91
N GLU G 312 18.53 -14.48 -71.78
CA GLU G 312 19.20 -14.05 -70.53
C GLU G 312 19.69 -15.25 -69.69
N LEU G 313 18.97 -16.37 -69.65
CA LEU G 313 19.35 -17.54 -68.81
C LEU G 313 20.48 -18.32 -69.49
N PRO G 314 21.35 -18.98 -68.69
CA PRO G 314 22.46 -19.76 -69.23
C PRO G 314 22.12 -21.23 -69.56
N TYR G 315 20.89 -21.50 -70.02
CA TYR G 315 20.38 -22.86 -70.30
C TYR G 315 19.06 -22.81 -71.07
N VAL G 316 18.62 -23.98 -71.53
CA VAL G 316 17.27 -24.24 -72.13
C VAL G 316 16.42 -24.93 -71.07
N GLY G 317 15.25 -24.37 -70.75
CA GLY G 317 14.26 -24.96 -69.83
C GLY G 317 13.44 -26.05 -70.52
N VAL G 318 13.21 -27.18 -69.83
CA VAL G 318 12.32 -28.29 -70.28
C VAL G 318 11.31 -28.57 -69.18
N VAL G 319 10.01 -28.56 -69.51
CA VAL G 319 8.89 -28.84 -68.56
C VAL G 319 8.12 -30.07 -69.04
N LYS G 320 7.17 -30.55 -68.23
CA LYS G 320 6.38 -31.80 -68.45
C LYS G 320 7.34 -32.99 -68.61
N PHE H 10 2.99 0.81 -24.30
CA PHE H 10 2.41 1.76 -25.31
C PHE H 10 2.04 0.99 -26.59
N LYS H 11 0.74 0.86 -26.85
CA LYS H 11 0.16 0.15 -28.03
C LYS H 11 0.38 1.02 -29.27
N THR H 12 0.66 0.41 -30.43
CA THR H 12 0.85 1.10 -31.73
C THR H 12 -0.38 1.98 -32.02
N ILE H 13 -0.17 3.26 -32.36
CA ILE H 13 -1.26 4.23 -32.67
C ILE H 13 -1.69 4.03 -34.12
N ASP H 14 -3.00 4.05 -34.37
CA ASP H 14 -3.62 3.82 -35.70
C ASP H 14 -3.97 5.18 -36.32
N ALA H 15 -3.22 5.58 -37.35
CA ALA H 15 -3.41 6.86 -38.10
C ALA H 15 -4.21 6.61 -39.38
N ARG H 16 -4.72 5.38 -39.59
CA ARG H 16 -5.51 4.98 -40.78
C ARG H 16 -6.69 5.94 -40.95
N ARG H 17 -7.55 6.04 -39.93
CA ARG H 17 -8.63 7.06 -39.84
C ARG H 17 -8.05 8.30 -39.17
N SER H 18 -8.34 9.49 -39.71
CA SER H 18 -7.85 10.79 -39.20
C SER H 18 -8.77 11.92 -39.67
N GLN H 19 -8.94 12.95 -38.83
CA GLN H 19 -9.73 14.17 -39.15
C GLN H 19 -8.83 15.12 -39.96
N HIS H 20 -9.37 15.69 -41.04
CA HIS H 20 -8.65 16.60 -41.98
C HIS H 20 -9.08 18.05 -41.73
N LEU H 21 -8.16 18.88 -41.23
CA LEU H 21 -8.35 20.35 -41.11
C LEU H 21 -7.99 20.97 -42.46
N ASP H 22 -8.97 21.05 -43.37
CA ASP H 22 -8.78 21.45 -44.80
C ASP H 22 -8.22 22.87 -44.87
N LEU H 23 -7.11 23.05 -45.57
CA LEU H 23 -6.60 24.37 -46.03
C LEU H 23 -7.49 24.83 -47.19
N GLY H 24 -7.65 26.14 -47.37
CA GLY H 24 -8.43 26.73 -48.47
C GLY H 24 -7.66 26.70 -49.78
N GLY H 25 -8.35 27.01 -50.89
CA GLY H 25 -7.76 27.19 -52.23
C GLY H 25 -6.93 25.99 -52.65
N SER H 26 -5.65 26.22 -52.98
CA SER H 26 -4.68 25.19 -53.46
C SER H 26 -3.50 25.06 -52.47
N LEU H 27 -3.67 25.58 -51.25
CA LEU H 27 -2.67 25.49 -50.15
C LEU H 27 -2.41 24.03 -49.80
N VAL H 28 -1.14 23.66 -49.60
CA VAL H 28 -0.70 22.28 -49.21
C VAL H 28 0.51 22.38 -48.29
N GLY H 29 0.76 21.31 -47.53
CA GLY H 29 2.02 21.06 -46.82
C GLY H 29 2.19 21.92 -45.58
N PRO H 30 1.33 21.76 -44.55
CA PRO H 30 1.59 22.35 -43.23
C PRO H 30 2.71 21.58 -42.53
N GLU H 31 3.96 21.88 -42.86
CA GLU H 31 5.17 21.14 -42.43
C GLU H 31 5.16 20.99 -40.90
N SER H 32 5.03 22.11 -40.18
CA SER H 32 4.94 22.18 -38.70
C SER H 32 3.49 22.44 -38.27
N VAL H 33 3.16 22.03 -37.03
CA VAL H 33 1.82 22.25 -36.40
C VAL H 33 2.06 22.76 -34.96
N ALA H 34 2.49 24.02 -34.85
CA ALA H 34 2.89 24.67 -33.58
C ALA H 34 1.65 25.22 -32.86
N PHE H 35 1.66 25.17 -31.53
CA PHE H 35 0.62 25.75 -30.64
C PHE H 35 1.26 26.83 -29.76
N ASP H 36 0.55 27.94 -29.55
CA ASP H 36 1.03 29.13 -28.79
C ASP H 36 0.80 28.89 -27.29
N GLY H 37 1.22 29.84 -26.45
CA GLY H 37 1.10 29.80 -24.98
C GLY H 37 -0.35 29.67 -24.53
N LYS H 38 -1.29 30.21 -25.29
CA LYS H 38 -2.75 30.19 -25.00
C LYS H 38 -3.33 28.82 -25.37
N GLY H 39 -2.66 28.09 -26.28
CA GLY H 39 -3.08 26.77 -26.77
C GLY H 39 -4.01 26.87 -27.97
N ARG H 40 -3.99 28.00 -28.68
CA ARG H 40 -4.81 28.26 -29.89
C ARG H 40 -4.40 27.28 -30.99
N GLY H 41 -5.37 26.86 -31.82
CA GLY H 41 -5.27 25.79 -32.83
C GLY H 41 -3.96 25.82 -33.61
N PRO H 42 -3.65 24.77 -34.40
CA PRO H 42 -2.34 24.63 -35.04
C PRO H 42 -2.01 25.79 -35.98
N TYR H 43 -0.85 26.42 -35.76
CA TYR H 43 -0.17 27.34 -36.69
C TYR H 43 0.73 26.49 -37.61
N SER H 44 0.71 26.75 -38.92
CA SER H 44 1.40 25.91 -39.94
C SER H 44 1.90 26.75 -41.12
N GLY H 45 3.16 26.59 -41.48
CA GLY H 45 3.78 27.18 -42.69
C GLY H 45 3.48 26.35 -43.93
N VAL H 46 2.86 26.96 -44.94
CA VAL H 46 2.25 26.24 -46.10
C VAL H 46 3.04 26.58 -47.38
N SER H 47 2.64 25.97 -48.51
CA SER H 47 3.37 25.91 -49.80
C SER H 47 3.61 27.32 -50.37
N ASP H 48 2.67 28.24 -50.22
CA ASP H 48 2.68 29.57 -50.90
C ASP H 48 3.44 30.60 -50.06
N GLY H 49 3.97 30.20 -48.89
CA GLY H 49 4.89 31.03 -48.08
C GLY H 49 4.23 31.55 -46.81
N ARG H 50 2.90 31.46 -46.69
CA ARG H 50 2.13 32.00 -45.55
C ARG H 50 2.27 31.07 -44.34
N ILE H 51 2.19 31.64 -43.14
CA ILE H 51 2.01 30.92 -41.84
C ILE H 51 0.55 31.09 -41.43
N MET H 52 -0.27 30.06 -41.65
CA MET H 52 -1.74 30.08 -41.41
C MET H 52 -2.03 29.62 -39.97
N ARG H 53 -3.13 30.09 -39.40
CA ARG H 53 -3.62 29.70 -38.04
C ARG H 53 -5.02 29.06 -38.19
N TRP H 54 -5.21 27.89 -37.57
CA TRP H 54 -6.51 27.18 -37.47
C TRP H 54 -7.31 27.77 -36.30
N ASN H 55 -8.56 28.17 -36.56
CA ASN H 55 -9.42 28.90 -35.60
C ASN H 55 -10.73 28.13 -35.39
N GLY H 56 -10.70 26.80 -35.53
CA GLY H 56 -11.87 25.91 -35.40
C GLY H 56 -12.47 25.58 -36.75
N GLU H 57 -13.46 24.67 -36.77
CA GLU H 57 -14.08 24.10 -37.99
C GLU H 57 -14.86 25.19 -38.75
N ALA H 58 -15.59 26.04 -38.02
CA ALA H 58 -16.44 27.12 -38.58
C ALA H 58 -15.58 28.20 -39.23
N ALA H 59 -14.65 28.78 -38.45
CA ALA H 59 -13.78 29.91 -38.87
C ALA H 59 -12.82 29.46 -39.98
N GLY H 60 -12.18 28.29 -39.81
CA GLY H 60 -11.19 27.73 -40.75
C GLY H 60 -9.81 28.34 -40.54
N TRP H 61 -8.98 28.36 -41.59
CA TRP H 61 -7.59 28.89 -41.56
C TRP H 61 -7.60 30.40 -41.84
N SER H 62 -6.85 31.17 -41.04
CA SER H 62 -6.61 32.63 -41.23
C SER H 62 -5.10 32.88 -41.33
N THR H 63 -4.68 33.74 -42.26
CA THR H 63 -3.27 34.21 -42.43
C THR H 63 -2.81 34.88 -41.13
N TYR H 64 -1.66 34.47 -40.60
CA TYR H 64 -1.09 34.99 -39.31
C TYR H 64 0.16 35.82 -39.59
N THR H 65 1.08 35.32 -40.42
CA THR H 65 2.36 36.01 -40.74
C THR H 65 2.95 35.48 -42.05
N TYR H 66 3.96 36.19 -42.56
CA TYR H 66 4.63 35.97 -43.87
C TYR H 66 5.98 36.71 -43.87
N SER H 67 6.82 36.48 -44.87
CA SER H 67 8.15 37.13 -45.04
C SER H 67 7.96 38.52 -45.62
N PRO H 68 8.93 39.46 -45.42
CA PRO H 68 8.92 40.74 -46.12
C PRO H 68 8.85 40.59 -47.64
N SER H 69 9.60 39.63 -48.20
CA SER H 69 9.65 39.29 -49.65
C SER H 69 8.24 38.96 -50.17
N TYR H 70 7.41 38.31 -49.34
CA TYR H 70 6.01 37.94 -49.67
C TYR H 70 5.23 39.20 -50.07
N THR H 71 5.29 40.24 -49.23
CA THR H 71 4.60 41.55 -49.45
C THR H 71 5.27 42.29 -50.62
N LYS H 72 6.60 42.43 -50.58
CA LYS H 72 7.41 43.20 -51.55
C LYS H 72 7.12 42.69 -52.97
N ASN H 73 7.07 41.37 -53.17
CA ASN H 73 6.96 40.71 -54.51
C ASN H 73 5.51 40.34 -54.80
N LYS H 74 4.54 40.96 -54.12
CA LYS H 74 3.08 40.85 -54.38
C LYS H 74 2.71 39.38 -54.63
N CYS H 75 3.02 38.50 -53.66
CA CYS H 75 2.86 37.03 -53.77
C CYS H 75 1.40 36.60 -53.63
N ALA H 76 0.59 37.41 -52.93
CA ALA H 76 -0.87 37.19 -52.72
C ALA H 76 -1.59 37.15 -54.08
N ALA H 77 -1.12 37.93 -55.06
CA ALA H 77 -1.73 38.09 -56.40
C ALA H 77 -1.23 37.00 -57.37
N SER H 78 -0.19 36.25 -56.99
CA SER H 78 0.46 35.22 -57.85
C SER H 78 -0.53 34.09 -58.17
N THR H 79 -0.57 33.67 -59.44
CA THR H 79 -1.36 32.52 -59.95
C THR H 79 -0.43 31.35 -60.30
N LEU H 80 0.88 31.55 -60.20
CA LEU H 80 1.92 30.59 -60.63
C LEU H 80 2.01 29.43 -59.64
N PRO H 81 2.40 28.22 -60.07
CA PRO H 81 2.73 27.14 -59.15
C PRO H 81 3.74 27.62 -58.10
N THR H 82 3.54 27.24 -56.84
CA THR H 82 4.35 27.71 -55.68
C THR H 82 5.81 27.23 -55.82
N VAL H 83 6.04 26.16 -56.58
CA VAL H 83 7.38 25.56 -56.85
C VAL H 83 8.28 26.62 -57.50
N GLN H 84 7.72 27.45 -58.38
CA GLN H 84 8.45 28.44 -59.22
C GLN H 84 8.64 29.76 -58.46
N THR H 85 7.73 30.09 -57.54
CA THR H 85 7.71 31.36 -56.75
C THR H 85 8.26 31.13 -55.35
N GLU H 86 8.76 29.93 -55.07
CA GLU H 86 9.11 29.43 -53.70
C GLU H 86 10.22 30.29 -53.09
N SER H 87 11.23 30.65 -53.89
CA SER H 87 12.44 31.40 -53.48
C SER H 87 12.12 32.87 -53.22
N LYS H 88 11.00 33.39 -53.75
CA LYS H 88 10.62 34.82 -53.71
C LYS H 88 9.50 35.05 -52.67
N CYS H 89 8.63 34.06 -52.47
CA CYS H 89 7.47 34.13 -51.54
C CYS H 89 7.81 33.47 -50.20
N GLY H 90 8.81 32.57 -50.18
CA GLY H 90 9.26 31.85 -48.97
C GLY H 90 8.58 30.49 -48.86
N ARG H 91 9.21 29.57 -48.11
CA ARG H 91 8.64 28.24 -47.76
C ARG H 91 8.87 28.00 -46.27
N PRO H 92 7.95 28.45 -45.39
CA PRO H 92 8.08 28.26 -43.95
C PRO H 92 8.00 26.77 -43.58
N LEU H 93 8.98 26.30 -42.82
CA LEU H 93 9.06 24.90 -42.29
C LEU H 93 8.89 24.95 -40.77
N GLY H 94 9.99 25.11 -40.02
CA GLY H 94 10.00 25.13 -38.55
C GLY H 94 9.16 26.26 -37.99
N LEU H 95 8.32 25.95 -36.99
CA LEU H 95 7.53 26.95 -36.22
C LEU H 95 7.64 26.62 -34.72
N ARG H 96 7.83 27.64 -33.88
CA ARG H 96 7.86 27.53 -32.41
C ARG H 96 7.56 28.90 -31.78
N PHE H 97 6.66 28.93 -30.80
CA PHE H 97 6.32 30.12 -29.98
C PHE H 97 7.25 30.18 -28.77
N HIS H 98 7.64 31.40 -28.38
CA HIS H 98 8.25 31.73 -27.06
C HIS H 98 7.11 32.20 -26.14
N TYR H 99 6.68 31.33 -25.21
CA TYR H 99 5.41 31.45 -24.44
C TYR H 99 5.35 32.81 -23.71
N LYS H 100 6.47 33.24 -23.12
CA LYS H 100 6.58 34.51 -22.34
C LYS H 100 6.17 35.69 -23.22
N THR H 101 6.91 35.93 -24.31
CA THR H 101 6.71 37.06 -25.25
C THR H 101 5.44 36.83 -26.09
N GLY H 102 5.12 35.56 -26.40
CA GLY H 102 4.07 35.18 -27.36
C GLY H 102 4.57 35.29 -28.80
N ASN H 103 5.88 35.49 -28.98
CA ASN H 103 6.56 35.61 -30.30
C ASN H 103 6.58 34.24 -30.98
N LEU H 104 6.30 34.20 -32.29
CA LEU H 104 6.45 33.00 -33.15
C LEU H 104 7.74 33.14 -33.96
N TYR H 105 8.68 32.20 -33.78
CA TYR H 105 9.93 32.09 -34.57
C TYR H 105 9.69 31.12 -35.74
N ILE H 106 9.98 31.59 -36.96
CA ILE H 106 9.75 30.83 -38.22
C ILE H 106 11.12 30.51 -38.86
N ALA H 107 11.38 29.24 -39.15
CA ALA H 107 12.56 28.74 -39.90
C ALA H 107 12.16 28.52 -41.36
N ASP H 108 12.19 29.59 -42.17
CA ASP H 108 11.83 29.57 -43.61
C ASP H 108 13.06 29.16 -44.42
N ALA H 109 12.90 28.19 -45.33
CA ALA H 109 13.98 27.55 -46.11
C ALA H 109 14.69 28.58 -47.01
N TYR H 110 14.00 29.63 -47.44
CA TYR H 110 14.51 30.65 -48.40
C TYR H 110 14.74 32.00 -47.70
N MET H 111 13.90 32.37 -46.72
CA MET H 111 13.93 33.71 -46.06
C MET H 111 14.71 33.64 -44.75
N GLY H 112 15.24 32.48 -44.38
CA GLY H 112 16.03 32.27 -43.15
C GLY H 112 15.16 32.28 -41.90
N LEU H 113 15.75 32.56 -40.74
CA LEU H 113 15.04 32.65 -39.43
C LEU H 113 14.33 34.00 -39.34
N MET H 114 13.00 33.97 -39.12
CA MET H 114 12.14 35.17 -38.97
C MET H 114 11.44 35.12 -37.61
N ARG H 115 10.79 36.22 -37.21
CA ARG H 115 10.01 36.35 -35.95
C ARG H 115 8.88 37.35 -36.16
N VAL H 116 7.76 37.15 -35.47
CA VAL H 116 6.56 38.06 -35.48
C VAL H 116 6.00 38.15 -34.07
N GLY H 117 5.41 39.30 -33.71
CA GLY H 117 4.80 39.56 -32.40
C GLY H 117 3.47 38.82 -32.21
N PRO H 118 2.90 38.83 -30.99
CA PRO H 118 1.62 38.16 -30.72
C PRO H 118 0.47 38.57 -31.66
N LYS H 119 0.46 39.82 -32.12
CA LYS H 119 -0.62 40.42 -32.96
C LYS H 119 -0.58 39.83 -34.37
N GLY H 120 0.55 39.25 -34.79
CA GLY H 120 0.74 38.67 -36.13
C GLY H 120 1.24 39.71 -37.12
N GLY H 121 0.80 39.62 -38.39
CA GLY H 121 1.23 40.51 -39.48
C GLY H 121 2.59 40.12 -40.02
N GLU H 122 3.19 40.98 -40.85
CA GLU H 122 4.47 40.73 -41.56
C GLU H 122 5.58 40.44 -40.54
N ALA H 123 6.33 39.36 -40.77
CA ALA H 123 7.45 38.89 -39.90
C ALA H 123 8.70 39.73 -40.17
N THR H 124 9.67 39.66 -39.26
CA THR H 124 10.98 40.35 -39.31
C THR H 124 12.08 39.30 -39.48
N VAL H 125 12.89 39.42 -40.54
CA VAL H 125 14.08 38.56 -40.80
C VAL H 125 15.12 38.86 -39.72
N LEU H 126 15.59 37.84 -38.99
CA LEU H 126 16.59 37.99 -37.89
C LEU H 126 17.96 37.45 -38.32
N ALA H 127 18.02 36.62 -39.37
CA ALA H 127 19.27 36.03 -39.90
C ALA H 127 19.03 35.39 -41.28
N MET H 128 19.88 35.72 -42.25
CA MET H 128 19.95 35.06 -43.59
C MET H 128 21.33 34.44 -43.79
N LYS H 129 22.20 34.47 -42.77
CA LYS H 129 23.59 33.92 -42.84
C LYS H 129 24.07 33.57 -41.43
N ALA H 130 25.16 32.80 -41.33
CA ALA H 130 25.83 32.39 -40.07
C ALA H 130 27.33 32.21 -40.31
N ASP H 131 28.16 32.98 -39.59
CA ASP H 131 29.63 33.06 -39.79
C ASP H 131 29.94 33.44 -41.25
N GLY H 132 29.20 34.40 -41.79
CA GLY H 132 29.38 34.92 -43.16
C GLY H 132 28.58 34.14 -44.19
N VAL H 133 28.62 32.80 -44.13
CA VAL H 133 28.01 31.89 -45.15
C VAL H 133 26.49 32.04 -45.09
N PRO H 134 25.80 32.26 -46.23
CA PRO H 134 24.35 32.42 -46.23
C PRO H 134 23.61 31.11 -45.90
N LEU H 135 22.41 31.23 -45.31
CA LEU H 135 21.51 30.08 -44.99
C LEU H 135 20.75 29.70 -46.26
N ARG H 136 20.97 28.49 -46.76
CA ARG H 136 20.38 27.98 -48.03
C ARG H 136 19.08 27.22 -47.76
N PHE H 137 19.01 26.46 -46.65
CA PHE H 137 17.93 25.48 -46.35
C PHE H 137 17.63 25.50 -44.85
N THR H 138 17.17 26.65 -44.33
CA THR H 138 16.75 26.86 -42.91
C THR H 138 15.50 26.02 -42.64
N ASN H 139 15.59 24.99 -41.79
CA ASN H 139 14.57 23.92 -41.66
C ASN H 139 13.97 23.89 -40.24
N GLY H 140 14.61 23.18 -39.31
CA GLY H 140 14.05 22.91 -37.97
C GLY H 140 14.35 24.04 -37.00
N VAL H 141 13.50 24.21 -35.98
CA VAL H 141 13.66 25.25 -34.93
C VAL H 141 13.05 24.77 -33.62
N ASP H 142 13.65 25.15 -32.49
CA ASP H 142 13.06 25.04 -31.13
C ASP H 142 13.59 26.19 -30.26
N ILE H 143 12.91 26.48 -29.16
CA ILE H 143 13.21 27.62 -28.25
C ILE H 143 13.40 27.09 -26.82
N ASP H 144 14.46 27.54 -26.14
CA ASP H 144 14.62 27.43 -24.67
C ASP H 144 13.64 28.44 -24.05
N GLN H 145 12.52 27.95 -23.50
CA GLN H 145 11.37 28.78 -23.03
C GLN H 145 11.78 29.61 -21.80
N VAL H 146 12.85 29.22 -21.10
CA VAL H 146 13.38 29.92 -19.91
C VAL H 146 14.17 31.16 -20.36
N THR H 147 15.26 30.96 -21.11
CA THR H 147 16.23 32.01 -21.52
C THR H 147 15.73 32.78 -22.74
N GLY H 148 14.94 32.14 -23.61
CA GLY H 148 14.47 32.70 -24.90
C GLY H 148 15.41 32.37 -26.04
N ASP H 149 16.52 31.68 -25.76
CA ASP H 149 17.51 31.22 -26.77
C ASP H 149 16.80 30.36 -27.81
N VAL H 150 17.11 30.57 -29.09
CA VAL H 150 16.46 29.89 -30.26
C VAL H 150 17.51 29.02 -30.95
N TYR H 151 17.19 27.74 -31.17
CA TYR H 151 18.05 26.75 -31.84
C TYR H 151 17.38 26.30 -33.13
N PHE H 152 18.07 26.46 -34.27
CA PHE H 152 17.57 26.16 -35.64
C PHE H 152 18.69 25.50 -36.44
N THR H 153 18.32 24.74 -37.47
CA THR H 153 19.26 23.98 -38.35
C THR H 153 19.15 24.50 -39.80
N ASP H 154 20.27 24.42 -40.54
CA ASP H 154 20.33 24.57 -42.01
C ASP H 154 20.78 23.23 -42.59
N SER H 155 19.92 22.60 -43.41
CA SER H 155 20.06 21.19 -43.86
C SER H 155 21.24 21.02 -44.83
N SER H 156 21.58 22.06 -45.60
CA SER H 156 22.61 22.00 -46.68
C SER H 156 23.01 23.40 -47.14
N MET H 157 24.30 23.57 -47.45
CA MET H 157 24.88 24.78 -48.11
C MET H 157 24.82 24.61 -49.63
N ASN H 158 24.64 23.38 -50.13
CA ASN H 158 24.81 23.01 -51.56
C ASN H 158 23.45 22.89 -52.27
N TYR H 159 22.36 22.59 -51.55
CA TYR H 159 21.02 22.33 -52.13
C TYR H 159 19.92 23.03 -51.32
N GLN H 160 19.00 23.71 -52.01
CA GLN H 160 17.81 24.37 -51.42
C GLN H 160 16.71 23.33 -51.18
N ARG H 161 15.61 23.73 -50.53
CA ARG H 161 14.52 22.81 -50.08
C ARG H 161 14.05 21.95 -51.26
N SER H 162 13.72 22.58 -52.39
CA SER H 162 13.14 21.91 -53.59
C SER H 162 14.05 20.78 -54.08
N GLN H 163 15.35 20.83 -53.74
CA GLN H 163 16.36 19.79 -54.10
C GLN H 163 16.73 18.95 -52.86
N HIS H 164 15.80 18.80 -51.91
CA HIS H 164 16.00 18.01 -50.65
C HIS H 164 16.50 16.60 -50.99
N GLU H 165 15.97 15.99 -52.06
CA GLU H 165 16.30 14.61 -52.49
C GLU H 165 17.78 14.49 -52.83
N GLN H 166 18.39 15.58 -53.33
CA GLN H 166 19.82 15.62 -53.73
C GLN H 166 20.72 15.60 -52.49
N VAL H 167 20.27 16.22 -51.38
CA VAL H 167 20.99 16.23 -50.08
C VAL H 167 21.23 14.78 -49.64
N THR H 168 20.16 13.97 -49.64
CA THR H 168 20.18 12.52 -49.32
C THR H 168 21.10 11.79 -50.33
N ALA H 169 20.80 11.92 -51.63
CA ALA H 169 21.43 11.16 -52.74
C ALA H 169 22.96 11.33 -52.71
N THR H 170 23.44 12.57 -52.65
CA THR H 170 24.90 12.91 -52.68
C THR H 170 25.54 12.64 -51.31
N LYS H 171 24.73 12.45 -50.26
CA LYS H 171 25.17 12.31 -48.84
C LYS H 171 25.88 13.61 -48.43
N ASP H 172 25.25 14.75 -48.71
CA ASP H 172 25.72 16.11 -48.34
C ASP H 172 25.94 16.15 -46.82
N SER H 173 27.12 16.61 -46.39
CA SER H 173 27.51 16.84 -44.97
C SER H 173 27.97 18.29 -44.80
N THR H 174 27.12 19.25 -45.18
CA THR H 174 27.37 20.71 -45.10
C THR H 174 26.35 21.36 -44.15
N GLY H 175 25.60 20.54 -43.41
CA GLY H 175 24.54 20.99 -42.49
C GLY H 175 25.11 21.69 -41.28
N ARG H 176 24.38 22.69 -40.76
CA ARG H 176 24.79 23.49 -39.57
C ARG H 176 23.69 23.42 -38.51
N LEU H 177 24.10 23.29 -37.24
CA LEU H 177 23.26 23.51 -36.03
C LEU H 177 23.70 24.85 -35.42
N MET H 178 22.76 25.78 -35.21
CA MET H 178 23.06 27.18 -34.83
C MET H 178 22.17 27.65 -33.67
N LYS H 179 22.62 28.67 -32.95
CA LYS H 179 21.92 29.32 -31.81
C LYS H 179 21.75 30.80 -32.11
N TYR H 180 20.51 31.30 -32.05
CA TYR H 180 20.18 32.75 -32.06
C TYR H 180 19.91 33.19 -30.62
N ASP H 181 20.88 33.90 -30.02
CA ASP H 181 20.76 34.54 -28.70
C ASP H 181 20.04 35.88 -28.89
N PRO H 182 18.79 36.02 -28.43
CA PRO H 182 17.96 37.19 -28.77
C PRO H 182 18.37 38.48 -28.05
N ARG H 183 19.14 38.36 -26.96
CA ARG H 183 19.64 39.52 -26.16
C ARG H 183 20.80 40.20 -26.91
N THR H 184 21.72 39.41 -27.48
CA THR H 184 22.91 39.90 -28.24
C THR H 184 22.59 39.96 -29.74
N ASN H 185 21.43 39.44 -30.16
CA ASN H 185 20.97 39.42 -31.58
C ASN H 185 22.04 38.73 -32.45
N GLN H 186 22.75 37.75 -31.88
CA GLN H 186 23.95 37.11 -32.47
C GLN H 186 23.63 35.67 -32.87
N VAL H 187 23.95 35.28 -34.11
CA VAL H 187 23.87 33.88 -34.62
C VAL H 187 25.23 33.21 -34.35
N THR H 188 25.20 31.98 -33.81
CA THR H 188 26.42 31.19 -33.45
C THR H 188 26.28 29.79 -34.04
N VAL H 189 27.31 29.31 -34.75
CA VAL H 189 27.38 27.93 -35.33
C VAL H 189 27.90 26.99 -34.25
N LEU H 190 27.06 26.08 -33.76
CA LEU H 190 27.36 25.14 -32.65
C LEU H 190 28.01 23.88 -33.21
N GLN H 191 27.56 23.42 -34.38
CA GLN H 191 28.10 22.24 -35.10
C GLN H 191 27.87 22.42 -36.61
N SER H 192 28.94 22.35 -37.40
CA SER H 192 28.90 22.36 -38.89
C SER H 192 29.27 20.97 -39.41
N ASN H 193 29.13 20.76 -40.72
CA ASN H 193 29.45 19.48 -41.42
C ASN H 193 28.55 18.35 -40.90
N ILE H 194 27.27 18.65 -40.63
CA ILE H 194 26.24 17.66 -40.23
C ILE H 194 25.59 17.11 -41.50
N THR H 195 25.35 15.79 -41.56
CA THR H 195 24.70 15.11 -42.71
C THR H 195 23.18 15.28 -42.59
N TYR H 196 22.65 16.37 -43.19
CA TYR H 196 21.21 16.64 -43.38
C TYR H 196 20.51 16.82 -42.02
N PRO H 197 20.85 17.87 -41.23
CA PRO H 197 20.09 18.22 -40.03
C PRO H 197 18.75 18.84 -40.42
N ASN H 198 17.65 18.33 -39.85
CA ASN H 198 16.26 18.80 -40.11
C ASN H 198 15.65 19.21 -38.77
N GLY H 199 14.81 18.36 -38.17
CA GLY H 199 14.12 18.62 -36.89
C GLY H 199 15.09 18.85 -35.75
N VAL H 200 14.69 19.69 -34.79
CA VAL H 200 15.46 19.98 -33.56
C VAL H 200 14.47 20.24 -32.42
N ALA H 201 14.73 19.64 -31.25
CA ALA H 201 13.96 19.85 -30.00
C ALA H 201 14.93 19.88 -28.82
N MET H 202 14.72 20.82 -27.90
CA MET H 202 15.45 20.88 -26.60
C MET H 202 14.91 19.77 -25.69
N SER H 203 15.79 19.11 -24.94
CA SER H 203 15.44 18.11 -23.89
C SER H 203 14.67 18.81 -22.77
N ALA H 204 13.79 18.07 -22.09
CA ALA H 204 12.96 18.56 -20.96
C ALA H 204 13.88 19.17 -19.88
N ASP H 205 15.06 18.56 -19.65
CA ASP H 205 16.03 18.99 -18.61
C ASP H 205 16.96 20.09 -19.15
N ARG H 206 16.84 20.44 -20.44
CA ARG H 206 17.38 21.68 -21.06
C ARG H 206 18.93 21.64 -21.15
N THR H 207 19.53 20.45 -21.12
CA THR H 207 21.00 20.26 -21.13
C THR H 207 21.51 19.93 -22.54
N HIS H 208 20.63 19.54 -23.46
CA HIS H 208 21.01 19.11 -24.83
C HIS H 208 19.86 19.29 -25.82
N LEU H 209 20.19 19.18 -27.12
CA LEU H 209 19.23 19.18 -28.25
C LEU H 209 19.23 17.78 -28.89
N ILE H 210 18.05 17.29 -29.30
CA ILE H 210 17.89 16.09 -30.14
C ILE H 210 17.62 16.56 -31.58
N VAL H 211 18.62 16.44 -32.46
CA VAL H 211 18.56 16.88 -33.88
C VAL H 211 18.31 15.66 -34.76
N ALA H 212 17.34 15.75 -35.68
CA ALA H 212 17.02 14.70 -36.68
C ALA H 212 17.99 14.81 -37.86
N LEU H 213 18.53 13.67 -38.30
CA LEU H 213 19.35 13.54 -39.55
C LEU H 213 18.53 12.77 -40.59
N THR H 214 17.89 13.49 -41.51
CA THR H 214 16.90 12.94 -42.49
C THR H 214 17.55 11.82 -43.32
N GLY H 215 18.61 12.14 -44.06
CA GLY H 215 19.32 11.21 -44.96
C GLY H 215 19.86 9.98 -44.22
N PRO H 216 20.73 10.17 -43.21
CA PRO H 216 21.28 9.06 -42.42
C PRO H 216 20.26 8.19 -41.68
N CYS H 217 19.02 8.68 -41.48
CA CYS H 217 17.93 8.00 -40.74
C CYS H 217 18.36 7.80 -39.27
N LYS H 218 18.73 8.89 -38.61
CA LYS H 218 19.30 8.89 -37.23
C LYS H 218 18.86 10.15 -36.48
N LEU H 219 18.73 10.04 -35.15
CA LEU H 219 18.77 11.19 -34.22
C LEU H 219 20.20 11.30 -33.68
N MET H 220 20.68 12.52 -33.48
CA MET H 220 21.97 12.79 -32.76
C MET H 220 21.70 13.80 -31.65
N ARG H 221 22.50 13.75 -30.59
CA ARG H 221 22.38 14.63 -29.40
C ARG H 221 23.54 15.62 -29.39
N HIS H 222 23.23 16.92 -29.38
CA HIS H 222 24.19 18.03 -29.19
C HIS H 222 23.98 18.64 -27.79
N TRP H 223 25.01 18.61 -26.95
CA TRP H 223 25.00 19.19 -25.59
C TRP H 223 25.16 20.71 -25.67
N ILE H 224 24.35 21.47 -24.91
CA ILE H 224 24.35 22.96 -24.90
C ILE H 224 24.71 23.48 -23.49
N ARG H 225 24.74 22.61 -22.47
CA ARG H 225 25.03 23.00 -21.06
C ARG H 225 25.95 21.95 -20.43
N GLY H 226 26.77 22.36 -19.46
CA GLY H 226 27.68 21.49 -18.70
C GLY H 226 29.02 21.32 -19.39
N PRO H 227 29.86 20.35 -18.94
CA PRO H 227 31.21 20.18 -19.49
C PRO H 227 31.21 19.62 -20.93
N LYS H 228 30.09 19.03 -21.36
CA LYS H 228 29.94 18.39 -22.69
C LYS H 228 29.42 19.41 -23.71
N THR H 229 29.17 20.66 -23.30
CA THR H 229 28.72 21.78 -24.19
C THR H 229 29.57 21.79 -25.46
N GLY H 230 28.93 21.74 -26.64
CA GLY H 230 29.60 21.76 -27.95
C GLY H 230 29.74 20.37 -28.56
N LYS H 231 29.72 19.32 -27.72
CA LYS H 231 29.94 17.90 -28.14
C LYS H 231 28.65 17.38 -28.78
N SER H 232 28.78 16.78 -29.98
CA SER H 232 27.72 16.00 -30.68
C SER H 232 28.07 14.51 -30.60
N GLU H 233 27.05 13.65 -30.53
CA GLU H 233 27.23 12.18 -30.43
C GLU H 233 25.99 11.48 -30.99
N PRO H 234 26.07 10.17 -31.33
CA PRO H 234 24.89 9.41 -31.73
C PRO H 234 23.86 9.34 -30.59
N PHE H 235 22.57 9.33 -30.94
CA PHE H 235 21.44 9.20 -29.98
C PHE H 235 20.73 7.87 -30.20
N VAL H 236 20.15 7.67 -31.40
CA VAL H 236 19.46 6.41 -31.80
C VAL H 236 19.36 6.35 -33.33
N ASP H 237 19.56 5.15 -33.90
CA ASP H 237 19.27 4.85 -35.33
C ASP H 237 17.77 4.61 -35.48
N LEU H 238 17.15 5.21 -36.49
CA LEU H 238 15.70 5.08 -36.80
C LEU H 238 15.52 4.21 -38.05
N PRO H 239 14.44 3.41 -38.13
CA PRO H 239 14.14 2.64 -39.34
C PRO H 239 13.35 3.41 -40.41
N GLY H 240 13.49 4.74 -40.43
CA GLY H 240 12.84 5.65 -41.41
C GLY H 240 13.58 6.97 -41.52
N TYR H 241 13.15 7.83 -42.44
CA TYR H 241 13.75 9.16 -42.72
C TYR H 241 13.07 10.20 -41.84
N PRO H 242 13.72 10.68 -40.75
CA PRO H 242 13.09 11.63 -39.82
C PRO H 242 13.08 13.08 -40.32
N ASP H 243 12.05 13.84 -39.91
CA ASP H 243 11.90 15.28 -40.21
C ASP H 243 11.95 16.06 -38.90
N ASN H 244 10.80 16.47 -38.34
CA ASN H 244 10.72 17.38 -37.17
C ASN H 244 10.71 16.56 -35.87
N VAL H 245 11.53 16.97 -34.92
CA VAL H 245 11.60 16.43 -33.53
C VAL H 245 10.78 17.36 -32.63
N ARG H 246 9.81 16.81 -31.89
CA ARG H 246 8.94 17.60 -30.98
C ARG H 246 8.69 16.81 -29.71
N PRO H 247 8.65 17.47 -28.52
CA PRO H 247 8.35 16.78 -27.28
C PRO H 247 6.95 16.13 -27.32
N ASP H 248 6.81 14.99 -26.67
CA ASP H 248 5.53 14.21 -26.58
C ASP H 248 4.66 14.77 -25.45
N GLY H 249 5.21 15.65 -24.61
CA GLY H 249 4.54 16.22 -23.43
C GLY H 249 4.66 15.31 -22.22
N LYS H 250 5.50 14.27 -22.31
CA LYS H 250 5.68 13.22 -21.29
C LYS H 250 7.19 12.93 -21.11
N GLY H 251 8.04 13.92 -21.35
CA GLY H 251 9.50 13.84 -21.11
C GLY H 251 10.26 13.25 -22.28
N GLY H 252 9.56 12.75 -23.31
CA GLY H 252 10.14 12.13 -24.51
C GLY H 252 9.98 13.01 -25.73
N TYR H 253 10.03 12.42 -26.93
CA TYR H 253 9.88 13.10 -28.24
C TYR H 253 9.04 12.24 -29.19
N TRP H 254 8.21 12.90 -30.01
CA TRP H 254 7.61 12.31 -31.24
C TRP H 254 8.49 12.68 -32.43
N ILE H 255 8.99 11.67 -33.15
CA ILE H 255 9.78 11.81 -34.41
C ILE H 255 8.85 11.51 -35.59
N ALA H 256 8.67 12.48 -36.49
CA ALA H 256 7.94 12.31 -37.77
C ALA H 256 8.84 11.56 -38.75
N LEU H 257 8.29 10.58 -39.48
CA LEU H 257 9.01 9.75 -40.48
C LEU H 257 8.27 9.82 -41.83
N HIS H 258 8.76 10.64 -42.77
CA HIS H 258 8.10 10.89 -44.08
C HIS H 258 8.24 9.67 -44.98
N ARG H 259 9.33 8.90 -44.81
CA ARG H 259 9.61 7.64 -45.57
C ARG H 259 10.07 6.55 -44.59
N GLU H 260 9.71 5.29 -44.88
CA GLU H 260 10.30 4.08 -44.26
C GLU H 260 11.65 3.80 -44.92
N LYS H 261 12.60 3.23 -44.16
CA LYS H 261 13.90 2.75 -44.68
C LYS H 261 13.74 1.31 -45.16
N TYR H 262 12.87 0.53 -44.51
CA TYR H 262 12.51 -0.86 -44.85
C TYR H 262 10.98 -0.97 -44.98
N GLU H 263 10.49 -1.37 -46.16
CA GLU H 263 9.03 -1.55 -46.42
C GLU H 263 8.59 -2.86 -45.77
N LEU H 264 8.53 -2.88 -44.44
CA LEU H 264 8.18 -4.07 -43.60
C LEU H 264 6.76 -4.51 -43.93
N PRO H 265 6.52 -5.80 -44.26
CA PRO H 265 5.20 -6.26 -44.67
C PRO H 265 4.17 -6.30 -43.52
N PHE H 266 3.22 -5.37 -43.52
CA PHE H 266 2.05 -5.32 -42.59
C PHE H 266 0.75 -5.14 -43.38
N GLY H 267 0.76 -5.47 -44.67
CA GLY H 267 -0.42 -5.42 -45.56
C GLY H 267 -0.89 -3.99 -45.82
N PRO H 268 -2.22 -3.72 -45.76
CA PRO H 268 -2.77 -2.44 -46.18
C PRO H 268 -2.77 -1.33 -45.12
N ASP H 269 -2.36 -0.12 -45.51
CA ASP H 269 -2.42 1.14 -44.72
C ASP H 269 -1.79 0.93 -43.33
N SER H 270 -0.61 0.30 -43.27
CA SER H 270 0.12 0.00 -42.01
C SER H 270 1.62 0.26 -42.21
N HIS H 271 1.96 1.39 -42.84
CA HIS H 271 3.36 1.89 -43.02
C HIS H 271 3.75 2.72 -41.79
N LEU H 272 5.00 2.64 -41.37
CA LEU H 272 5.55 3.36 -40.18
C LEU H 272 5.69 4.85 -40.52
N VAL H 273 4.90 5.71 -39.85
CA VAL H 273 4.79 7.16 -40.16
C VAL H 273 5.44 8.01 -39.05
N ALA H 274 5.59 7.47 -37.84
CA ALA H 274 6.20 8.18 -36.68
C ALA H 274 6.72 7.19 -35.64
N MET H 275 7.59 7.68 -34.75
CA MET H 275 8.18 6.92 -33.62
C MET H 275 8.23 7.83 -32.38
N ARG H 276 7.75 7.33 -31.24
CA ARG H 276 7.97 7.95 -29.90
C ARG H 276 9.31 7.44 -29.36
N VAL H 277 10.15 8.36 -28.86
CA VAL H 277 11.51 8.07 -28.32
C VAL H 277 11.58 8.63 -26.89
N SER H 278 12.22 7.90 -25.98
CA SER H 278 12.45 8.31 -24.58
C SER H 278 13.63 9.29 -24.50
N ALA H 279 13.74 10.03 -23.40
CA ALA H 279 14.88 10.92 -23.09
C ALA H 279 16.19 10.14 -23.21
N GLY H 280 16.19 8.87 -22.81
CA GLY H 280 17.35 7.95 -22.89
C GLY H 280 17.66 7.54 -24.32
N GLY H 281 16.66 7.54 -25.21
CA GLY H 281 16.81 7.28 -26.65
C GLY H 281 16.44 5.86 -27.03
N LYS H 282 15.49 5.25 -26.32
CA LYS H 282 14.91 3.92 -26.63
C LYS H 282 13.63 4.13 -27.46
N LEU H 283 13.30 3.18 -28.33
CA LEU H 283 12.11 3.23 -29.21
C LEU H 283 10.89 2.75 -28.41
N VAL H 284 10.06 3.68 -27.96
CA VAL H 284 9.00 3.46 -26.92
C VAL H 284 7.68 3.05 -27.59
N GLN H 285 7.25 3.80 -28.60
CA GLN H 285 5.94 3.60 -29.30
C GLN H 285 6.11 3.94 -30.78
N GLN H 286 5.32 3.30 -31.65
CA GLN H 286 5.31 3.57 -33.11
C GLN H 286 3.89 3.90 -33.56
N MET H 287 3.79 4.65 -34.66
CA MET H 287 2.51 5.06 -35.30
C MET H 287 2.54 4.60 -36.77
N ARG H 288 1.50 3.88 -37.20
CA ARG H 288 1.38 3.33 -38.58
C ARG H 288 0.13 3.93 -39.25
N GLY H 289 0.17 4.07 -40.58
CA GLY H 289 -0.93 4.64 -41.38
C GLY H 289 -0.67 4.51 -42.88
N PRO H 290 -1.51 5.14 -43.73
CA PRO H 290 -1.33 5.08 -45.18
C PRO H 290 0.01 5.69 -45.62
N LYS H 291 0.56 5.22 -46.74
CA LYS H 291 1.88 5.66 -47.29
C LYS H 291 1.80 7.12 -47.73
N SER H 292 0.59 7.63 -48.00
CA SER H 292 0.34 9.01 -48.50
C SER H 292 0.45 10.06 -47.39
N LEU H 293 0.57 9.64 -46.12
CA LEU H 293 0.63 10.56 -44.95
C LEU H 293 1.95 11.34 -44.96
N ARG H 294 3.08 10.64 -45.09
CA ARG H 294 4.46 11.21 -45.12
C ARG H 294 4.54 12.38 -44.13
N PRO H 295 4.37 12.14 -42.82
CA PRO H 295 4.36 13.22 -41.84
C PRO H 295 5.73 13.90 -41.72
N THR H 296 5.75 15.22 -41.51
CA THR H 296 6.97 16.04 -41.29
C THR H 296 7.04 16.49 -39.83
N GLU H 297 5.91 16.64 -39.14
CA GLU H 297 5.85 16.94 -37.67
C GLU H 297 4.68 16.20 -37.02
N VAL H 298 4.90 15.67 -35.83
CA VAL H 298 3.91 14.92 -35.00
C VAL H 298 3.83 15.61 -33.62
N MET H 299 2.68 16.20 -33.30
CA MET H 299 2.48 17.05 -32.09
C MET H 299 1.35 16.46 -31.23
N GLU H 300 1.70 15.68 -30.21
CA GLU H 300 0.75 15.16 -29.20
C GLU H 300 0.34 16.31 -28.28
N ARG H 301 -0.92 16.31 -27.82
CA ARG H 301 -1.51 17.40 -27.00
C ARG H 301 -2.17 16.80 -25.75
N LYS H 302 -2.56 17.67 -24.80
CA LYS H 302 -3.07 17.30 -23.45
C LYS H 302 -4.33 16.43 -23.60
N ASP H 303 -5.20 16.75 -24.56
CA ASP H 303 -6.55 16.14 -24.73
C ASP H 303 -6.46 14.80 -25.47
N GLY H 304 -5.25 14.28 -25.74
CA GLY H 304 -5.02 12.94 -26.32
C GLY H 304 -4.94 12.96 -27.84
N LYS H 305 -5.28 14.09 -28.47
CA LYS H 305 -5.19 14.29 -29.95
C LYS H 305 -3.71 14.41 -30.36
N ILE H 306 -3.39 13.96 -31.57
CA ILE H 306 -2.03 14.11 -32.20
C ILE H 306 -2.20 14.81 -33.54
N TYR H 307 -1.87 16.10 -33.60
CA TYR H 307 -1.87 16.93 -34.84
C TYR H 307 -0.63 16.52 -35.65
N MET H 308 -0.78 16.38 -36.97
CA MET H 308 0.28 15.85 -37.86
C MET H 308 0.46 16.78 -39.07
N GLY H 309 1.71 17.25 -39.28
CA GLY H 309 2.11 18.09 -40.41
C GLY H 309 2.64 17.27 -41.56
N ASN H 310 2.78 17.89 -42.74
CA ASN H 310 3.26 17.25 -43.99
C ASN H 310 3.68 18.36 -44.97
N VAL H 311 4.17 18.02 -46.16
CA VAL H 311 4.64 19.02 -47.19
C VAL H 311 3.89 18.79 -48.52
N GLU H 312 2.83 17.98 -48.54
CA GLU H 312 2.17 17.52 -49.79
C GLU H 312 0.64 17.56 -49.70
N LEU H 313 0.04 17.32 -48.52
CA LEU H 313 -1.43 17.17 -48.36
C LEU H 313 -2.07 18.54 -48.12
N PRO H 314 -3.32 18.75 -48.61
CA PRO H 314 -4.02 20.03 -48.43
C PRO H 314 -4.78 20.15 -47.11
N TYR H 315 -4.19 19.67 -46.00
CA TYR H 315 -4.81 19.68 -44.65
C TYR H 315 -3.77 19.25 -43.61
N VAL H 316 -4.03 19.62 -42.35
CA VAL H 316 -3.42 19.00 -41.14
C VAL H 316 -4.28 17.79 -40.78
N GLY H 317 -3.64 16.65 -40.46
CA GLY H 317 -4.31 15.43 -39.98
C GLY H 317 -4.35 15.40 -38.46
N VAL H 318 -5.42 14.82 -37.89
CA VAL H 318 -5.61 14.66 -36.42
C VAL H 318 -6.06 13.22 -36.14
N VAL H 319 -5.27 12.47 -35.37
CA VAL H 319 -5.58 11.05 -34.96
C VAL H 319 -5.87 11.02 -33.46
N LYS H 320 -6.39 9.89 -32.96
CA LYS H 320 -6.85 9.69 -31.55
C LYS H 320 -7.91 10.73 -31.20
N PHE I 10 -13.57 33.10 26.46
CA PHE I 10 -13.73 34.39 25.71
C PHE I 10 -13.50 35.58 26.64
N LYS I 11 -12.85 36.63 26.13
CA LYS I 11 -12.54 37.89 26.86
C LYS I 11 -13.59 38.95 26.48
N THR I 12 -14.07 39.72 27.46
CA THR I 12 -15.11 40.77 27.31
C THR I 12 -14.72 41.72 26.17
N ILE I 13 -15.63 41.92 25.21
CA ILE I 13 -15.41 42.80 24.02
C ILE I 13 -15.48 44.26 24.45
N ASP I 14 -14.52 45.07 24.02
CA ASP I 14 -14.35 46.50 24.39
C ASP I 14 -15.00 47.37 23.30
N ALA I 15 -16.24 47.81 23.52
CA ALA I 15 -17.07 48.55 22.54
C ALA I 15 -16.95 50.07 22.75
N ARG I 16 -15.95 50.52 23.53
CA ARG I 16 -15.75 51.95 23.90
C ARG I 16 -15.40 52.75 22.64
N ARG I 17 -14.29 52.40 21.98
CA ARG I 17 -13.90 52.97 20.66
C ARG I 17 -14.58 52.14 19.56
N SER I 18 -15.45 52.79 18.77
CA SER I 18 -16.30 52.13 17.75
C SER I 18 -16.52 53.10 16.58
N GLN I 19 -16.38 52.61 15.34
CA GLN I 19 -16.69 53.36 14.09
C GLN I 19 -18.20 53.62 14.05
N HIS I 20 -18.60 54.85 13.75
CA HIS I 20 -20.02 55.29 13.60
C HIS I 20 -20.35 55.42 12.12
N LEU I 21 -21.31 54.64 11.62
CA LEU I 21 -21.87 54.74 10.25
C LEU I 21 -23.03 55.74 10.28
N ASP I 22 -22.71 57.03 10.18
CA ASP I 22 -23.66 58.17 10.40
C ASP I 22 -24.77 58.15 9.34
N LEU I 23 -26.02 58.32 9.77
CA LEU I 23 -27.20 58.55 8.89
C LEU I 23 -27.22 60.03 8.49
N GLY I 24 -28.00 60.36 7.45
CA GLY I 24 -28.22 61.75 6.98
C GLY I 24 -29.44 62.37 7.63
N GLY I 25 -29.66 63.66 7.39
CA GLY I 25 -30.85 64.41 7.84
C GLY I 25 -31.06 64.28 9.34
N SER I 26 -32.30 63.98 9.75
CA SER I 26 -32.72 63.85 11.18
C SER I 26 -32.95 62.38 11.54
N LEU I 27 -32.73 61.45 10.60
CA LEU I 27 -32.94 59.99 10.77
C LEU I 27 -32.25 59.50 12.04
N VAL I 28 -32.91 58.64 12.81
CA VAL I 28 -32.31 57.92 13.98
C VAL I 28 -32.83 56.48 14.00
N GLY I 29 -32.16 55.62 14.77
CA GLY I 29 -32.68 54.31 15.20
C GLY I 29 -32.68 53.25 14.11
N PRO I 30 -31.49 52.83 13.60
CA PRO I 30 -31.41 51.64 12.75
C PRO I 30 -31.50 50.35 13.58
N GLU I 31 -32.71 49.96 13.99
CA GLU I 31 -32.96 48.86 14.97
C GLU I 31 -32.22 47.60 14.53
N SER I 32 -32.40 47.17 13.28
CA SER I 32 -31.79 45.96 12.68
C SER I 32 -30.63 46.37 11.77
N VAL I 33 -29.68 45.45 11.57
CA VAL I 33 -28.48 45.63 10.69
C VAL I 33 -28.33 44.36 9.82
N ALA I 34 -29.25 44.17 8.87
CA ALA I 34 -29.34 42.98 8.00
C ALA I 34 -28.33 43.07 6.87
N PHE I 35 -27.75 41.93 6.49
CA PHE I 35 -26.86 41.78 5.31
C PHE I 35 -27.50 40.77 4.35
N ASP I 36 -27.41 41.05 3.04
CA ASP I 36 -28.01 40.23 1.96
C ASP I 36 -27.02 39.13 1.55
N GLY I 37 -27.41 38.28 0.59
CA GLY I 37 -26.62 37.14 0.10
C GLY I 37 -25.23 37.55 -0.38
N LYS I 38 -25.12 38.72 -1.03
CA LYS I 38 -23.86 39.23 -1.63
C LYS I 38 -23.01 39.92 -0.55
N GLY I 39 -23.56 40.08 0.65
CA GLY I 39 -22.85 40.64 1.83
C GLY I 39 -22.81 42.17 1.80
N ARG I 40 -23.71 42.80 1.05
CA ARG I 40 -23.82 44.28 0.94
C ARG I 40 -24.04 44.88 2.34
N GLY I 41 -23.41 46.04 2.60
CA GLY I 41 -23.39 46.73 3.91
C GLY I 41 -24.75 46.69 4.61
N PRO I 42 -24.82 47.14 5.89
CA PRO I 42 -26.04 46.99 6.69
C PRO I 42 -27.28 47.64 6.05
N TYR I 43 -28.36 46.87 5.93
CA TYR I 43 -29.76 47.34 5.68
C TYR I 43 -30.41 47.58 7.05
N SER I 44 -30.99 48.77 7.27
CA SER I 44 -31.57 49.20 8.56
C SER I 44 -32.88 49.97 8.36
N GLY I 45 -33.91 49.59 9.11
CA GLY I 45 -35.19 50.33 9.22
C GLY I 45 -35.08 51.43 10.25
N VAL I 46 -35.33 52.68 9.84
CA VAL I 46 -35.05 53.91 10.64
C VAL I 46 -36.37 54.57 11.07
N SER I 47 -36.27 55.71 11.77
CA SER I 47 -37.38 56.41 12.49
C SER I 47 -38.53 56.77 11.54
N ASP I 48 -38.24 57.25 10.33
CA ASP I 48 -39.24 57.89 9.42
C ASP I 48 -40.00 56.84 8.60
N GLY I 49 -39.62 55.56 8.69
CA GLY I 49 -40.35 54.43 8.09
C GLY I 49 -39.60 53.79 6.92
N ARG I 50 -38.54 54.43 6.42
CA ARG I 50 -37.72 53.94 5.28
C ARG I 50 -36.78 52.82 5.77
N ILE I 51 -36.53 51.83 4.91
CA ILE I 51 -35.44 50.82 5.09
C ILE I 51 -34.25 51.31 4.26
N MET I 52 -33.19 51.75 4.93
CA MET I 52 -31.98 52.37 4.30
C MET I 52 -30.89 51.31 4.16
N ARG I 53 -30.01 51.48 3.16
CA ARG I 53 -28.85 50.59 2.89
C ARG I 53 -27.55 51.41 2.92
N TRP I 54 -26.55 50.91 3.65
CA TRP I 54 -25.18 51.47 3.73
C TRP I 54 -24.37 51.04 2.50
N ASN I 55 -23.72 51.99 1.81
CA ASN I 55 -22.96 51.75 0.56
C ASN I 55 -21.51 52.25 0.73
N GLY I 56 -20.99 52.26 1.96
CA GLY I 56 -19.65 52.78 2.30
C GLY I 56 -19.70 54.25 2.64
N GLU I 57 -18.64 54.77 3.29
CA GLU I 57 -18.53 56.17 3.78
C GLU I 57 -18.81 57.16 2.65
N ALA I 58 -18.32 56.86 1.44
CA ALA I 58 -18.43 57.73 0.24
C ALA I 58 -19.90 57.95 -0.12
N ALA I 59 -20.58 56.90 -0.58
CA ALA I 59 -21.98 56.93 -1.08
C ALA I 59 -22.95 57.19 0.08
N GLY I 60 -22.63 56.71 1.28
CA GLY I 60 -23.50 56.82 2.48
C GLY I 60 -24.73 55.93 2.35
N TRP I 61 -25.85 56.37 2.94
CA TRP I 61 -27.14 55.62 2.98
C TRP I 61 -28.01 56.00 1.79
N SER I 62 -28.67 55.01 1.17
CA SER I 62 -29.73 55.17 0.13
C SER I 62 -31.00 54.45 0.57
N THR I 63 -32.16 54.98 0.19
CA THR I 63 -33.49 54.34 0.41
C THR I 63 -33.54 53.04 -0.41
N TYR I 64 -33.95 51.94 0.21
CA TYR I 64 -34.06 50.61 -0.45
C TYR I 64 -35.52 50.23 -0.60
N THR I 65 -36.30 50.31 0.48
CA THR I 65 -37.75 49.93 0.49
C THR I 65 -38.50 50.70 1.60
N TYR I 66 -39.83 50.54 1.62
CA TYR I 66 -40.82 51.29 2.45
C TYR I 66 -42.19 50.66 2.26
N SER I 67 -43.13 50.94 3.17
CA SER I 67 -44.53 50.43 3.12
C SER I 67 -45.30 51.12 2.01
N PRO I 68 -46.38 50.50 1.47
CA PRO I 68 -47.31 51.21 0.58
C PRO I 68 -47.88 52.48 1.23
N SER I 69 -48.23 52.41 2.51
CA SER I 69 -48.78 53.53 3.33
C SER I 69 -47.84 54.74 3.32
N TYR I 70 -46.52 54.49 3.27
CA TYR I 70 -45.46 55.55 3.21
C TYR I 70 -45.64 56.37 1.92
N THR I 71 -45.94 55.71 0.80
CA THR I 71 -46.20 56.34 -0.52
C THR I 71 -47.57 57.01 -0.50
N LYS I 72 -48.61 56.28 -0.10
CA LYS I 72 -50.04 56.74 -0.10
C LYS I 72 -50.18 58.06 0.67
N ASN I 73 -49.54 58.16 1.84
CA ASN I 73 -49.65 59.35 2.75
C ASN I 73 -48.48 60.31 2.51
N LYS I 74 -47.86 60.27 1.33
CA LYS I 74 -46.77 61.19 0.90
C LYS I 74 -45.90 61.58 2.10
N CYS I 75 -45.33 60.57 2.78
CA CYS I 75 -44.51 60.73 4.02
C CYS I 75 -43.16 61.38 3.68
N ALA I 76 -42.66 61.20 2.46
CA ALA I 76 -41.37 61.72 1.96
C ALA I 76 -41.34 63.26 2.07
N ALA I 77 -42.49 63.92 1.92
CA ALA I 77 -42.64 65.39 1.90
C ALA I 77 -43.30 65.90 3.19
N SER I 78 -43.52 65.02 4.18
CA SER I 78 -44.12 65.37 5.50
C SER I 78 -43.17 66.28 6.28
N THR I 79 -43.72 67.21 7.06
CA THR I 79 -42.99 68.26 7.82
C THR I 79 -43.36 68.20 9.32
N LEU I 80 -43.88 67.07 9.78
CA LEU I 80 -44.22 66.81 11.21
C LEU I 80 -43.21 65.85 11.82
N PRO I 81 -43.01 65.84 13.16
CA PRO I 81 -42.05 64.93 13.78
C PRO I 81 -42.52 63.48 13.67
N THR I 82 -41.56 62.53 13.57
CA THR I 82 -41.76 61.11 13.18
C THR I 82 -42.68 60.39 14.18
N VAL I 83 -42.77 60.86 15.42
CA VAL I 83 -43.61 60.26 16.51
C VAL I 83 -45.08 60.26 16.07
N GLN I 84 -45.58 61.39 15.57
CA GLN I 84 -47.02 61.61 15.26
C GLN I 84 -47.40 60.86 13.98
N THR I 85 -46.51 60.84 12.97
CA THR I 85 -46.75 60.27 11.62
C THR I 85 -46.22 58.83 11.55
N GLU I 86 -45.90 58.22 12.69
CA GLU I 86 -45.25 56.89 12.79
C GLU I 86 -46.24 55.80 12.34
N SER I 87 -47.48 55.87 12.81
CA SER I 87 -48.54 54.84 12.60
C SER I 87 -49.07 54.86 11.16
N LYS I 88 -48.79 55.92 10.39
CA LYS I 88 -49.25 56.09 8.99
C LYS I 88 -48.08 55.94 8.01
N CYS I 89 -46.84 56.21 8.46
CA CYS I 89 -45.60 56.07 7.64
C CYS I 89 -44.92 54.72 7.93
N GLY I 90 -45.22 54.10 9.08
CA GLY I 90 -44.67 52.80 9.49
C GLY I 90 -43.37 52.95 10.25
N ARG I 91 -43.04 51.96 11.10
CA ARG I 91 -41.77 51.90 11.87
C ARG I 91 -41.17 50.50 11.69
N PRO I 92 -40.30 50.28 10.69
CA PRO I 92 -39.70 48.98 10.45
C PRO I 92 -38.71 48.61 11.57
N LEU I 93 -38.76 47.35 12.03
CA LEU I 93 -37.89 46.80 13.10
C LEU I 93 -37.10 45.61 12.55
N GLY I 94 -37.66 44.41 12.61
CA GLY I 94 -36.98 43.15 12.21
C GLY I 94 -36.70 43.13 10.72
N LEU I 95 -35.47 42.77 10.34
CA LEU I 95 -35.03 42.59 8.92
C LEU I 95 -34.33 41.25 8.76
N ARG I 96 -34.68 40.50 7.70
CA ARG I 96 -33.99 39.24 7.31
C ARG I 96 -34.13 39.04 5.80
N PHE I 97 -33.02 38.71 5.13
CA PHE I 97 -32.97 38.33 3.70
C PHE I 97 -33.13 36.81 3.56
N HIS I 98 -34.00 36.39 2.64
CA HIS I 98 -34.05 35.01 2.09
C HIS I 98 -33.00 34.94 0.97
N TYR I 99 -31.90 34.24 1.21
CA TYR I 99 -30.69 34.21 0.32
C TYR I 99 -31.07 33.65 -1.06
N LYS I 100 -31.90 32.59 -1.09
CA LYS I 100 -32.28 31.85 -2.33
C LYS I 100 -32.88 32.80 -3.36
N THR I 101 -33.78 33.71 -2.93
CA THR I 101 -34.51 34.67 -3.81
C THR I 101 -33.80 36.03 -3.83
N GLY I 102 -33.32 36.50 -2.68
CA GLY I 102 -32.77 37.86 -2.49
C GLY I 102 -33.81 38.81 -1.95
N ASN I 103 -35.03 38.32 -1.68
CA ASN I 103 -36.16 39.09 -1.10
C ASN I 103 -35.78 39.53 0.32
N LEU I 104 -36.16 40.75 0.70
CA LEU I 104 -36.03 41.28 2.10
C LEU I 104 -37.40 41.17 2.78
N TYR I 105 -37.45 40.48 3.93
CA TYR I 105 -38.65 40.41 4.81
C TYR I 105 -38.49 41.45 5.93
N ILE I 106 -39.54 42.26 6.13
CA ILE I 106 -39.55 43.46 7.03
C ILE I 106 -40.68 43.29 8.05
N ALA I 107 -40.33 43.28 9.34
CA ALA I 107 -41.29 43.31 10.48
C ALA I 107 -41.50 44.77 10.90
N ASP I 108 -42.62 45.37 10.45
CA ASP I 108 -42.97 46.79 10.68
C ASP I 108 -44.02 46.86 11.80
N ALA I 109 -43.77 47.67 12.83
CA ALA I 109 -44.58 47.77 14.07
C ALA I 109 -46.04 48.05 13.74
N TYR I 110 -46.31 48.90 12.73
CA TYR I 110 -47.66 49.39 12.36
C TYR I 110 -48.15 48.74 11.06
N MET I 111 -47.25 48.43 10.12
CA MET I 111 -47.59 47.94 8.75
C MET I 111 -47.52 46.40 8.69
N GLY I 112 -47.02 45.75 9.75
CA GLY I 112 -46.96 44.28 9.86
C GLY I 112 -45.86 43.67 9.01
N LEU I 113 -45.96 42.37 8.70
CA LEU I 113 -44.96 41.62 7.90
C LEU I 113 -45.09 42.03 6.43
N MET I 114 -44.03 42.62 5.88
CA MET I 114 -43.94 43.05 4.46
C MET I 114 -42.76 42.33 3.80
N ARG I 115 -42.63 42.43 2.47
CA ARG I 115 -41.53 41.83 1.68
C ARG I 115 -41.33 42.62 0.38
N VAL I 116 -40.10 42.68 -0.12
CA VAL I 116 -39.70 43.34 -1.40
C VAL I 116 -38.66 42.46 -2.11
N GLY I 117 -38.62 42.51 -3.44
CA GLY I 117 -37.67 41.75 -4.28
C GLY I 117 -36.25 42.33 -4.20
N PRO I 118 -35.25 41.66 -4.80
CA PRO I 118 -33.85 42.10 -4.71
C PRO I 118 -33.57 43.41 -5.46
N LYS I 119 -34.47 43.80 -6.38
CA LYS I 119 -34.42 45.10 -7.11
C LYS I 119 -34.64 46.24 -6.11
N GLY I 120 -35.49 46.01 -5.11
CA GLY I 120 -35.88 47.01 -4.09
C GLY I 120 -37.20 47.67 -4.46
N GLY I 121 -37.39 48.92 -4.02
CA GLY I 121 -38.61 49.71 -4.26
C GLY I 121 -39.66 49.46 -3.19
N GLU I 122 -40.91 49.89 -3.43
CA GLU I 122 -42.05 49.78 -2.50
C GLU I 122 -42.25 48.32 -2.08
N ALA I 123 -42.37 48.07 -0.77
CA ALA I 123 -42.61 46.72 -0.18
C ALA I 123 -44.06 46.32 -0.40
N THR I 124 -44.33 45.01 -0.38
CA THR I 124 -45.67 44.39 -0.42
C THR I 124 -46.02 43.87 0.98
N VAL I 125 -47.16 44.29 1.53
CA VAL I 125 -47.68 43.81 2.84
C VAL I 125 -48.21 42.38 2.63
N LEU I 126 -47.65 41.40 3.37
CA LEU I 126 -48.02 39.96 3.26
C LEU I 126 -49.08 39.62 4.30
N ALA I 127 -49.01 40.21 5.49
CA ALA I 127 -49.95 39.98 6.62
C ALA I 127 -50.01 41.20 7.55
N MET I 128 -51.23 41.66 7.85
CA MET I 128 -51.50 42.73 8.85
C MET I 128 -52.39 42.16 9.97
N LYS I 129 -52.59 40.84 10.00
CA LYS I 129 -53.41 40.15 11.03
C LYS I 129 -53.00 38.66 11.13
N ALA I 130 -53.42 37.99 12.19
CA ALA I 130 -53.16 36.57 12.48
C ALA I 130 -54.34 35.97 13.26
N ASP I 131 -55.09 35.04 12.64
CA ASP I 131 -56.31 34.40 13.18
C ASP I 131 -57.36 35.47 13.50
N GLY I 132 -57.58 36.41 12.57
CA GLY I 132 -58.61 37.45 12.67
C GLY I 132 -58.12 38.69 13.41
N VAL I 133 -57.27 38.52 14.43
CA VAL I 133 -56.73 39.61 15.28
C VAL I 133 -55.64 40.35 14.51
N PRO I 134 -55.69 41.71 14.43
CA PRO I 134 -54.66 42.48 13.73
C PRO I 134 -53.33 42.54 14.50
N LEU I 135 -52.22 42.72 13.77
CA LEU I 135 -50.85 42.88 14.34
C LEU I 135 -50.64 44.35 14.73
N ARG I 136 -50.44 44.63 16.02
CA ARG I 136 -50.36 46.00 16.59
C ARG I 136 -48.89 46.42 16.74
N PHE I 137 -47.97 45.48 16.95
CA PHE I 137 -46.53 45.74 17.27
C PHE I 137 -45.66 44.60 16.73
N THR I 138 -45.56 44.48 15.41
CA THR I 138 -44.70 43.49 14.70
C THR I 138 -43.23 43.91 14.90
N ASN I 139 -42.41 43.05 15.50
CA ASN I 139 -41.06 43.41 16.01
C ASN I 139 -39.99 42.51 15.37
N GLY I 140 -39.83 41.28 15.88
CA GLY I 140 -38.74 40.36 15.50
C GLY I 140 -39.09 39.53 14.28
N VAL I 141 -38.07 39.05 13.55
CA VAL I 141 -38.25 38.20 12.34
C VAL I 141 -36.97 37.40 12.10
N ASP I 142 -37.12 36.17 11.58
CA ASP I 142 -36.02 35.34 11.04
C ASP I 142 -36.58 34.38 9.99
N ILE I 143 -35.71 33.83 9.14
CA ILE I 143 -36.09 32.98 7.98
C ILE I 143 -35.39 31.63 8.09
N ASP I 144 -36.13 30.54 7.84
CA ASP I 144 -35.60 29.21 7.50
C ASP I 144 -35.08 29.28 6.06
N GLN I 145 -33.75 29.33 5.87
CA GLN I 145 -33.11 29.57 4.55
C GLN I 145 -33.30 28.37 3.62
N VAL I 146 -33.63 27.19 4.17
CA VAL I 146 -33.82 25.93 3.40
C VAL I 146 -35.22 25.91 2.78
N THR I 147 -36.25 26.22 3.57
CA THR I 147 -37.69 26.13 3.16
C THR I 147 -38.21 27.49 2.67
N GLY I 148 -37.70 28.60 3.25
CA GLY I 148 -38.19 29.97 3.00
C GLY I 148 -39.27 30.37 4.00
N ASP I 149 -39.57 29.51 4.98
CA ASP I 149 -40.55 29.78 6.06
C ASP I 149 -40.04 30.98 6.88
N VAL I 150 -40.93 31.92 7.19
CA VAL I 150 -40.63 33.16 7.95
C VAL I 150 -41.30 33.06 9.33
N TYR I 151 -40.52 33.28 10.39
CA TYR I 151 -40.97 33.29 11.80
C TYR I 151 -40.77 34.73 12.32
N PHE I 152 -41.84 35.32 12.87
CA PHE I 152 -41.87 36.72 13.36
C PHE I 152 -42.70 36.81 14.65
N THR I 153 -42.55 37.91 15.37
CA THR I 153 -43.22 38.17 16.68
C THR I 153 -44.06 39.45 16.59
N ASP I 154 -45.20 39.46 17.30
CA ASP I 154 -45.94 40.68 17.70
C ASP I 154 -45.78 40.85 19.21
N SER I 155 -45.22 41.98 19.65
CA SER I 155 -44.76 42.21 21.04
C SER I 155 -45.95 42.39 21.99
N SER I 156 -47.07 42.93 21.51
CA SER I 156 -48.28 43.22 22.31
C SER I 156 -49.51 43.44 21.41
N MET I 157 -50.69 43.05 21.92
CA MET I 157 -52.02 43.36 21.31
C MET I 157 -52.53 44.69 21.87
N ASN I 158 -52.12 45.04 23.09
CA ASN I 158 -52.63 46.21 23.87
C ASN I 158 -51.89 47.48 23.46
N TYR I 159 -50.55 47.49 23.58
CA TYR I 159 -49.69 48.68 23.36
C TYR I 159 -49.00 48.59 22.01
N GLN I 160 -48.75 49.76 21.39
CA GLN I 160 -47.98 49.93 20.13
C GLN I 160 -46.53 50.26 20.48
N ARG I 161 -45.67 50.42 19.47
CA ARG I 161 -44.20 50.61 19.61
C ARG I 161 -43.91 51.81 20.54
N SER I 162 -44.62 52.91 20.37
CA SER I 162 -44.41 54.20 21.11
C SER I 162 -44.49 53.99 22.62
N GLN I 163 -45.32 53.03 23.08
CA GLN I 163 -45.50 52.68 24.52
C GLN I 163 -44.78 51.37 24.87
N HIS I 164 -43.65 51.08 24.22
CA HIS I 164 -42.85 49.85 24.46
C HIS I 164 -42.48 49.74 25.94
N GLU I 165 -42.28 50.88 26.62
CA GLU I 165 -41.99 50.96 28.08
C GLU I 165 -43.18 50.43 28.89
N GLN I 166 -44.40 50.64 28.41
CA GLN I 166 -45.65 50.22 29.10
C GLN I 166 -45.81 48.69 29.04
N VAL I 167 -45.38 48.07 27.94
CA VAL I 167 -45.42 46.58 27.75
C VAL I 167 -44.66 45.93 28.90
N THR I 168 -43.48 46.46 29.23
CA THR I 168 -42.60 45.99 30.34
C THR I 168 -43.25 46.32 31.69
N ALA I 169 -43.55 47.59 31.93
CA ALA I 169 -44.03 48.14 33.22
C ALA I 169 -45.29 47.40 33.70
N THR I 170 -46.24 47.14 32.80
CA THR I 170 -47.55 46.49 33.09
C THR I 170 -47.41 44.96 33.11
N LYS I 171 -46.26 44.43 32.67
CA LYS I 171 -45.98 42.98 32.53
C LYS I 171 -47.01 42.37 31.57
N ASP I 172 -47.32 43.10 30.49
CA ASP I 172 -48.26 42.70 29.41
C ASP I 172 -47.83 41.33 28.88
N SER I 173 -48.80 40.43 28.65
CA SER I 173 -48.60 39.05 28.15
C SER I 173 -49.61 38.74 27.05
N THR I 174 -49.60 39.55 25.99
CA THR I 174 -50.49 39.43 24.80
C THR I 174 -49.64 39.21 23.55
N GLY I 175 -48.36 38.84 23.74
CA GLY I 175 -47.39 38.65 22.64
C GLY I 175 -47.65 37.35 21.88
N ARG I 176 -47.39 37.36 20.58
CA ARG I 176 -47.61 36.21 19.66
C ARG I 176 -46.32 35.88 18.91
N LEU I 177 -46.00 34.58 18.81
CA LEU I 177 -45.00 34.01 17.87
C LEU I 177 -45.75 33.34 16.72
N MET I 178 -45.42 33.68 15.47
CA MET I 178 -46.19 33.26 14.28
C MET I 178 -45.24 32.74 13.18
N LYS I 179 -45.80 31.93 12.28
CA LYS I 179 -45.13 31.41 11.05
C LYS I 179 -45.90 31.92 9.83
N TYR I 180 -45.20 32.58 8.90
CA TYR I 180 -45.70 32.90 7.54
C TYR I 180 -45.14 31.85 6.56
N ASP I 181 -46.02 31.00 6.04
CA ASP I 181 -45.70 29.98 5.00
C ASP I 181 -45.84 30.65 3.63
N PRO I 182 -44.74 30.84 2.87
CA PRO I 182 -44.80 31.58 1.60
C PRO I 182 -45.48 30.79 0.47
N ARG I 183 -45.41 29.44 0.52
CA ARG I 183 -46.03 28.53 -0.47
C ARG I 183 -47.56 28.58 -0.34
N THR I 184 -48.08 28.78 0.88
CA THR I 184 -49.53 28.82 1.20
C THR I 184 -50.03 30.28 1.25
N ASN I 185 -49.17 31.20 1.72
CA ASN I 185 -49.51 32.63 1.98
C ASN I 185 -50.46 32.70 3.18
N GLN I 186 -50.33 31.76 4.12
CA GLN I 186 -51.14 31.65 5.36
C GLN I 186 -50.26 32.05 6.55
N VAL I 187 -50.85 32.67 7.58
CA VAL I 187 -50.19 33.02 8.87
C VAL I 187 -50.67 32.02 9.94
N THR I 188 -49.74 31.32 10.59
CA THR I 188 -50.02 30.36 11.68
C THR I 188 -49.50 30.97 13.00
N VAL I 189 -50.35 31.03 14.03
CA VAL I 189 -49.96 31.45 15.41
C VAL I 189 -49.43 30.21 16.14
N LEU I 190 -48.11 30.15 16.33
CA LEU I 190 -47.40 29.00 16.95
C LEU I 190 -47.56 29.06 18.48
N GLN I 191 -47.51 30.28 19.03
CA GLN I 191 -47.64 30.56 20.48
C GLN I 191 -48.30 31.93 20.67
N SER I 192 -49.12 32.08 21.71
CA SER I 192 -49.78 33.35 22.12
C SER I 192 -49.61 33.55 23.63
N ASN I 193 -49.96 34.74 24.13
CA ASN I 193 -49.88 35.12 25.56
C ASN I 193 -48.43 35.09 26.03
N ILE I 194 -47.50 35.51 25.16
CA ILE I 194 -46.04 35.63 25.46
C ILE I 194 -45.79 37.00 26.10
N THR I 195 -45.00 37.04 27.17
CA THR I 195 -44.67 38.29 27.92
C THR I 195 -43.59 39.07 27.14
N TYR I 196 -44.02 39.91 26.20
CA TYR I 196 -43.16 40.84 25.42
C TYR I 196 -42.13 40.07 24.62
N PRO I 197 -42.55 39.31 23.58
CA PRO I 197 -41.61 38.73 22.62
C PRO I 197 -41.05 39.82 21.70
N ASN I 198 -39.73 39.85 21.50
CA ASN I 198 -39.02 40.84 20.63
C ASN I 198 -38.25 40.05 19.57
N GLY I 199 -36.94 39.85 19.77
CA GLY I 199 -36.05 39.15 18.84
C GLY I 199 -36.45 37.70 18.64
N VAL I 200 -36.21 37.16 17.45
CA VAL I 200 -36.38 35.72 17.10
C VAL I 200 -35.23 35.32 16.18
N ALA I 201 -34.61 34.16 16.43
CA ALA I 201 -33.55 33.56 15.60
C ALA I 201 -33.75 32.05 15.57
N MET I 202 -33.71 31.46 14.37
CA MET I 202 -33.72 29.98 14.18
C MET I 202 -32.37 29.43 14.63
N SER I 203 -32.38 28.28 15.32
CA SER I 203 -31.16 27.51 15.68
C SER I 203 -30.51 26.99 14.41
N ALA I 204 -29.18 26.87 14.40
CA ALA I 204 -28.39 26.39 13.24
C ALA I 204 -28.95 25.05 12.75
N ASP I 205 -29.37 24.17 13.67
CA ASP I 205 -29.88 22.81 13.37
C ASP I 205 -31.36 22.86 12.93
N ARG I 206 -32.00 24.04 12.98
CA ARG I 206 -33.31 24.35 12.35
C ARG I 206 -34.45 23.60 13.06
N THR I 207 -34.28 23.24 14.34
CA THR I 207 -35.27 22.47 15.12
C THR I 207 -36.13 23.41 15.99
N HIS I 208 -35.59 24.56 16.40
CA HIS I 208 -36.27 25.49 17.33
C HIS I 208 -35.97 26.96 17.00
N LEU I 209 -36.68 27.86 17.68
CA LEU I 209 -36.49 29.34 17.64
C LEU I 209 -36.04 29.81 19.03
N ILE I 210 -35.05 30.70 19.08
CA ILE I 210 -34.64 31.42 20.32
C ILE I 210 -35.30 32.81 20.28
N VAL I 211 -36.30 33.02 21.13
CA VAL I 211 -37.12 34.26 21.19
C VAL I 211 -36.73 35.04 22.44
N ALA I 212 -36.41 36.34 22.28
CA ALA I 212 -36.05 37.28 23.36
C ALA I 212 -37.32 37.85 24.00
N LEU I 213 -37.46 37.72 25.31
CA LEU I 213 -38.53 38.36 26.11
C LEU I 213 -37.95 39.61 26.78
N THR I 214 -38.19 40.79 26.19
CA THR I 214 -37.59 42.10 26.59
C THR I 214 -37.88 42.36 28.08
N GLY I 215 -39.16 42.38 28.45
CA GLY I 215 -39.63 42.71 29.81
C GLY I 215 -39.07 41.76 30.86
N PRO I 216 -39.35 40.43 30.77
CA PRO I 216 -38.86 39.45 31.75
C PRO I 216 -37.33 39.30 31.85
N CYS I 217 -36.58 39.82 30.87
CA CYS I 217 -35.10 39.74 30.77
C CYS I 217 -34.68 38.27 30.62
N LYS I 218 -35.30 37.56 29.68
CA LYS I 218 -35.10 36.12 29.43
C LYS I 218 -35.03 35.85 27.93
N LEU I 219 -34.40 34.73 27.55
CA LEU I 219 -34.62 34.05 26.24
C LEU I 219 -35.46 32.80 26.50
N MET I 220 -36.43 32.51 25.63
CA MET I 220 -37.23 31.25 25.66
C MET I 220 -37.02 30.51 24.34
N ARG I 221 -37.17 29.18 24.36
CA ARG I 221 -37.00 28.28 23.19
C ARG I 221 -38.37 27.77 22.77
N HIS I 222 -38.73 27.92 21.49
CA HIS I 222 -39.95 27.34 20.87
C HIS I 222 -39.53 26.36 19.76
N TRP I 223 -39.81 25.07 19.96
CA TRP I 223 -39.47 23.99 19.00
C TRP I 223 -40.44 24.05 17.81
N ILE I 224 -39.93 23.96 16.58
CA ILE I 224 -40.73 24.04 15.32
C ILE I 224 -40.68 22.71 14.56
N ARG I 225 -39.76 21.81 14.91
CA ARG I 225 -39.63 20.46 14.28
C ARG I 225 -39.61 19.38 15.36
N GLY I 226 -40.06 18.17 15.02
CA GLY I 226 -39.99 16.97 15.88
C GLY I 226 -41.19 16.86 16.80
N PRO I 227 -41.19 15.89 17.75
CA PRO I 227 -42.31 15.69 18.65
C PRO I 227 -42.57 16.87 19.59
N LYS I 228 -41.53 17.67 19.89
CA LYS I 228 -41.60 18.85 20.79
C LYS I 228 -42.15 20.07 20.05
N THR I 229 -42.50 19.94 18.75
CA THR I 229 -43.08 21.02 17.92
C THR I 229 -44.24 21.70 18.67
N GLY I 230 -44.21 23.04 18.75
CA GLY I 230 -45.28 23.86 19.33
C GLY I 230 -45.05 24.19 20.80
N LYS I 231 -44.06 23.54 21.44
CA LYS I 231 -43.77 23.67 22.89
C LYS I 231 -42.80 24.84 23.12
N SER I 232 -43.13 25.71 24.07
CA SER I 232 -42.26 26.82 24.55
C SER I 232 -41.71 26.46 25.93
N GLU I 233 -40.42 26.74 26.17
CA GLU I 233 -39.74 26.43 27.46
C GLU I 233 -38.70 27.51 27.75
N PRO I 234 -38.25 27.66 29.02
CA PRO I 234 -37.14 28.56 29.35
C PRO I 234 -35.84 28.12 28.66
N PHE I 235 -34.98 29.08 28.33
CA PHE I 235 -33.67 28.88 27.66
C PHE I 235 -32.56 29.40 28.60
N VAL I 236 -32.61 30.68 28.95
CA VAL I 236 -31.63 31.34 29.86
C VAL I 236 -32.21 32.67 30.35
N ASP I 237 -31.91 33.04 31.61
CA ASP I 237 -32.20 34.38 32.19
C ASP I 237 -31.01 35.29 31.90
N LEU I 238 -31.27 36.54 31.52
CA LEU I 238 -30.23 37.55 31.15
C LEU I 238 -30.19 38.66 32.20
N PRO I 239 -29.00 39.23 32.49
CA PRO I 239 -28.88 40.40 33.36
C PRO I 239 -29.06 41.72 32.60
N GLY I 240 -30.10 41.80 31.77
CA GLY I 240 -30.37 42.95 30.88
C GLY I 240 -31.66 42.73 30.09
N TYR I 241 -32.17 43.79 29.45
CA TYR I 241 -33.42 43.78 28.65
C TYR I 241 -33.07 43.47 27.20
N PRO I 242 -33.34 42.23 26.71
CA PRO I 242 -32.96 41.85 25.36
C PRO I 242 -33.94 42.36 24.28
N ASP I 243 -33.41 42.69 23.09
CA ASP I 243 -34.21 43.07 21.90
C ASP I 243 -34.11 41.95 20.87
N ASN I 244 -33.18 42.06 19.90
CA ASN I 244 -33.08 41.14 18.75
C ASN I 244 -32.12 39.99 19.08
N VAL I 245 -32.44 38.79 18.60
CA VAL I 245 -31.59 37.56 18.65
C VAL I 245 -31.09 37.31 17.23
N ARG I 246 -29.76 37.25 17.04
CA ARG I 246 -29.11 37.01 15.73
C ARG I 246 -27.95 36.04 15.90
N PRO I 247 -27.73 35.11 14.95
CA PRO I 247 -26.60 34.18 15.03
C PRO I 247 -25.26 34.92 14.99
N ASP I 248 -24.25 34.36 15.69
CA ASP I 248 -22.88 34.94 15.78
C ASP I 248 -21.98 34.34 14.70
N GLY I 249 -22.51 33.40 13.91
CA GLY I 249 -21.78 32.76 12.78
C GLY I 249 -20.87 31.63 13.24
N LYS I 250 -21.00 31.21 14.52
CA LYS I 250 -20.17 30.16 15.15
C LYS I 250 -21.06 29.20 15.95
N GLY I 251 -22.33 29.05 15.55
CA GLY I 251 -23.29 28.09 16.13
C GLY I 251 -24.08 28.66 17.29
N GLY I 252 -23.70 29.84 17.79
CA GLY I 252 -24.35 30.52 18.93
C GLY I 252 -25.20 31.70 18.46
N TYR I 253 -25.47 32.65 19.36
CA TYR I 253 -26.26 33.88 19.10
C TYR I 253 -25.64 35.07 19.85
N TRP I 254 -25.69 36.25 19.22
CA TRP I 254 -25.43 37.57 19.87
C TRP I 254 -26.76 38.18 20.29
N ILE I 255 -26.94 38.44 21.58
CA ILE I 255 -28.17 39.06 22.15
C ILE I 255 -27.87 40.54 22.45
N ALA I 256 -28.57 41.45 21.77
CA ALA I 256 -28.57 42.90 22.02
C ALA I 256 -29.27 43.17 23.35
N LEU I 257 -28.61 43.88 24.27
CA LEU I 257 -29.18 44.32 25.56
C LEU I 257 -29.17 45.86 25.59
N HIS I 258 -30.34 46.49 25.41
CA HIS I 258 -30.48 47.97 25.32
C HIS I 258 -30.30 48.59 26.72
N ARG I 259 -30.69 47.87 27.78
CA ARG I 259 -30.54 48.31 29.20
C ARG I 259 -29.94 47.16 30.03
N GLU I 260 -29.12 47.51 31.03
CA GLU I 260 -28.67 46.62 32.13
C GLU I 260 -29.79 46.51 33.17
N LYS I 261 -29.77 45.44 33.97
CA LYS I 261 -30.60 45.31 35.20
C LYS I 261 -29.75 45.66 36.43
N TYR I 262 -28.41 45.56 36.31
CA TYR I 262 -27.43 45.87 37.38
C TYR I 262 -26.29 46.72 36.81
N GLU I 263 -26.03 47.87 37.45
CA GLU I 263 -24.89 48.78 37.12
C GLU I 263 -23.70 48.40 38.01
N LEU I 264 -22.85 47.48 37.54
CA LEU I 264 -21.64 47.00 38.26
C LEU I 264 -20.59 48.10 38.23
N PRO I 265 -19.86 48.34 39.35
CA PRO I 265 -18.92 49.46 39.43
C PRO I 265 -17.60 49.21 38.68
N PHE I 266 -17.64 49.31 37.35
CA PHE I 266 -16.48 49.17 36.44
C PHE I 266 -15.96 50.56 36.04
N GLY I 267 -16.56 51.63 36.56
CA GLY I 267 -16.17 53.02 36.29
C GLY I 267 -16.80 53.55 35.00
N PRO I 268 -16.02 54.25 34.14
CA PRO I 268 -16.58 54.91 32.96
C PRO I 268 -16.74 54.01 31.72
N ASP I 269 -17.93 54.00 31.13
CA ASP I 269 -18.24 53.39 29.80
C ASP I 269 -17.89 51.90 29.81
N SER I 270 -18.48 51.13 30.74
CA SER I 270 -18.29 49.67 30.88
C SER I 270 -19.63 49.00 31.22
N HIS I 271 -20.72 49.51 30.66
CA HIS I 271 -22.11 48.97 30.80
C HIS I 271 -22.25 47.74 29.89
N LEU I 272 -22.91 46.69 30.37
CA LEU I 272 -23.24 45.48 29.59
C LEU I 272 -24.28 45.83 28.52
N VAL I 273 -23.89 45.75 27.24
CA VAL I 273 -24.69 46.23 26.07
C VAL I 273 -25.10 45.04 25.18
N ALA I 274 -24.41 43.90 25.29
CA ALA I 274 -24.70 42.67 24.51
C ALA I 274 -24.11 41.45 25.21
N MET I 275 -24.67 40.26 24.93
CA MET I 275 -24.23 38.97 25.50
C MET I 275 -24.22 37.90 24.40
N ARG I 276 -23.10 37.18 24.25
CA ARG I 276 -22.99 35.99 23.36
C ARG I 276 -23.50 34.76 24.11
N VAL I 277 -24.42 34.01 23.50
CA VAL I 277 -25.07 32.80 24.09
C VAL I 277 -24.86 31.63 23.14
N SER I 278 -24.52 30.45 23.70
CA SER I 278 -24.26 29.19 22.95
C SER I 278 -25.59 28.51 22.61
N ALA I 279 -25.56 27.55 21.69
CA ALA I 279 -26.71 26.70 21.29
C ALA I 279 -27.34 26.05 22.53
N GLY I 280 -26.51 25.66 23.50
CA GLY I 280 -26.94 25.03 24.77
C GLY I 280 -27.67 25.99 25.69
N GLY I 281 -27.30 27.29 25.65
CA GLY I 281 -27.96 28.37 26.39
C GLY I 281 -27.13 28.87 27.57
N LYS I 282 -25.80 28.74 27.49
CA LYS I 282 -24.85 29.26 28.51
C LYS I 282 -24.37 30.65 28.09
N LEU I 283 -24.18 31.55 29.06
CA LEU I 283 -23.67 32.93 28.84
C LEU I 283 -22.17 32.83 28.56
N VAL I 284 -21.76 33.00 27.30
CA VAL I 284 -20.40 32.67 26.78
C VAL I 284 -19.50 33.91 26.93
N GLN I 285 -19.88 35.03 26.29
CA GLN I 285 -19.08 36.27 26.18
C GLN I 285 -20.00 37.48 26.39
N GLN I 286 -19.45 38.57 26.93
CA GLN I 286 -20.19 39.85 27.18
C GLN I 286 -19.48 41.00 26.45
N MET I 287 -20.26 42.02 26.08
CA MET I 287 -19.78 43.27 25.44
C MET I 287 -20.11 44.45 26.36
N ARG I 288 -19.11 45.28 26.67
CA ARG I 288 -19.25 46.46 27.57
C ARG I 288 -18.75 47.71 26.85
N GLY I 289 -19.46 48.83 27.03
CA GLY I 289 -19.18 50.12 26.37
C GLY I 289 -20.05 51.24 26.94
N PRO I 290 -20.10 52.42 26.27
CA PRO I 290 -20.90 53.56 26.75
C PRO I 290 -22.40 53.26 26.88
N LYS I 291 -23.09 54.04 27.71
CA LYS I 291 -24.53 53.86 28.07
C LYS I 291 -25.42 54.32 26.93
N SER I 292 -24.90 55.13 25.99
CA SER I 292 -25.63 55.70 24.83
C SER I 292 -25.93 54.60 23.79
N LEU I 293 -24.95 53.73 23.51
CA LEU I 293 -24.98 52.72 22.41
C LEU I 293 -26.34 52.01 22.33
N ARG I 294 -26.95 51.70 23.47
CA ARG I 294 -28.32 51.13 23.60
C ARG I 294 -28.60 50.20 22.43
N PRO I 295 -27.85 49.07 22.28
CA PRO I 295 -28.01 48.19 21.12
C PRO I 295 -29.35 47.44 21.10
N THR I 296 -29.97 47.34 19.93
CA THR I 296 -31.23 46.60 19.68
C THR I 296 -30.94 45.35 18.82
N GLU I 297 -29.88 45.37 18.01
CA GLU I 297 -29.40 44.18 17.25
C GLU I 297 -27.88 44.20 17.18
N VAL I 298 -27.25 43.03 17.29
CA VAL I 298 -25.77 42.83 17.28
C VAL I 298 -25.44 41.76 16.24
N MET I 299 -24.70 42.13 15.19
CA MET I 299 -24.42 41.28 14.00
C MET I 299 -22.91 41.15 13.81
N GLU I 300 -22.32 40.09 14.38
CA GLU I 300 -20.89 39.71 14.13
C GLU I 300 -20.78 39.21 12.69
N ARG I 301 -19.75 39.65 11.97
CA ARG I 301 -19.52 39.32 10.54
C ARG I 301 -18.16 38.62 10.38
N LYS I 302 -17.96 38.00 9.22
CA LYS I 302 -16.84 37.08 8.90
C LYS I 302 -15.49 37.82 8.96
N ASP I 303 -15.50 39.16 8.90
CA ASP I 303 -14.28 40.01 8.80
C ASP I 303 -13.90 40.58 10.18
N GLY I 304 -14.47 40.05 11.26
CA GLY I 304 -14.11 40.43 12.65
C GLY I 304 -14.99 41.55 13.20
N LYS I 305 -15.53 42.41 12.33
CA LYS I 305 -16.37 43.58 12.69
C LYS I 305 -17.73 43.10 13.22
N ILE I 306 -18.24 43.75 14.27
CA ILE I 306 -19.60 43.53 14.84
C ILE I 306 -20.42 44.80 14.65
N TYR I 307 -21.47 44.74 13.82
CA TYR I 307 -22.40 45.85 13.52
C TYR I 307 -23.53 45.85 14.56
N MET I 308 -23.87 47.04 15.09
CA MET I 308 -24.84 47.22 16.19
C MET I 308 -25.91 48.24 15.79
N GLY I 309 -27.18 47.83 15.83
CA GLY I 309 -28.35 48.70 15.61
C GLY I 309 -28.86 49.30 16.91
N ASN I 310 -29.74 50.30 16.82
CA ASN I 310 -30.38 51.00 17.97
C ASN I 310 -31.71 51.59 17.48
N VAL I 311 -32.45 52.27 18.36
CA VAL I 311 -33.75 52.92 18.01
C VAL I 311 -33.76 54.40 18.42
N GLU I 312 -32.59 54.99 18.71
CA GLU I 312 -32.49 56.36 19.29
C GLU I 312 -31.37 57.20 18.66
N LEU I 313 -30.38 56.60 18.01
CA LEU I 313 -29.13 57.30 17.56
C LEU I 313 -29.15 57.48 16.04
N PRO I 314 -28.47 58.53 15.52
CA PRO I 314 -28.34 58.75 14.08
C PRO I 314 -27.12 58.06 13.44
N TYR I 315 -26.86 56.80 13.81
CA TYR I 315 -25.75 55.99 13.26
C TYR I 315 -25.93 54.50 13.63
N VAL I 316 -25.28 53.64 12.84
CA VAL I 316 -24.99 52.21 13.18
C VAL I 316 -23.59 52.18 13.82
N GLY I 317 -23.46 51.52 14.96
CA GLY I 317 -22.16 51.31 15.65
C GLY I 317 -21.45 50.09 15.09
N VAL I 318 -20.11 50.13 15.02
CA VAL I 318 -19.24 49.02 14.53
C VAL I 318 -18.04 48.90 15.47
N VAL I 319 -17.77 47.70 16.01
CA VAL I 319 -16.64 47.43 16.94
C VAL I 319 -15.71 46.37 16.31
N LYS I 320 -14.50 46.23 16.87
CA LYS I 320 -13.42 45.33 16.39
C LYS I 320 -13.04 45.72 14.95
N PHE J 10 -0.63 12.12 2.90
CA PHE J 10 0.35 12.81 2.02
C PHE J 10 0.38 12.15 0.63
N LYS J 11 -0.21 12.81 -0.36
CA LYS J 11 -0.21 12.39 -1.79
C LYS J 11 1.17 12.69 -2.40
N THR J 12 1.66 11.81 -3.28
CA THR J 12 2.96 11.94 -3.99
C THR J 12 3.09 13.35 -4.57
N ILE J 13 4.30 13.92 -4.53
CA ILE J 13 4.62 15.27 -5.08
C ILE J 13 5.06 15.13 -6.54
N ASP J 14 4.52 15.99 -7.41
CA ASP J 14 4.76 15.97 -8.88
C ASP J 14 5.90 16.94 -9.21
N ALA J 15 7.07 16.41 -9.59
CA ALA J 15 8.31 17.16 -9.87
C ALA J 15 8.59 17.23 -11.38
N ARG J 16 7.58 16.99 -12.21
CA ARG J 16 7.69 16.95 -13.70
C ARG J 16 7.93 18.36 -14.24
N ARG J 17 7.06 19.31 -13.86
CA ARG J 17 7.08 20.72 -14.32
C ARG J 17 7.67 21.58 -13.19
N SER J 18 8.99 21.80 -13.22
CA SER J 18 9.77 22.50 -12.16
C SER J 18 10.36 23.80 -12.72
N GLN J 19 10.40 24.85 -11.91
CA GLN J 19 11.07 26.14 -12.22
C GLN J 19 12.58 25.93 -12.08
N HIS J 20 13.35 26.33 -13.10
CA HIS J 20 14.84 26.21 -13.14
C HIS J 20 15.48 27.56 -12.84
N LEU J 21 16.45 27.58 -11.91
CA LEU J 21 17.31 28.76 -11.63
C LEU J 21 18.70 28.50 -12.23
N ASP J 22 18.91 28.91 -13.48
CA ASP J 22 20.14 28.63 -14.28
C ASP J 22 21.37 29.23 -13.58
N LEU J 23 22.47 28.48 -13.57
CA LEU J 23 23.80 28.96 -13.13
C LEU J 23 24.49 29.64 -14.33
N GLY J 24 25.51 30.45 -14.07
CA GLY J 24 26.27 31.17 -15.10
C GLY J 24 27.23 30.25 -15.85
N GLY J 25 27.86 30.77 -16.91
CA GLY J 25 28.89 30.08 -17.71
C GLY J 25 28.49 28.65 -18.02
N SER J 26 29.31 27.68 -17.62
CA SER J 26 29.10 26.22 -17.79
C SER J 26 29.07 25.52 -16.42
N LEU J 27 28.61 26.22 -15.39
CA LEU J 27 28.46 25.68 -14.00
C LEU J 27 27.41 24.56 -14.01
N VAL J 28 27.65 23.49 -13.24
CA VAL J 28 26.67 22.40 -13.01
C VAL J 28 26.75 21.93 -11.54
N GLY J 29 25.68 21.33 -11.06
CA GLY J 29 25.67 20.51 -9.83
C GLY J 29 25.66 21.34 -8.54
N PRO J 30 24.57 22.09 -8.26
CA PRO J 30 24.38 22.70 -6.94
C PRO J 30 23.95 21.62 -5.92
N GLU J 31 24.91 20.85 -5.40
CA GLU J 31 24.68 19.62 -4.59
C GLU J 31 23.71 19.94 -3.44
N SER J 32 24.00 20.98 -2.66
CA SER J 32 23.16 21.47 -1.52
C SER J 32 22.42 22.74 -1.95
N VAL J 33 21.35 23.09 -1.21
CA VAL J 33 20.51 24.29 -1.43
C VAL J 33 20.16 24.88 -0.06
N ALA J 34 21.18 25.42 0.62
CA ALA J 34 21.10 25.98 1.99
C ALA J 34 20.52 27.40 1.95
N PHE J 35 19.83 27.79 3.02
CA PHE J 35 19.26 29.14 3.25
C PHE J 35 19.78 29.66 4.59
N ASP J 36 20.10 30.95 4.67
CA ASP J 36 20.63 31.59 5.91
C ASP J 36 19.46 32.05 6.79
N GLY J 37 19.76 32.54 7.99
CA GLY J 37 18.77 32.92 9.03
C GLY J 37 17.85 34.05 8.60
N LYS J 38 18.27 34.87 7.63
CA LYS J 38 17.48 35.99 7.06
C LYS J 38 16.56 35.45 5.96
N GLY J 39 16.89 34.27 5.42
CA GLY J 39 16.06 33.53 4.44
C GLY J 39 16.50 33.76 3.01
N ARG J 40 17.70 34.31 2.78
CA ARG J 40 18.29 34.53 1.44
C ARG J 40 18.18 33.23 0.62
N GLY J 41 17.83 33.36 -0.67
CA GLY J 41 17.62 32.24 -1.61
C GLY J 41 18.74 31.21 -1.55
N PRO J 42 18.63 30.08 -2.31
CA PRO J 42 19.55 28.96 -2.14
C PRO J 42 21.04 29.36 -2.26
N TYR J 43 21.84 28.95 -1.26
CA TYR J 43 23.32 28.88 -1.30
C TYR J 43 23.71 27.46 -1.76
N SER J 44 24.49 27.35 -2.84
CA SER J 44 24.80 26.07 -3.51
C SER J 44 26.29 25.96 -3.84
N GLY J 45 26.90 24.82 -3.52
CA GLY J 45 28.28 24.47 -3.92
C GLY J 45 28.30 23.80 -5.29
N VAL J 46 28.92 24.46 -6.29
CA VAL J 46 28.83 24.09 -7.73
C VAL J 46 30.15 23.43 -8.18
N SER J 47 30.25 23.07 -9.46
CA SER J 47 31.27 22.16 -10.05
C SER J 47 32.69 22.74 -9.94
N ASP J 48 32.86 24.04 -10.23
CA ASP J 48 34.18 24.70 -10.39
C ASP J 48 34.83 24.99 -9.03
N GLY J 49 34.13 24.71 -7.92
CA GLY J 49 34.68 24.81 -6.54
C GLY J 49 34.04 25.93 -5.74
N ARG J 50 33.38 26.89 -6.41
CA ARG J 50 32.76 28.08 -5.78
C ARG J 50 31.49 27.67 -5.04
N ILE J 51 31.09 28.45 -4.04
CA ILE J 51 29.75 28.40 -3.38
C ILE J 51 28.99 29.66 -3.81
N MET J 52 28.00 29.52 -4.68
CA MET J 52 27.21 30.64 -5.25
C MET J 52 25.99 30.91 -4.36
N ARG J 53 25.31 32.04 -4.56
CA ARG J 53 24.09 32.44 -3.82
C ARG J 53 23.06 33.01 -4.80
N TRP J 54 21.82 32.51 -4.75
CA TRP J 54 20.68 32.98 -5.59
C TRP J 54 20.20 34.33 -5.03
N ASN J 55 19.96 35.30 -5.91
CA ASN J 55 19.56 36.70 -5.54
C ASN J 55 18.30 37.10 -6.34
N GLY J 56 17.54 36.12 -6.85
CA GLY J 56 16.33 36.33 -7.65
C GLY J 56 16.61 36.24 -9.14
N GLU J 57 15.55 36.22 -9.97
CA GLU J 57 15.62 36.09 -11.45
C GLU J 57 16.46 37.24 -12.05
N ALA J 58 16.25 38.47 -11.55
CA ALA J 58 16.92 39.70 -12.02
C ALA J 58 18.43 39.58 -11.79
N ALA J 59 18.84 39.49 -10.53
CA ALA J 59 20.26 39.53 -10.08
C ALA J 59 21.00 38.25 -10.47
N GLY J 60 20.29 37.11 -10.47
CA GLY J 60 20.88 35.78 -10.75
C GLY J 60 21.77 35.32 -9.62
N TRP J 61 22.76 34.47 -9.93
CA TRP J 61 23.75 33.93 -8.95
C TRP J 61 24.91 34.91 -8.77
N SER J 62 25.48 34.96 -7.57
CA SER J 62 26.71 35.72 -7.22
C SER J 62 27.63 34.83 -6.38
N THR J 63 28.95 34.96 -6.57
CA THR J 63 29.97 34.23 -5.78
C THR J 63 29.90 34.71 -4.32
N TYR J 64 29.90 33.77 -3.36
CA TYR J 64 29.79 34.06 -1.91
C TYR J 64 31.08 33.63 -1.19
N THR J 65 31.58 32.43 -1.47
CA THR J 65 32.80 31.87 -0.82
C THR J 65 33.44 30.78 -1.68
N TYR J 66 34.67 30.39 -1.32
CA TYR J 66 35.53 29.39 -2.00
C TYR J 66 36.68 29.00 -1.06
N SER J 67 37.43 27.95 -1.40
CA SER J 67 38.56 27.42 -0.59
C SER J 67 39.78 28.32 -0.77
N PRO J 68 40.78 28.27 0.15
CA PRO J 68 42.04 28.98 -0.05
C PRO J 68 42.81 28.49 -1.28
N SER J 69 42.84 27.16 -1.49
CA SER J 69 43.51 26.50 -2.63
C SER J 69 42.93 27.01 -3.96
N TYR J 70 41.62 27.32 -4.00
CA TYR J 70 40.91 27.84 -5.19
C TYR J 70 41.58 29.12 -5.69
N THR J 71 41.99 30.00 -4.75
CA THR J 71 42.67 31.29 -5.03
C THR J 71 44.18 31.05 -5.19
N LYS J 72 44.75 30.12 -4.42
CA LYS J 72 46.21 29.76 -4.45
C LYS J 72 46.55 29.07 -5.79
N ASN J 73 45.58 28.38 -6.41
CA ASN J 73 45.76 27.66 -7.70
C ASN J 73 45.12 28.46 -8.84
N LYS J 74 44.79 29.74 -8.60
CA LYS J 74 44.28 30.70 -9.62
C LYS J 74 43.25 30.00 -10.53
N CYS J 75 42.16 29.50 -9.94
CA CYS J 75 41.12 28.67 -10.60
C CYS J 75 40.11 29.54 -11.35
N ALA J 76 39.98 30.82 -10.97
CA ALA J 76 38.97 31.77 -11.47
C ALA J 76 38.91 31.78 -13.01
N ALA J 77 40.05 31.58 -13.69
CA ALA J 77 40.19 31.67 -15.16
C ALA J 77 40.65 30.35 -15.76
N SER J 78 40.37 29.22 -15.10
CA SER J 78 40.69 27.83 -15.59
C SER J 78 39.72 27.46 -16.72
N THR J 79 40.26 26.97 -17.85
CA THR J 79 39.51 26.62 -19.09
C THR J 79 39.33 25.09 -19.20
N LEU J 80 39.89 24.31 -18.29
CA LEU J 80 39.83 22.82 -18.31
C LEU J 80 38.48 22.36 -17.77
N PRO J 81 38.02 21.13 -18.10
CA PRO J 81 36.88 20.52 -17.41
C PRO J 81 37.17 20.40 -15.91
N THR J 82 36.16 20.64 -15.07
CA THR J 82 36.28 20.85 -13.60
C THR J 82 36.67 19.54 -12.90
N VAL J 83 36.46 18.38 -13.54
CA VAL J 83 36.78 17.03 -12.97
C VAL J 83 38.30 16.89 -12.84
N GLN J 84 39.06 17.50 -13.76
CA GLN J 84 40.55 17.49 -13.75
C GLN J 84 41.06 18.43 -12.63
N THR J 85 40.49 19.63 -12.54
CA THR J 85 40.96 20.75 -11.68
C THR J 85 40.30 20.66 -10.29
N GLU J 86 39.68 19.52 -9.96
CA GLU J 86 38.75 19.34 -8.81
C GLU J 86 39.55 19.22 -7.51
N SER J 87 40.61 18.41 -7.51
CA SER J 87 41.47 18.10 -6.33
C SER J 87 42.26 19.35 -5.90
N LYS J 88 42.43 20.31 -6.82
CA LYS J 88 43.10 21.62 -6.55
C LYS J 88 42.05 22.67 -6.15
N CYS J 89 41.10 22.96 -7.06
CA CYS J 89 40.10 24.05 -6.95
C CYS J 89 39.03 23.73 -5.89
N GLY J 90 38.84 22.45 -5.58
CA GLY J 90 37.87 21.97 -4.57
C GLY J 90 36.51 21.65 -5.18
N ARG J 91 35.70 20.87 -4.47
CA ARG J 91 34.32 20.49 -4.88
C ARG J 91 33.41 20.56 -3.66
N PRO J 92 32.72 21.70 -3.43
CA PRO J 92 31.84 21.86 -2.27
C PRO J 92 30.56 21.03 -2.38
N LEU J 93 30.28 20.22 -1.34
CA LEU J 93 29.07 19.37 -1.25
C LEU J 93 28.16 19.92 -0.14
N GLY J 94 28.32 19.48 1.11
CA GLY J 94 27.47 19.88 2.25
C GLY J 94 27.55 21.37 2.53
N LEU J 95 26.40 22.00 2.81
CA LEU J 95 26.29 23.42 3.24
C LEU J 95 25.31 23.51 4.41
N ARG J 96 25.62 24.34 5.41
CA ARG J 96 24.74 24.60 6.58
C ARG J 96 25.20 25.88 7.29
N PHE J 97 24.26 26.79 7.56
CA PHE J 97 24.48 28.05 8.32
C PHE J 97 24.24 27.80 9.82
N HIS J 98 25.05 28.44 10.67
CA HIS J 98 24.82 28.62 12.12
C HIS J 98 24.13 29.97 12.32
N TYR J 99 22.83 29.96 12.60
CA TYR J 99 21.93 31.14 12.57
C TYR J 99 22.46 32.23 13.54
N LYS J 100 22.90 31.83 14.74
CA LYS J 100 23.38 32.74 15.81
C LYS J 100 24.48 33.67 15.26
N THR J 101 25.53 33.09 14.66
CA THR J 101 26.70 33.81 14.09
C THR J 101 26.35 34.37 12.70
N GLY J 102 25.67 33.56 11.88
CA GLY J 102 25.46 33.81 10.44
C GLY J 102 26.58 33.20 9.60
N ASN J 103 27.38 32.30 10.21
CA ASN J 103 28.54 31.62 9.58
C ASN J 103 28.06 30.45 8.74
N LEU J 104 28.55 30.33 7.50
CA LEU J 104 28.30 29.18 6.58
C LEU J 104 29.41 28.15 6.75
N TYR J 105 29.07 26.93 7.16
CA TYR J 105 29.99 25.76 7.20
C TYR J 105 29.89 24.99 5.87
N ILE J 106 31.03 24.65 5.27
CA ILE J 106 31.15 23.98 3.95
C ILE J 106 31.88 22.65 4.11
N ALA J 107 31.27 21.56 3.64
CA ALA J 107 31.89 20.22 3.49
C ALA J 107 32.38 20.07 2.06
N ASP J 108 33.65 20.41 1.81
CA ASP J 108 34.32 20.33 0.48
C ASP J 108 35.07 18.99 0.40
N ALA J 109 34.75 18.17 -0.60
CA ALA J 109 35.24 16.78 -0.78
C ALA J 109 36.74 16.70 -0.53
N TYR J 110 37.50 17.60 -1.16
CA TYR J 110 39.00 17.60 -1.19
C TYR J 110 39.55 18.54 -0.10
N MET J 111 38.96 19.73 0.06
CA MET J 111 39.48 20.83 0.90
C MET J 111 39.01 20.68 2.37
N GLY J 112 38.25 19.63 2.68
CA GLY J 112 37.80 19.30 4.05
C GLY J 112 36.75 20.27 4.57
N LEU J 113 36.54 20.32 5.88
CA LEU J 113 35.54 21.20 6.55
C LEU J 113 36.07 22.64 6.56
N MET J 114 35.25 23.59 6.09
CA MET J 114 35.58 25.03 6.01
C MET J 114 34.46 25.85 6.66
N ARG J 115 34.71 27.13 6.94
CA ARG J 115 33.72 28.11 7.46
C ARG J 115 34.03 29.50 6.90
N VAL J 116 33.00 30.33 6.76
CA VAL J 116 33.10 31.74 6.28
C VAL J 116 32.04 32.58 7.00
N GLY J 117 32.37 33.85 7.29
CA GLY J 117 31.50 34.79 8.04
C GLY J 117 30.36 35.33 7.18
N PRO J 118 29.40 36.07 7.78
CA PRO J 118 28.24 36.59 7.04
C PRO J 118 28.59 37.52 5.86
N LYS J 119 29.79 38.10 5.88
CA LYS J 119 30.28 39.08 4.85
C LYS J 119 30.56 38.33 3.55
N GLY J 120 31.14 37.14 3.63
CA GLY J 120 31.48 36.28 2.48
C GLY J 120 32.98 36.25 2.22
N GLY J 121 33.38 36.30 0.95
CA GLY J 121 34.80 36.20 0.52
C GLY J 121 35.37 34.83 0.80
N GLU J 122 36.69 34.68 0.65
CA GLU J 122 37.44 33.41 0.87
C GLU J 122 37.07 32.83 2.24
N ALA J 123 36.82 31.52 2.31
CA ALA J 123 36.51 30.77 3.54
C ALA J 123 37.82 30.40 4.25
N THR J 124 37.72 29.97 5.51
CA THR J 124 38.83 29.44 6.35
C THR J 124 38.66 27.93 6.49
N VAL J 125 39.75 27.17 6.31
CA VAL J 125 39.79 25.69 6.53
C VAL J 125 39.88 25.44 8.04
N LEU J 126 39.00 24.57 8.57
CA LEU J 126 38.93 24.23 10.01
C LEU J 126 39.53 22.84 10.27
N ALA J 127 39.37 21.91 9.32
CA ALA J 127 39.86 20.51 9.45
C ALA J 127 40.17 19.91 8.07
N MET J 128 41.38 19.36 7.91
CA MET J 128 41.84 18.60 6.73
C MET J 128 42.02 17.12 7.10
N LYS J 129 41.87 16.76 8.38
CA LYS J 129 42.10 15.39 8.90
C LYS J 129 41.36 15.19 10.23
N ALA J 130 41.38 13.96 10.76
CA ALA J 130 40.72 13.54 12.02
C ALA J 130 41.46 12.32 12.60
N ASP J 131 42.01 12.46 13.80
CA ASP J 131 42.86 11.44 14.48
C ASP J 131 44.10 11.14 13.61
N GLY J 132 44.63 12.16 12.93
CA GLY J 132 45.85 12.07 12.11
C GLY J 132 45.59 11.62 10.67
N VAL J 133 44.45 10.97 10.41
CA VAL J 133 44.10 10.38 9.08
C VAL J 133 43.38 11.45 8.26
N PRO J 134 43.81 11.72 6.99
CA PRO J 134 43.28 12.86 6.23
C PRO J 134 41.84 12.64 5.73
N LEU J 135 41.16 13.73 5.37
CA LEU J 135 39.78 13.74 4.81
C LEU J 135 39.85 13.65 3.28
N ARG J 136 39.44 12.52 2.71
CA ARG J 136 39.49 12.24 1.25
C ARG J 136 38.18 12.71 0.57
N PHE J 137 37.03 12.45 1.21
CA PHE J 137 35.67 12.62 0.63
C PHE J 137 34.72 13.19 1.69
N THR J 138 34.91 14.46 2.05
CA THR J 138 34.06 15.21 3.02
C THR J 138 32.77 15.63 2.31
N ASN J 139 31.61 15.16 2.79
CA ASN J 139 30.33 15.17 2.04
C ASN J 139 29.23 15.88 2.85
N GLY J 140 28.65 15.20 3.85
CA GLY J 140 27.48 15.68 4.60
C GLY J 140 27.87 16.64 5.71
N VAL J 141 26.94 17.50 6.14
CA VAL J 141 27.13 18.47 7.24
C VAL J 141 25.77 18.89 7.82
N ASP J 142 25.69 19.06 9.13
CA ASP J 142 24.59 19.76 9.85
C ASP J 142 25.16 20.40 11.11
N ILE J 143 24.44 21.37 11.69
CA ILE J 143 24.89 22.16 12.88
C ILE J 143 23.81 22.07 13.95
N ASP J 144 24.24 21.82 15.20
CA ASP J 144 23.42 22.05 16.43
C ASP J 144 23.31 23.56 16.63
N GLN J 145 22.13 24.14 16.37
CA GLN J 145 21.90 25.61 16.35
C GLN J 145 22.03 26.18 17.77
N VAL J 146 21.84 25.35 18.80
CA VAL J 146 21.90 25.74 20.23
C VAL J 146 23.37 25.90 20.64
N THR J 147 24.17 24.83 20.54
CA THR J 147 25.59 24.77 20.98
C THR J 147 26.51 25.38 19.92
N GLY J 148 26.26 25.07 18.64
CA GLY J 148 27.13 25.45 17.51
C GLY J 148 28.00 24.29 17.05
N ASP J 149 27.86 23.12 17.70
CA ASP J 149 28.58 21.86 17.37
C ASP J 149 28.25 21.49 15.91
N VAL J 150 29.27 21.10 15.14
CA VAL J 150 29.15 20.75 13.70
C VAL J 150 29.32 19.23 13.56
N TYR J 151 28.43 18.60 12.79
CA TYR J 151 28.40 17.14 12.52
C TYR J 151 28.49 16.91 11.02
N PHE J 152 29.55 16.27 10.55
CA PHE J 152 29.88 16.08 9.12
C PHE J 152 30.34 14.64 8.87
N THR J 153 30.28 14.20 7.60
CA THR J 153 30.61 12.83 7.14
C THR J 153 31.82 12.86 6.21
N ASP J 154 32.55 11.74 6.14
CA ASP J 154 33.60 11.46 5.12
C ASP J 154 33.27 10.11 4.47
N SER J 155 32.82 10.13 3.22
CA SER J 155 32.20 8.97 2.52
C SER J 155 33.19 7.80 2.40
N SER J 156 34.48 8.11 2.20
CA SER J 156 35.54 7.09 1.98
C SER J 156 36.93 7.69 2.22
N MET J 157 37.85 6.85 2.72
CA MET J 157 39.32 7.14 2.80
C MET J 157 39.97 6.71 1.47
N ASN J 158 39.49 5.62 0.87
CA ASN J 158 40.06 4.98 -0.34
C ASN J 158 39.80 5.86 -1.57
N TYR J 159 38.53 6.19 -1.85
CA TYR J 159 38.07 6.87 -3.09
C TYR J 159 37.68 8.32 -2.79
N GLN J 160 37.68 9.16 -3.83
CA GLN J 160 37.34 10.61 -3.77
C GLN J 160 36.05 10.84 -4.57
N ARG J 161 35.54 12.07 -4.57
CA ARG J 161 34.22 12.43 -5.15
C ARG J 161 34.15 12.00 -6.63
N SER J 162 35.25 12.16 -7.38
CA SER J 162 35.34 11.80 -8.82
C SER J 162 35.00 10.32 -9.02
N GLN J 163 35.38 9.45 -8.07
CA GLN J 163 35.12 7.99 -8.10
C GLN J 163 34.03 7.63 -7.07
N HIS J 164 33.00 8.46 -6.93
CA HIS J 164 31.88 8.25 -5.97
C HIS J 164 31.18 6.93 -6.29
N GLU J 165 31.06 6.58 -7.56
CA GLU J 165 30.38 5.35 -8.06
C GLU J 165 31.12 4.10 -7.56
N GLN J 166 32.45 4.20 -7.36
CA GLN J 166 33.31 3.04 -6.97
C GLN J 166 33.11 2.73 -5.48
N VAL J 167 32.79 3.73 -4.65
CA VAL J 167 32.48 3.55 -3.20
C VAL J 167 31.28 2.60 -3.08
N THR J 168 30.27 2.78 -3.94
CA THR J 168 29.05 1.93 -4.03
C THR J 168 29.45 0.55 -4.59
N ALA J 169 30.12 0.52 -5.74
CA ALA J 169 30.46 -0.70 -6.52
C ALA J 169 31.25 -1.69 -5.66
N THR J 170 32.28 -1.21 -4.94
CA THR J 170 33.25 -2.04 -4.18
C THR J 170 32.76 -2.32 -2.75
N LYS J 171 31.59 -1.78 -2.36
CA LYS J 171 31.01 -1.89 -1.01
C LYS J 171 32.03 -1.39 0.03
N ASP J 172 32.66 -0.25 -0.26
CA ASP J 172 33.68 0.40 0.60
C ASP J 172 33.04 0.78 1.94
N SER J 173 33.63 0.32 3.05
CA SER J 173 33.17 0.58 4.45
C SER J 173 34.29 1.29 5.22
N THR J 174 34.74 2.44 4.72
CA THR J 174 35.81 3.28 5.33
C THR J 174 35.28 4.67 5.64
N GLY J 175 33.95 4.81 5.78
CA GLY J 175 33.28 6.08 6.08
C GLY J 175 33.42 6.46 7.54
N ARG J 176 33.45 7.76 7.82
CA ARG J 176 33.54 8.32 9.21
C ARG J 176 32.46 9.39 9.42
N LEU J 177 31.79 9.35 10.57
CA LEU J 177 30.92 10.44 11.10
C LEU J 177 31.67 11.14 12.23
N MET J 178 31.82 12.46 12.16
CA MET J 178 32.75 13.24 13.00
C MET J 178 32.06 14.49 13.57
N LYS J 179 32.48 14.93 14.76
CA LYS J 179 32.02 16.17 15.43
C LYS J 179 33.17 17.18 15.45
N TYR J 180 32.92 18.40 14.96
CA TYR J 180 33.81 19.58 15.13
C TYR J 180 33.21 20.50 16.20
N ASP J 181 33.78 20.48 17.41
CA ASP J 181 33.41 21.37 18.53
C ASP J 181 34.14 22.69 18.33
N PRO J 182 33.43 23.81 18.04
CA PRO J 182 34.09 25.06 17.64
C PRO J 182 34.82 25.81 18.77
N ARG J 183 34.42 25.58 20.02
CA ARG J 183 35.08 26.16 21.23
C ARG J 183 36.49 25.58 21.34
N THR J 184 36.60 24.26 21.54
CA THR J 184 37.88 23.51 21.68
C THR J 184 38.60 23.44 20.32
N ASN J 185 37.86 23.56 19.21
CA ASN J 185 38.40 23.52 17.82
C ASN J 185 38.99 22.12 17.58
N GLN J 186 38.32 21.09 18.10
CA GLN J 186 38.78 19.68 18.14
C GLN J 186 37.82 18.81 17.32
N VAL J 187 38.34 18.11 16.29
CA VAL J 187 37.58 17.15 15.45
C VAL J 187 37.59 15.79 16.15
N THR J 188 36.42 15.36 16.64
CA THR J 188 36.19 14.02 17.25
C THR J 188 35.68 13.06 16.18
N VAL J 189 35.95 11.76 16.33
CA VAL J 189 35.43 10.68 15.43
C VAL J 189 34.34 9.91 16.20
N LEU J 190 33.08 10.14 15.86
CA LEU J 190 31.89 9.58 16.56
C LEU J 190 31.69 8.13 16.14
N GLN J 191 31.94 7.81 14.88
CA GLN J 191 31.77 6.46 14.27
C GLN J 191 32.70 6.33 13.07
N SER J 192 33.24 5.13 12.83
CA SER J 192 34.12 4.77 11.68
C SER J 192 33.69 3.43 11.09
N ASN J 193 34.24 3.09 9.92
CA ASN J 193 33.93 1.85 9.15
C ASN J 193 32.44 1.83 8.77
N ILE J 194 31.90 2.98 8.36
CA ILE J 194 30.50 3.13 7.85
C ILE J 194 30.53 2.96 6.33
N THR J 195 29.55 2.24 5.77
CA THR J 195 29.42 1.97 4.32
C THR J 195 28.80 3.20 3.64
N TYR J 196 29.65 4.09 3.11
CA TYR J 196 29.30 5.27 2.28
C TYR J 196 28.35 6.20 3.05
N PRO J 197 28.82 6.85 4.13
CA PRO J 197 28.07 7.93 4.77
C PRO J 197 28.06 9.14 3.83
N ASN J 198 26.91 9.81 3.72
CA ASN J 198 26.70 11.00 2.84
C ASN J 198 25.95 12.04 3.67
N GLY J 199 24.67 12.26 3.41
CA GLY J 199 23.82 13.24 4.11
C GLY J 199 23.80 12.99 5.61
N VAL J 200 23.74 14.08 6.39
CA VAL J 200 23.57 14.05 7.87
C VAL J 200 22.63 15.19 8.27
N ALA J 201 21.63 14.88 9.10
CA ALA J 201 20.71 15.85 9.73
C ALA J 201 20.56 15.49 11.21
N MET J 202 20.64 16.48 12.09
CA MET J 202 20.31 16.32 13.53
C MET J 202 18.79 16.28 13.68
N SER J 203 18.29 15.42 14.56
CA SER J 203 16.85 15.31 14.93
C SER J 203 16.40 16.63 15.58
N ALA J 204 15.11 16.97 15.45
CA ALA J 204 14.49 18.18 16.03
C ALA J 204 14.69 18.20 17.55
N ASP J 205 14.61 17.03 18.21
CA ASP J 205 14.77 16.90 19.68
C ASP J 205 16.25 16.93 20.06
N ARG J 206 17.17 16.95 19.09
CA ARG J 206 18.63 17.19 19.25
C ARG J 206 19.27 16.05 20.07
N THR J 207 18.73 14.83 20.00
CA THR J 207 19.21 13.65 20.76
C THR J 207 20.05 12.73 19.85
N HIS J 208 19.88 12.81 18.53
CA HIS J 208 20.54 11.89 17.56
C HIS J 208 20.72 12.56 16.19
N LEU J 209 21.51 11.91 15.32
CA LEU J 209 21.74 12.27 13.90
C LEU J 209 21.13 11.18 13.00
N ILE J 210 20.43 11.57 11.94
CA ILE J 210 20.01 10.65 10.83
C ILE J 210 21.05 10.79 9.71
N VAL J 211 21.73 9.69 9.38
CA VAL J 211 22.84 9.64 8.38
C VAL J 211 22.44 8.74 7.21
N ALA J 212 22.41 9.31 6.00
CA ALA J 212 22.15 8.58 4.73
C ALA J 212 23.35 7.73 4.36
N LEU J 213 23.13 6.44 4.10
CA LEU J 213 24.13 5.49 3.55
C LEU J 213 23.82 5.26 2.08
N THR J 214 24.48 6.01 1.18
CA THR J 214 24.21 6.06 -0.28
C THR J 214 24.26 4.63 -0.85
N GLY J 215 25.42 3.98 -0.75
CA GLY J 215 25.67 2.63 -1.29
C GLY J 215 24.66 1.60 -0.79
N PRO J 216 24.57 1.36 0.54
CA PRO J 216 23.60 0.41 1.10
C PRO J 216 22.11 0.71 0.89
N CYS J 217 21.75 1.93 0.46
CA CYS J 217 20.35 2.40 0.26
C CYS J 217 19.60 2.40 1.60
N LYS J 218 20.15 3.09 2.60
CA LYS J 218 19.66 3.07 4.01
C LYS J 218 19.89 4.42 4.69
N LEU J 219 19.05 4.74 5.68
CA LEU J 219 19.33 5.75 6.74
C LEU J 219 19.71 5.00 8.02
N MET J 220 20.70 5.52 8.76
CA MET J 220 21.10 4.99 10.09
C MET J 220 21.08 6.13 11.10
N ARG J 221 20.68 5.82 12.34
CA ARG J 221 20.57 6.79 13.47
C ARG J 221 21.77 6.61 14.39
N HIS J 222 22.57 7.67 14.58
CA HIS J 222 23.67 7.75 15.56
C HIS J 222 23.26 8.73 16.68
N TRP J 223 23.15 8.23 17.91
CA TRP J 223 22.80 9.03 19.11
C TRP J 223 24.02 9.86 19.54
N ILE J 224 23.81 11.14 19.88
CA ILE J 224 24.89 12.06 20.34
C ILE J 224 24.57 12.60 21.74
N ARG J 225 23.46 12.16 22.35
CA ARG J 225 23.03 12.57 23.72
C ARG J 225 22.43 11.37 24.46
N GLY J 226 22.45 11.41 25.80
CA GLY J 226 21.85 10.41 26.68
C GLY J 226 22.75 9.20 26.89
N PRO J 227 22.23 8.09 27.48
CA PRO J 227 23.05 6.91 27.74
C PRO J 227 23.54 6.17 26.49
N LYS J 228 22.93 6.42 25.33
CA LYS J 228 23.19 5.68 24.06
C LYS J 228 24.13 6.48 23.14
N THR J 229 24.67 7.61 23.62
CA THR J 229 25.66 8.45 22.87
C THR J 229 26.74 7.56 22.26
N GLY J 230 27.00 7.69 20.95
CA GLY J 230 28.03 6.94 20.23
C GLY J 230 27.50 5.70 19.54
N LYS J 231 26.30 5.23 19.91
CA LYS J 231 25.67 3.99 19.37
C LYS J 231 24.98 4.30 18.05
N SER J 232 25.36 3.59 16.98
CA SER J 232 24.70 3.59 15.65
C SER J 232 23.75 2.39 15.56
N GLU J 233 22.68 2.52 14.77
CA GLU J 233 21.66 1.45 14.56
C GLU J 233 20.88 1.73 13.29
N PRO J 234 20.25 0.71 12.67
CA PRO J 234 19.35 0.93 11.53
C PRO J 234 18.21 1.90 11.88
N PHE J 235 17.82 2.75 10.93
CA PHE J 235 16.69 3.71 11.05
C PHE J 235 15.57 3.28 10.10
N VAL J 236 15.87 3.15 8.81
CA VAL J 236 14.90 2.70 7.76
C VAL J 236 15.65 2.36 6.46
N ASP J 237 15.15 1.38 5.72
CA ASP J 237 15.60 1.01 4.36
C ASP J 237 14.84 1.85 3.34
N LEU J 238 15.53 2.35 2.31
CA LEU J 238 14.95 3.22 1.23
C LEU J 238 14.97 2.46 -0.09
N PRO J 239 13.93 2.61 -0.95
CA PRO J 239 13.95 2.05 -2.29
C PRO J 239 14.67 2.96 -3.30
N GLY J 240 15.85 3.46 -2.90
CA GLY J 240 16.65 4.43 -3.67
C GLY J 240 18.00 4.68 -3.00
N TYR J 241 18.94 5.26 -3.74
CA TYR J 241 20.30 5.62 -3.26
C TYR J 241 20.24 7.02 -2.65
N PRO J 242 20.28 7.15 -1.30
CA PRO J 242 20.13 8.45 -0.66
C PRO J 242 21.40 9.30 -0.69
N ASP J 243 21.24 10.63 -0.79
CA ASP J 243 22.35 11.61 -0.70
C ASP J 243 22.18 12.43 0.58
N ASN J 244 21.67 13.66 0.49
CA ASN J 244 21.59 14.59 1.65
C ASN J 244 20.30 14.33 2.43
N VAL J 245 20.39 14.48 3.76
CA VAL J 245 19.25 14.42 4.73
C VAL J 245 19.05 15.84 5.24
N ARG J 246 17.84 16.39 5.08
CA ARG J 246 17.50 17.76 5.54
C ARG J 246 16.11 17.75 6.17
N PRO J 247 15.91 18.50 7.28
CA PRO J 247 14.61 18.53 7.95
C PRO J 247 13.54 19.16 7.05
N ASP J 248 12.32 18.63 7.08
CA ASP J 248 11.18 19.07 6.24
C ASP J 248 10.52 20.31 6.86
N GLY J 249 10.88 20.66 8.10
CA GLY J 249 10.30 21.79 8.84
C GLY J 249 8.99 21.42 9.51
N LYS J 250 8.69 20.13 9.61
CA LYS J 250 7.47 19.58 10.27
C LYS J 250 7.86 18.35 11.11
N GLY J 251 9.06 18.35 11.68
CA GLY J 251 9.56 17.31 12.60
C GLY J 251 10.06 16.08 11.87
N GLY J 252 10.06 16.10 10.53
CA GLY J 252 10.48 14.99 9.66
C GLY J 252 11.75 15.32 8.89
N TYR J 253 12.02 14.56 7.84
CA TYR J 253 13.21 14.71 6.95
C TYR J 253 12.79 14.49 5.50
N TRP J 254 13.24 15.35 4.58
CA TRP J 254 13.28 15.06 3.12
C TRP J 254 14.62 14.39 2.81
N ILE J 255 14.58 13.17 2.28
CA ILE J 255 15.76 12.41 1.77
C ILE J 255 15.79 12.57 0.24
N ALA J 256 16.88 13.11 -0.30
CA ALA J 256 17.16 13.14 -1.75
C ALA J 256 17.61 11.75 -2.19
N LEU J 257 17.04 11.23 -3.28
CA LEU J 257 17.39 9.91 -3.89
C LEU J 257 17.82 10.15 -5.34
N HIS J 258 19.13 10.08 -5.63
CA HIS J 258 19.70 10.41 -6.96
C HIS J 258 19.41 9.28 -7.96
N ARG J 259 19.20 8.05 -7.46
CA ARG J 259 18.82 6.86 -8.28
C ARG J 259 17.69 6.09 -7.59
N GLU J 260 16.73 5.59 -8.38
CA GLU J 260 15.78 4.52 -7.98
C GLU J 260 16.56 3.21 -7.77
N LYS J 261 16.11 2.38 -6.83
CA LYS J 261 16.62 0.99 -6.64
C LYS J 261 15.82 0.04 -7.54
N TYR J 262 14.53 0.32 -7.72
CA TYR J 262 13.57 -0.47 -8.55
C TYR J 262 12.85 0.46 -9.52
N GLU J 263 13.05 0.27 -10.83
CA GLU J 263 12.35 1.03 -11.90
C GLU J 263 10.95 0.43 -12.08
N LEU J 264 9.99 0.89 -11.27
CA LEU J 264 8.58 0.40 -11.28
C LEU J 264 7.89 0.92 -12.53
N PRO J 265 7.06 0.09 -13.21
CA PRO J 265 6.35 0.51 -14.41
C PRO J 265 5.19 1.47 -14.08
N PHE J 266 5.50 2.74 -13.79
CA PHE J 266 4.54 3.79 -13.37
C PHE J 266 4.23 4.74 -14.54
N GLY J 267 4.80 4.48 -15.72
CA GLY J 267 4.70 5.37 -16.89
C GLY J 267 5.79 6.44 -16.87
N PRO J 268 5.79 7.37 -17.84
CA PRO J 268 6.95 8.25 -18.06
C PRO J 268 7.03 9.43 -17.08
N ASP J 269 8.25 9.87 -16.76
CA ASP J 269 8.58 10.98 -15.82
C ASP J 269 7.91 10.71 -14.45
N SER J 270 7.97 9.47 -13.98
CA SER J 270 7.34 9.02 -12.71
C SER J 270 8.33 8.20 -11.88
N HIS J 271 9.61 8.60 -11.89
CA HIS J 271 10.71 7.96 -11.14
C HIS J 271 10.75 8.54 -9.72
N LEU J 272 11.07 7.71 -8.72
CA LEU J 272 11.23 8.13 -7.30
C LEU J 272 12.52 8.96 -7.17
N VAL J 273 12.39 10.23 -6.76
CA VAL J 273 13.52 11.21 -6.72
C VAL J 273 13.75 11.71 -5.28
N ALA J 274 12.78 11.53 -4.38
CA ALA J 274 12.89 11.93 -2.96
C ALA J 274 11.88 11.16 -2.11
N MET J 275 12.17 11.05 -0.80
CA MET J 275 11.29 10.39 0.20
C MET J 275 11.26 11.26 1.47
N ARG J 276 10.06 11.65 1.92
CA ARG J 276 9.85 12.28 3.25
C ARG J 276 9.75 11.18 4.30
N VAL J 277 10.61 11.23 5.32
CA VAL J 277 10.66 10.24 6.44
C VAL J 277 10.32 10.97 7.74
N SER J 278 9.56 10.32 8.63
CA SER J 278 9.15 10.88 9.95
C SER J 278 10.28 10.69 10.96
N ALA J 279 10.16 11.33 12.12
CA ALA J 279 11.12 11.26 13.24
C ALA J 279 11.35 9.81 13.67
N GLY J 280 10.34 8.94 13.48
CA GLY J 280 10.35 7.52 13.88
C GLY J 280 10.87 6.59 12.80
N GLY J 281 11.10 7.12 11.58
CA GLY J 281 11.71 6.38 10.46
C GLY J 281 10.68 5.64 9.62
N LYS J 282 9.46 6.19 9.52
CA LYS J 282 8.38 5.66 8.66
C LYS J 282 8.36 6.46 7.35
N LEU J 283 8.03 5.80 6.24
CA LEU J 283 7.92 6.44 4.89
C LEU J 283 6.58 7.17 4.82
N VAL J 284 6.61 8.50 4.72
CA VAL J 284 5.44 9.42 4.88
C VAL J 284 4.94 9.83 3.49
N GLN J 285 5.83 10.44 2.69
CA GLN J 285 5.51 11.00 1.36
C GLN J 285 6.65 10.72 0.38
N GLN J 286 6.34 10.58 -0.90
CA GLN J 286 7.34 10.35 -1.98
C GLN J 286 7.18 11.46 -3.03
N MET J 287 8.28 11.76 -3.73
CA MET J 287 8.32 12.72 -4.88
C MET J 287 8.73 11.93 -6.12
N ARG J 288 7.98 12.10 -7.22
CA ARG J 288 8.24 11.41 -8.52
C ARG J 288 8.33 12.46 -9.63
N GLY J 289 9.16 12.20 -10.64
CA GLY J 289 9.45 13.13 -11.74
C GLY J 289 10.48 12.57 -12.71
N PRO J 290 11.05 13.40 -13.61
CA PRO J 290 12.05 12.96 -14.56
C PRO J 290 13.28 12.30 -13.89
N LYS J 291 13.88 11.33 -14.58
CA LYS J 291 15.08 10.58 -14.15
C LYS J 291 16.27 11.54 -14.01
N SER J 292 16.34 12.57 -14.86
CA SER J 292 17.50 13.50 -14.99
C SER J 292 17.69 14.34 -13.72
N LEU J 293 16.61 14.63 -12.98
CA LEU J 293 16.63 15.46 -11.74
C LEU J 293 17.73 14.98 -10.79
N ARG J 294 17.88 13.66 -10.64
CA ARG J 294 18.90 12.99 -9.78
C ARG J 294 19.19 13.85 -8.55
N PRO J 295 18.18 14.12 -7.69
CA PRO J 295 18.36 15.04 -6.56
C PRO J 295 19.38 14.57 -5.51
N THR J 296 20.21 15.51 -5.03
CA THR J 296 21.23 15.27 -3.97
C THR J 296 20.80 15.92 -2.66
N GLU J 297 20.03 17.03 -2.72
CA GLU J 297 19.41 17.67 -1.53
C GLU J 297 18.00 18.15 -1.88
N VAL J 298 17.07 18.02 -0.92
CA VAL J 298 15.65 18.45 -1.05
C VAL J 298 15.31 19.33 0.16
N MET J 299 15.03 20.61 -0.09
CA MET J 299 14.84 21.66 0.95
C MET J 299 13.41 22.23 0.83
N GLU J 300 12.49 21.77 1.69
CA GLU J 300 11.11 22.32 1.77
C GLU J 300 11.15 23.61 2.61
N ARG J 301 10.52 24.66 2.09
CA ARG J 301 10.48 26.02 2.68
C ARG J 301 9.03 26.37 3.05
N LYS J 302 8.83 27.32 3.96
CA LYS J 302 7.51 27.69 4.54
C LYS J 302 6.54 28.14 3.43
N ASP J 303 7.06 28.71 2.33
CA ASP J 303 6.27 29.27 1.21
C ASP J 303 5.68 28.15 0.34
N GLY J 304 5.97 26.88 0.64
CA GLY J 304 5.40 25.71 -0.06
C GLY J 304 6.32 25.19 -1.16
N LYS J 305 7.34 25.97 -1.54
CA LYS J 305 8.33 25.62 -2.59
C LYS J 305 9.35 24.62 -2.03
N ILE J 306 9.76 23.65 -2.84
CA ILE J 306 10.83 22.67 -2.51
C ILE J 306 12.01 22.89 -3.47
N TYR J 307 13.12 23.43 -2.97
CA TYR J 307 14.38 23.66 -3.72
C TYR J 307 15.15 22.34 -3.77
N MET J 308 15.70 22.00 -4.95
CA MET J 308 16.28 20.66 -5.23
C MET J 308 17.69 20.81 -5.81
N GLY J 309 18.67 20.22 -5.13
CA GLY J 309 20.08 20.16 -5.57
C GLY J 309 20.34 18.96 -6.46
N ASN J 310 21.54 18.92 -7.04
CA ASN J 310 22.03 17.83 -7.94
C ASN J 310 23.53 18.05 -8.15
N VAL J 311 24.21 17.17 -8.89
CA VAL J 311 25.68 17.27 -9.13
C VAL J 311 25.98 17.26 -10.64
N GLU J 312 24.97 17.41 -11.50
CA GLU J 312 25.12 17.24 -12.97
C GLU J 312 24.36 18.30 -13.78
N LEU J 313 23.23 18.83 -13.28
CA LEU J 313 22.38 19.80 -14.03
C LEU J 313 22.91 21.21 -13.84
N PRO J 314 22.69 22.11 -14.84
CA PRO J 314 23.15 23.51 -14.76
C PRO J 314 22.13 24.47 -14.13
N TYR J 315 21.41 24.02 -13.10
CA TYR J 315 20.38 24.84 -12.40
C TYR J 315 19.97 24.16 -11.08
N VAL J 316 19.28 24.91 -10.22
CA VAL J 316 18.51 24.40 -9.05
C VAL J 316 17.04 24.29 -9.48
N GLY J 317 16.43 23.12 -9.29
CA GLY J 317 15.00 22.89 -9.56
C GLY J 317 14.14 23.35 -8.40
N VAL J 318 12.92 23.79 -8.68
CA VAL J 318 11.92 24.25 -7.67
C VAL J 318 10.54 23.69 -8.05
N VAL J 319 9.91 22.95 -7.14
CA VAL J 319 8.58 22.29 -7.34
C VAL J 319 7.58 22.90 -6.35
N LYS J 320 6.27 22.75 -6.64
CA LYS J 320 5.13 23.33 -5.89
C LYS J 320 5.27 24.86 -5.89
N PHE K 10 29.37 -34.79 63.87
CA PHE K 10 28.75 -35.99 64.51
C PHE K 10 28.76 -37.17 63.53
N LYS K 11 29.23 -38.34 64.00
CA LYS K 11 29.46 -39.57 63.20
C LYS K 11 28.30 -40.54 63.43
N THR K 12 27.91 -41.31 62.40
CA THR K 12 26.79 -42.28 62.42
C THR K 12 26.89 -43.16 63.66
N ILE K 13 25.78 -43.37 64.38
CA ILE K 13 25.70 -44.21 65.61
C ILE K 13 25.36 -45.64 65.20
N ASP K 14 26.06 -46.62 65.77
CA ASP K 14 25.90 -48.07 65.46
C ASP K 14 24.92 -48.66 66.47
N ALA K 15 23.71 -49.01 66.01
CA ALA K 15 22.60 -49.55 66.83
C ALA K 15 22.54 -51.09 66.69
N ARG K 16 23.57 -51.70 66.08
CA ARG K 16 23.65 -53.16 65.83
C ARG K 16 23.91 -53.90 67.15
N ARG K 17 24.81 -53.36 67.98
CA ARG K 17 25.03 -53.82 69.38
C ARG K 17 24.19 -52.95 70.31
N SER K 18 23.14 -53.54 70.91
CA SER K 18 22.09 -52.83 71.69
C SER K 18 21.54 -53.73 72.80
N GLN K 19 21.30 -53.16 73.99
CA GLN K 19 20.66 -53.83 75.14
C GLN K 19 19.14 -53.74 74.98
N HIS K 20 18.42 -54.82 75.28
CA HIS K 20 16.95 -54.96 75.12
C HIS K 20 16.28 -55.03 76.49
N LEU K 21 15.56 -53.97 76.90
CA LEU K 21 14.75 -53.95 78.15
C LEU K 21 13.44 -54.69 77.87
N ASP K 22 13.39 -55.98 78.25
CA ASP K 22 12.33 -56.94 77.84
C ASP K 22 11.06 -56.71 78.68
N LEU K 23 9.90 -56.64 78.00
CA LEU K 23 8.55 -56.58 78.63
C LEU K 23 8.11 -58.01 78.97
N GLY K 24 7.19 -58.15 79.93
CA GLY K 24 6.63 -59.44 80.38
C GLY K 24 5.41 -59.83 79.56
N GLY K 25 4.99 -61.09 79.68
CA GLY K 25 3.75 -61.63 79.09
C GLY K 25 3.71 -61.47 77.57
N SER K 26 2.61 -60.96 77.04
CA SER K 26 2.33 -60.79 75.58
C SER K 26 2.48 -59.31 75.17
N LEU K 27 3.00 -58.47 76.06
CA LEU K 27 3.11 -56.99 75.86
C LEU K 27 4.09 -56.70 74.71
N VAL K 28 3.73 -55.76 73.84
CA VAL K 28 4.57 -55.25 72.72
C VAL K 28 4.30 -53.75 72.53
N GLY K 29 5.30 -53.02 72.03
CA GLY K 29 5.14 -51.65 71.50
C GLY K 29 5.15 -50.57 72.58
N PRO K 30 6.30 -50.34 73.26
CA PRO K 30 6.46 -49.16 74.11
C PRO K 30 6.73 -47.90 73.28
N GLU K 31 5.68 -47.32 72.69
CA GLU K 31 5.75 -46.25 71.66
C GLU K 31 6.65 -45.10 72.15
N SER K 32 6.36 -44.56 73.34
CA SER K 32 7.14 -43.48 74.01
C SER K 32 8.02 -44.10 75.10
N VAL K 33 9.10 -43.41 75.48
CA VAL K 33 10.07 -43.81 76.54
C VAL K 33 10.36 -42.58 77.41
N ALA K 34 9.36 -42.10 78.13
CA ALA K 34 9.39 -40.85 78.94
C ALA K 34 10.21 -41.07 80.22
N PHE K 35 10.82 -39.99 80.73
CA PHE K 35 11.58 -39.95 82.00
C PHE K 35 11.03 -38.81 82.87
N ASP K 36 10.81 -39.09 84.16
CA ASP K 36 10.21 -38.13 85.13
C ASP K 36 11.32 -37.22 85.69
N GLY K 37 10.95 -36.31 86.60
CA GLY K 37 11.84 -35.29 87.18
C GLY K 37 13.04 -35.88 87.92
N LYS K 38 12.87 -37.05 88.56
CA LYS K 38 13.91 -37.70 89.39
C LYS K 38 14.82 -38.56 88.50
N GLY K 39 14.50 -38.69 87.22
CA GLY K 39 15.29 -39.47 86.24
C GLY K 39 15.03 -40.96 86.35
N ARG K 40 13.77 -41.34 86.61
CA ARG K 40 13.32 -42.74 86.80
C ARG K 40 13.24 -43.43 85.43
N GLY K 41 13.50 -44.74 85.38
CA GLY K 41 13.60 -45.55 84.15
C GLY K 41 12.43 -45.31 83.20
N PRO K 42 12.52 -45.77 81.93
CA PRO K 42 11.54 -45.43 80.90
C PRO K 42 10.09 -45.75 81.28
N TYR K 43 9.21 -44.74 81.23
CA TYR K 43 7.73 -44.86 81.26
C TYR K 43 7.24 -45.03 79.81
N SER K 44 6.48 -46.10 79.53
CA SER K 44 6.12 -46.52 78.15
C SER K 44 4.65 -46.94 78.07
N GLY K 45 3.92 -46.37 77.10
CA GLY K 45 2.57 -46.81 76.72
C GLY K 45 2.62 -48.03 75.81
N VAL K 46 2.05 -49.15 76.26
CA VAL K 46 2.15 -50.49 75.61
C VAL K 46 0.80 -50.87 75.00
N SER K 47 0.74 -52.02 74.31
CA SER K 47 -0.37 -52.44 73.40
C SER K 47 -1.68 -52.69 74.16
N ASP K 48 -1.62 -53.14 75.42
CA ASP K 48 -2.79 -53.62 76.20
C ASP K 48 -3.61 -52.43 76.74
N GLY K 49 -2.98 -51.25 76.89
CA GLY K 49 -3.62 -50.01 77.38
C GLY K 49 -2.93 -49.41 78.59
N ARG K 50 -2.07 -50.20 79.27
CA ARG K 50 -1.35 -49.78 80.50
C ARG K 50 -0.15 -48.90 80.13
N ILE K 51 0.27 -48.02 81.04
CA ILE K 51 1.57 -47.29 81.01
C ILE K 51 2.46 -47.93 82.09
N MET K 52 3.56 -48.56 81.66
CA MET K 52 4.48 -49.36 82.52
C MET K 52 5.73 -48.53 82.84
N ARG K 53 6.25 -48.64 84.06
CA ARG K 53 7.52 -48.01 84.50
C ARG K 53 8.61 -49.08 84.64
N TRP K 54 9.82 -48.78 84.16
CA TRP K 54 11.02 -49.65 84.24
C TRP K 54 11.74 -49.40 85.57
N ASN K 55 11.98 -50.46 86.35
CA ASN K 55 12.62 -50.40 87.70
C ASN K 55 13.90 -51.24 87.69
N GLY K 56 14.69 -51.14 86.62
CA GLY K 56 15.93 -51.92 86.42
C GLY K 56 15.66 -53.31 85.88
N GLU K 57 16.70 -54.02 85.44
CA GLU K 57 16.61 -55.39 84.87
C GLU K 57 16.27 -56.40 85.96
N ALA K 58 16.42 -56.02 87.24
CA ALA K 58 16.11 -56.85 88.43
C ALA K 58 14.59 -56.95 88.62
N ALA K 59 13.93 -55.83 88.93
CA ALA K 59 12.49 -55.75 89.30
C ALA K 59 11.62 -55.91 88.04
N GLY K 60 12.01 -55.28 86.93
CA GLY K 60 11.30 -55.33 85.64
C GLY K 60 10.30 -54.20 85.50
N TRP K 61 9.22 -54.43 84.73
CA TRP K 61 8.16 -53.44 84.40
C TRP K 61 7.01 -53.54 85.42
N SER K 62 6.70 -52.43 86.12
CA SER K 62 5.54 -52.28 87.03
C SER K 62 4.50 -51.36 86.37
N THR K 63 3.21 -51.57 86.66
CA THR K 63 2.08 -50.75 86.17
C THR K 63 2.10 -49.39 86.86
N TYR K 64 1.89 -48.31 86.11
CA TYR K 64 1.90 -46.91 86.63
C TYR K 64 0.50 -46.28 86.53
N THR K 65 -0.12 -46.32 85.35
CA THR K 65 -1.47 -45.72 85.10
C THR K 65 -2.13 -46.34 83.87
N TYR K 66 -3.39 -45.95 83.63
CA TYR K 66 -4.30 -46.48 82.57
C TYR K 66 -5.52 -45.56 82.47
N SER K 67 -6.35 -45.74 81.45
CA SER K 67 -7.58 -44.94 81.21
C SER K 67 -8.68 -45.37 82.19
N PRO K 68 -9.71 -44.52 82.43
CA PRO K 68 -10.88 -44.95 83.21
C PRO K 68 -11.66 -46.09 82.53
N SER K 69 -11.62 -46.14 81.19
CA SER K 69 -12.27 -47.18 80.35
C SER K 69 -11.58 -48.54 80.56
N TYR K 70 -10.28 -48.54 80.85
CA TYR K 70 -9.47 -49.75 81.13
C TYR K 70 -10.06 -50.51 82.32
N THR K 71 -10.50 -49.79 83.36
CA THR K 71 -11.12 -50.34 84.59
C THR K 71 -12.60 -50.67 84.31
N LYS K 72 -13.30 -49.78 83.60
CA LYS K 72 -14.77 -49.86 83.32
C LYS K 72 -15.08 -51.02 82.38
N ASN K 73 -14.19 -51.34 81.43
CA ASN K 73 -14.39 -52.41 80.42
C ASN K 73 -13.69 -53.71 80.87
N LYS K 74 -13.27 -53.79 82.14
CA LYS K 74 -12.63 -54.99 82.75
C LYS K 74 -11.62 -55.58 81.76
N CYS K 75 -10.52 -54.84 81.51
CA CYS K 75 -9.48 -55.17 80.50
C CYS K 75 -8.37 -56.03 81.13
N ALA K 76 -8.16 -55.91 82.45
CA ALA K 76 -7.16 -56.67 83.22
C ALA K 76 -7.45 -58.18 83.11
N ALA K 77 -8.73 -58.56 83.05
CA ALA K 77 -9.21 -59.96 82.99
C ALA K 77 -9.37 -60.42 81.53
N SER K 78 -9.33 -59.48 80.57
CA SER K 78 -9.48 -59.75 79.12
C SER K 78 -8.34 -60.66 78.64
N THR K 79 -8.69 -61.75 77.95
CA THR K 79 -7.76 -62.77 77.39
C THR K 79 -7.58 -62.57 75.87
N LEU K 80 -8.45 -61.77 75.25
CA LEU K 80 -8.50 -61.57 73.77
C LEU K 80 -7.30 -60.73 73.34
N PRO K 81 -6.77 -60.91 72.11
CA PRO K 81 -5.70 -60.06 71.60
C PRO K 81 -6.04 -58.56 71.75
N THR K 82 -5.03 -57.72 72.00
CA THR K 82 -5.18 -56.29 72.37
C THR K 82 -5.85 -55.52 71.21
N VAL K 83 -5.59 -55.95 69.97
CA VAL K 83 -6.10 -55.29 68.72
C VAL K 83 -7.63 -55.26 68.72
N GLN K 84 -8.27 -56.34 69.20
CA GLN K 84 -9.76 -56.47 69.27
C GLN K 84 -10.30 -55.51 70.34
N THR K 85 -9.71 -55.55 71.54
CA THR K 85 -10.15 -54.79 72.75
C THR K 85 -9.42 -53.45 72.83
N GLU K 86 -8.88 -52.96 71.71
CA GLU K 86 -7.99 -51.76 71.65
C GLU K 86 -8.80 -50.49 71.95
N SER K 87 -9.93 -50.31 71.26
CA SER K 87 -10.75 -49.07 71.29
C SER K 87 -11.49 -48.93 72.63
N LYS K 88 -11.61 -50.01 73.41
CA LYS K 88 -12.19 -50.01 74.78
C LYS K 88 -11.08 -49.75 75.81
N CYS K 89 -10.01 -50.55 75.76
CA CYS K 89 -8.91 -50.59 76.76
C CYS K 89 -7.93 -49.43 76.55
N GLY K 90 -7.93 -48.84 75.35
CA GLY K 90 -7.07 -47.68 75.01
C GLY K 90 -5.71 -48.13 74.50
N ARG K 91 -5.04 -47.25 73.74
CA ARG K 91 -3.66 -47.46 73.22
C ARG K 91 -2.83 -46.20 73.51
N PRO K 92 -2.12 -46.14 74.65
CA PRO K 92 -1.27 -44.97 74.97
C PRO K 92 -0.08 -44.86 74.01
N LEU K 93 0.16 -43.65 73.50
CA LEU K 93 1.29 -43.32 72.57
C LEU K 93 2.19 -42.27 73.22
N GLY K 94 1.90 -40.98 73.04
CA GLY K 94 2.70 -39.86 73.55
C GLY K 94 2.74 -39.84 75.07
N LEU K 95 3.90 -39.52 75.65
CA LEU K 95 4.13 -39.40 77.12
C LEU K 95 5.08 -38.23 77.38
N ARG K 96 4.74 -37.37 78.34
CA ARG K 96 5.62 -36.27 78.82
C ARG K 96 5.27 -35.94 80.28
N PHE K 97 6.30 -35.73 81.11
CA PHE K 97 6.20 -35.33 82.54
C PHE K 97 6.35 -33.81 82.66
N HIS K 98 5.41 -33.18 83.37
CA HIS K 98 5.54 -31.79 83.92
C HIS K 98 6.30 -31.88 85.23
N TYR K 99 7.56 -31.43 85.26
CA TYR K 99 8.52 -31.62 86.38
C TYR K 99 8.02 -30.90 87.64
N LYS K 100 7.44 -29.70 87.48
CA LYS K 100 6.95 -28.85 88.60
C LYS K 100 5.99 -29.66 89.48
N THR K 101 4.88 -30.13 88.91
CA THR K 101 3.84 -30.96 89.60
C THR K 101 4.34 -32.40 89.76
N GLY K 102 5.15 -32.88 88.82
CA GLY K 102 5.52 -34.31 88.68
C GLY K 102 4.42 -35.10 87.99
N ASN K 103 3.45 -34.41 87.40
CA ASN K 103 2.31 -35.02 86.65
C ASN K 103 2.81 -35.63 85.34
N LEU K 104 2.11 -36.64 84.84
CA LEU K 104 2.38 -37.34 83.56
C LEU K 104 1.18 -37.16 82.63
N TYR K 105 1.36 -36.47 81.50
CA TYR K 105 0.35 -36.33 80.43
C TYR K 105 0.50 -37.50 79.45
N ILE K 106 -0.62 -38.15 79.11
CA ILE K 106 -0.69 -39.32 78.19
C ILE K 106 -1.56 -38.94 76.99
N ALA K 107 -1.09 -39.24 75.78
CA ALA K 107 -1.81 -39.06 74.49
C ALA K 107 -2.29 -40.43 73.99
N ASP K 108 -3.45 -40.87 74.46
CA ASP K 108 -4.06 -42.19 74.12
C ASP K 108 -4.87 -42.05 72.83
N ALA K 109 -4.61 -42.93 71.85
CA ALA K 109 -5.20 -42.89 70.49
C ALA K 109 -6.73 -42.78 70.56
N TYR K 110 -7.36 -43.53 71.45
CA TYR K 110 -8.83 -43.67 71.59
C TYR K 110 -9.34 -42.86 72.80
N MET K 111 -8.59 -42.84 73.90
CA MET K 111 -9.04 -42.28 75.21
C MET K 111 -8.63 -40.81 75.34
N GLY K 112 -7.98 -40.23 74.32
CA GLY K 112 -7.65 -38.80 74.23
C GLY K 112 -6.56 -38.39 75.22
N LEU K 113 -6.41 -37.08 75.45
CA LEU K 113 -5.41 -36.49 76.38
C LEU K 113 -5.81 -36.81 77.83
N MET K 114 -4.90 -37.41 78.60
CA MET K 114 -5.11 -37.83 80.01
C MET K 114 -3.97 -37.30 80.88
N ARG K 115 -4.11 -37.42 82.21
CA ARG K 115 -3.10 -36.98 83.21
C ARG K 115 -3.25 -37.80 84.50
N VAL K 116 -2.16 -37.96 85.25
CA VAL K 116 -2.12 -38.67 86.57
C VAL K 116 -1.00 -38.05 87.41
N GLY K 117 -1.16 -38.06 88.75
CA GLY K 117 -0.21 -37.47 89.70
C GLY K 117 0.99 -38.37 89.97
N PRO K 118 2.03 -37.88 90.69
CA PRO K 118 3.28 -38.63 90.89
C PRO K 118 3.13 -39.96 91.65
N LYS K 119 2.05 -40.12 92.42
CA LYS K 119 1.72 -41.37 93.16
C LYS K 119 1.52 -42.51 92.16
N GLY K 120 0.60 -42.33 91.20
CA GLY K 120 0.26 -43.30 90.16
C GLY K 120 -1.24 -43.59 90.13
N GLY K 121 -1.61 -44.85 89.85
CA GLY K 121 -3.01 -45.30 89.80
C GLY K 121 -3.72 -44.80 88.56
N GLU K 122 -5.05 -44.93 88.53
CA GLU K 122 -5.93 -44.54 87.40
C GLU K 122 -5.68 -43.07 87.03
N ALA K 123 -5.72 -42.75 85.74
CA ALA K 123 -5.52 -41.40 85.17
C ALA K 123 -6.88 -40.70 84.98
N THR K 124 -6.85 -39.42 84.63
CA THR K 124 -8.03 -38.54 84.41
C THR K 124 -8.06 -38.06 82.95
N VAL K 125 -9.16 -38.30 82.24
CA VAL K 125 -9.39 -37.80 80.85
C VAL K 125 -9.61 -36.28 80.93
N LEU K 126 -8.89 -35.52 80.11
CA LEU K 126 -8.92 -34.03 80.09
C LEU K 126 -9.69 -33.53 78.85
N ALA K 127 -9.44 -34.14 77.69
CA ALA K 127 -10.07 -33.77 76.40
C ALA K 127 -10.27 -35.02 75.53
N MET K 128 -11.52 -35.31 75.15
CA MET K 128 -11.90 -36.37 74.17
C MET K 128 -12.36 -35.71 72.85
N LYS K 129 -12.44 -34.37 72.82
CA LYS K 129 -12.79 -33.59 71.60
C LYS K 129 -12.12 -32.22 71.66
N ALA K 130 -12.10 -31.50 70.53
CA ALA K 130 -11.60 -30.12 70.38
C ALA K 130 -12.43 -29.39 69.31
N ASP K 131 -12.97 -28.21 69.64
CA ASP K 131 -13.94 -27.43 68.82
C ASP K 131 -15.18 -28.29 68.56
N GLY K 132 -15.55 -29.16 69.51
CA GLY K 132 -16.73 -30.03 69.44
C GLY K 132 -16.53 -31.21 68.49
N VAL K 133 -15.29 -31.48 68.06
CA VAL K 133 -14.93 -32.58 67.12
C VAL K 133 -14.11 -33.61 67.88
N PRO K 134 -14.60 -34.88 68.04
CA PRO K 134 -13.88 -35.90 68.79
C PRO K 134 -12.45 -36.15 68.29
N LEU K 135 -11.54 -36.50 69.21
CA LEU K 135 -10.13 -36.88 68.91
C LEU K 135 -10.09 -38.36 68.50
N ARG K 136 -9.89 -38.64 67.22
CA ARG K 136 -9.93 -40.01 66.63
C ARG K 136 -8.60 -40.73 66.86
N PHE K 137 -7.48 -40.01 66.76
CA PHE K 137 -6.10 -40.57 66.74
C PHE K 137 -5.13 -39.58 67.43
N THR K 138 -5.24 -39.46 68.76
CA THR K 138 -4.33 -38.64 69.60
C THR K 138 -2.99 -39.37 69.73
N ASN K 139 -1.90 -38.76 69.25
CA ASN K 139 -0.58 -39.43 69.10
C ASN K 139 0.50 -38.68 69.90
N GLY K 140 1.00 -37.56 69.38
CA GLY K 140 2.15 -36.83 69.93
C GLY K 140 1.74 -35.92 71.08
N VAL K 141 2.68 -35.61 71.98
CA VAL K 141 2.47 -34.67 73.11
C VAL K 141 3.84 -34.09 73.53
N ASP K 142 3.84 -32.85 74.02
CA ASP K 142 5.00 -32.23 74.71
C ASP K 142 4.50 -31.07 75.58
N ILE K 143 5.25 -30.76 76.63
CA ILE K 143 4.87 -29.78 77.70
C ILE K 143 5.88 -28.63 77.71
N ASP K 144 5.38 -27.39 77.77
CA ASP K 144 6.17 -26.19 78.16
C ASP K 144 6.43 -26.27 79.65
N GLN K 145 7.69 -26.53 80.05
CA GLN K 145 8.07 -26.85 81.45
C GLN K 145 8.01 -25.59 82.32
N VAL K 146 8.03 -24.39 81.72
CA VAL K 146 7.96 -23.09 82.43
C VAL K 146 6.50 -22.79 82.80
N THR K 147 5.61 -22.77 81.80
CA THR K 147 4.17 -22.41 81.95
C THR K 147 3.37 -23.63 82.45
N GLY K 148 3.67 -24.82 81.92
CA GLY K 148 2.90 -26.06 82.16
C GLY K 148 1.94 -26.36 81.03
N ASP K 149 1.93 -25.52 79.99
CA ASP K 149 1.11 -25.68 78.76
C ASP K 149 1.47 -27.02 78.10
N VAL K 150 0.47 -27.69 77.53
CA VAL K 150 0.59 -29.04 76.90
C VAL K 150 0.22 -28.89 75.41
N TYR K 151 1.07 -29.42 74.52
CA TYR K 151 0.90 -29.38 73.05
C TYR K 151 0.87 -30.81 72.52
N PHE K 152 -0.24 -31.20 71.87
CA PHE K 152 -0.50 -32.57 71.38
C PHE K 152 -1.06 -32.52 69.96
N THR K 153 -1.03 -33.67 69.27
CA THR K 153 -1.52 -33.84 67.88
C THR K 153 -2.64 -34.91 67.85
N ASP K 154 -3.58 -34.75 66.91
CA ASP K 154 -4.55 -35.78 66.46
C ASP K 154 -4.26 -36.06 64.99
N SER K 155 -3.72 -37.24 64.68
CA SER K 155 -3.15 -37.59 63.35
C SER K 155 -4.22 -37.52 62.25
N SER K 156 -5.47 -37.89 62.56
CA SER K 156 -6.60 -37.93 61.60
C SER K 156 -7.95 -37.86 62.33
N MET K 157 -8.93 -37.22 61.69
CA MET K 157 -10.37 -37.24 62.09
C MET K 157 -11.04 -38.49 61.49
N ASN K 158 -10.64 -38.86 60.27
CA ASN K 158 -11.35 -39.83 59.39
C ASN K 158 -10.96 -41.28 59.77
N TYR K 159 -9.72 -41.52 60.19
CA TYR K 159 -9.16 -42.87 60.46
C TYR K 159 -8.66 -42.97 61.90
N GLN K 160 -8.59 -44.20 62.44
CA GLN K 160 -8.12 -44.53 63.82
C GLN K 160 -6.67 -45.05 63.73
N ARG K 161 -6.10 -45.48 64.86
CA ARG K 161 -4.70 -45.98 64.97
C ARG K 161 -4.50 -47.17 64.03
N SER K 162 -5.39 -48.16 64.08
CA SER K 162 -5.34 -49.42 63.29
C SER K 162 -5.29 -49.12 61.78
N GLN K 163 -5.74 -47.94 61.35
CA GLN K 163 -5.70 -47.47 59.94
C GLN K 163 -4.58 -46.45 59.71
N HIS K 164 -3.49 -46.50 60.51
CA HIS K 164 -2.35 -45.55 60.40
C HIS K 164 -1.74 -45.61 58.99
N GLU K 165 -1.75 -46.80 58.37
CA GLU K 165 -1.23 -47.03 56.98
C GLU K 165 -2.19 -46.39 55.96
N GLN K 166 -3.48 -46.30 56.28
CA GLN K 166 -4.54 -45.73 55.40
C GLN K 166 -4.32 -44.21 55.27
N VAL K 167 -3.94 -43.56 56.38
CA VAL K 167 -3.68 -42.09 56.46
C VAL K 167 -2.55 -41.74 55.48
N THR K 168 -1.48 -42.54 55.47
CA THR K 168 -0.31 -42.41 54.57
C THR K 168 -0.76 -42.56 53.11
N ALA K 169 -1.48 -43.65 52.79
CA ALA K 169 -1.91 -44.05 51.43
C ALA K 169 -2.83 -43.00 50.82
N THR K 170 -3.84 -42.55 51.57
CA THR K 170 -4.89 -41.61 51.11
C THR K 170 -4.35 -40.18 51.05
N LYS K 171 -3.23 -39.90 51.74
CA LYS K 171 -2.63 -38.55 51.88
C LYS K 171 -3.59 -37.65 52.66
N ASP K 172 -4.22 -38.22 53.70
CA ASP K 172 -5.25 -37.56 54.54
C ASP K 172 -4.66 -36.30 55.18
N SER K 173 -5.32 -35.15 55.01
CA SER K 173 -4.95 -33.83 55.58
C SER K 173 -6.08 -33.34 56.49
N THR K 174 -6.36 -34.08 57.58
CA THR K 174 -7.39 -33.75 58.60
C THR K 174 -6.76 -33.69 60.00
N GLY K 175 -5.44 -33.87 60.10
CA GLY K 175 -4.70 -33.87 61.38
C GLY K 175 -4.73 -32.51 62.04
N ARG K 176 -4.69 -32.48 63.38
CA ARG K 176 -4.77 -31.24 64.18
C ARG K 176 -3.56 -31.14 65.13
N LEU K 177 -3.07 -29.90 65.33
CA LEU K 177 -2.11 -29.53 66.41
C LEU K 177 -2.84 -28.64 67.41
N MET K 178 -2.92 -29.07 68.67
CA MET K 178 -3.79 -28.45 69.71
C MET K 178 -2.97 -28.09 70.95
N LYS K 179 -3.51 -27.19 71.77
CA LYS K 179 -2.93 -26.72 73.06
C LYS K 179 -3.93 -26.99 74.18
N TYR K 180 -3.50 -27.62 75.27
CA TYR K 180 -4.25 -27.74 76.55
C TYR K 180 -3.56 -26.86 77.61
N ASP K 181 -4.19 -25.73 77.94
CA ASP K 181 -3.71 -24.76 78.95
C ASP K 181 -4.18 -25.24 80.32
N PRO K 182 -3.27 -25.60 81.26
CA PRO K 182 -3.66 -26.20 82.52
C PRO K 182 -4.33 -25.23 83.51
N ARG K 183 -4.05 -23.92 83.38
CA ARG K 183 -4.60 -22.85 84.24
C ARG K 183 -6.09 -22.65 83.91
N THR K 184 -6.41 -22.35 82.64
CA THR K 184 -7.78 -22.08 82.14
C THR K 184 -8.51 -23.40 81.86
N ASN K 185 -7.77 -24.50 81.68
CA ASN K 185 -8.32 -25.87 81.53
C ASN K 185 -9.05 -25.96 80.17
N GLN K 186 -8.58 -25.20 79.17
CA GLN K 186 -9.25 -25.01 77.86
C GLN K 186 -8.37 -25.57 76.73
N VAL K 187 -9.00 -26.22 75.75
CA VAL K 187 -8.34 -26.84 74.56
C VAL K 187 -8.48 -25.88 73.36
N THR K 188 -7.36 -25.54 72.72
CA THR K 188 -7.27 -24.58 71.58
C THR K 188 -6.63 -25.28 70.38
N VAL K 189 -7.32 -25.29 69.23
CA VAL K 189 -6.80 -25.81 67.94
C VAL K 189 -5.92 -24.73 67.31
N LEU K 190 -4.60 -24.96 67.24
CA LEU K 190 -3.60 -23.99 66.72
C LEU K 190 -3.50 -24.12 65.19
N GLN K 191 -3.54 -25.36 64.68
CA GLN K 191 -3.40 -25.68 63.24
C GLN K 191 -4.23 -26.94 62.93
N SER K 192 -5.02 -26.89 61.85
CA SER K 192 -5.82 -28.03 61.32
C SER K 192 -5.40 -28.30 59.87
N ASN K 193 -5.94 -29.37 59.27
CA ASN K 193 -5.71 -29.76 57.85
C ASN K 193 -4.23 -30.03 57.63
N ILE K 194 -3.57 -30.69 58.59
CA ILE K 194 -2.13 -31.11 58.53
C ILE K 194 -2.08 -32.57 58.08
N THR K 195 -1.19 -32.90 57.15
CA THR K 195 -1.01 -34.28 56.62
C THR K 195 -0.28 -35.13 57.65
N TYR K 196 -1.02 -36.00 58.34
CA TYR K 196 -0.53 -37.04 59.29
C TYR K 196 0.49 -36.43 60.25
N PRO K 197 0.07 -35.53 61.17
CA PRO K 197 0.93 -35.08 62.27
C PRO K 197 1.08 -36.22 63.29
N ASN K 198 2.26 -36.34 63.89
CA ASN K 198 2.59 -37.41 64.88
C ASN K 198 3.36 -36.76 66.03
N GLY K 199 4.70 -36.82 66.00
CA GLY K 199 5.59 -36.28 67.04
C GLY K 199 5.48 -34.78 67.17
N VAL K 200 5.62 -34.26 68.39
CA VAL K 200 5.64 -32.81 68.72
C VAL K 200 6.65 -32.59 69.85
N ALA K 201 7.60 -31.67 69.64
CA ALA K 201 8.63 -31.25 70.62
C ALA K 201 8.72 -29.72 70.63
N MET K 202 8.72 -29.11 71.82
CA MET K 202 8.93 -27.66 71.98
C MET K 202 10.42 -27.36 71.79
N SER K 203 10.73 -26.27 71.08
CA SER K 203 12.11 -25.74 70.92
C SER K 203 12.66 -25.32 72.29
N ALA K 204 13.97 -25.37 72.47
CA ALA K 204 14.68 -25.00 73.72
C ALA K 204 14.37 -23.55 74.08
N ASP K 205 14.26 -22.67 73.08
CA ASP K 205 14.01 -21.22 73.25
C ASP K 205 12.51 -20.95 73.40
N ARG K 206 11.67 -21.97 73.24
CA ARG K 206 10.21 -21.98 73.60
C ARG K 206 9.42 -21.02 72.70
N THR K 207 9.88 -20.78 71.47
CA THR K 207 9.20 -19.88 70.48
C THR K 207 8.30 -20.71 69.57
N HIS K 208 8.71 -21.93 69.19
CA HIS K 208 8.01 -22.78 68.20
C HIS K 208 7.93 -24.24 68.66
N LEU K 209 7.07 -25.02 67.99
CA LEU K 209 6.98 -26.50 68.10
C LEU K 209 7.53 -27.13 66.82
N ILE K 210 8.33 -28.19 66.94
CA ILE K 210 8.76 -29.04 65.80
C ILE K 210 7.84 -30.26 65.76
N VAL K 211 7.07 -30.42 64.67
CA VAL K 211 6.03 -31.47 64.50
C VAL K 211 6.44 -32.36 63.32
N ALA K 212 6.37 -33.68 63.53
CA ALA K 212 6.70 -34.71 62.52
C ALA K 212 5.47 -35.00 61.66
N LEU K 213 5.64 -35.01 60.34
CA LEU K 213 4.61 -35.45 59.35
C LEU K 213 5.02 -36.83 58.81
N THR K 214 4.45 -37.89 59.39
CA THR K 214 4.80 -39.32 59.13
C THR K 214 4.69 -39.62 57.62
N GLY K 215 3.47 -39.59 57.07
CA GLY K 215 3.19 -39.83 55.65
C GLY K 215 4.09 -38.99 54.75
N PRO K 216 4.02 -37.63 54.84
CA PRO K 216 4.87 -36.75 54.03
C PRO K 216 6.38 -36.96 54.19
N CYS K 217 6.84 -37.57 55.29
CA CYS K 217 8.27 -37.84 55.59
C CYS K 217 9.01 -36.50 55.80
N LYS K 218 8.47 -35.62 56.65
CA LYS K 218 8.99 -34.24 56.85
C LYS K 218 8.74 -33.79 58.29
N LEU K 219 9.51 -32.80 58.75
CA LEU K 219 9.24 -32.00 59.97
C LEU K 219 8.73 -30.63 59.54
N MET K 220 7.72 -30.10 60.24
CA MET K 220 7.19 -28.73 60.04
C MET K 220 7.29 -27.95 61.36
N ARG K 221 7.50 -26.64 61.28
CA ARG K 221 7.68 -25.73 62.45
C ARG K 221 6.43 -24.86 62.61
N HIS K 222 5.74 -24.99 63.74
CA HIS K 222 4.59 -24.13 64.14
C HIS K 222 5.02 -23.19 65.27
N TRP K 223 4.97 -21.87 65.02
CA TRP K 223 5.30 -20.81 66.01
C TRP K 223 4.14 -20.65 66.99
N ILE K 224 4.45 -20.54 68.29
CA ILE K 224 3.45 -20.41 69.39
C ILE K 224 3.64 -19.08 70.13
N ARG K 225 4.78 -18.40 69.95
CA ARG K 225 5.12 -17.10 70.59
C ARG K 225 5.67 -16.14 69.52
N GLY K 226 5.45 -14.83 69.72
CA GLY K 226 5.95 -13.77 68.83
C GLY K 226 4.97 -13.42 67.71
N PRO K 227 5.36 -12.59 66.72
CA PRO K 227 4.46 -12.18 65.65
C PRO K 227 3.97 -13.35 64.77
N LYS K 228 4.75 -14.44 64.69
CA LYS K 228 4.48 -15.60 63.80
C LYS K 228 3.52 -16.59 64.48
N THR K 229 3.13 -16.37 65.74
CA THR K 229 2.23 -17.25 66.52
C THR K 229 1.06 -17.71 65.64
N GLY K 230 0.90 -19.01 65.44
CA GLY K 230 -0.20 -19.62 64.66
C GLY K 230 0.22 -20.05 63.27
N LYS K 231 1.38 -19.60 62.79
CA LYS K 231 1.90 -19.89 61.43
C LYS K 231 2.65 -21.21 61.42
N SER K 232 2.35 -22.09 60.45
CA SER K 232 3.05 -23.37 60.17
C SER K 232 3.85 -23.22 58.88
N GLU K 233 5.08 -23.74 58.84
CA GLU K 233 5.99 -23.65 57.66
C GLU K 233 6.88 -24.90 57.60
N PRO K 234 7.56 -25.15 56.45
CA PRO K 234 8.52 -26.25 56.36
C PRO K 234 9.72 -26.05 57.29
N PHE K 235 10.30 -27.15 57.77
CA PHE K 235 11.48 -27.18 58.67
C PHE K 235 12.62 -27.94 57.97
N VAL K 236 12.36 -29.21 57.62
CA VAL K 236 13.36 -30.11 56.98
C VAL K 236 12.63 -31.34 56.41
N ASP K 237 13.10 -31.84 55.27
CA ASP K 237 12.68 -33.15 54.67
C ASP K 237 13.53 -34.25 55.31
N LEU K 238 12.90 -35.36 55.70
CA LEU K 238 13.56 -36.54 56.32
C LEU K 238 13.57 -37.69 55.32
N PRO K 239 14.69 -38.46 55.23
CA PRO K 239 14.74 -39.65 54.38
C PRO K 239 14.13 -40.88 55.09
N GLY K 240 12.89 -40.75 55.57
CA GLY K 240 12.18 -41.78 56.34
C GLY K 240 10.88 -41.25 56.91
N TYR K 241 10.01 -42.15 57.38
CA TYR K 241 8.68 -41.84 57.97
C TYR K 241 8.88 -41.55 59.46
N PRO K 242 8.82 -40.27 59.90
CA PRO K 242 9.05 -39.92 61.30
C PRO K 242 7.82 -40.17 62.20
N ASP K 243 8.06 -40.55 63.46
CA ASP K 243 7.02 -40.71 64.50
C ASP K 243 7.17 -39.57 65.51
N ASN K 244 7.86 -39.80 66.63
CA ASN K 244 7.93 -38.86 67.77
C ASN K 244 9.18 -37.97 67.64
N VAL K 245 9.02 -36.68 67.94
CA VAL K 245 10.12 -35.67 68.03
C VAL K 245 10.40 -35.48 69.53
N ARG K 246 11.68 -35.51 69.91
CA ARG K 246 12.14 -35.34 71.32
C ARG K 246 13.47 -34.58 71.31
N PRO K 247 13.71 -33.68 72.30
CA PRO K 247 14.98 -32.97 72.37
C PRO K 247 16.14 -33.94 72.65
N ASP K 248 17.31 -33.68 72.07
CA ASP K 248 18.53 -34.51 72.22
C ASP K 248 19.29 -34.07 73.48
N GLY K 249 18.79 -33.03 74.17
CA GLY K 249 19.41 -32.46 75.38
C GLY K 249 20.68 -31.69 75.04
N LYS K 250 20.79 -31.20 73.80
CA LYS K 250 21.94 -30.41 73.30
C LYS K 250 21.43 -29.29 72.39
N GLY K 251 20.18 -28.84 72.59
CA GLY K 251 19.53 -27.76 71.82
C GLY K 251 18.88 -28.27 70.53
N GLY K 252 19.04 -29.55 70.21
CA GLY K 252 18.53 -30.19 68.97
C GLY K 252 17.44 -31.19 69.26
N TYR K 253 17.23 -32.16 68.36
CA TYR K 253 16.17 -33.19 68.44
C TYR K 253 16.69 -34.53 67.90
N TRP K 254 16.21 -35.63 68.49
CA TRP K 254 16.28 -37.01 67.94
C TRP K 254 14.93 -37.35 67.33
N ILE K 255 14.91 -37.71 66.05
CA ILE K 255 13.67 -38.06 65.29
C ILE K 255 13.68 -39.58 65.06
N ALA K 256 12.72 -40.29 65.66
CA ALA K 256 12.45 -41.72 65.39
C ALA K 256 12.03 -41.87 63.93
N LEU K 257 12.55 -42.87 63.22
CA LEU K 257 12.19 -43.22 61.82
C LEU K 257 11.88 -44.72 61.75
N HIS K 258 10.59 -45.10 61.77
CA HIS K 258 10.15 -46.52 61.80
C HIS K 258 10.45 -47.19 60.46
N ARG K 259 10.29 -46.47 59.34
CA ARG K 259 10.62 -46.97 57.98
C ARG K 259 11.60 -46.01 57.28
N GLU K 260 12.49 -46.55 56.46
CA GLU K 260 13.35 -45.79 55.50
C GLU K 260 12.48 -45.34 54.31
N LYS K 261 12.91 -44.30 53.60
CA LYS K 261 12.34 -43.90 52.28
C LYS K 261 13.18 -44.54 51.16
N TYR K 262 14.48 -44.74 51.41
CA TYR K 262 15.46 -45.28 50.43
C TYR K 262 16.25 -46.42 51.08
N GLU K 263 16.25 -47.61 50.46
CA GLU K 263 17.08 -48.77 50.86
C GLU K 263 18.42 -48.68 50.14
N LEU K 264 19.36 -47.89 50.69
CA LEU K 264 20.70 -47.65 50.09
C LEU K 264 21.56 -48.89 50.30
N PRO K 265 22.53 -49.18 49.40
CA PRO K 265 23.38 -50.36 49.53
C PRO K 265 24.54 -50.16 50.51
N PHE K 266 24.25 -50.25 51.81
CA PHE K 266 25.22 -50.06 52.93
C PHE K 266 25.57 -51.41 53.57
N GLY K 267 25.13 -52.52 52.97
CA GLY K 267 25.28 -53.87 53.52
C GLY K 267 24.17 -54.19 54.52
N PRO K 268 24.23 -55.34 55.21
CA PRO K 268 23.15 -55.78 56.09
C PRO K 268 23.13 -55.05 57.45
N ASP K 269 21.92 -54.76 57.95
CA ASP K 269 21.67 -54.11 59.27
C ASP K 269 22.39 -52.76 59.33
N SER K 270 22.34 -52.00 58.23
CA SER K 270 22.83 -50.60 58.12
C SER K 270 21.65 -49.68 57.74
N HIS K 271 20.45 -50.02 58.22
CA HIS K 271 19.18 -49.30 57.92
C HIS K 271 19.07 -48.07 58.81
N LEU K 272 18.72 -46.91 58.23
CA LEU K 272 18.49 -45.64 58.95
C LEU K 272 17.23 -45.77 59.81
N VAL K 273 17.38 -45.69 61.14
CA VAL K 273 16.29 -45.92 62.12
C VAL K 273 15.98 -44.63 62.89
N ALA K 274 16.86 -43.62 62.82
CA ALA K 274 16.71 -42.33 63.54
C ALA K 274 17.67 -41.28 62.95
N MET K 275 17.31 -40.00 63.11
CA MET K 275 18.08 -38.83 62.63
C MET K 275 18.11 -37.77 63.72
N ARG K 276 19.29 -37.19 63.99
CA ARG K 276 19.46 -36.03 64.89
C ARG K 276 19.39 -34.75 64.05
N VAL K 277 18.64 -33.75 64.50
CA VAL K 277 18.35 -32.50 63.75
C VAL K 277 18.71 -31.29 64.64
N SER K 278 19.43 -30.31 64.10
CA SER K 278 19.83 -29.06 64.79
C SER K 278 18.61 -28.17 64.99
N ALA K 279 18.74 -27.14 65.84
CA ALA K 279 17.71 -26.10 66.08
C ALA K 279 17.33 -25.43 64.76
N GLY K 280 18.31 -25.19 63.88
CA GLY K 280 18.13 -24.57 62.55
C GLY K 280 17.39 -25.48 61.58
N GLY K 281 17.46 -26.80 61.78
CA GLY K 281 16.75 -27.81 60.99
C GLY K 281 17.65 -28.49 59.99
N LYS K 282 18.92 -28.69 60.34
CA LYS K 282 19.93 -29.39 59.49
C LYS K 282 20.07 -30.84 59.99
N LEU K 283 20.24 -31.78 59.06
CA LEU K 283 20.44 -33.22 59.36
C LEU K 283 21.86 -33.40 59.91
N VAL K 284 21.99 -33.47 61.24
CA VAL K 284 23.28 -33.39 61.98
C VAL K 284 23.93 -34.77 62.06
N GLN K 285 23.19 -35.77 62.58
CA GLN K 285 23.70 -37.14 62.87
C GLN K 285 22.62 -38.16 62.52
N GLN K 286 23.03 -39.34 62.04
CA GLN K 286 22.13 -40.46 61.66
C GLN K 286 22.47 -41.68 62.52
N MET K 287 21.49 -42.57 62.72
CA MET K 287 21.63 -43.83 63.49
C MET K 287 21.16 -44.98 62.60
N ARG K 288 22.00 -46.01 62.43
CA ARG K 288 21.76 -47.17 61.53
C ARG K 288 21.86 -48.46 62.34
N GLY K 289 20.96 -49.42 62.07
CA GLY K 289 20.87 -50.70 62.78
C GLY K 289 19.97 -51.71 62.06
N PRO K 290 19.57 -52.82 62.73
CA PRO K 290 18.69 -53.82 62.14
C PRO K 290 17.33 -53.26 61.68
N LYS K 291 16.66 -53.98 60.76
CA LYS K 291 15.37 -53.58 60.15
C LYS K 291 14.20 -53.99 61.06
N SER K 292 14.49 -54.33 62.33
CA SER K 292 13.50 -54.73 63.36
C SER K 292 13.18 -53.55 64.30
N LEU K 293 14.22 -52.84 64.77
CA LEU K 293 14.14 -51.74 65.76
C LEU K 293 12.87 -50.90 65.54
N ARG K 294 12.60 -50.50 64.29
CA ARG K 294 11.40 -49.73 63.87
C ARG K 294 11.05 -48.71 64.96
N PRO K 295 11.97 -47.78 65.30
CA PRO K 295 11.78 -46.89 66.45
C PRO K 295 10.66 -45.85 66.22
N THR K 296 9.85 -45.60 67.25
CA THR K 296 8.77 -44.57 67.29
C THR K 296 9.19 -43.40 68.18
N GLU K 297 10.11 -43.61 69.12
CA GLU K 297 10.71 -42.55 69.98
C GLU K 297 12.19 -42.86 70.23
N VAL K 298 13.01 -41.81 70.31
CA VAL K 298 14.49 -41.90 70.50
C VAL K 298 14.89 -40.87 71.56
N MET K 299 15.27 -41.34 72.75
CA MET K 299 15.51 -40.52 73.96
C MET K 299 16.97 -40.66 74.41
N GLU K 300 17.84 -39.72 74.04
CA GLU K 300 19.23 -39.63 74.54
C GLU K 300 19.22 -39.10 75.97
N ARG K 301 19.99 -39.71 76.85
CA ARG K 301 20.11 -39.37 78.29
C ARG K 301 21.55 -38.91 78.56
N LYS K 302 21.79 -38.28 79.71
CA LYS K 302 23.09 -37.66 80.08
C LYS K 302 24.10 -38.75 80.49
N ASP K 303 23.66 -40.00 80.64
CA ASP K 303 24.55 -41.17 80.95
C ASP K 303 25.17 -41.73 79.67
N GLY K 304 24.77 -41.23 78.49
CA GLY K 304 25.33 -41.64 77.18
C GLY K 304 24.43 -42.62 76.44
N LYS K 305 23.54 -43.30 77.15
CA LYS K 305 22.58 -44.29 76.60
C LYS K 305 21.44 -43.57 75.87
N ILE K 306 20.90 -44.19 74.81
CA ILE K 306 19.76 -43.68 74.00
C ILE K 306 18.64 -44.74 74.01
N TYR K 307 17.56 -44.48 74.74
CA TYR K 307 16.38 -45.38 74.89
C TYR K 307 15.48 -45.21 73.66
N MET K 308 14.97 -46.32 73.12
CA MET K 308 14.26 -46.34 71.81
C MET K 308 12.95 -47.15 71.95
N GLY K 309 11.81 -46.46 71.76
CA GLY K 309 10.47 -47.06 71.76
C GLY K 309 10.10 -47.63 70.42
N ASN K 310 8.93 -48.28 70.33
CA ASN K 310 8.41 -48.94 69.10
C ASN K 310 6.92 -49.25 69.32
N VAL K 311 6.26 -49.87 68.35
CA VAL K 311 4.79 -50.18 68.41
C VAL K 311 4.54 -51.61 67.95
N GLU K 312 5.52 -52.52 68.11
CA GLU K 312 5.43 -53.92 67.61
C GLU K 312 6.35 -54.87 68.39
N LEU K 313 7.50 -54.41 68.89
CA LEU K 313 8.51 -55.25 69.57
C LEU K 313 8.18 -55.37 71.05
N PRO K 314 8.49 -56.52 71.70
CA PRO K 314 8.23 -56.72 73.13
C PRO K 314 9.36 -56.24 74.06
N TYR K 315 9.97 -55.08 73.77
CA TYR K 315 11.10 -54.52 74.54
C TYR K 315 11.35 -53.05 74.16
N VAL K 316 12.19 -52.38 74.96
CA VAL K 316 12.76 -51.03 74.68
C VAL K 316 14.22 -51.22 74.27
N GLY K 317 14.65 -50.57 73.19
CA GLY K 317 16.02 -50.60 72.68
C GLY K 317 16.92 -49.60 73.41
N VAL K 318 18.18 -49.96 73.64
CA VAL K 318 19.20 -49.10 74.31
C VAL K 318 20.54 -49.29 73.59
N VAL K 319 21.16 -48.19 73.13
CA VAL K 319 22.45 -48.20 72.39
C VAL K 319 23.46 -47.29 73.10
N LYS K 320 24.73 -47.34 72.68
CA LYS K 320 25.88 -46.62 73.29
C LYS K 320 26.05 -47.11 74.74
N PHE L 10 -13.21 53.04 43.41
CA PHE L 10 -13.18 51.72 44.13
C PHE L 10 -12.87 50.60 43.14
N LYS L 11 -11.60 50.18 43.09
CA LYS L 11 -11.08 49.07 42.24
C LYS L 11 -11.63 47.73 42.76
N THR L 12 -11.82 46.75 41.86
CA THR L 12 -12.32 45.38 42.18
C THR L 12 -11.27 44.64 43.03
N ILE L 13 -11.69 44.08 44.17
CA ILE L 13 -10.82 43.33 45.12
C ILE L 13 -10.70 41.88 44.64
N ASP L 14 -9.49 41.32 44.72
CA ASP L 14 -9.16 39.94 44.27
C ASP L 14 -9.01 39.03 45.50
N ALA L 15 -9.81 37.96 45.59
CA ALA L 15 -9.86 37.02 46.73
C ALA L 15 -9.19 35.68 46.35
N ARG L 16 -8.62 35.58 45.15
CA ARG L 16 -7.89 34.36 44.65
C ARG L 16 -6.80 33.98 45.66
N ARG L 17 -6.01 34.97 46.09
CA ARG L 17 -4.94 34.84 47.11
C ARG L 17 -5.46 35.38 48.44
N SER L 18 -5.48 34.53 49.48
CA SER L 18 -6.03 34.86 50.82
C SER L 18 -5.34 34.03 51.90
N GLN L 19 -5.12 34.63 53.08
CA GLN L 19 -4.60 33.94 54.29
C GLN L 19 -5.72 33.06 54.85
N HIS L 20 -5.40 31.81 55.19
CA HIS L 20 -6.34 30.82 55.79
C HIS L 20 -6.08 30.68 57.28
N LEU L 21 -7.11 30.89 58.12
CA LEU L 21 -7.08 30.63 59.58
C LEU L 21 -7.65 29.23 59.81
N ASP L 22 -6.78 28.21 59.78
CA ASP L 22 -7.15 26.76 59.81
C ASP L 22 -7.94 26.44 61.09
N LEU L 23 -9.12 25.82 60.93
CA LEU L 23 -9.90 25.20 62.04
C LEU L 23 -9.34 23.78 62.26
N GLY L 24 -9.28 23.34 63.51
CA GLY L 24 -8.80 22.00 63.90
C GLY L 24 -9.82 20.92 63.60
N GLY L 25 -9.46 19.66 63.86
CA GLY L 25 -10.32 18.47 63.65
C GLY L 25 -10.84 18.40 62.22
N SER L 26 -12.13 18.11 62.05
CA SER L 26 -12.85 18.13 60.75
C SER L 26 -13.91 19.24 60.76
N LEU L 27 -13.67 20.30 61.53
CA LEU L 27 -14.56 21.50 61.63
C LEU L 27 -14.55 22.24 60.29
N VAL L 28 -15.73 22.66 59.81
CA VAL L 28 -15.89 23.48 58.57
C VAL L 28 -16.97 24.54 58.81
N GLY L 29 -16.92 25.62 58.01
CA GLY L 29 -18.03 26.58 57.87
C GLY L 29 -18.12 27.57 59.02
N PRO L 30 -17.12 28.47 59.18
CA PRO L 30 -17.26 29.62 60.08
C PRO L 30 -18.18 30.68 59.43
N GLU L 31 -19.50 30.50 59.58
CA GLU L 31 -20.56 31.25 58.84
C GLU L 31 -20.35 32.75 59.05
N SER L 32 -20.23 33.19 60.31
CA SER L 32 -20.00 34.60 60.70
C SER L 32 -18.55 34.76 61.20
N VAL L 33 -18.04 36.00 61.14
CA VAL L 33 -16.68 36.38 61.63
C VAL L 33 -16.80 37.68 62.45
N ALA L 34 -17.48 37.59 63.59
CA ALA L 34 -17.77 38.72 64.51
C ALA L 34 -16.52 39.05 65.33
N PHE L 35 -16.34 40.34 65.66
CA PHE L 35 -15.25 40.88 66.51
C PHE L 35 -15.87 41.60 67.71
N ASP L 36 -15.30 41.42 68.91
CA ASP L 36 -15.83 42.01 70.17
C ASP L 36 -15.29 43.44 70.33
N GLY L 37 -15.77 44.16 71.35
CA GLY L 37 -15.42 45.56 71.65
C GLY L 37 -13.91 45.77 71.78
N LYS L 38 -13.21 44.80 72.37
CA LYS L 38 -11.73 44.82 72.54
C LYS L 38 -11.04 44.63 71.19
N GLY L 39 -11.72 44.03 70.21
CA GLY L 39 -11.23 43.80 68.84
C GLY L 39 -10.50 42.47 68.70
N ARG L 40 -10.82 41.50 69.57
CA ARG L 40 -10.25 40.13 69.54
C ARG L 40 -10.58 39.48 68.20
N GLY L 41 -9.74 38.53 67.75
CA GLY L 41 -9.84 37.84 66.44
C GLY L 41 -11.24 37.33 66.16
N PRO L 42 -11.50 36.79 64.94
CA PRO L 42 -12.85 36.38 64.55
C PRO L 42 -13.45 35.30 65.46
N TYR L 43 -14.66 35.57 65.99
CA TYR L 43 -15.57 34.58 66.61
C TYR L 43 -16.43 33.98 65.49
N SER L 44 -16.53 32.65 65.42
CA SER L 44 -17.14 31.92 64.29
C SER L 44 -17.93 30.70 64.80
N GLY L 45 -19.23 30.64 64.45
CA GLY L 45 -20.07 29.46 64.62
C GLY L 45 -19.75 28.41 63.56
N VAL L 46 -19.32 27.22 63.97
CA VAL L 46 -18.77 26.16 63.08
C VAL L 46 -19.73 24.97 63.03
N SER L 47 -19.37 23.93 62.27
CA SER L 47 -20.27 22.85 61.78
C SER L 47 -20.86 22.00 62.91
N ASP L 48 -20.11 21.80 64.00
CA ASP L 48 -20.48 20.85 65.09
C ASP L 48 -21.36 21.53 66.16
N GLY L 49 -21.52 22.86 66.10
CA GLY L 49 -22.44 23.62 66.97
C GLY L 49 -21.73 24.64 67.85
N ARG L 50 -20.40 24.52 68.03
CA ARG L 50 -19.60 25.41 68.91
C ARG L 50 -19.47 26.78 68.25
N ILE L 51 -19.23 27.82 69.07
CA ILE L 51 -18.74 29.16 68.63
C ILE L 51 -17.28 29.27 69.07
N MET L 52 -16.35 29.18 68.12
CA MET L 52 -14.88 29.19 68.36
C MET L 52 -14.38 30.64 68.27
N ARG L 53 -13.24 30.93 68.93
CA ARG L 53 -12.57 32.26 68.91
C ARG L 53 -11.12 32.10 68.44
N TRP L 54 -10.70 32.92 67.48
CA TRP L 54 -9.32 32.94 66.91
C TRP L 54 -8.41 33.78 67.82
N ASN L 55 -7.31 33.20 68.29
CA ASN L 55 -6.38 33.81 69.28
C ASN L 55 -4.99 34.00 68.64
N GLY L 56 -4.93 34.15 67.31
CA GLY L 56 -3.68 34.36 66.55
C GLY L 56 -3.11 33.05 66.03
N GLU L 57 -2.16 33.12 65.11
CA GLU L 57 -1.54 31.97 64.39
C GLU L 57 -1.03 30.95 65.42
N ALA L 58 -0.29 31.41 66.44
CA ALA L 58 0.37 30.58 67.47
C ALA L 58 -0.68 29.74 68.23
N ALA L 59 -1.64 30.40 68.88
CA ALA L 59 -2.66 29.77 69.76
C ALA L 59 -3.70 29.02 68.93
N GLY L 60 -4.17 29.61 67.83
CA GLY L 60 -5.21 29.03 66.95
C GLY L 60 -6.61 29.30 67.49
N TRP L 61 -7.53 28.37 67.28
CA TRP L 61 -8.95 28.46 67.71
C TRP L 61 -9.13 27.82 69.09
N SER L 62 -10.01 28.42 69.92
CA SER L 62 -10.43 27.89 71.25
C SER L 62 -11.95 28.05 71.38
N THR L 63 -12.61 27.07 72.01
CA THR L 63 -14.07 27.09 72.31
C THR L 63 -14.39 28.32 73.16
N TYR L 64 -15.48 29.03 72.85
CA TYR L 64 -15.94 30.23 73.59
C TYR L 64 -17.36 30.02 74.12
N THR L 65 -18.27 29.46 73.31
CA THR L 65 -19.67 29.16 73.72
C THR L 65 -20.31 28.11 72.82
N TYR L 66 -21.53 27.71 73.18
CA TYR L 66 -22.32 26.59 72.60
C TYR L 66 -23.72 26.61 73.23
N SER L 67 -24.68 25.88 72.67
CA SER L 67 -26.08 25.78 73.18
C SER L 67 -26.12 24.88 74.40
N PRO L 68 -27.10 25.06 75.33
CA PRO L 68 -27.31 24.11 76.41
C PRO L 68 -27.58 22.68 75.94
N SER L 69 -28.24 22.53 74.79
CA SER L 69 -28.55 21.22 74.14
C SER L 69 -27.24 20.50 73.76
N TYR L 70 -26.21 21.25 73.35
CA TYR L 70 -24.88 20.73 72.95
C TYR L 70 -24.26 19.93 74.09
N THR L 71 -24.33 20.45 75.33
CA THR L 71 -23.80 19.80 76.56
C THR L 71 -24.78 18.72 77.03
N LYS L 72 -26.09 18.92 76.82
CA LYS L 72 -27.17 17.98 77.24
C LYS L 72 -27.05 16.67 76.46
N ASN L 73 -26.73 16.73 75.16
CA ASN L 73 -26.64 15.57 74.26
C ASN L 73 -25.18 15.08 74.16
N LYS L 74 -24.29 15.58 75.02
CA LYS L 74 -22.87 15.16 75.11
C LYS L 74 -22.28 15.11 73.70
N CYS L 75 -22.26 16.26 73.01
CA CYS L 75 -21.89 16.38 71.57
C CYS L 75 -20.37 16.36 71.38
N ALA L 76 -19.61 16.80 72.38
CA ALA L 76 -18.13 16.96 72.33
C ALA L 76 -17.44 15.58 72.20
N ALA L 77 -18.18 14.49 72.43
CA ALA L 77 -17.67 13.09 72.37
C ALA L 77 -18.36 12.31 71.24
N SER L 78 -19.17 12.96 70.41
CA SER L 78 -19.86 12.36 69.24
C SER L 78 -18.84 12.15 68.10
N THR L 79 -18.85 10.95 67.49
CA THR L 79 -17.96 10.56 66.36
C THR L 79 -18.76 10.57 65.05
N LEU L 80 -20.05 10.90 65.09
CA LEU L 80 -20.96 10.94 63.91
C LEU L 80 -20.70 12.21 63.12
N PRO L 81 -20.84 12.19 61.76
CA PRO L 81 -20.81 13.41 60.97
C PRO L 81 -21.78 14.48 61.49
N THR L 82 -21.32 15.74 61.52
CA THR L 82 -22.03 16.91 62.11
C THR L 82 -23.40 17.11 61.45
N VAL L 83 -23.51 16.77 60.15
CA VAL L 83 -24.74 16.90 59.32
C VAL L 83 -25.93 16.26 60.06
N GLN L 84 -25.70 15.11 60.71
CA GLN L 84 -26.74 14.28 61.37
C GLN L 84 -27.08 14.86 62.74
N THR L 85 -26.06 15.22 63.51
CA THR L 85 -26.15 15.66 64.94
C THR L 85 -26.49 17.15 65.02
N GLU L 86 -26.98 17.74 63.91
CA GLU L 86 -27.12 19.22 63.73
C GLU L 86 -28.34 19.71 64.50
N SER L 87 -29.48 19.02 64.38
CA SER L 87 -30.78 19.36 65.03
C SER L 87 -30.68 19.19 66.56
N LYS L 88 -29.66 18.46 67.05
CA LYS L 88 -29.44 18.20 68.50
C LYS L 88 -28.34 19.13 69.03
N CYS L 89 -27.19 19.19 68.36
CA CYS L 89 -25.98 19.95 68.81
C CYS L 89 -26.06 21.41 68.37
N GLY L 90 -26.98 21.74 67.45
CA GLY L 90 -27.23 23.11 66.97
C GLY L 90 -26.26 23.49 65.85
N ARG L 91 -26.63 24.51 65.07
CA ARG L 91 -25.79 25.08 63.98
C ARG L 91 -25.78 26.61 64.13
N PRO L 92 -24.76 27.20 64.79
CA PRO L 92 -24.67 28.65 64.96
C PRO L 92 -24.33 29.38 63.65
N LEU L 93 -25.21 30.30 63.23
CA LEU L 93 -25.05 31.12 62.00
C LEU L 93 -24.67 32.55 62.39
N GLY L 94 -25.66 33.40 62.71
CA GLY L 94 -25.47 34.84 62.99
C GLY L 94 -24.76 35.07 64.32
N LEU L 95 -23.81 36.00 64.35
CA LEU L 95 -23.07 36.44 65.57
C LEU L 95 -23.01 37.97 65.61
N ARG L 96 -23.14 38.55 66.80
CA ARG L 96 -22.98 40.01 67.05
C ARG L 96 -22.79 40.25 68.55
N PHE L 97 -21.77 41.03 68.92
CA PHE L 97 -21.47 41.44 70.30
C PHE L 97 -22.25 42.73 70.62
N HIS L 98 -22.72 42.84 71.86
CA HIS L 98 -23.24 44.09 72.49
C HIS L 98 -22.09 44.74 73.27
N TYR L 99 -21.37 45.66 72.63
CA TYR L 99 -20.07 46.23 73.10
C TYR L 99 -20.17 46.70 74.56
N LYS L 100 -21.28 47.34 74.94
CA LYS L 100 -21.50 47.93 76.29
C LYS L 100 -21.32 46.84 77.36
N THR L 101 -22.01 45.72 77.22
CA THR L 101 -22.03 44.57 78.17
C THR L 101 -20.88 43.60 77.87
N GLY L 102 -20.50 43.46 76.59
CA GLY L 102 -19.55 42.44 76.10
C GLY L 102 -20.24 41.11 75.85
N ASN L 103 -21.58 41.10 75.87
CA ASN L 103 -22.44 39.90 75.64
C ASN L 103 -22.41 39.53 74.16
N LEU L 104 -22.22 38.25 73.85
CA LEU L 104 -22.33 37.70 72.47
C LEU L 104 -23.75 37.14 72.28
N TYR L 105 -24.51 37.71 71.35
CA TYR L 105 -25.80 37.16 70.86
C TYR L 105 -25.50 36.18 69.71
N ILE L 106 -26.09 34.99 69.76
CA ILE L 106 -25.92 33.90 68.75
C ILE L 106 -27.29 33.61 68.13
N ALA L 107 -27.36 33.62 66.79
CA ALA L 107 -28.49 33.10 66.00
C ALA L 107 -28.16 31.68 65.54
N ASP L 108 -28.78 30.68 66.17
CA ASP L 108 -28.56 29.23 65.92
C ASP L 108 -29.80 28.66 65.22
N ALA L 109 -29.61 28.12 64.00
CA ALA L 109 -30.68 27.65 63.10
C ALA L 109 -31.71 26.79 63.85
N TYR L 110 -31.27 26.01 64.84
CA TYR L 110 -32.08 25.00 65.57
C TYR L 110 -32.42 25.49 66.99
N MET L 111 -31.46 26.12 67.69
CA MET L 111 -31.56 26.43 69.15
C MET L 111 -32.14 27.84 69.39
N GLY L 112 -32.59 28.53 68.33
CA GLY L 112 -33.18 29.88 68.42
C GLY L 112 -32.13 30.93 68.77
N LEU L 113 -32.55 32.05 69.37
CA LEU L 113 -31.66 33.17 69.80
C LEU L 113 -31.07 32.84 71.17
N MET L 114 -29.77 33.02 71.34
CA MET L 114 -29.01 32.71 72.58
C MET L 114 -28.12 33.89 72.96
N ARG L 115 -27.60 33.89 74.20
CA ARG L 115 -26.68 34.93 74.74
C ARG L 115 -25.69 34.30 75.71
N VAL L 116 -24.50 34.90 75.82
CA VAL L 116 -23.44 34.53 76.81
C VAL L 116 -22.61 35.79 77.11
N GLY L 117 -22.22 35.97 78.37
CA GLY L 117 -21.44 37.13 78.84
C GLY L 117 -19.98 37.04 78.42
N PRO L 118 -19.13 38.01 78.82
CA PRO L 118 -17.73 38.06 78.37
C PRO L 118 -16.84 36.94 78.89
N LYS L 119 -17.28 36.21 79.93
CA LYS L 119 -16.51 35.09 80.54
C LYS L 119 -16.50 33.90 79.56
N GLY L 120 -17.55 33.73 78.75
CA GLY L 120 -17.73 32.61 77.83
C GLY L 120 -18.51 31.47 78.46
N GLY L 121 -18.21 30.23 78.06
CA GLY L 121 -18.87 29.00 78.56
C GLY L 121 -20.25 28.82 77.93
N GLU L 122 -21.06 27.91 78.49
CA GLU L 122 -22.41 27.54 77.97
C GLU L 122 -23.28 28.81 77.91
N ALA L 123 -23.96 29.01 76.78
CA ALA L 123 -24.86 30.16 76.51
C ALA L 123 -26.24 29.89 77.12
N THR L 124 -27.14 30.88 77.03
CA THR L 124 -28.54 30.83 77.53
C THR L 124 -29.50 31.06 76.36
N VAL L 125 -30.58 30.27 76.30
CA VAL L 125 -31.65 30.40 75.25
C VAL L 125 -32.63 31.50 75.69
N LEU L 126 -32.76 32.56 74.88
CA LEU L 126 -33.66 33.71 75.14
C LEU L 126 -35.03 33.46 74.50
N ALA L 127 -35.06 32.90 73.29
CA ALA L 127 -36.29 32.66 72.50
C ALA L 127 -36.10 31.44 71.57
N MET L 128 -37.01 30.48 71.66
CA MET L 128 -37.12 29.33 70.71
C MET L 128 -38.36 29.52 69.82
N LYS L 129 -39.16 30.56 70.07
CA LYS L 129 -40.51 30.76 69.46
C LYS L 129 -40.88 32.25 69.55
N ALA L 130 -41.71 32.72 68.61
CA ALA L 130 -42.24 34.11 68.53
C ALA L 130 -43.73 34.06 68.18
N ASP L 131 -44.60 34.54 69.08
CA ASP L 131 -46.08 34.52 68.96
C ASP L 131 -46.58 33.08 68.91
N GLY L 132 -46.00 32.19 69.72
CA GLY L 132 -46.38 30.77 69.83
C GLY L 132 -46.11 29.98 68.56
N VAL L 133 -45.25 30.49 67.67
CA VAL L 133 -44.81 29.81 66.41
C VAL L 133 -43.32 29.52 66.53
N PRO L 134 -42.89 28.24 66.42
CA PRO L 134 -41.51 27.87 66.71
C PRO L 134 -40.51 28.35 65.63
N LEU L 135 -39.32 28.78 66.06
CA LEU L 135 -38.21 29.21 65.18
C LEU L 135 -37.49 27.95 64.66
N ARG L 136 -37.58 27.69 63.35
CA ARG L 136 -37.02 26.48 62.70
C ARG L 136 -35.70 26.81 61.98
N PHE L 137 -35.44 28.08 61.69
CA PHE L 137 -34.29 28.54 60.86
C PHE L 137 -33.85 29.95 61.28
N THR L 138 -33.36 30.10 62.51
CA THR L 138 -32.80 31.36 63.06
C THR L 138 -31.43 31.62 62.39
N ASN L 139 -31.32 32.67 61.56
CA ASN L 139 -30.17 32.88 60.65
C ASN L 139 -29.39 34.14 61.06
N GLY L 140 -29.83 35.32 60.64
CA GLY L 140 -29.09 36.58 60.79
C GLY L 140 -29.37 37.28 62.11
N VAL L 141 -28.56 38.27 62.48
CA VAL L 141 -28.72 39.08 63.72
C VAL L 141 -27.85 40.35 63.63
N ASP L 142 -28.35 41.45 64.18
CA ASP L 142 -27.57 42.67 64.52
C ASP L 142 -28.22 43.33 65.75
N ILE L 143 -27.45 44.18 66.45
CA ILE L 143 -27.86 44.81 67.73
C ILE L 143 -27.74 46.34 67.61
N ASP L 144 -28.74 47.06 68.08
CA ASP L 144 -28.67 48.52 68.39
C ASP L 144 -27.73 48.67 69.60
N GLN L 145 -26.46 49.01 69.37
CA GLN L 145 -25.40 49.04 70.41
C GLN L 145 -25.80 49.97 71.56
N VAL L 146 -26.65 50.97 71.27
CA VAL L 146 -27.14 51.98 72.25
C VAL L 146 -28.27 51.37 73.10
N THR L 147 -29.41 51.06 72.48
CA THR L 147 -30.65 50.62 73.18
C THR L 147 -30.51 49.16 73.64
N GLY L 148 -29.63 48.38 73.00
CA GLY L 148 -29.41 46.96 73.28
C GLY L 148 -30.45 46.06 72.61
N ASP L 149 -31.33 46.63 71.79
CA ASP L 149 -32.39 45.90 71.05
C ASP L 149 -31.73 45.03 69.98
N VAL L 150 -32.20 43.78 69.83
CA VAL L 150 -31.60 42.73 68.95
C VAL L 150 -32.58 42.41 67.83
N TYR L 151 -32.21 42.70 66.58
CA TYR L 151 -33.02 42.45 65.36
C TYR L 151 -32.42 41.24 64.64
N PHE L 152 -33.18 40.15 64.55
CA PHE L 152 -32.75 38.82 64.03
C PHE L 152 -33.79 38.29 63.04
N THR L 153 -33.40 37.30 62.24
CA THR L 153 -34.23 36.70 61.16
C THR L 153 -34.49 35.21 61.44
N ASP L 154 -35.68 34.74 61.05
CA ASP L 154 -36.03 33.30 60.90
C ASP L 154 -36.41 33.08 59.43
N SER L 155 -35.55 32.39 58.66
CA SER L 155 -35.58 32.32 57.18
C SER L 155 -36.82 31.57 56.67
N SER L 156 -37.29 30.56 57.43
CA SER L 156 -38.41 29.67 57.01
C SER L 156 -39.06 29.00 58.24
N MET L 157 -40.35 28.71 58.14
CA MET L 157 -41.13 27.93 59.13
C MET L 157 -41.16 26.46 58.72
N ASN L 158 -41.31 26.19 57.41
CA ASN L 158 -41.56 24.84 56.84
C ASN L 158 -40.26 24.02 56.77
N TYR L 159 -39.18 24.65 56.28
CA TYR L 159 -37.87 23.99 56.04
C TYR L 159 -36.84 24.49 57.06
N GLN L 160 -35.75 23.71 57.24
CA GLN L 160 -34.67 23.96 58.22
C GLN L 160 -33.36 24.24 57.48
N ARG L 161 -32.25 24.39 58.21
CA ARG L 161 -30.91 24.75 57.67
C ARG L 161 -30.40 23.65 56.73
N SER L 162 -30.73 22.38 57.00
CA SER L 162 -30.34 21.20 56.19
C SER L 162 -31.01 21.27 54.81
N GLN L 163 -32.25 21.78 54.75
CA GLN L 163 -33.02 21.98 53.49
C GLN L 163 -33.05 23.48 53.15
N HIS L 164 -31.90 24.15 53.21
CA HIS L 164 -31.76 25.61 52.92
C HIS L 164 -31.93 25.87 51.42
N GLU L 165 -31.53 24.90 50.58
CA GLU L 165 -31.63 24.98 49.10
C GLU L 165 -33.10 24.90 48.67
N GLN L 166 -33.95 24.24 49.49
CA GLN L 166 -35.39 24.02 49.20
C GLN L 166 -36.16 25.34 49.37
N VAL L 167 -35.73 26.19 50.32
CA VAL L 167 -36.38 27.50 50.64
C VAL L 167 -36.41 28.35 49.37
N THR L 168 -35.25 28.50 48.71
CA THR L 168 -35.09 29.21 47.42
C THR L 168 -35.91 28.50 46.32
N ALA L 169 -35.69 27.18 46.18
CA ALA L 169 -36.25 26.32 45.11
C ALA L 169 -37.79 26.37 45.12
N THR L 170 -38.41 26.27 46.31
CA THR L 170 -39.88 26.23 46.50
C THR L 170 -40.46 27.65 46.56
N LYS L 171 -39.61 28.68 46.70
CA LYS L 171 -40.01 30.10 46.87
C LYS L 171 -40.81 30.24 48.18
N ASP L 172 -40.31 29.65 49.26
CA ASP L 172 -40.97 29.63 50.59
C ASP L 172 -40.94 31.04 51.19
N SER L 173 -42.11 31.69 51.26
CA SER L 173 -42.31 33.07 51.77
C SER L 173 -42.97 33.01 53.16
N THR L 174 -42.31 32.34 54.12
CA THR L 174 -42.76 32.22 55.53
C THR L 174 -41.69 32.82 56.46
N GLY L 175 -40.81 33.68 55.92
CA GLY L 175 -39.73 34.35 56.67
C GLY L 175 -40.28 35.40 57.62
N ARG L 176 -39.52 35.71 58.68
CA ARG L 176 -39.92 36.69 59.72
C ARG L 176 -38.70 37.52 60.16
N LEU L 177 -38.83 38.85 60.13
CA LEU L 177 -37.92 39.82 60.77
C LEU L 177 -38.49 40.16 62.15
N MET L 178 -37.70 39.94 63.21
CA MET L 178 -38.16 40.01 64.63
C MET L 178 -37.21 40.91 65.44
N LYS L 179 -37.76 41.52 66.49
CA LYS L 179 -37.02 42.34 67.49
C LYS L 179 -37.09 41.61 68.84
N TYR L 180 -35.94 41.41 69.49
CA TYR L 180 -35.84 40.99 70.92
C TYR L 180 -35.42 42.21 71.75
N ASP L 181 -36.10 42.42 72.87
CA ASP L 181 -35.88 43.55 73.82
C ASP L 181 -35.31 42.96 75.11
N PRO L 182 -34.06 43.29 75.52
CA PRO L 182 -33.48 42.76 76.75
C PRO L 182 -34.12 43.35 78.02
N ARG L 183 -34.82 44.48 77.91
CA ARG L 183 -35.51 45.16 79.04
C ARG L 183 -36.79 44.42 79.38
N THR L 184 -37.67 44.20 78.39
CA THR L 184 -39.01 43.55 78.57
C THR L 184 -38.92 42.05 78.25
N ASN L 185 -37.76 41.56 77.81
CA ASN L 185 -37.48 40.11 77.60
C ASN L 185 -38.55 39.52 76.65
N GLN L 186 -38.98 40.31 75.68
CA GLN L 186 -40.15 40.04 74.79
C GLN L 186 -39.69 40.01 73.34
N VAL L 187 -40.20 39.07 72.54
CA VAL L 187 -39.89 38.91 71.09
C VAL L 187 -41.06 39.46 70.27
N THR L 188 -40.86 40.61 69.61
CA THR L 188 -41.84 41.28 68.73
C THR L 188 -41.53 40.93 67.26
N VAL L 189 -42.54 40.47 66.51
CA VAL L 189 -42.43 40.16 65.05
C VAL L 189 -42.72 41.44 64.27
N LEU L 190 -41.68 42.06 63.70
CA LEU L 190 -41.76 43.37 62.98
C LEU L 190 -42.37 43.16 61.58
N GLN L 191 -42.18 41.97 60.99
CA GLN L 191 -42.72 41.60 59.66
C GLN L 191 -42.70 40.08 59.48
N SER L 192 -43.63 39.56 58.68
CA SER L 192 -43.78 38.12 58.34
C SER L 192 -44.06 37.97 56.83
N ASN L 193 -44.09 36.73 56.34
CA ASN L 193 -44.36 36.38 54.92
C ASN L 193 -43.22 36.89 54.02
N ILE L 194 -41.99 36.89 54.54
CA ILE L 194 -40.76 37.36 53.83
C ILE L 194 -40.13 36.17 53.10
N THR L 195 -39.57 36.40 51.92
CA THR L 195 -38.96 35.37 51.03
C THR L 195 -37.47 35.18 51.40
N TYR L 196 -37.17 34.19 52.24
CA TYR L 196 -35.81 33.78 52.65
C TYR L 196 -35.04 34.98 53.21
N PRO L 197 -35.49 35.56 54.35
CA PRO L 197 -34.69 36.57 55.05
C PRO L 197 -33.49 35.91 55.74
N ASN L 198 -32.28 36.36 55.43
CA ASN L 198 -31.00 35.80 55.95
C ASN L 198 -30.32 36.88 56.80
N GLY L 199 -29.33 37.58 56.26
CA GLY L 199 -28.49 38.56 56.98
C GLY L 199 -29.28 39.80 57.35
N VAL L 200 -28.86 40.47 58.42
CA VAL L 200 -29.46 41.76 58.90
C VAL L 200 -28.33 42.64 59.46
N ALA L 201 -28.23 43.87 58.96
CA ALA L 201 -27.32 44.93 59.45
C ALA L 201 -28.15 46.17 59.79
N MET L 202 -27.84 46.83 60.92
CA MET L 202 -28.43 48.13 61.29
C MET L 202 -27.64 49.25 60.60
N SER L 203 -28.33 50.28 60.11
CA SER L 203 -27.73 51.47 59.45
C SER L 203 -26.86 52.23 60.44
N ALA L 204 -25.93 53.04 59.94
CA ALA L 204 -25.02 53.90 60.75
C ALA L 204 -25.85 54.83 61.65
N ASP L 205 -26.99 55.30 61.14
CA ASP L 205 -27.87 56.31 61.80
C ASP L 205 -28.89 55.61 62.72
N ARG L 206 -29.01 54.28 62.64
CA ARG L 206 -29.85 53.43 63.56
C ARG L 206 -31.34 53.71 63.34
N THR L 207 -31.75 54.08 62.12
CA THR L 207 -33.15 54.41 61.77
C THR L 207 -33.82 53.26 61.01
N HIS L 208 -33.05 52.30 60.48
CA HIS L 208 -33.57 51.18 59.65
C HIS L 208 -32.57 50.01 59.61
N LEU L 209 -33.07 48.84 59.24
CA LEU L 209 -32.30 47.58 59.04
C LEU L 209 -32.21 47.28 57.54
N ILE L 210 -30.99 47.02 57.04
CA ILE L 210 -30.77 46.39 55.71
C ILE L 210 -30.82 44.88 55.89
N VAL L 211 -31.82 44.22 55.30
CA VAL L 211 -32.08 42.75 55.44
C VAL L 211 -31.91 42.09 54.07
N ALA L 212 -31.02 41.10 53.98
CA ALA L 212 -30.75 40.31 52.75
C ALA L 212 -31.90 39.32 52.51
N LEU L 213 -32.34 39.20 51.26
CA LEU L 213 -33.31 38.17 50.78
C LEU L 213 -32.56 37.21 49.84
N THR L 214 -32.20 36.03 50.36
CA THR L 214 -31.27 35.06 49.71
C THR L 214 -31.87 34.57 48.38
N GLY L 215 -33.09 34.02 48.42
CA GLY L 215 -33.79 33.48 47.24
C GLY L 215 -34.01 34.54 46.15
N PRO L 216 -34.73 35.64 46.45
CA PRO L 216 -34.97 36.71 45.48
C PRO L 216 -33.73 37.45 44.94
N CYS L 217 -32.57 37.30 45.60
CA CYS L 217 -31.29 38.00 45.26
C CYS L 217 -31.46 39.51 45.42
N LYS L 218 -32.10 39.93 46.52
CA LYS L 218 -32.45 41.34 46.81
C LYS L 218 -32.02 41.70 48.23
N LEU L 219 -31.75 42.99 48.47
CA LEU L 219 -31.73 43.61 49.83
C LEU L 219 -33.01 44.44 49.97
N MET L 220 -33.65 44.38 51.14
CA MET L 220 -34.82 45.24 51.49
C MET L 220 -34.43 46.13 52.68
N ARG L 221 -35.09 47.27 52.82
CA ARG L 221 -34.89 48.24 53.94
C ARG L 221 -36.15 48.24 54.81
N HIS L 222 -36.00 47.94 56.10
CA HIS L 222 -37.08 47.97 57.12
C HIS L 222 -36.78 49.06 58.13
N TRP L 223 -37.67 50.06 58.25
CA TRP L 223 -37.51 51.24 59.13
C TRP L 223 -37.97 50.90 60.55
N ILE L 224 -37.12 51.18 61.55
CA ILE L 224 -37.38 50.94 63.00
C ILE L 224 -37.58 52.27 63.74
N ARG L 225 -37.27 53.40 63.09
CA ARG L 225 -37.42 54.77 63.66
C ARG L 225 -37.99 55.72 62.60
N GLY L 226 -38.68 56.77 63.03
CA GLY L 226 -39.15 57.87 62.16
C GLY L 226 -40.55 57.61 61.60
N PRO L 227 -41.03 58.46 60.66
CA PRO L 227 -42.35 58.30 60.04
C PRO L 227 -42.67 56.91 59.47
N LYS L 228 -41.65 56.23 58.93
CA LYS L 228 -41.79 55.03 58.06
C LYS L 228 -41.65 53.75 58.91
N THR L 229 -41.57 53.88 60.23
CA THR L 229 -41.35 52.76 61.20
C THR L 229 -42.32 51.61 60.90
N GLY L 230 -41.79 50.39 60.75
CA GLY L 230 -42.57 49.15 60.54
C GLY L 230 -42.81 48.85 59.07
N LYS L 231 -42.37 49.73 58.17
CA LYS L 231 -42.60 49.61 56.69
C LYS L 231 -41.35 49.02 56.03
N SER L 232 -41.55 48.05 55.13
CA SER L 232 -40.49 47.41 54.30
C SER L 232 -40.59 47.89 52.85
N GLU L 233 -39.47 48.33 52.27
CA GLU L 233 -39.37 48.78 50.86
C GLU L 233 -38.14 48.15 50.20
N PRO L 234 -38.08 48.05 48.86
CA PRO L 234 -36.87 47.65 48.16
C PRO L 234 -35.68 48.57 48.47
N PHE L 235 -34.46 48.02 48.54
CA PHE L 235 -33.19 48.75 48.73
C PHE L 235 -32.36 48.70 47.44
N VAL L 236 -32.09 47.48 46.96
CA VAL L 236 -31.36 47.22 45.67
C VAL L 236 -31.51 45.73 45.32
N ASP L 237 -31.60 45.42 44.02
CA ASP L 237 -31.55 44.03 43.48
C ASP L 237 -30.08 43.68 43.20
N LEU L 238 -29.63 42.49 43.65
CA LEU L 238 -28.22 42.02 43.53
C LEU L 238 -28.13 40.94 42.45
N PRO L 239 -26.97 40.83 41.76
CA PRO L 239 -26.76 39.79 40.75
C PRO L 239 -26.29 38.44 41.31
N GLY L 240 -26.55 38.19 42.60
CA GLY L 240 -26.16 36.95 43.31
C GLY L 240 -27.04 36.70 44.52
N TYR L 241 -26.94 35.51 45.12
CA TYR L 241 -27.73 35.06 46.30
C TYR L 241 -27.03 35.56 47.56
N PRO L 242 -27.57 36.61 48.24
CA PRO L 242 -26.91 37.18 49.42
C PRO L 242 -27.18 36.40 50.71
N ASP L 243 -26.19 36.36 51.61
CA ASP L 243 -26.29 35.72 52.95
C ASP L 243 -26.32 36.82 54.02
N ASN L 244 -25.16 37.22 54.55
CA ASN L 244 -25.06 38.12 55.73
C ASN L 244 -24.69 39.54 55.27
N VAL L 245 -25.34 40.54 55.89
CA VAL L 245 -25.07 41.99 55.71
C VAL L 245 -24.30 42.48 56.94
N ARG L 246 -23.17 43.18 56.73
CA ARG L 246 -22.33 43.75 57.80
C ARG L 246 -21.80 45.11 57.33
N PRO L 247 -21.64 46.10 58.24
CA PRO L 247 -21.13 47.41 57.86
C PRO L 247 -19.66 47.30 57.45
N ASP L 248 -19.24 48.07 56.44
CA ASP L 248 -17.85 48.11 55.92
C ASP L 248 -16.97 48.96 56.85
N GLY L 249 -17.58 49.73 57.76
CA GLY L 249 -16.89 50.66 58.66
C GLY L 249 -16.59 51.98 57.97
N LYS L 250 -17.30 52.28 56.88
CA LYS L 250 -17.13 53.50 56.05
C LYS L 250 -18.49 54.03 55.58
N GLY L 251 -19.58 53.71 56.30
CA GLY L 251 -20.94 54.17 56.00
C GLY L 251 -21.74 53.15 55.21
N GLY L 252 -21.07 52.29 54.44
CA GLY L 252 -21.70 51.29 53.54
C GLY L 252 -21.83 49.92 54.21
N TYR L 253 -22.19 48.91 53.41
CA TYR L 253 -22.35 47.49 53.83
C TYR L 253 -21.62 46.57 52.85
N TRP L 254 -20.91 45.57 53.38
CA TRP L 254 -20.40 44.40 52.60
C TRP L 254 -21.49 43.33 52.57
N ILE L 255 -21.87 42.88 51.38
CA ILE L 255 -22.88 41.79 51.15
C ILE L 255 -22.13 40.55 50.67
N ALA L 256 -22.20 39.46 51.42
CA ALA L 256 -21.68 38.12 51.02
C ALA L 256 -22.64 37.52 49.99
N LEU L 257 -22.10 36.98 48.89
CA LEU L 257 -22.86 36.29 47.82
C LEU L 257 -22.30 34.86 47.68
N HIS L 258 -23.04 33.84 48.16
CA HIS L 258 -22.58 32.42 48.16
C HIS L 258 -22.59 31.88 46.72
N ARG L 259 -23.59 32.25 45.92
CA ARG L 259 -23.71 31.91 44.48
C ARG L 259 -24.05 33.16 43.67
N GLU L 260 -23.60 33.23 42.41
CA GLU L 260 -24.06 34.22 41.40
C GLU L 260 -25.45 33.79 40.89
N LYS L 261 -26.27 34.74 40.45
CA LYS L 261 -27.61 34.49 39.85
C LYS L 261 -27.44 34.20 38.35
N TYR L 262 -26.48 34.89 37.71
CA TYR L 262 -26.02 34.64 36.32
C TYR L 262 -24.50 34.42 36.35
N GLU L 263 -24.02 33.30 35.78
CA GLU L 263 -22.58 32.93 35.77
C GLU L 263 -21.84 33.84 34.77
N LEU L 264 -21.75 35.14 35.07
CA LEU L 264 -21.16 36.17 34.18
C LEU L 264 -19.73 35.74 33.82
N PRO L 265 -19.46 35.47 32.52
CA PRO L 265 -18.17 34.91 32.10
C PRO L 265 -17.03 35.96 32.09
N PHE L 266 -16.08 35.83 33.01
CA PHE L 266 -14.87 36.69 33.12
C PHE L 266 -13.60 35.85 32.88
N GLY L 267 -13.61 34.56 33.22
CA GLY L 267 -12.54 33.60 32.88
C GLY L 267 -12.18 32.68 34.04
N PRO L 268 -10.88 32.56 34.40
CA PRO L 268 -10.44 31.61 35.43
C PRO L 268 -10.52 32.14 36.87
N ASP L 269 -11.35 31.49 37.70
CA ASP L 269 -11.53 31.76 39.16
C ASP L 269 -11.50 33.27 39.41
N SER L 270 -12.42 34.01 38.76
CA SER L 270 -12.68 35.46 38.97
C SER L 270 -14.19 35.71 38.93
N HIS L 271 -14.93 35.06 39.83
CA HIS L 271 -16.42 35.09 39.94
C HIS L 271 -16.84 35.95 41.14
N LEU L 272 -18.03 36.53 41.07
CA LEU L 272 -18.56 37.50 42.06
C LEU L 272 -18.93 36.77 43.36
N VAL L 273 -18.33 37.16 44.48
CA VAL L 273 -18.48 36.50 45.81
C VAL L 273 -18.97 37.49 46.87
N ALA L 274 -18.73 38.79 46.68
CA ALA L 274 -19.15 39.86 47.62
C ALA L 274 -19.44 41.15 46.85
N MET L 275 -20.14 42.09 47.50
CA MET L 275 -20.52 43.42 46.95
C MET L 275 -20.55 44.44 48.09
N ARG L 276 -19.75 45.51 47.97
CA ARG L 276 -19.84 46.72 48.85
C ARG L 276 -21.03 47.56 48.36
N VAL L 277 -21.88 47.99 49.28
CA VAL L 277 -23.14 48.73 48.99
C VAL L 277 -23.18 49.99 49.87
N SER L 278 -23.44 51.15 49.27
CA SER L 278 -23.54 52.46 49.97
C SER L 278 -24.81 52.48 50.84
N ALA L 279 -24.91 53.45 51.76
CA ALA L 279 -26.10 53.72 52.59
C ALA L 279 -27.29 54.04 51.68
N GLY L 280 -27.04 54.63 50.51
CA GLY L 280 -28.04 54.98 49.49
C GLY L 280 -28.56 53.77 48.74
N GLY L 281 -27.74 52.71 48.63
CA GLY L 281 -28.10 51.45 47.97
C GLY L 281 -27.42 51.28 46.61
N LYS L 282 -26.43 52.13 46.30
CA LYS L 282 -25.58 52.02 45.10
C LYS L 282 -24.69 50.78 45.21
N LEU L 283 -24.36 50.15 44.08
CA LEU L 283 -23.31 49.11 43.98
C LEU L 283 -21.96 49.83 43.81
N VAL L 284 -21.16 49.87 44.87
CA VAL L 284 -19.95 50.75 45.01
C VAL L 284 -18.70 49.98 44.58
N GLN L 285 -18.49 48.78 45.12
CA GLN L 285 -17.30 47.94 44.88
C GLN L 285 -17.73 46.47 44.83
N GLN L 286 -16.96 45.62 44.14
CA GLN L 286 -17.22 44.17 44.02
C GLN L 286 -15.95 43.39 44.34
N MET L 287 -16.12 42.13 44.79
CA MET L 287 -15.02 41.19 45.13
C MET L 287 -15.16 39.94 44.26
N ARG L 288 -14.07 39.52 43.62
CA ARG L 288 -14.02 38.30 42.77
C ARG L 288 -13.07 37.28 43.41
N GLY L 289 -13.39 36.00 43.29
CA GLY L 289 -12.58 34.88 43.81
C GLY L 289 -12.95 33.55 43.16
N PRO L 290 -12.33 32.43 43.58
CA PRO L 290 -12.66 31.11 43.03
C PRO L 290 -14.12 30.72 43.29
N LYS L 291 -14.68 29.85 42.45
CA LYS L 291 -16.11 29.41 42.51
C LYS L 291 -16.37 28.65 43.81
N SER L 292 -15.33 28.08 44.43
CA SER L 292 -15.41 27.24 45.66
C SER L 292 -15.40 28.10 46.93
N LEU L 293 -15.27 29.43 46.81
CA LEU L 293 -15.17 30.36 47.97
C LEU L 293 -16.52 30.41 48.70
N ARG L 294 -17.57 30.84 48.01
CA ARG L 294 -18.99 30.84 48.49
C ARG L 294 -19.07 31.48 49.88
N PRO L 295 -18.78 32.79 50.03
CA PRO L 295 -18.78 33.43 51.34
C PRO L 295 -20.20 33.59 51.92
N THR L 296 -20.31 33.66 53.25
CA THR L 296 -21.59 33.84 54.00
C THR L 296 -21.57 35.18 54.75
N GLU L 297 -20.39 35.61 55.24
CA GLU L 297 -20.20 36.93 55.92
C GLU L 297 -18.88 37.54 55.46
N VAL L 298 -18.90 38.83 55.10
CA VAL L 298 -17.70 39.63 54.72
C VAL L 298 -17.55 40.78 55.72
N MET L 299 -16.41 40.83 56.41
CA MET L 299 -16.16 41.75 57.56
C MET L 299 -14.86 42.53 57.30
N GLU L 300 -14.98 43.74 56.75
CA GLU L 300 -13.84 44.68 56.58
C GLU L 300 -13.48 45.26 57.94
N ARG L 301 -12.20 45.27 58.28
CA ARG L 301 -11.65 45.80 59.57
C ARG L 301 -10.74 47.00 59.27
N LYS L 302 -10.58 47.90 60.24
CA LYS L 302 -9.92 49.22 60.10
C LYS L 302 -8.45 49.04 59.66
N ASP L 303 -7.84 47.88 59.98
CA ASP L 303 -6.43 47.56 59.62
C ASP L 303 -6.29 47.32 58.11
N GLY L 304 -7.40 47.18 57.38
CA GLY L 304 -7.42 47.00 55.91
C GLY L 304 -7.79 45.57 55.51
N LYS L 305 -7.63 44.62 56.44
CA LYS L 305 -7.94 43.18 56.24
C LYS L 305 -9.46 42.98 56.19
N ILE L 306 -9.93 42.21 55.22
CA ILE L 306 -11.36 41.77 55.10
C ILE L 306 -11.44 40.29 55.46
N TYR L 307 -12.02 39.99 56.64
CA TYR L 307 -12.25 38.61 57.15
C TYR L 307 -13.52 38.08 56.48
N MET L 308 -13.49 36.81 56.02
CA MET L 308 -14.58 36.19 55.21
C MET L 308 -15.00 34.87 55.85
N GLY L 309 -16.31 34.71 56.08
CA GLY L 309 -16.94 33.48 56.59
C GLY L 309 -17.52 32.64 55.48
N ASN L 310 -17.88 31.39 55.78
CA ASN L 310 -18.44 30.39 54.82
C ASN L 310 -19.10 29.27 55.63
N VAL L 311 -19.71 28.29 54.95
CA VAL L 311 -20.41 27.14 55.60
C VAL L 311 -19.76 25.81 55.20
N GLU L 312 -18.81 25.83 54.24
CA GLU L 312 -18.25 24.62 53.59
C GLU L 312 -16.76 24.43 53.90
N LEU L 313 -15.96 25.50 53.94
CA LEU L 313 -14.47 25.43 54.01
C LEU L 313 -14.01 25.16 55.44
N PRO L 314 -12.81 24.54 55.63
CA PRO L 314 -12.29 24.25 56.97
C PRO L 314 -11.46 25.39 57.59
N TYR L 315 -11.81 26.65 57.31
CA TYR L 315 -11.05 27.84 57.78
C TYR L 315 -11.83 29.13 57.50
N VAL L 316 -11.38 30.22 58.11
CA VAL L 316 -11.77 31.64 57.81
C VAL L 316 -10.72 32.20 56.82
N GLY L 317 -11.18 32.87 55.77
CA GLY L 317 -10.33 33.53 54.75
C GLY L 317 -10.12 35.00 55.07
N VAL L 318 -8.97 35.56 54.67
CA VAL L 318 -8.58 36.98 54.90
C VAL L 318 -7.93 37.53 53.61
N VAL L 319 -8.44 38.66 53.10
CA VAL L 319 -7.95 39.31 51.85
C VAL L 319 -7.54 40.76 52.16
N LYS L 320 -6.94 41.45 51.18
CA LYS L 320 -6.34 42.82 51.30
C LYS L 320 -5.24 42.80 52.36
#